data_8HWA
#
_entry.id   8HWA
#
loop_
_entity.id
_entity.type
_entity.pdbx_description
1 polymer 'Primase D5'
2 polymer "DNA (5'-D(P*TP*TP*TP*TP*TP*T)-3')"
3 non-polymer "ADENOSINE-5'-TRIPHOSPHATE"
4 non-polymer 'MAGNESIUM ION'
5 non-polymer "ADENOSINE-5'-DIPHOSPHATE"
#
loop_
_entity_poly.entity_id
_entity_poly.type
_entity_poly.pdbx_seq_one_letter_code
_entity_poly.pdbx_strand_id
1 'polypeptide(L)'
;MDAAIRGNDVIFVLKTIGVPSACRQNEDPRFVEAFKCDELERYIDNNPECTLFESLRDEEAYSIVRIFMDVDLDACLDEI
DYLTAIQDFIIEVSNCVARFAFTECGAIHENVIKSMRSNFSLTKSTNRDKTSFHIIFLDTYTTMDTLIAMKRTLLELSRS
SENPLTRSIDTAVYRRKTTLRVVGTRKNPNCDTIHVMQPPHDNIEDYLFTYVDMNNNSYYFSLQRRLEDLVPDKLWEPGF
ISFEDAIKRVSKIFINSIINFNDLDENNFTTVPLVIDYVTPCALCKKRSHKHPHQLSLENGAIRIYKTGNPHSCKVKIVP
LDGNKLFNIAQRILDTNSVLLTERGDHIVWINNSWKFNSEEPLITKLILSIRHQLPKEYSSELLCPRKRKTVEANIRDML
VDSVETDTYPDKLPFKNGVLDLVDGMFYSGDDAKKYTCTVSTGFKFDDTKFVEDSPEMEELMNIINDIQPLTDENKKNRE
LYEKTLSSCLCGATKGCLTFFFGETATGKSTTKRLLKSAIGDLFVETGQTILTDVLDKGPNPFIANMHLKRSVFCSELPD
FACSGSKKIRSDNIKKLTEPCVIGRPCFSNKINNRNHATIIIDTNYKPVFDRIDNALMRRIAVVRFRTHFSQPSGREAAE
NNDAYDKVKLLDEGLDGKIQNNRYRFAFLYLLVKWYKKYHIPIMKLYPTPEEIPDFAFYLKIGTLLVSSSVKHIPLMTDL
SKKGYILYDNVVTLPLTTFQQKISKYFNSRLFGHDIESFINRHKKFANVSDEYLQYIFIEDISSP
;
A,B,C,D,E,F,K
2 'polydeoxyribonucleotide' (DT)(DT)(DT)(DT)(DT)(DT) S
#
loop_
_chem_comp.id
_chem_comp.type
_chem_comp.name
_chem_comp.formula
ADP non-polymer ADENOSINE-5'-DIPHOSPHATE 'C10 H15 N5 O10 P2'
ATP non-polymer ADENOSINE-5'-TRIPHOSPHATE 'C10 H16 N5 O13 P3'
DT DNA linking THYMIDINE-5'-MONOPHOSPHATE 'C10 H15 N2 O8 P'
MG non-polymer 'MAGNESIUM ION' 'Mg 2'
#
# COMPACT_ATOMS: atom_id res chain seq x y z
N MET A 1 -37.06 -1.06 52.15
CA MET A 1 -36.60 -2.33 51.61
C MET A 1 -36.23 -3.29 52.73
N ASP A 2 -35.06 -3.04 53.33
CA ASP A 2 -34.42 -3.95 54.29
C ASP A 2 -34.61 -5.40 53.88
N ALA A 3 -35.27 -6.18 54.72
CA ALA A 3 -35.60 -7.57 54.40
C ALA A 3 -37.04 -7.88 54.77
N ALA A 4 -37.63 -7.05 55.64
CA ALA A 4 -38.98 -7.30 56.13
C ALA A 4 -40.01 -7.18 55.02
N ILE A 5 -39.80 -6.26 54.08
CA ILE A 5 -40.76 -6.02 53.01
C ILE A 5 -40.15 -6.41 51.68
N ARG A 6 -39.30 -7.43 51.68
CA ARG A 6 -38.73 -7.96 50.45
C ARG A 6 -39.65 -9.04 49.88
N GLY A 7 -40.76 -8.60 49.30
CA GLY A 7 -41.64 -9.48 48.57
C GLY A 7 -41.30 -9.50 47.10
N ASN A 8 -40.39 -8.60 46.70
CA ASN A 8 -39.96 -8.49 45.30
C ASN A 8 -38.89 -9.56 45.04
N ASP A 9 -39.34 -10.82 45.03
CA ASP A 9 -38.50 -11.94 44.66
C ASP A 9 -39.26 -12.87 43.73
N VAL A 10 -40.58 -12.68 43.65
CA VAL A 10 -41.42 -13.43 42.74
C VAL A 10 -41.18 -12.92 41.32
N ILE A 11 -41.59 -13.70 40.32
CA ILE A 11 -41.36 -13.38 38.92
C ILE A 11 -42.72 -13.34 38.22
N PHE A 12 -43.15 -12.15 37.83
CA PHE A 12 -44.33 -11.99 36.99
C PHE A 12 -43.93 -12.26 35.54
N VAL A 13 -44.40 -13.36 34.99
CA VAL A 13 -44.05 -13.77 33.65
C VAL A 13 -45.25 -13.62 32.73
N LEU A 14 -45.03 -12.95 31.60
CA LEU A 14 -46.02 -12.83 30.55
C LEU A 14 -45.69 -13.79 29.41
N LYS A 15 -46.70 -14.50 28.93
CA LYS A 15 -46.50 -15.54 27.93
C LYS A 15 -46.34 -14.95 26.53
N THR A 16 -47.31 -14.17 26.08
CA THR A 16 -47.32 -13.65 24.71
C THR A 16 -46.86 -12.20 24.67
N ILE A 17 -46.34 -11.80 23.52
CA ILE A 17 -45.94 -10.42 23.31
C ILE A 17 -47.17 -9.57 23.00
N GLY A 18 -47.23 -8.38 23.59
CA GLY A 18 -48.38 -7.51 23.39
C GLY A 18 -49.64 -8.04 24.04
N VAL A 19 -49.53 -8.45 25.30
CA VAL A 19 -50.70 -8.94 26.04
C VAL A 19 -51.70 -7.82 26.22
N PRO A 20 -52.99 -8.05 25.97
CA PRO A 20 -53.99 -6.99 26.20
C PRO A 20 -54.03 -6.60 27.67
N SER A 21 -54.25 -5.30 27.93
CA SER A 21 -54.29 -4.82 29.30
C SER A 21 -55.57 -5.22 30.03
N ALA A 22 -56.61 -5.60 29.29
CA ALA A 22 -57.87 -6.00 29.90
C ALA A 22 -57.80 -7.36 30.58
N CYS A 23 -56.73 -8.13 30.36
CA CYS A 23 -56.57 -9.44 30.97
C CYS A 23 -55.47 -9.49 32.02
N ARG A 24 -54.54 -8.53 32.03
CA ARG A 24 -53.49 -8.54 33.03
C ARG A 24 -54.05 -8.32 34.42
N GLN A 25 -55.02 -7.41 34.55
CA GLN A 25 -55.62 -7.13 35.85
C GLN A 25 -56.39 -8.34 36.38
N ASN A 26 -57.11 -9.05 35.53
CA ASN A 26 -57.83 -10.23 35.96
C ASN A 26 -56.92 -11.42 36.24
N GLU A 27 -55.64 -11.32 35.87
CA GLU A 27 -54.67 -12.38 36.08
C GLU A 27 -55.12 -13.69 35.43
N ASP A 28 -55.34 -13.64 34.12
CA ASP A 28 -55.73 -14.81 33.36
C ASP A 28 -54.58 -15.82 33.36
N PRO A 29 -54.83 -17.08 33.77
CA PRO A 29 -53.74 -18.07 33.78
C PRO A 29 -53.17 -18.36 32.41
N ARG A 30 -53.94 -18.04 31.37
CA ARG A 30 -53.48 -18.22 29.99
C ARG A 30 -52.50 -17.16 29.54
N PHE A 31 -52.32 -16.10 30.34
CA PHE A 31 -51.41 -15.03 29.99
C PHE A 31 -50.35 -14.77 31.05
N VAL A 32 -50.69 -14.91 32.33
CA VAL A 32 -49.79 -14.59 33.43
C VAL A 32 -49.67 -15.81 34.34
N GLU A 33 -48.64 -15.78 35.18
CA GLU A 33 -48.38 -16.86 36.13
C GLU A 33 -47.35 -16.39 37.14
N ALA A 34 -47.59 -16.73 38.41
CA ALA A 34 -46.64 -16.49 39.48
C ALA A 34 -45.69 -17.68 39.59
N PHE A 35 -44.44 -17.38 39.95
CA PHE A 35 -43.39 -18.39 39.98
C PHE A 35 -42.39 -18.03 41.07
N LYS A 36 -41.56 -19.01 41.42
CA LYS A 36 -40.39 -18.80 42.25
C LYS A 36 -39.16 -19.19 41.45
N CYS A 37 -37.98 -19.02 42.07
CA CYS A 37 -36.73 -19.26 41.37
C CYS A 37 -36.62 -20.70 40.89
N ASP A 38 -36.95 -21.66 41.76
CA ASP A 38 -36.81 -23.06 41.38
C ASP A 38 -37.88 -23.48 40.36
N GLU A 39 -39.12 -23.04 40.56
CA GLU A 39 -40.20 -23.44 39.65
C GLU A 39 -40.02 -22.83 38.27
N LEU A 40 -39.41 -21.64 38.19
CA LEU A 40 -39.19 -21.01 36.90
C LEU A 40 -38.23 -21.84 36.04
N GLU A 41 -37.19 -22.39 36.66
CA GLU A 41 -36.22 -23.19 35.91
C GLU A 41 -36.88 -24.42 35.30
N ARG A 42 -37.72 -25.12 36.08
CA ARG A 42 -38.37 -26.33 35.57
C ARG A 42 -39.33 -26.00 34.44
N TYR A 43 -40.07 -24.88 34.55
CA TYR A 43 -40.98 -24.50 33.49
C TYR A 43 -40.24 -24.18 32.19
N ILE A 44 -38.99 -23.70 32.30
CA ILE A 44 -38.18 -23.47 31.11
C ILE A 44 -37.78 -24.79 30.46
N ASP A 45 -37.42 -25.78 31.28
CA ASP A 45 -36.92 -27.04 30.74
C ASP A 45 -38.03 -27.83 30.03
N ASN A 46 -39.20 -27.92 30.66
CA ASN A 46 -40.26 -28.76 30.09
C ASN A 46 -40.88 -28.16 28.83
N ASN A 47 -40.74 -26.87 28.60
CA ASN A 47 -41.22 -26.23 27.38
C ASN A 47 -40.03 -25.65 26.63
N PRO A 48 -39.60 -26.27 25.53
CA PRO A 48 -38.37 -25.80 24.87
C PRO A 48 -38.55 -24.49 24.10
N GLU A 49 -39.74 -24.20 23.60
CA GLU A 49 -39.98 -23.01 22.78
C GLU A 49 -40.91 -22.02 23.48
N CYS A 50 -40.97 -22.07 24.81
CA CYS A 50 -41.78 -21.14 25.56
C CYS A 50 -41.11 -19.77 25.65
N THR A 51 -41.92 -18.73 25.63
CA THR A 51 -41.46 -17.35 25.70
C THR A 51 -41.96 -16.73 26.99
N LEU A 52 -41.05 -16.19 27.79
CA LEU A 52 -41.36 -15.56 29.06
C LEU A 52 -40.83 -14.14 29.09
N PHE A 53 -41.66 -13.23 29.60
CA PHE A 53 -41.33 -11.81 29.65
C PHE A 53 -41.45 -11.36 31.10
N GLU A 54 -40.31 -11.15 31.75
CA GLU A 54 -40.31 -10.74 33.15
C GLU A 54 -40.83 -9.32 33.29
N SER A 55 -41.61 -9.09 34.34
CA SER A 55 -42.24 -7.79 34.56
C SER A 55 -42.56 -7.62 36.04
N LEU A 56 -42.95 -6.41 36.41
CA LEU A 56 -43.26 -6.09 37.80
C LEU A 56 -44.66 -6.57 38.16
N ARG A 57 -44.86 -6.89 39.45
CA ARG A 57 -46.17 -7.28 39.92
C ARG A 57 -47.12 -6.09 39.94
N ASP A 58 -46.79 -5.06 40.71
CA ASP A 58 -47.62 -3.87 40.82
C ASP A 58 -46.72 -2.68 41.15
N GLU A 59 -46.99 -1.55 40.51
CA GLU A 59 -46.13 -0.38 40.68
C GLU A 59 -46.24 0.19 42.09
N GLU A 60 -47.46 0.40 42.56
CA GLU A 60 -47.67 1.01 43.88
C GLU A 60 -47.34 0.07 45.02
N ALA A 61 -47.20 -1.23 44.77
CA ALA A 61 -46.91 -2.18 45.83
C ALA A 61 -45.41 -2.30 46.05
N TYR A 62 -44.67 -2.76 45.04
CA TYR A 62 -43.24 -3.04 45.18
C TYR A 62 -42.55 -2.45 43.95
N SER A 63 -42.09 -1.21 44.06
CA SER A 63 -41.48 -0.51 42.94
C SER A 63 -39.97 -0.63 42.91
N ILE A 64 -39.37 -1.33 43.86
CA ILE A 64 -37.91 -1.42 43.93
C ILE A 64 -37.43 -2.47 42.93
N VAL A 65 -36.56 -2.07 42.00
CA VAL A 65 -36.00 -2.96 41.01
C VAL A 65 -34.49 -2.77 40.97
N ARG A 66 -33.80 -3.77 40.43
CA ARG A 66 -32.37 -3.65 40.18
C ARG A 66 -32.13 -2.67 39.04
N ILE A 67 -30.94 -2.07 39.02
CA ILE A 67 -30.60 -1.18 37.92
C ILE A 67 -30.20 -2.05 36.73
N PHE A 68 -31.07 -2.09 35.72
CA PHE A 68 -30.89 -2.94 34.54
C PHE A 68 -30.81 -2.05 33.31
N MET A 69 -30.05 -2.52 32.31
CA MET A 69 -29.79 -1.68 31.14
C MET A 69 -29.64 -2.56 29.91
N ASP A 70 -29.91 -1.97 28.75
CA ASP A 70 -29.91 -2.67 27.47
C ASP A 70 -29.02 -1.95 26.48
N VAL A 71 -28.28 -2.73 25.70
CA VAL A 71 -27.37 -2.18 24.69
C VAL A 71 -27.50 -3.01 23.42
N ASP A 72 -27.61 -2.35 22.28
CA ASP A 72 -27.72 -3.00 20.98
C ASP A 72 -26.48 -2.69 20.17
N LEU A 73 -25.49 -3.58 20.26
CA LEU A 73 -24.26 -3.42 19.49
C LEU A 73 -24.54 -3.70 18.02
N ASP A 74 -24.59 -2.64 17.21
CA ASP A 74 -25.07 -2.72 15.83
C ASP A 74 -24.21 -1.83 14.95
N ALA A 75 -24.72 -1.48 13.77
CA ALA A 75 -24.09 -0.61 12.77
C ALA A 75 -22.99 -1.39 12.04
N CYS A 76 -22.10 -0.68 11.34
CA CYS A 76 -21.25 -1.31 10.35
C CYS A 76 -19.76 -1.22 10.71
N LEU A 77 -19.44 -0.76 11.93
CA LEU A 77 -18.05 -0.55 12.35
C LEU A 77 -17.26 -1.85 12.37
N ASP A 78 -16.05 -1.83 11.81
CA ASP A 78 -15.22 -3.03 11.79
C ASP A 78 -14.59 -3.30 13.16
N GLU A 79 -14.34 -2.25 13.93
CA GLU A 79 -13.77 -2.40 15.27
C GLU A 79 -14.90 -2.76 16.25
N ILE A 80 -15.19 -4.06 16.29
CA ILE A 80 -16.28 -4.58 17.10
C ILE A 80 -15.71 -5.18 18.39
N ASP A 81 -14.49 -4.78 18.73
CA ASP A 81 -13.76 -5.39 19.85
C ASP A 81 -14.59 -5.34 21.12
N TYR A 82 -14.69 -6.47 21.81
CA TYR A 82 -15.63 -6.67 22.90
C TYR A 82 -15.12 -6.19 24.25
N LEU A 83 -14.00 -6.73 24.72
CA LEU A 83 -13.65 -6.59 26.13
C LEU A 83 -13.37 -5.14 26.51
N THR A 84 -12.49 -4.46 25.76
CA THR A 84 -12.16 -3.09 26.10
C THR A 84 -13.38 -2.19 26.01
N ALA A 85 -14.34 -2.53 25.14
CA ALA A 85 -15.56 -1.74 25.08
C ALA A 85 -16.38 -1.91 26.35
N ILE A 86 -16.58 -3.16 26.78
CA ILE A 86 -17.45 -3.41 27.92
C ILE A 86 -16.86 -2.84 29.20
N GLN A 87 -15.56 -3.05 29.44
CA GLN A 87 -14.94 -2.51 30.64
C GLN A 87 -14.96 -0.98 30.63
N ASP A 88 -14.65 -0.38 29.48
CA ASP A 88 -14.76 1.07 29.38
C ASP A 88 -16.22 1.51 29.50
N PHE A 89 -17.14 0.76 28.87
CA PHE A 89 -18.56 1.08 28.95
C PHE A 89 -19.03 1.16 30.40
N ILE A 90 -18.61 0.22 31.24
CA ILE A 90 -19.11 0.20 32.61
C ILE A 90 -18.53 1.36 33.41
N ILE A 91 -17.59 2.10 32.83
CA ILE A 91 -16.97 3.22 33.55
C ILE A 91 -17.82 4.47 33.43
N GLU A 92 -18.03 4.97 32.20
CA GLU A 92 -18.80 6.20 32.06
C GLU A 92 -20.23 6.02 32.55
N VAL A 93 -20.82 4.85 32.29
CA VAL A 93 -22.16 4.55 32.79
C VAL A 93 -22.17 4.63 34.32
N SER A 94 -21.10 4.13 34.95
CA SER A 94 -21.01 4.19 36.40
C SER A 94 -20.92 5.62 36.90
N ASN A 95 -20.18 6.47 36.18
CA ASN A 95 -19.98 7.85 36.63
C ASN A 95 -21.28 8.64 36.59
N CYS A 96 -22.02 8.57 35.48
CA CYS A 96 -23.21 9.41 35.34
C CYS A 96 -24.30 9.01 36.34
N VAL A 97 -24.48 7.70 36.54
CA VAL A 97 -25.49 7.24 37.51
C VAL A 97 -25.13 7.72 38.91
N ALA A 98 -23.86 7.59 39.28
CA ALA A 98 -23.42 8.12 40.58
C ALA A 98 -23.54 9.64 40.61
N ARG A 99 -23.23 10.31 39.50
CA ARG A 99 -23.36 11.76 39.44
C ARG A 99 -24.82 12.18 39.60
N PHE A 100 -25.73 11.42 39.01
CA PHE A 100 -27.16 11.70 39.19
C PHE A 100 -27.59 11.38 40.61
N ALA A 101 -27.01 10.35 41.21
CA ALA A 101 -27.37 9.99 42.59
C ALA A 101 -26.98 11.09 43.58
N PHE A 102 -25.80 11.69 43.40
CA PHE A 102 -25.37 12.75 44.31
C PHE A 102 -26.10 14.06 44.05
N THR A 103 -26.73 14.22 42.88
CA THR A 103 -27.40 15.48 42.57
C THR A 103 -28.86 15.45 42.98
N GLU A 104 -29.63 14.48 42.46
CA GLU A 104 -31.07 14.44 42.67
C GLU A 104 -31.50 13.25 43.52
N CYS A 105 -30.58 12.61 44.24
CA CYS A 105 -30.95 11.52 45.12
C CYS A 105 -30.33 11.58 46.51
N GLY A 106 -29.36 12.47 46.74
CA GLY A 106 -28.77 12.60 48.07
C GLY A 106 -28.06 11.36 48.57
N ALA A 107 -27.29 10.70 47.70
CA ALA A 107 -26.57 9.50 48.05
C ALA A 107 -25.06 9.75 47.97
N ILE A 108 -24.31 8.99 48.75
CA ILE A 108 -22.86 9.15 48.77
C ILE A 108 -22.29 8.69 47.44
N HIS A 109 -21.47 9.55 46.82
CA HIS A 109 -20.93 9.25 45.49
C HIS A 109 -20.03 8.01 45.51
N GLU A 110 -19.18 7.91 46.54
CA GLU A 110 -18.22 6.80 46.57
C GLU A 110 -18.90 5.49 46.94
N ASN A 111 -19.95 5.54 47.76
CA ASN A 111 -20.66 4.32 48.11
C ASN A 111 -21.40 3.74 46.91
N VAL A 112 -22.04 4.61 46.12
CA VAL A 112 -22.72 4.15 44.91
C VAL A 112 -21.71 3.60 43.91
N ILE A 113 -20.60 4.31 43.71
CA ILE A 113 -19.65 3.94 42.67
C ILE A 113 -18.98 2.62 43.02
N LYS A 114 -18.82 2.34 44.31
CA LYS A 114 -18.17 1.10 44.73
C LYS A 114 -19.07 -0.10 44.51
N SER A 115 -20.34 0.01 44.90
CA SER A 115 -21.26 -1.13 44.82
C SER A 115 -21.49 -1.57 43.38
N MET A 116 -21.67 -0.60 42.48
CA MET A 116 -22.04 -0.93 41.10
C MET A 116 -20.87 -1.48 40.31
N ARG A 117 -19.66 -0.92 40.52
CA ARG A 117 -18.49 -1.45 39.84
C ARG A 117 -18.03 -2.78 40.44
N SER A 118 -18.51 -3.11 41.64
CA SER A 118 -18.03 -4.30 42.33
C SER A 118 -18.48 -5.57 41.62
N ASN A 119 -19.80 -5.77 41.49
CA ASN A 119 -20.35 -6.99 40.93
C ASN A 119 -21.47 -6.65 39.96
N PHE A 120 -21.51 -7.38 38.85
CA PHE A 120 -22.54 -7.18 37.83
C PHE A 120 -22.67 -8.47 37.02
N SER A 121 -23.78 -8.57 36.30
CA SER A 121 -24.06 -9.70 35.42
C SER A 121 -24.14 -9.22 33.98
N LEU A 122 -23.94 -10.16 33.05
CA LEU A 122 -23.91 -9.84 31.64
C LEU A 122 -24.40 -11.04 30.84
N THR A 123 -25.19 -10.76 29.81
CA THR A 123 -25.71 -11.77 28.90
C THR A 123 -25.21 -11.47 27.49
N LYS A 124 -25.73 -12.20 26.51
CA LYS A 124 -25.32 -12.02 25.12
C LYS A 124 -26.35 -12.69 24.21
N SER A 125 -26.65 -12.03 23.10
CA SER A 125 -27.52 -12.60 22.08
C SER A 125 -26.68 -13.28 21.01
N THR A 126 -27.03 -14.54 20.70
CA THR A 126 -26.27 -15.31 19.73
C THR A 126 -26.47 -14.85 18.30
N ASN A 127 -27.41 -13.96 18.04
CA ASN A 127 -27.67 -13.47 16.68
C ASN A 127 -26.47 -12.67 16.22
N ARG A 128 -25.78 -13.17 15.19
CA ARG A 128 -24.62 -12.50 14.64
C ARG A 128 -24.99 -11.31 13.76
N ASP A 129 -26.23 -11.24 13.27
CA ASP A 129 -26.63 -10.15 12.40
C ASP A 129 -26.52 -8.80 13.13
N LYS A 130 -26.98 -8.74 14.37
CA LYS A 130 -26.80 -7.56 15.21
C LYS A 130 -26.73 -8.02 16.66
N THR A 131 -25.74 -7.51 17.39
CA THR A 131 -25.52 -7.91 18.77
C THR A 131 -26.35 -7.05 19.71
N SER A 132 -26.93 -7.69 20.73
CA SER A 132 -27.76 -6.98 21.69
C SER A 132 -27.74 -7.75 23.00
N PHE A 133 -27.15 -7.17 24.04
CA PHE A 133 -27.01 -7.85 25.32
C PHE A 133 -27.43 -6.94 26.45
N HIS A 134 -27.97 -7.55 27.51
CA HIS A 134 -28.39 -6.81 28.69
C HIS A 134 -27.25 -6.77 29.71
N ILE A 135 -27.28 -5.77 30.57
CA ILE A 135 -26.33 -5.66 31.67
C ILE A 135 -27.11 -5.34 32.94
N ILE A 136 -26.87 -6.13 33.98
CA ILE A 136 -27.59 -5.95 35.24
C ILE A 136 -26.58 -5.88 36.39
N PHE A 137 -26.42 -4.69 36.96
CA PHE A 137 -25.65 -4.55 38.19
C PHE A 137 -26.49 -5.02 39.38
N LEU A 138 -25.89 -5.83 40.25
CA LEU A 138 -26.67 -6.54 41.25
C LEU A 138 -26.84 -5.75 42.55
N ASP A 139 -25.82 -5.00 42.96
CA ASP A 139 -25.78 -4.39 44.29
C ASP A 139 -26.19 -2.93 44.25
N THR A 140 -27.13 -2.59 43.37
CA THR A 140 -27.69 -1.24 43.29
C THR A 140 -29.20 -1.37 43.16
N TYR A 141 -29.93 -0.99 44.20
CA TYR A 141 -31.38 -1.07 44.22
C TYR A 141 -31.99 0.32 44.32
N THR A 142 -33.06 0.54 43.58
CA THR A 142 -33.76 1.82 43.59
C THR A 142 -35.17 1.64 43.05
N THR A 143 -35.99 2.65 43.26
CA THR A 143 -37.35 2.65 42.73
C THR A 143 -37.34 2.84 41.22
N MET A 144 -38.48 2.54 40.60
CA MET A 144 -38.56 2.65 39.15
C MET A 144 -38.73 4.11 38.72
N ASP A 145 -39.31 4.95 39.58
CA ASP A 145 -39.60 6.33 39.20
C ASP A 145 -38.32 7.10 38.87
N THR A 146 -37.26 6.89 39.64
CA THR A 146 -36.00 7.60 39.39
C THR A 146 -35.41 7.20 38.05
N LEU A 147 -35.69 5.98 37.60
CA LEU A 147 -35.24 5.56 36.27
C LEU A 147 -35.94 6.36 35.18
N ILE A 148 -37.23 6.64 35.35
CA ILE A 148 -37.96 7.45 34.38
C ILE A 148 -37.39 8.87 34.36
N ALA A 149 -37.09 9.42 35.54
CA ALA A 149 -36.49 10.75 35.60
C ALA A 149 -35.09 10.75 34.99
N MET A 150 -34.32 9.69 35.23
CA MET A 150 -32.96 9.59 34.71
C MET A 150 -32.93 9.42 33.20
N LYS A 151 -34.07 9.14 32.57
CA LYS A 151 -34.14 8.91 31.13
C LYS A 151 -33.48 10.02 30.32
N ARG A 152 -33.76 11.27 30.69
CA ARG A 152 -33.16 12.39 29.96
C ARG A 152 -31.64 12.41 30.11
N THR A 153 -31.14 12.16 31.31
CA THR A 153 -29.70 12.16 31.53
C THR A 153 -29.02 11.05 30.75
N LEU A 154 -29.62 9.86 30.72
CA LEU A 154 -29.02 8.75 30.00
C LEU A 154 -28.97 9.02 28.49
N LEU A 155 -30.05 9.61 27.95
CA LEU A 155 -30.07 9.92 26.52
C LEU A 155 -29.00 10.94 26.16
N GLU A 156 -28.81 11.95 27.00
CA GLU A 156 -27.80 12.97 26.73
C GLU A 156 -26.40 12.36 26.70
N LEU A 157 -26.14 11.39 27.59
CA LEU A 157 -24.86 10.70 27.57
C LEU A 157 -24.63 9.97 26.25
N SER A 158 -25.67 9.32 25.72
CA SER A 158 -25.52 8.53 24.50
C SER A 158 -25.16 9.41 23.31
N ARG A 159 -25.61 10.66 23.29
CA ARG A 159 -25.39 11.51 22.12
C ARG A 159 -23.94 11.98 22.03
N SER A 160 -23.29 12.22 23.17
CA SER A 160 -21.97 12.84 23.21
C SER A 160 -20.99 11.94 23.96
N SER A 161 -20.98 10.66 23.61
CA SER A 161 -20.11 9.68 24.24
C SER A 161 -19.11 9.17 23.20
N GLU A 162 -18.20 8.30 23.64
CA GLU A 162 -17.17 7.75 22.78
C GLU A 162 -17.48 6.34 22.30
N ASN A 163 -17.68 5.42 23.23
CA ASN A 163 -17.85 4.02 22.86
C ASN A 163 -19.15 3.81 22.09
N PRO A 164 -19.14 2.93 21.08
CA PRO A 164 -20.40 2.63 20.38
C PRO A 164 -21.46 2.03 21.27
N LEU A 165 -21.06 1.29 22.31
CA LEU A 165 -22.02 0.69 23.22
C LEU A 165 -22.82 1.76 23.95
N THR A 166 -22.14 2.71 24.58
CA THR A 166 -22.84 3.80 25.27
C THR A 166 -23.48 4.77 24.29
N ARG A 167 -23.02 4.79 23.03
CA ARG A 167 -23.68 5.57 21.99
C ARG A 167 -25.02 4.97 21.58
N SER A 168 -25.20 3.65 21.74
CA SER A 168 -26.41 2.97 21.32
C SER A 168 -27.18 2.41 22.52
N ILE A 169 -27.25 3.18 23.61
CA ILE A 169 -28.05 2.75 24.77
C ILE A 169 -29.53 2.83 24.41
N ASP A 170 -30.31 1.92 24.98
CA ASP A 170 -31.75 1.86 24.74
C ASP A 170 -32.45 2.35 26.00
N THR A 171 -32.88 3.62 25.99
CA THR A 171 -33.54 4.23 27.14
C THR A 171 -35.06 4.12 27.09
N ALA A 172 -35.61 3.51 26.04
CA ALA A 172 -37.05 3.35 25.92
C ALA A 172 -37.60 2.27 26.84
N VAL A 173 -36.76 1.41 27.40
CA VAL A 173 -37.23 0.34 28.26
C VAL A 173 -37.71 0.84 29.62
N TYR A 174 -37.40 2.09 29.97
CA TYR A 174 -37.83 2.68 31.24
C TYR A 174 -39.20 3.31 31.03
N ARG A 175 -40.24 2.59 31.45
CA ARG A 175 -41.60 3.06 31.26
C ARG A 175 -42.48 2.44 32.35
N ARG A 176 -43.79 2.60 32.22
CA ARG A 176 -44.73 1.96 33.13
C ARG A 176 -44.98 0.53 32.69
N LYS A 177 -44.88 -0.40 33.64
CA LYS A 177 -45.06 -1.83 33.39
C LYS A 177 -44.09 -2.31 32.32
N THR A 178 -42.80 -2.12 32.60
CA THR A 178 -41.76 -2.53 31.67
C THR A 178 -41.65 -4.04 31.60
N THR A 179 -41.18 -4.54 30.46
CA THR A 179 -41.03 -5.97 30.22
C THR A 179 -39.61 -6.25 29.78
N LEU A 180 -38.94 -7.18 30.46
CA LEU A 180 -37.60 -7.63 30.10
C LEU A 180 -37.65 -9.12 29.85
N ARG A 181 -37.12 -9.56 28.71
CA ARG A 181 -37.15 -10.97 28.36
C ARG A 181 -36.22 -11.76 29.27
N VAL A 182 -36.72 -12.88 29.79
CA VAL A 182 -35.90 -13.73 30.65
C VAL A 182 -34.81 -14.41 29.81
N VAL A 183 -33.70 -14.71 30.46
CA VAL A 183 -32.54 -15.29 29.78
C VAL A 183 -32.87 -16.71 29.36
N GLY A 184 -32.53 -17.05 28.11
CA GLY A 184 -32.69 -18.40 27.61
C GLY A 184 -34.00 -18.71 26.95
N THR A 185 -34.75 -17.72 26.49
CA THR A 185 -36.04 -17.93 25.86
C THR A 185 -36.14 -17.13 24.57
N ARG A 186 -36.99 -17.61 23.67
CA ARG A 186 -37.21 -16.98 22.38
C ARG A 186 -38.06 -15.72 22.55
N LYS A 187 -38.03 -14.87 21.51
CA LYS A 187 -38.87 -13.67 21.46
C LYS A 187 -40.22 -13.98 20.84
N ASN A 188 -40.22 -14.62 19.68
CA ASN A 188 -41.42 -15.04 18.96
C ASN A 188 -41.31 -16.53 18.67
N PRO A 189 -42.44 -17.21 18.48
CA PRO A 189 -42.40 -18.67 18.28
C PRO A 189 -41.66 -19.11 17.03
N ASN A 190 -41.15 -18.16 16.24
CA ASN A 190 -40.46 -18.49 14.99
C ASN A 190 -38.96 -18.29 15.06
N CYS A 191 -38.47 -17.18 15.60
CA CYS A 191 -37.03 -16.91 15.66
C CYS A 191 -36.41 -17.80 16.74
N ASP A 192 -35.23 -18.35 16.43
CA ASP A 192 -34.56 -19.28 17.33
C ASP A 192 -33.45 -18.64 18.15
N THR A 193 -33.13 -17.37 17.93
CA THR A 193 -32.06 -16.72 18.69
C THR A 193 -32.52 -16.42 20.10
N ILE A 194 -31.73 -16.85 21.08
CA ILE A 194 -32.04 -16.67 22.49
C ILE A 194 -30.84 -16.06 23.19
N HIS A 195 -31.08 -15.54 24.39
CA HIS A 195 -30.03 -14.94 25.21
C HIS A 195 -29.30 -16.04 25.96
N VAL A 196 -28.01 -16.18 25.70
CA VAL A 196 -27.17 -17.18 26.35
C VAL A 196 -26.44 -16.55 27.52
N MET A 197 -26.28 -17.32 28.59
CA MET A 197 -25.60 -16.83 29.77
C MET A 197 -24.09 -16.72 29.51
N GLN A 198 -23.41 -16.01 30.39
CA GLN A 198 -21.97 -15.79 30.30
C GLN A 198 -21.33 -16.16 31.62
N PRO A 199 -20.07 -16.61 31.60
CA PRO A 199 -19.43 -17.02 32.83
C PRO A 199 -18.99 -15.81 33.64
N PRO A 200 -18.81 -15.97 34.95
CA PRO A 200 -18.96 -17.20 35.75
C PRO A 200 -20.37 -17.38 36.32
N HIS A 201 -21.23 -16.37 36.23
CA HIS A 201 -22.57 -16.48 36.81
C HIS A 201 -23.42 -17.45 36.01
N ASP A 202 -24.12 -18.34 36.71
CA ASP A 202 -24.94 -19.35 36.06
C ASP A 202 -26.38 -19.44 36.57
N ASN A 203 -26.63 -19.24 37.87
CA ASN A 203 -27.98 -19.38 38.40
C ASN A 203 -28.89 -18.27 37.86
N ILE A 204 -30.20 -18.56 37.81
CA ILE A 204 -31.15 -17.62 37.24
C ILE A 204 -31.50 -16.47 38.17
N GLU A 205 -31.26 -16.61 39.47
CA GLU A 205 -31.66 -15.59 40.43
C GLU A 205 -30.75 -14.36 40.41
N ASP A 206 -29.81 -14.27 39.48
CA ASP A 206 -28.99 -13.08 39.31
C ASP A 206 -29.14 -12.50 37.91
N TYR A 207 -30.08 -13.04 37.13
CA TYR A 207 -30.34 -12.53 35.78
C TYR A 207 -31.70 -11.86 35.69
N LEU A 208 -32.35 -11.59 36.83
CA LEU A 208 -33.66 -10.96 36.86
C LEU A 208 -33.55 -9.65 37.63
N PHE A 209 -34.15 -8.60 37.09
CA PHE A 209 -34.13 -7.29 37.72
C PHE A 209 -35.25 -7.11 38.75
N THR A 210 -36.10 -8.13 38.93
CA THR A 210 -37.09 -8.13 39.98
C THR A 210 -36.67 -8.92 41.21
N TYR A 211 -35.83 -9.95 41.04
CA TYR A 211 -35.32 -10.73 42.16
C TYR A 211 -34.36 -9.85 42.96
N VAL A 212 -34.85 -9.39 44.12
CA VAL A 212 -34.08 -8.51 44.99
C VAL A 212 -33.81 -9.24 46.29
N ASP A 213 -32.54 -9.33 46.68
CA ASP A 213 -32.15 -9.93 47.96
C ASP A 213 -31.05 -9.04 48.54
N MET A 214 -31.46 -8.04 49.34
CA MET A 214 -30.52 -7.09 49.89
C MET A 214 -29.73 -7.72 51.02
N ASN A 215 -28.44 -7.94 50.79
CA ASN A 215 -27.53 -8.43 51.81
C ASN A 215 -26.88 -7.24 52.51
N ASN A 216 -25.85 -7.50 53.32
CA ASN A 216 -25.23 -6.45 54.11
C ASN A 216 -24.21 -5.62 53.33
N ASN A 217 -23.98 -5.93 52.06
CA ASN A 217 -23.01 -5.21 51.25
C ASN A 217 -23.69 -4.57 50.04
N SER A 218 -24.85 -3.96 50.26
CA SER A 218 -25.65 -3.37 49.19
C SER A 218 -26.02 -1.94 49.56
N TYR A 219 -26.31 -1.15 48.53
CA TYR A 219 -26.68 0.25 48.69
C TYR A 219 -28.03 0.50 48.01
N TYR A 220 -28.84 1.36 48.63
CA TYR A 220 -30.14 1.72 48.11
C TYR A 220 -30.34 3.23 48.19
N PHE A 221 -31.03 3.77 47.21
CA PHE A 221 -31.37 5.20 47.17
C PHE A 221 -32.61 5.37 46.30
N SER A 222 -33.16 6.58 46.32
CA SER A 222 -34.36 6.87 45.55
C SER A 222 -34.54 8.38 45.45
N LEU A 223 -35.56 8.78 44.70
CA LEU A 223 -35.93 10.17 44.61
C LEU A 223 -36.56 10.66 45.91
N GLN A 224 -36.34 11.94 46.22
CA GLN A 224 -36.92 12.56 47.40
C GLN A 224 -38.28 13.20 47.10
N ARG A 225 -38.37 13.98 46.03
CA ARG A 225 -39.63 14.58 45.64
C ARG A 225 -40.50 13.58 44.89
N ARG A 226 -41.71 13.99 44.57
CA ARG A 226 -42.63 13.18 43.80
C ARG A 226 -42.39 13.36 42.31
N LEU A 227 -42.78 12.34 41.53
CA LEU A 227 -42.51 12.36 40.10
C LEU A 227 -43.20 13.50 39.39
N GLU A 228 -44.42 13.86 39.82
CA GLU A 228 -45.15 14.97 39.21
C GLU A 228 -44.75 16.30 39.83
N ASP A 229 -43.44 16.55 39.86
CA ASP A 229 -42.90 17.82 40.34
C ASP A 229 -41.69 18.28 39.56
N LEU A 230 -41.26 17.52 38.55
CA LEU A 230 -40.03 17.85 37.82
C LEU A 230 -40.17 19.18 37.09
N VAL A 231 -39.11 19.97 37.11
CA VAL A 231 -39.02 21.23 36.39
C VAL A 231 -37.96 21.07 35.32
N PRO A 232 -38.24 21.44 34.06
CA PRO A 232 -37.24 21.26 33.00
C PRO A 232 -36.03 22.14 33.21
N ASP A 233 -34.94 21.76 32.54
CA ASP A 233 -33.71 22.53 32.58
C ASP A 233 -33.92 23.89 31.92
N LYS A 234 -32.93 24.76 32.07
CA LYS A 234 -33.01 26.09 31.48
C LYS A 234 -32.87 26.00 29.96
N LEU A 235 -32.86 27.17 29.33
CA LEU A 235 -32.78 27.22 27.87
C LEU A 235 -31.51 26.56 27.35
N TRP A 236 -30.44 26.62 28.15
CA TRP A 236 -29.18 25.98 27.78
C TRP A 236 -29.20 24.51 28.16
N GLU A 237 -28.48 23.71 27.37
CA GLU A 237 -28.53 22.25 27.60
C GLU A 237 -27.17 21.82 28.10
N PRO A 238 -26.89 21.93 29.42
CA PRO A 238 -25.57 21.65 29.91
C PRO A 238 -25.11 20.36 29.21
N GLY A 239 -24.11 20.49 28.37
CA GLY A 239 -23.57 19.27 27.75
C GLY A 239 -22.81 19.61 26.50
N PHE A 240 -22.75 20.88 26.14
CA PHE A 240 -22.12 21.13 24.85
C PHE A 240 -20.96 22.12 24.93
N ILE A 241 -21.24 23.35 25.35
CA ILE A 241 -20.28 24.46 25.27
C ILE A 241 -20.64 25.47 26.34
N SER A 242 -19.62 26.07 26.95
CA SER A 242 -19.85 27.16 27.89
C SER A 242 -20.45 28.36 27.16
N PHE A 243 -21.21 29.16 27.92
CA PHE A 243 -22.02 30.20 27.31
C PHE A 243 -21.18 31.24 26.57
N GLU A 244 -20.03 31.61 27.14
CA GLU A 244 -19.25 32.71 26.55
C GLU A 244 -18.64 32.32 25.21
N ASP A 245 -18.43 31.01 24.97
CA ASP A 245 -17.88 30.59 23.70
C ASP A 245 -18.92 30.66 22.59
N ALA A 246 -20.20 30.51 22.94
CA ALA A 246 -21.25 30.55 21.93
C ALA A 246 -21.46 31.97 21.40
N ILE A 247 -21.47 32.95 22.30
CA ILE A 247 -21.77 34.33 21.90
C ILE A 247 -20.63 34.91 21.07
N LYS A 248 -19.38 34.59 21.43
CA LYS A 248 -18.25 35.10 20.65
C LYS A 248 -18.28 34.60 19.22
N ARG A 249 -18.77 33.37 19.01
CA ARG A 249 -19.01 32.89 17.65
C ARG A 249 -20.11 33.70 16.98
N VAL A 250 -21.18 34.01 17.72
CA VAL A 250 -22.25 34.83 17.17
C VAL A 250 -21.74 36.22 16.83
N SER A 251 -20.94 36.81 17.72
CA SER A 251 -20.38 38.13 17.45
C SER A 251 -19.39 38.10 16.30
N LYS A 252 -18.76 36.96 16.06
CA LYS A 252 -17.82 36.85 14.93
C LYS A 252 -18.55 37.00 13.60
N ILE A 253 -19.74 36.42 13.49
CA ILE A 253 -20.50 36.52 12.23
C ILE A 253 -20.91 37.96 11.98
N PHE A 254 -21.40 38.64 13.00
CA PHE A 254 -21.82 40.04 12.86
C PHE A 254 -20.58 40.92 12.74
N ILE A 255 -20.37 41.48 11.55
CA ILE A 255 -19.25 42.39 11.35
C ILE A 255 -19.41 43.65 12.18
N ASN A 256 -20.65 44.13 12.33
CA ASN A 256 -20.90 45.31 13.15
C ASN A 256 -20.73 44.98 14.64
N SER A 257 -20.93 45.98 15.47
CA SER A 257 -20.74 45.85 16.91
C SER A 257 -22.07 45.74 17.63
N ILE A 258 -22.16 44.80 18.56
CA ILE A 258 -23.37 44.59 19.35
C ILE A 258 -23.42 45.66 20.43
N ILE A 259 -24.39 46.58 20.31
CA ILE A 259 -24.50 47.67 21.28
C ILE A 259 -24.97 47.14 22.63
N ASN A 260 -25.79 46.10 22.62
CA ASN A 260 -26.31 45.48 23.85
C ASN A 260 -25.69 44.12 24.10
N PHE A 261 -24.38 44.00 23.88
CA PHE A 261 -23.69 42.73 24.12
C PHE A 261 -23.77 42.32 25.59
N ASN A 262 -23.65 43.28 26.51
CA ASN A 262 -23.47 42.96 27.91
C ASN A 262 -24.70 42.35 28.57
N ASP A 263 -25.91 42.70 28.12
CA ASP A 263 -27.12 42.29 28.81
C ASP A 263 -27.55 40.85 28.50
N LEU A 264 -26.70 40.07 27.83
CA LEU A 264 -27.02 38.69 27.49
C LEU A 264 -26.40 37.75 28.50
N ASP A 265 -27.24 36.94 29.16
CA ASP A 265 -26.75 35.90 30.06
C ASP A 265 -27.36 34.56 29.69
N GLU A 266 -27.14 33.55 30.52
CA GLU A 266 -27.55 32.18 30.23
C GLU A 266 -29.07 31.99 30.15
N ASN A 267 -29.91 33.01 30.34
CA ASN A 267 -31.35 32.82 30.33
C ASN A 267 -32.13 33.83 29.49
N ASN A 268 -31.58 35.00 29.21
CA ASN A 268 -32.30 36.04 28.49
C ASN A 268 -31.89 36.14 27.02
N PHE A 269 -31.03 35.25 26.54
CA PHE A 269 -30.55 35.34 25.17
C PHE A 269 -31.59 34.92 24.14
N THR A 270 -32.69 34.32 24.56
CA THR A 270 -33.75 33.90 23.66
C THR A 270 -34.89 34.91 23.56
N THR A 271 -34.78 36.05 24.25
CA THR A 271 -35.84 37.06 24.25
C THR A 271 -35.37 38.47 23.98
N VAL A 272 -34.08 38.77 24.17
CA VAL A 272 -33.58 40.12 23.96
C VAL A 272 -33.22 40.31 22.50
N PRO A 273 -33.89 41.20 21.77
CA PRO A 273 -33.52 41.45 20.37
C PRO A 273 -32.15 42.13 20.30
N LEU A 274 -31.34 41.68 19.35
CA LEU A 274 -29.99 42.22 19.17
C LEU A 274 -30.07 43.50 18.36
N VAL A 275 -30.21 44.62 19.05
CA VAL A 275 -30.29 45.92 18.39
C VAL A 275 -28.91 46.32 17.91
N ILE A 276 -28.65 46.14 16.62
CA ILE A 276 -27.35 46.42 16.04
C ILE A 276 -27.46 47.59 15.07
N ASP A 277 -26.41 48.40 15.07
CA ASP A 277 -26.33 49.50 14.07
C ASP A 277 -25.53 48.93 12.90
N TYR A 278 -25.67 49.52 11.72
CA TYR A 278 -24.98 49.05 10.52
C TYR A 278 -24.10 50.16 9.97
N VAL A 279 -22.88 50.25 10.52
CA VAL A 279 -21.87 51.11 9.93
C VAL A 279 -21.39 50.53 8.60
N THR A 280 -21.31 49.21 8.50
CA THR A 280 -21.05 48.48 7.28
C THR A 280 -22.33 47.80 6.81
N PRO A 281 -22.42 47.45 5.53
CA PRO A 281 -23.59 46.67 5.08
C PRO A 281 -23.71 45.36 5.86
N CYS A 282 -24.95 44.95 6.07
CA CYS A 282 -25.23 43.78 6.91
C CYS A 282 -24.53 42.54 6.37
N ALA A 283 -23.91 41.77 7.27
CA ALA A 283 -23.16 40.59 6.86
C ALA A 283 -24.06 39.51 6.27
N LEU A 284 -25.38 39.59 6.50
CA LEU A 284 -26.29 38.56 6.02
C LEU A 284 -26.89 38.93 4.67
N CYS A 285 -27.62 40.05 4.61
CA CYS A 285 -28.36 40.45 3.41
C CYS A 285 -27.62 41.47 2.57
N LYS A 286 -26.45 41.94 3.00
CA LYS A 286 -25.67 42.94 2.27
C LYS A 286 -26.47 44.20 2.00
N LYS A 287 -27.32 44.60 2.95
CA LYS A 287 -28.14 45.79 2.80
C LYS A 287 -27.62 46.89 3.73
N ARG A 288 -28.06 48.13 3.45
CA ARG A 288 -27.57 49.28 4.18
C ARG A 288 -27.96 49.21 5.66
N SER A 289 -29.26 49.18 5.94
CA SER A 289 -29.76 49.14 7.32
C SER A 289 -30.99 48.24 7.36
N HIS A 290 -31.64 48.20 8.52
CA HIS A 290 -32.82 47.35 8.69
C HIS A 290 -33.81 48.04 9.61
N LYS A 291 -35.08 47.66 9.43
CA LYS A 291 -36.17 48.27 10.21
C LYS A 291 -36.24 47.70 11.62
N HIS A 292 -35.96 46.41 11.79
CA HIS A 292 -36.04 45.73 13.07
C HIS A 292 -34.74 45.01 13.37
N PRO A 293 -34.42 44.79 14.64
CA PRO A 293 -33.19 44.10 15.00
C PRO A 293 -33.30 42.59 14.89
N HIS A 294 -32.17 41.93 15.13
CA HIS A 294 -32.07 40.47 15.03
C HIS A 294 -32.34 39.85 16.41
N GLN A 295 -32.67 38.56 16.42
CA GLN A 295 -32.95 37.85 17.66
C GLN A 295 -32.29 36.48 17.60
N LEU A 296 -32.38 35.74 18.71
CA LEU A 296 -31.77 34.42 18.83
C LEU A 296 -32.84 33.41 19.24
N SER A 297 -32.64 32.16 18.84
CA SER A 297 -33.53 31.08 19.22
C SER A 297 -32.78 29.75 19.23
N LEU A 298 -33.01 28.92 20.23
CA LEU A 298 -32.30 27.65 20.38
C LEU A 298 -33.23 26.49 20.10
N GLU A 299 -32.97 25.78 18.99
CA GLU A 299 -33.74 24.59 18.64
C GLU A 299 -32.78 23.50 18.17
N ASN A 300 -32.99 22.29 18.65
CA ASN A 300 -32.33 21.06 18.20
C ASN A 300 -30.84 21.03 18.51
N GLY A 301 -30.28 22.07 19.10
CA GLY A 301 -28.85 22.13 19.35
C GLY A 301 -28.14 23.11 18.44
N ALA A 302 -28.82 24.21 18.12
CA ALA A 302 -28.25 25.25 17.28
C ALA A 302 -28.95 26.57 17.63
N ILE A 303 -28.34 27.66 17.19
CA ILE A 303 -28.84 29.00 17.45
C ILE A 303 -29.30 29.57 16.10
N ARG A 304 -30.61 29.71 15.92
CA ARG A 304 -31.17 30.24 14.68
C ARG A 304 -31.20 31.76 14.76
N ILE A 305 -30.40 32.41 13.92
CA ILE A 305 -30.33 33.87 13.90
C ILE A 305 -31.24 34.39 12.79
N TYR A 306 -32.21 35.22 13.16
CA TYR A 306 -33.15 35.77 12.20
C TYR A 306 -33.60 37.15 12.66
N LYS A 307 -34.42 37.80 11.84
CA LYS A 307 -34.91 39.14 12.09
C LYS A 307 -36.44 39.15 12.12
N THR A 308 -37.01 39.86 13.08
CA THR A 308 -38.45 39.91 13.25
C THR A 308 -39.06 40.91 12.28
N GLY A 309 -40.40 40.99 12.28
CA GLY A 309 -41.10 41.88 11.38
C GLY A 309 -41.39 41.22 10.06
N ASN A 310 -40.55 41.47 9.07
CA ASN A 310 -40.65 40.79 7.78
C ASN A 310 -39.45 39.86 7.63
N PRO A 311 -39.56 38.62 8.13
CA PRO A 311 -38.40 37.72 8.09
C PRO A 311 -37.90 37.40 6.69
N HIS A 312 -38.76 37.50 5.67
CA HIS A 312 -38.35 37.20 4.31
C HIS A 312 -37.37 38.22 3.75
N SER A 313 -37.23 39.38 4.38
CA SER A 313 -36.32 40.41 3.89
C SER A 313 -34.86 40.09 4.15
N CYS A 314 -34.56 39.33 5.20
CA CYS A 314 -33.19 38.97 5.55
C CYS A 314 -33.05 37.45 5.59
N LYS A 315 -31.88 36.97 5.20
CA LYS A 315 -31.63 35.53 5.19
C LYS A 315 -31.44 35.02 6.62
N VAL A 316 -31.54 33.71 6.78
CA VAL A 316 -31.46 33.04 8.07
C VAL A 316 -30.12 32.33 8.14
N LYS A 317 -29.35 32.62 9.19
CA LYS A 317 -28.08 31.95 9.43
C LYS A 317 -28.19 31.04 10.65
N ILE A 318 -27.49 29.91 10.58
CA ILE A 318 -27.53 28.90 11.63
C ILE A 318 -26.13 28.74 12.21
N VAL A 319 -26.04 28.80 13.54
CA VAL A 319 -24.78 28.66 14.25
C VAL A 319 -24.78 27.31 14.97
N PRO A 320 -23.85 26.41 14.66
CA PRO A 320 -23.80 25.12 15.36
C PRO A 320 -22.88 25.16 16.58
N LEU A 321 -23.06 24.16 17.43
CA LEU A 321 -22.31 24.02 18.67
C LEU A 321 -21.73 22.63 18.81
N ASP A 322 -21.30 22.06 17.68
CA ASP A 322 -20.75 20.70 17.57
C ASP A 322 -21.48 19.69 18.45
N GLY A 323 -21.26 19.73 19.76
CA GLY A 323 -21.88 18.82 20.68
C GLY A 323 -21.00 17.67 21.11
N ASN A 324 -19.94 17.38 20.39
CA ASN A 324 -19.02 16.32 20.78
C ASN A 324 -18.15 16.79 21.95
N LYS A 325 -17.53 15.82 22.62
CA LYS A 325 -16.67 16.10 23.76
C LYS A 325 -15.20 16.20 23.39
N LEU A 326 -14.69 15.29 22.57
CA LEU A 326 -13.28 15.33 22.19
C LEU A 326 -12.99 16.40 21.15
N PHE A 327 -13.98 16.76 20.33
CA PHE A 327 -13.76 17.83 19.36
C PHE A 327 -13.55 19.17 20.06
N ASN A 328 -14.24 19.40 21.19
CA ASN A 328 -13.95 20.58 21.98
C ASN A 328 -12.51 20.56 22.49
N ILE A 329 -12.02 19.38 22.88
CA ILE A 329 -10.64 19.24 23.33
C ILE A 329 -9.69 19.62 22.20
N ALA A 330 -9.94 19.11 21.00
CA ALA A 330 -9.07 19.41 19.86
C ALA A 330 -9.11 20.90 19.52
N GLN A 331 -10.30 21.50 19.57
CA GLN A 331 -10.41 22.94 19.31
C GLN A 331 -9.63 23.75 20.33
N ARG A 332 -9.72 23.37 21.61
CA ARG A 332 -8.98 24.09 22.64
C ARG A 332 -7.47 23.92 22.48
N ILE A 333 -7.03 22.71 22.12
CA ILE A 333 -5.60 22.49 21.91
C ILE A 333 -5.09 23.32 20.75
N LEU A 334 -5.84 23.37 19.65
CA LEU A 334 -5.42 24.20 18.52
C LEU A 334 -5.57 25.68 18.82
N ASP A 335 -6.39 26.05 19.80
CA ASP A 335 -6.55 27.46 20.16
C ASP A 335 -5.25 28.00 20.75
N THR A 336 -4.59 27.23 21.61
CA THR A 336 -3.43 27.72 22.33
C THR A 336 -2.22 27.91 21.42
N ASN A 337 -2.34 27.45 20.17
CA ASN A 337 -1.30 27.63 19.16
C ASN A 337 0.01 26.98 19.57
N SER A 338 -0.05 25.65 19.76
CA SER A 338 1.12 24.86 20.08
C SER A 338 1.44 23.81 19.02
N VAL A 339 0.56 23.58 18.05
CA VAL A 339 0.79 22.63 16.98
C VAL A 339 0.88 23.40 15.68
N LEU A 340 1.83 22.99 14.84
CA LEU A 340 2.10 23.72 13.61
C LEU A 340 2.42 22.72 12.50
N LEU A 341 2.13 23.14 11.27
CA LEU A 341 2.36 22.31 10.09
C LEU A 341 3.30 23.06 9.14
N THR A 342 4.46 22.46 8.86
CA THR A 342 5.45 23.10 8.02
C THR A 342 5.19 22.82 6.55
N GLU A 343 6.03 23.39 5.68
CA GLU A 343 5.85 23.23 4.24
C GLU A 343 6.12 21.79 3.79
N ARG A 344 7.07 21.11 4.42
CA ARG A 344 7.34 19.72 4.07
C ARG A 344 6.18 18.81 4.40
N GLY A 345 5.44 19.12 5.47
CA GLY A 345 4.33 18.29 5.91
C GLY A 345 4.53 17.74 7.30
N ASP A 346 5.66 18.06 7.91
CA ASP A 346 5.96 17.62 9.26
C ASP A 346 5.13 18.40 10.28
N HIS A 347 4.93 17.78 11.44
CA HIS A 347 4.21 18.40 12.55
C HIS A 347 5.23 18.74 13.63
N ILE A 348 5.25 20.01 14.05
CA ILE A 348 6.15 20.49 15.09
C ILE A 348 5.32 20.93 16.28
N VAL A 349 5.77 20.58 17.48
CA VAL A 349 5.04 20.86 18.71
C VAL A 349 5.92 21.67 19.65
N TRP A 350 5.30 22.23 20.68
CA TRP A 350 5.96 23.07 21.66
C TRP A 350 5.82 22.40 23.02
N ILE A 351 6.92 21.85 23.53
CA ILE A 351 6.96 21.24 24.85
C ILE A 351 8.27 21.62 25.52
N ASN A 352 8.20 22.02 26.79
CA ASN A 352 9.36 22.38 27.58
C ASN A 352 10.19 23.48 26.89
N ASN A 353 9.49 24.50 26.40
CA ASN A 353 10.11 25.68 25.80
C ASN A 353 11.03 25.32 24.64
N SER A 354 10.56 24.44 23.77
CA SER A 354 11.33 24.04 22.60
C SER A 354 10.39 23.62 21.49
N TRP A 355 10.69 24.06 20.26
CA TRP A 355 9.90 23.69 19.09
C TRP A 355 10.53 22.48 18.42
N LYS A 356 10.39 21.34 19.09
CA LYS A 356 10.99 20.09 18.62
C LYS A 356 10.02 19.32 17.75
N PHE A 357 10.57 18.42 16.93
CA PHE A 357 9.77 17.56 16.09
C PHE A 357 10.51 16.25 15.87
N ASN A 358 9.75 15.22 15.50
CA ASN A 358 10.31 13.89 15.26
C ASN A 358 9.39 13.13 14.34
N SER A 359 9.98 12.26 13.52
CA SER A 359 9.21 11.51 12.54
C SER A 359 8.81 10.13 13.03
N GLU A 360 9.74 9.41 13.68
CA GLU A 360 9.46 8.05 14.11
C GLU A 360 8.54 7.98 15.32
N GLU A 361 8.65 8.93 16.25
CA GLU A 361 7.79 8.94 17.43
C GLU A 361 6.88 10.16 17.38
N PRO A 362 5.61 10.01 17.04
CA PRO A 362 4.68 11.15 17.08
C PRO A 362 4.66 11.78 18.47
N LEU A 363 4.70 13.12 18.50
CA LEU A 363 4.76 13.85 19.75
C LEU A 363 3.45 14.54 20.11
N ILE A 364 2.42 14.44 19.26
CA ILE A 364 1.16 15.12 19.55
C ILE A 364 0.50 14.53 20.79
N THR A 365 0.60 13.22 20.99
CA THR A 365 0.10 12.62 22.21
C THR A 365 0.89 13.10 23.42
N LYS A 366 2.21 13.21 23.29
CA LYS A 366 3.03 13.75 24.37
C LYS A 366 2.62 15.18 24.70
N LEU A 367 2.42 16.00 23.67
CA LEU A 367 2.01 17.37 23.89
C LEU A 367 0.64 17.43 24.57
N ILE A 368 -0.28 16.57 24.16
CA ILE A 368 -1.61 16.54 24.77
C ILE A 368 -1.50 16.19 26.25
N LEU A 369 -0.71 15.16 26.56
CA LEU A 369 -0.54 14.77 27.96
C LEU A 369 0.14 15.85 28.78
N SER A 370 1.02 16.63 28.15
CA SER A 370 1.70 17.71 28.87
C SER A 370 0.75 18.88 29.12
N ILE A 371 -0.07 19.22 28.14
CA ILE A 371 -0.92 20.41 28.19
C ILE A 371 -2.23 20.05 28.90
N ARG A 372 -2.37 18.79 29.29
CA ARG A 372 -3.52 18.31 30.05
C ARG A 372 -3.94 19.25 31.18
N HIS A 373 -2.98 19.93 31.81
CA HIS A 373 -3.28 20.77 32.96
C HIS A 373 -3.92 22.10 32.59
N GLN A 374 -3.66 22.63 31.39
CA GLN A 374 -4.20 23.93 31.01
C GLN A 374 -5.67 23.87 30.60
N LEU A 375 -6.37 22.78 30.85
CA LEU A 375 -7.78 22.62 30.49
C LEU A 375 -8.65 22.56 31.73
N PRO A 376 -9.95 22.83 31.59
CA PRO A 376 -10.85 22.73 32.76
C PRO A 376 -10.84 21.34 33.37
N LYS A 377 -11.30 21.28 34.63
CA LYS A 377 -11.14 20.06 35.42
C LYS A 377 -11.88 18.87 34.81
N GLU A 378 -13.09 19.08 34.31
CA GLU A 378 -13.84 17.98 33.73
C GLU A 378 -13.26 17.51 32.41
N TYR A 379 -12.40 18.29 31.77
CA TYR A 379 -11.76 17.91 30.53
C TYR A 379 -10.40 17.25 30.73
N SER A 380 -9.97 17.07 31.98
CA SER A 380 -8.65 16.51 32.27
C SER A 380 -8.70 14.99 32.44
N SER A 381 -9.70 14.50 33.19
CA SER A 381 -9.80 13.07 33.43
C SER A 381 -10.04 12.29 32.14
N GLU A 382 -10.80 12.87 31.20
CA GLU A 382 -11.08 12.21 29.94
C GLU A 382 -9.91 12.27 28.96
N LEU A 383 -8.73 12.68 29.42
CA LEU A 383 -7.57 12.84 28.55
C LEU A 383 -6.41 11.93 28.96
N LEU A 384 -6.70 10.84 29.67
CA LEU A 384 -5.67 9.94 30.17
C LEU A 384 -5.59 8.63 29.39
N CYS A 385 -6.73 8.04 29.05
CA CYS A 385 -6.73 6.77 28.34
C CYS A 385 -6.10 6.93 26.97
N PRO A 386 -5.21 6.04 26.55
CA PRO A 386 -4.53 6.21 25.25
C PRO A 386 -5.47 6.26 24.07
N ARG A 387 -6.61 5.57 24.14
CA ARG A 387 -7.56 5.60 23.03
C ARG A 387 -8.08 7.02 22.79
N LYS A 388 -8.44 7.71 23.88
CA LYS A 388 -8.96 9.06 23.76
C LYS A 388 -7.90 10.05 23.30
N ARG A 389 -6.67 9.90 23.78
CA ARG A 389 -5.59 10.76 23.29
C ARG A 389 -5.33 10.53 21.81
N LYS A 390 -5.39 9.27 21.37
CA LYS A 390 -5.23 8.98 19.95
C LYS A 390 -6.37 9.58 19.14
N THR A 391 -7.60 9.52 19.65
CA THR A 391 -8.73 10.14 18.96
C THR A 391 -8.55 11.64 18.83
N VAL A 392 -8.10 12.30 19.91
CA VAL A 392 -7.87 13.74 19.88
C VAL A 392 -6.76 14.07 18.89
N GLU A 393 -5.72 13.23 18.86
CA GLU A 393 -4.59 13.45 17.96
C GLU A 393 -5.03 13.31 16.50
N ALA A 394 -5.88 12.32 16.21
CA ALA A 394 -6.44 12.17 14.87
C ALA A 394 -7.33 13.34 14.50
N ASN A 395 -8.11 13.86 15.45
CA ASN A 395 -8.91 15.05 15.20
C ASN A 395 -8.02 16.25 14.88
N ILE A 396 -6.90 16.38 15.59
CA ILE A 396 -5.99 17.50 15.38
C ILE A 396 -5.36 17.41 13.99
N ARG A 397 -4.98 16.20 13.56
CA ARG A 397 -4.38 16.06 12.24
C ARG A 397 -5.27 16.57 11.12
N ASP A 398 -6.59 16.47 11.27
CA ASP A 398 -7.52 16.81 10.21
C ASP A 398 -7.96 18.27 10.25
N MET A 399 -7.41 19.07 11.17
CA MET A 399 -7.74 20.48 11.26
C MET A 399 -6.60 21.39 10.83
N LEU A 400 -5.38 20.89 10.68
CA LEU A 400 -4.26 21.67 10.17
C LEU A 400 -4.25 21.54 8.65
N VAL A 401 -4.89 22.50 7.98
CA VAL A 401 -5.04 22.43 6.54
C VAL A 401 -4.10 23.37 5.77
N ASP A 402 -3.51 24.34 6.45
CA ASP A 402 -2.65 25.33 5.80
C ASP A 402 -1.27 25.31 6.43
N SER A 403 -0.25 25.28 5.58
CA SER A 403 1.14 25.27 6.04
C SER A 403 1.60 26.69 6.34
N VAL A 404 2.76 26.78 6.98
CA VAL A 404 3.39 28.05 7.32
C VAL A 404 4.89 27.95 7.04
N GLU A 405 5.62 28.99 7.41
CA GLU A 405 7.06 29.05 7.23
C GLU A 405 7.74 29.26 8.57
N THR A 406 8.80 28.51 8.82
CA THR A 406 9.56 28.59 10.05
C THR A 406 11.05 28.77 9.75
N ASP A 407 11.82 29.03 10.80
CA ASP A 407 13.25 29.26 10.70
C ASP A 407 13.56 30.41 9.75
N THR A 408 12.92 31.55 10.02
CA THR A 408 13.09 32.75 9.21
C THR A 408 14.09 33.73 9.78
N TYR A 409 14.35 33.68 11.10
CA TYR A 409 15.30 34.59 11.72
C TYR A 409 16.69 33.98 11.68
N PRO A 410 17.62 34.57 10.92
CA PRO A 410 18.93 33.94 10.72
C PRO A 410 20.00 34.34 11.72
N ASP A 411 19.66 35.01 12.81
CA ASP A 411 20.65 35.44 13.79
C ASP A 411 20.18 35.13 15.20
N LYS A 412 19.67 33.92 15.40
CA LYS A 412 19.24 33.46 16.71
C LYS A 412 19.82 32.08 16.99
N LEU A 413 20.19 31.86 18.25
CA LEU A 413 20.73 30.58 18.69
C LEU A 413 19.72 29.89 19.59
N PRO A 414 19.05 28.84 19.12
CA PRO A 414 18.03 28.18 19.96
C PRO A 414 18.64 27.21 20.95
N PHE A 415 18.27 27.35 22.23
CA PHE A 415 18.70 26.45 23.28
C PHE A 415 17.52 25.66 23.82
N LYS A 416 17.81 24.73 24.73
CA LYS A 416 16.78 23.85 25.25
C LYS A 416 15.75 24.59 26.08
N ASN A 417 16.09 25.75 26.64
CA ASN A 417 15.18 26.50 27.50
C ASN A 417 15.22 27.98 27.13
N GLY A 418 15.20 28.27 25.85
CA GLY A 418 15.15 29.64 25.39
C GLY A 418 15.90 29.81 24.08
N VAL A 419 15.85 31.03 23.56
CA VAL A 419 16.52 31.40 22.32
C VAL A 419 17.42 32.60 22.61
N LEU A 420 18.69 32.49 22.23
CA LEU A 420 19.65 33.56 22.50
C LEU A 420 19.74 34.50 21.31
N ASP A 421 19.57 35.79 21.57
CA ASP A 421 19.76 36.82 20.56
C ASP A 421 21.22 37.23 20.49
N LEU A 422 21.68 37.52 19.28
CA LEU A 422 23.10 37.77 19.04
C LEU A 422 23.42 39.26 18.92
N VAL A 423 22.56 40.03 18.25
CA VAL A 423 22.83 41.44 18.00
C VAL A 423 22.85 42.26 19.28
N ASP A 424 22.28 41.76 20.38
CA ASP A 424 22.28 42.47 21.64
C ASP A 424 22.67 41.63 22.84
N GLY A 425 22.70 40.30 22.71
CA GLY A 425 23.08 39.43 23.79
C GLY A 425 21.98 39.08 24.76
N MET A 426 20.77 39.64 24.59
CA MET A 426 19.67 39.32 25.47
C MET A 426 19.18 37.90 25.23
N PHE A 427 18.80 37.22 26.31
CA PHE A 427 18.35 35.83 26.24
C PHE A 427 16.88 35.77 26.61
N TYR A 428 16.04 35.36 25.67
CA TYR A 428 14.62 35.19 25.92
C TYR A 428 14.33 33.79 26.45
N SER A 429 13.17 33.65 27.10
CA SER A 429 12.74 32.37 27.63
C SER A 429 11.23 32.34 27.70
N GLY A 430 10.68 31.13 27.75
CA GLY A 430 9.24 30.99 27.85
C GLY A 430 8.54 31.45 26.60
N ASP A 431 7.40 32.13 26.78
CA ASP A 431 6.61 32.59 25.65
C ASP A 431 7.34 33.64 24.82
N ASP A 432 8.34 34.30 25.41
CA ASP A 432 9.10 35.30 24.66
C ASP A 432 9.84 34.66 23.49
N ALA A 433 10.43 33.49 23.72
CA ALA A 433 11.14 32.76 22.66
C ALA A 433 10.22 31.80 21.92
N LYS A 434 9.10 32.31 21.43
CA LYS A 434 8.13 31.49 20.73
C LYS A 434 7.83 32.06 19.34
N LYS A 435 7.86 33.39 19.22
CA LYS A 435 7.62 34.01 17.92
C LYS A 435 8.71 33.65 16.92
N TYR A 436 9.95 33.53 17.37
CA TYR A 436 11.03 33.04 16.51
C TYR A 436 10.89 31.53 16.40
N THR A 437 10.21 31.07 15.35
CA THR A 437 9.92 29.64 15.17
C THR A 437 11.20 28.93 14.74
N CYS A 438 12.03 28.60 15.72
CA CYS A 438 13.27 27.88 15.49
C CYS A 438 13.03 26.39 15.74
N THR A 439 13.26 25.57 14.70
CA THR A 439 12.97 24.15 14.80
C THR A 439 14.09 23.40 15.53
N VAL A 440 15.33 23.53 15.05
CA VAL A 440 16.46 22.85 15.66
C VAL A 440 16.78 23.48 17.00
N SER A 441 17.59 22.80 17.81
CA SER A 441 17.98 23.30 19.11
C SER A 441 19.33 22.71 19.48
N THR A 442 20.05 23.43 20.36
CA THR A 442 21.39 22.98 20.75
C THR A 442 21.36 21.77 21.67
N GLY A 443 20.22 21.48 22.27
CA GLY A 443 20.07 20.30 23.12
C GLY A 443 20.36 20.50 24.59
N PHE A 444 21.29 21.40 24.91
CA PHE A 444 21.68 21.67 26.28
C PHE A 444 21.15 23.02 26.75
N LYS A 445 20.89 23.12 28.05
CA LYS A 445 20.32 24.33 28.63
C LYS A 445 21.38 25.41 28.73
N PHE A 446 20.91 26.65 28.83
CA PHE A 446 21.78 27.83 28.91
C PHE A 446 21.98 28.17 30.39
N ASP A 447 23.24 28.19 30.81
CA ASP A 447 23.62 28.55 32.18
C ASP A 447 24.45 29.83 32.09
N ASP A 448 23.79 30.97 32.32
CA ASP A 448 24.46 32.26 32.14
C ASP A 448 25.56 32.48 33.18
N THR A 449 25.54 31.74 34.28
CA THR A 449 26.57 31.90 35.31
C THR A 449 27.95 31.55 34.77
N LYS A 450 28.02 30.59 33.85
CA LYS A 450 29.28 30.23 33.20
C LYS A 450 29.50 30.98 31.89
N PHE A 451 28.60 31.91 31.54
CA PHE A 451 28.73 32.72 30.33
C PHE A 451 29.45 34.04 30.58
N VAL A 452 30.36 34.08 31.54
CA VAL A 452 31.10 35.28 31.86
C VAL A 452 32.43 35.24 31.12
N GLU A 453 33.08 36.40 31.01
CA GLU A 453 34.30 36.51 30.21
C GLU A 453 35.55 36.21 31.04
N ASP A 454 35.78 36.98 32.10
CA ASP A 454 36.99 36.83 32.90
C ASP A 454 36.91 35.57 33.73
N SER A 455 37.60 34.52 33.29
CA SER A 455 37.61 33.24 33.98
C SER A 455 38.87 32.49 33.58
N PRO A 456 39.34 31.55 34.41
CA PRO A 456 40.50 30.74 34.00
C PRO A 456 40.27 29.96 32.73
N GLU A 457 39.03 29.49 32.51
CA GLU A 457 38.71 28.77 31.29
C GLU A 457 38.96 29.64 30.06
N MET A 458 38.58 30.92 30.14
CA MET A 458 38.82 31.83 29.03
C MET A 458 40.32 32.01 28.78
N GLU A 459 41.12 32.11 29.84
CA GLU A 459 42.56 32.26 29.66
C GLU A 459 43.16 31.03 28.98
N GLU A 460 42.79 29.84 29.46
CA GLU A 460 43.30 28.62 28.84
C GLU A 460 42.85 28.51 27.38
N LEU A 461 41.59 28.85 27.12
CA LEU A 461 41.08 28.78 25.74
C LEU A 461 41.82 29.75 24.83
N MET A 462 42.05 30.98 25.31
CA MET A 462 42.76 31.95 24.50
C MET A 462 44.19 31.50 24.23
N ASN A 463 44.85 30.93 25.24
CA ASN A 463 46.20 30.40 25.02
C ASN A 463 46.18 29.29 23.98
N ILE A 464 45.19 28.41 24.06
CA ILE A 464 45.09 27.30 23.10
C ILE A 464 44.89 27.85 21.68
N ILE A 465 43.97 28.79 21.52
CA ILE A 465 43.67 29.32 20.19
C ILE A 465 44.88 30.06 19.62
N ASN A 466 45.58 30.83 20.47
CA ASN A 466 46.80 31.47 20.00
C ASN A 466 47.88 30.47 19.63
N ASP A 467 47.96 29.34 20.35
CA ASP A 467 48.91 28.29 19.98
C ASP A 467 48.58 27.69 18.63
N ILE A 468 47.29 27.40 18.39
CA ILE A 468 46.90 26.79 17.12
C ILE A 468 47.15 27.73 15.96
N GLN A 469 46.82 29.01 16.10
CA GLN A 469 47.01 30.00 15.05
C GLN A 469 47.59 31.26 15.67
N PRO A 470 48.90 31.46 15.58
CA PRO A 470 49.51 32.67 16.15
C PRO A 470 49.07 33.92 15.42
N LEU A 471 49.02 35.02 16.16
CA LEU A 471 48.56 36.30 15.63
C LEU A 471 49.76 37.17 15.23
N THR A 472 50.44 36.73 14.17
CA THR A 472 51.57 37.46 13.62
C THR A 472 51.15 38.18 12.35
N ASP A 473 52.05 39.03 11.83
CA ASP A 473 51.75 39.78 10.62
C ASP A 473 51.65 38.87 9.40
N GLU A 474 52.53 37.88 9.28
CA GLU A 474 52.45 36.95 8.17
C GLU A 474 51.30 35.97 8.33
N ASN A 475 50.75 35.83 9.55
CA ASN A 475 49.62 34.95 9.78
C ASN A 475 48.44 35.76 10.32
N LYS A 476 48.21 36.94 9.73
CA LYS A 476 47.12 37.81 10.13
C LYS A 476 45.88 37.61 9.27
N LYS A 477 46.03 37.54 7.95
CA LYS A 477 44.89 37.26 7.09
C LYS A 477 44.34 35.86 7.35
N ASN A 478 45.23 34.88 7.55
CA ASN A 478 44.78 33.54 7.87
C ASN A 478 44.03 33.49 9.18
N ARG A 479 44.52 34.21 10.19
CA ARG A 479 43.87 34.21 11.50
C ARG A 479 42.47 34.81 11.41
N GLU A 480 42.32 35.93 10.71
CA GLU A 480 41.00 36.54 10.59
C GLU A 480 40.07 35.69 9.73
N LEU A 481 40.59 35.02 8.70
CA LEU A 481 39.77 34.10 7.94
C LEU A 481 39.29 32.94 8.80
N TYR A 482 40.18 32.42 9.65
CA TYR A 482 39.82 31.36 10.59
C TYR A 482 38.72 31.82 11.54
N GLU A 483 38.87 33.03 12.08
CA GLU A 483 37.85 33.57 12.98
C GLU A 483 36.52 33.74 12.28
N LYS A 484 36.55 34.28 11.06
CA LYS A 484 35.32 34.50 10.30
C LYS A 484 34.62 33.18 9.99
N THR A 485 35.38 32.18 9.55
CA THR A 485 34.80 30.89 9.22
C THR A 485 34.20 30.22 10.45
N LEU A 486 34.90 30.28 11.58
CA LEU A 486 34.36 29.69 12.80
C LEU A 486 33.12 30.42 13.28
N SER A 487 33.09 31.75 13.15
CA SER A 487 31.95 32.52 13.62
C SER A 487 30.74 32.38 12.69
N SER A 488 30.98 32.06 11.42
CA SER A 488 29.89 31.95 10.45
C SER A 488 29.01 30.73 10.74
N CYS A 489 29.44 29.87 11.66
CA CYS A 489 28.70 28.66 12.01
C CYS A 489 27.56 28.93 12.98
N LEU A 490 27.14 30.19 13.14
CA LEU A 490 26.03 30.54 14.01
C LEU A 490 24.83 31.12 13.26
N CYS A 491 25.07 31.78 12.14
CA CYS A 491 23.97 32.38 11.39
C CYS A 491 23.07 31.31 10.79
N GLY A 492 21.79 31.64 10.66
CA GLY A 492 20.82 30.70 10.14
C GLY A 492 20.44 30.96 8.70
N ALA A 493 21.41 31.35 7.88
CA ALA A 493 21.19 31.62 6.46
C ALA A 493 22.01 30.63 5.64
N THR A 494 21.81 30.68 4.32
CA THR A 494 22.52 29.79 3.40
C THR A 494 23.84 30.40 3.00
N LYS A 495 24.93 29.65 3.22
CA LYS A 495 26.26 30.09 2.84
C LYS A 495 26.55 29.69 1.40
N GLY A 496 27.60 30.30 0.84
CA GLY A 496 27.93 30.06 -0.56
C GLY A 496 29.38 29.71 -0.79
N CYS A 497 29.99 28.96 0.13
CA CYS A 497 31.38 28.57 -0.02
C CYS A 497 31.64 27.32 0.80
N LEU A 498 32.71 26.62 0.44
CA LEU A 498 33.18 25.45 1.16
C LEU A 498 34.57 25.73 1.72
N THR A 499 34.76 25.45 3.00
CA THR A 499 36.01 25.76 3.69
C THR A 499 36.82 24.49 3.84
N PHE A 500 38.07 24.53 3.41
CA PHE A 500 38.99 23.41 3.54
C PHE A 500 40.04 23.74 4.60
N PHE A 501 40.19 22.87 5.58
CA PHE A 501 41.20 23.00 6.62
C PHE A 501 42.44 22.24 6.16
N PHE A 502 43.43 22.97 5.65
CA PHE A 502 44.63 22.37 5.09
C PHE A 502 45.77 22.51 6.09
N GLY A 503 46.49 21.41 6.33
CA GLY A 503 47.59 21.40 7.27
C GLY A 503 48.24 20.04 7.37
N GLU A 504 49.39 19.97 8.02
CA GLU A 504 50.13 18.71 8.12
C GLU A 504 49.69 17.96 9.39
N THR A 505 50.45 16.91 9.72
CA THR A 505 50.06 16.01 10.80
C THR A 505 50.17 16.68 12.16
N ALA A 506 49.19 16.39 13.02
CA ALA A 506 49.19 16.83 14.42
C ALA A 506 49.36 18.34 14.53
N THR A 507 48.36 19.06 14.03
CA THR A 507 48.49 20.51 13.97
C THR A 507 47.33 21.20 14.70
N GLY A 508 46.15 20.59 14.70
CA GLY A 508 45.05 21.17 15.46
C GLY A 508 43.68 21.13 14.81
N LYS A 509 43.58 20.56 13.61
CA LYS A 509 42.29 20.52 12.91
C LYS A 509 41.24 19.78 13.73
N SER A 510 41.60 18.58 14.22
CA SER A 510 40.65 17.79 15.00
C SER A 510 40.33 18.49 16.32
N THR A 511 41.29 19.18 16.91
CA THR A 511 41.01 19.93 18.14
C THR A 511 40.00 21.05 17.87
N THR A 512 40.14 21.76 16.76
CA THR A 512 39.16 22.77 16.40
C THR A 512 37.79 22.16 16.17
N LYS A 513 37.76 21.00 15.50
CA LYS A 513 36.48 20.32 15.26
C LYS A 513 35.81 19.96 16.58
N ARG A 514 36.58 19.40 17.52
CA ARG A 514 36.01 19.01 18.82
C ARG A 514 35.55 20.22 19.61
N LEU A 515 36.32 21.31 19.58
CA LEU A 515 35.90 22.52 20.27
C LEU A 515 34.60 23.06 19.71
N LEU A 516 34.48 23.10 18.38
CA LEU A 516 33.25 23.57 17.76
C LEU A 516 32.07 22.67 18.11
N LYS A 517 32.30 21.34 18.09
CA LYS A 517 31.23 20.40 18.41
C LYS A 517 30.76 20.58 19.84
N SER A 518 31.68 20.75 20.78
CA SER A 518 31.30 20.99 22.17
C SER A 518 30.66 22.36 22.34
N ALA A 519 30.97 23.31 21.45
CA ALA A 519 30.37 24.64 21.55
C ALA A 519 28.92 24.64 21.10
N ILE A 520 28.67 24.29 19.84
CA ILE A 520 27.31 24.36 19.31
C ILE A 520 26.49 23.12 19.62
N GLY A 521 27.12 22.03 20.05
CA GLY A 521 26.40 20.85 20.50
C GLY A 521 25.63 20.11 19.42
N ASP A 522 24.30 20.13 19.52
CA ASP A 522 23.45 19.36 18.61
C ASP A 522 23.57 19.87 17.17
N LEU A 523 23.67 21.19 16.98
CA LEU A 523 23.69 21.74 15.63
C LEU A 523 25.05 21.54 14.97
N PHE A 524 25.51 20.28 14.93
CA PHE A 524 26.77 19.95 14.29
C PHE A 524 26.74 18.45 14.01
N VAL A 525 26.75 18.09 12.72
CA VAL A 525 26.72 16.68 12.33
C VAL A 525 27.91 16.42 11.41
N GLU A 526 28.39 15.17 11.44
CA GLU A 526 29.52 14.74 10.62
C GLU A 526 29.04 13.68 9.65
N THR A 527 29.35 13.88 8.37
CA THR A 527 28.96 12.96 7.31
C THR A 527 30.20 12.54 6.54
N GLY A 528 30.06 11.45 5.78
CA GLY A 528 31.18 10.83 5.10
C GLY A 528 31.52 11.53 3.80
N GLN A 529 32.49 10.94 3.09
CA GLN A 529 32.97 11.47 1.82
C GLN A 529 32.01 11.21 0.67
N THR A 530 30.95 10.42 0.88
CA THR A 530 30.07 10.04 -0.21
C THR A 530 29.36 11.26 -0.81
N ILE A 531 29.07 12.27 0.01
CA ILE A 531 28.34 13.43 -0.49
C ILE A 531 29.16 14.28 -1.45
N LEU A 532 30.48 14.08 -1.50
CA LEU A 532 31.34 14.86 -2.39
C LEU A 532 31.84 14.08 -3.59
N THR A 533 31.95 12.76 -3.50
CA THR A 533 32.53 11.95 -4.57
C THR A 533 31.57 10.85 -5.01
N ASP A 534 30.29 11.17 -5.11
CA ASP A 534 29.31 10.19 -5.55
C ASP A 534 28.08 10.93 -6.05
N VAL A 535 27.25 10.19 -6.79
CA VAL A 535 25.97 10.72 -7.26
C VAL A 535 24.99 10.63 -6.10
N LEU A 536 24.67 11.79 -5.52
CA LEU A 536 23.83 11.88 -4.32
C LEU A 536 22.35 11.74 -4.63
N ASP A 537 22.01 11.42 -5.87
CA ASP A 537 20.62 11.25 -6.29
C ASP A 537 20.21 9.79 -6.19
N LYS A 538 18.89 9.57 -6.27
CA LYS A 538 18.28 8.25 -6.37
C LYS A 538 18.36 7.48 -5.06
N GLY A 539 17.23 6.94 -4.60
CA GLY A 539 17.19 6.10 -3.44
C GLY A 539 17.29 6.86 -2.13
N PRO A 540 17.10 6.15 -1.01
CA PRO A 540 17.27 6.78 0.30
C PRO A 540 18.72 7.20 0.55
N ASN A 541 18.92 8.26 1.33
CA ASN A 541 20.26 8.74 1.60
C ASN A 541 20.29 9.53 2.91
N PRO A 542 20.32 8.86 4.05
CA PRO A 542 20.39 9.58 5.33
C PRO A 542 21.64 10.43 5.48
N PHE A 543 22.70 10.15 4.72
CA PHE A 543 23.90 10.99 4.77
C PHE A 543 23.59 12.41 4.30
N ILE A 544 22.59 12.57 3.44
CA ILE A 544 22.16 13.90 3.03
C ILE A 544 20.95 14.36 3.84
N ALA A 545 20.03 13.45 4.14
CA ALA A 545 18.81 13.79 4.87
C ALA A 545 19.07 14.26 6.30
N ASN A 546 20.26 14.02 6.85
CA ASN A 546 20.61 14.52 8.17
C ASN A 546 21.13 15.95 8.13
N MET A 547 21.35 16.51 6.95
CA MET A 547 21.80 17.89 6.81
C MET A 547 20.65 18.89 6.83
N HIS A 548 19.49 18.49 7.35
CA HIS A 548 18.32 19.37 7.40
C HIS A 548 18.53 20.38 8.50
N LEU A 549 18.74 21.64 8.12
CA LEU A 549 18.84 22.79 9.02
C LEU A 549 20.04 22.71 9.96
N LYS A 550 21.01 21.84 9.69
CA LYS A 550 22.20 21.79 10.53
C LYS A 550 23.11 22.97 10.22
N ARG A 551 23.52 23.68 11.27
CA ARG A 551 24.30 24.89 11.07
C ARG A 551 25.68 24.60 10.46
N SER A 552 26.34 23.54 10.91
CA SER A 552 27.67 23.20 10.41
C SER A 552 27.75 21.69 10.18
N VAL A 553 28.38 21.31 9.07
CA VAL A 553 28.52 19.92 8.67
C VAL A 553 29.99 19.67 8.36
N PHE A 554 30.54 18.59 8.91
CA PHE A 554 31.94 18.25 8.70
C PHE A 554 32.07 16.97 7.88
N CYS A 555 33.17 16.88 7.13
CA CYS A 555 33.52 15.69 6.36
C CYS A 555 35.04 15.57 6.42
N SER A 556 35.55 14.73 7.31
CA SER A 556 36.96 14.70 7.61
C SER A 556 37.70 13.66 6.76
N GLU A 557 39.03 13.81 6.73
CA GLU A 557 39.95 12.84 6.13
C GLU A 557 39.64 12.61 4.66
N LEU A 558 39.80 13.68 3.89
CA LEU A 558 39.71 13.58 2.43
C LEU A 558 40.93 12.82 1.90
N PRO A 559 40.74 11.84 1.03
CA PRO A 559 41.87 11.08 0.48
C PRO A 559 42.63 11.89 -0.56
N ASP A 560 43.77 11.34 -0.99
CA ASP A 560 44.54 11.92 -2.08
C ASP A 560 44.10 11.30 -3.41
N PHE A 561 44.51 11.95 -4.49
CA PHE A 561 44.05 11.58 -5.82
C PHE A 561 45.16 11.40 -6.84
N ALA A 562 46.42 11.63 -6.46
CA ALA A 562 47.52 11.52 -7.41
C ALA A 562 47.88 10.09 -7.76
N CYS A 563 47.34 9.06 -7.12
CA CYS A 563 47.68 7.69 -7.43
C CYS A 563 46.64 7.08 -8.36
N SER A 564 46.79 5.79 -8.65
CA SER A 564 45.89 5.07 -9.54
C SER A 564 44.61 4.66 -8.82
N GLY A 565 43.52 4.60 -9.57
CA GLY A 565 42.25 4.17 -9.03
C GLY A 565 41.70 5.08 -7.94
N SER A 566 41.77 6.38 -8.15
CA SER A 566 41.31 7.36 -7.18
C SER A 566 40.09 8.10 -7.71
N LYS A 567 39.02 8.11 -6.92
CA LYS A 567 37.83 8.85 -7.28
C LYS A 567 38.01 10.34 -6.99
N LYS A 568 37.58 11.17 -7.93
CA LYS A 568 37.72 12.61 -7.82
C LYS A 568 36.44 13.22 -7.25
N ILE A 569 36.59 14.42 -6.70
CA ILE A 569 35.46 15.14 -6.13
C ILE A 569 34.66 15.74 -7.28
N ARG A 570 33.42 15.28 -7.46
CA ARG A 570 32.59 15.74 -8.55
C ARG A 570 32.10 17.16 -8.27
N SER A 571 32.35 18.06 -9.22
CA SER A 571 31.99 19.47 -9.03
C SER A 571 30.48 19.68 -9.05
N ASP A 572 29.71 18.74 -9.62
CA ASP A 572 28.26 18.89 -9.65
C ASP A 572 27.69 18.89 -8.24
N ASN A 573 28.21 18.02 -7.37
CA ASN A 573 27.75 18.00 -5.98
C ASN A 573 28.08 19.32 -5.27
N ILE A 574 29.26 19.87 -5.51
CA ILE A 574 29.65 21.13 -4.89
C ILE A 574 28.72 22.25 -5.34
N LYS A 575 28.47 22.34 -6.66
CA LYS A 575 27.58 23.36 -7.17
C LYS A 575 26.14 23.14 -6.74
N LYS A 576 25.78 21.91 -6.38
CA LYS A 576 24.43 21.61 -5.89
C LYS A 576 24.28 21.79 -4.39
N LEU A 577 25.39 21.74 -3.64
CA LEU A 577 25.35 21.88 -2.19
C LEU A 577 25.33 23.33 -1.74
N THR A 578 25.39 24.28 -2.66
CA THR A 578 25.36 25.71 -2.33
C THR A 578 24.00 26.32 -2.63
N GLU A 579 22.94 25.52 -2.57
CA GLU A 579 21.59 25.96 -2.81
C GLU A 579 20.71 25.55 -1.64
N PRO A 580 19.74 26.38 -1.25
CA PRO A 580 18.93 26.08 -0.05
C PRO A 580 18.12 24.80 -0.13
N CYS A 581 18.05 24.19 -1.32
CA CYS A 581 17.32 22.94 -1.51
C CYS A 581 18.31 21.87 -1.93
N VAL A 582 18.42 20.82 -1.12
CA VAL A 582 19.30 19.69 -1.40
C VAL A 582 18.44 18.47 -1.69
N ILE A 583 18.83 17.70 -2.71
CA ILE A 583 18.07 16.51 -3.10
C ILE A 583 18.47 15.36 -2.18
N GLY A 584 17.47 14.63 -1.68
CA GLY A 584 17.73 13.51 -0.80
C GLY A 584 16.54 13.25 0.08
N ARG A 585 16.54 12.07 0.70
CA ARG A 585 15.43 11.68 1.56
C ARG A 585 15.93 10.61 2.52
N PRO A 586 15.34 10.53 3.72
CA PRO A 586 15.71 9.45 4.64
C PRO A 586 14.93 8.17 4.38
N CYS A 587 15.12 7.15 5.21
CA CYS A 587 14.42 5.89 5.09
C CYS A 587 13.02 5.99 5.67
N PHE A 588 12.08 5.27 5.04
CA PHE A 588 10.69 5.22 5.50
C PHE A 588 10.07 6.61 5.57
N SER A 589 10.43 7.49 4.65
CA SER A 589 9.90 8.85 4.64
C SER A 589 9.74 9.32 3.20
N ASN A 590 8.79 10.23 3.00
CA ASN A 590 8.54 10.83 1.70
C ASN A 590 9.03 12.28 1.61
N LYS A 591 9.51 12.85 2.70
CA LYS A 591 9.98 14.22 2.70
C LYS A 591 11.34 14.28 2.01
N ILE A 592 11.47 15.18 1.03
CA ILE A 592 12.66 15.22 0.20
C ILE A 592 13.38 16.55 0.36
N ASN A 593 12.66 17.65 0.17
CA ASN A 593 13.27 18.97 0.22
C ASN A 593 13.77 19.29 1.62
N ASN A 594 15.05 19.66 1.72
CA ASN A 594 15.69 19.97 2.99
C ASN A 594 16.37 21.32 2.88
N ARG A 595 16.25 22.13 3.94
CA ARG A 595 16.89 23.43 3.96
C ARG A 595 18.39 23.29 4.16
N ASN A 596 19.15 24.16 3.50
CA ASN A 596 20.62 24.12 3.53
C ASN A 596 21.13 25.34 4.29
N HIS A 597 21.48 25.14 5.56
CA HIS A 597 22.08 26.16 6.41
C HIS A 597 23.42 25.68 6.95
N ALA A 598 24.17 24.95 6.14
CA ALA A 598 25.37 24.26 6.59
C ALA A 598 26.63 25.00 6.15
N THR A 599 27.57 25.15 7.09
CA THR A 599 28.91 25.64 6.78
C THR A 599 29.81 24.41 6.58
N ILE A 600 29.82 23.91 5.36
CA ILE A 600 30.53 22.67 5.06
C ILE A 600 32.03 22.89 5.20
N ILE A 601 32.67 22.06 6.00
CA ILE A 601 34.11 22.09 6.22
C ILE A 601 34.68 20.72 5.91
N ILE A 602 35.74 20.68 5.10
CA ILE A 602 36.40 19.45 4.73
C ILE A 602 37.78 19.45 5.37
N ASP A 603 37.98 18.61 6.37
CA ASP A 603 39.27 18.49 7.06
C ASP A 603 40.13 17.51 6.28
N THR A 604 40.97 18.03 5.40
CA THR A 604 41.79 17.20 4.53
C THR A 604 43.25 17.25 4.97
N ASN A 605 44.04 16.32 4.43
CA ASN A 605 45.49 16.35 4.60
C ASN A 605 46.25 16.68 3.33
N TYR A 606 45.63 16.55 2.16
CA TYR A 606 46.21 16.94 0.89
C TYR A 606 45.32 17.95 0.19
N LYS A 607 45.92 18.70 -0.74
CA LYS A 607 45.15 19.69 -1.48
C LYS A 607 44.19 19.00 -2.43
N PRO A 608 42.91 19.38 -2.42
CA PRO A 608 41.92 18.66 -3.21
C PRO A 608 42.02 18.97 -4.70
N VAL A 609 41.57 18.02 -5.50
CA VAL A 609 41.45 18.18 -6.94
C VAL A 609 40.06 17.71 -7.36
N PHE A 610 39.63 18.15 -8.54
CA PHE A 610 38.30 17.85 -9.06
C PHE A 610 38.40 17.36 -10.50
N ASP A 611 37.29 16.79 -10.98
CA ASP A 611 37.24 16.27 -12.34
C ASP A 611 37.20 17.36 -13.39
N ARG A 612 36.39 18.41 -13.19
CA ARG A 612 36.31 19.50 -14.14
C ARG A 612 36.42 20.82 -13.39
N ILE A 613 36.92 21.84 -14.10
CA ILE A 613 37.16 23.16 -13.53
C ILE A 613 36.59 24.22 -14.46
N ASP A 614 35.94 25.21 -13.87
CA ASP A 614 35.41 26.34 -14.63
C ASP A 614 35.37 27.57 -13.74
N ASN A 615 34.98 28.70 -14.34
CA ASN A 615 34.90 29.94 -13.58
C ASN A 615 33.85 29.89 -12.49
N ALA A 616 32.75 29.15 -12.70
CA ALA A 616 31.71 29.03 -11.69
C ALA A 616 32.14 28.23 -10.48
N LEU A 617 33.31 27.59 -10.52
CA LEU A 617 33.78 26.76 -9.42
C LEU A 617 34.90 27.38 -8.60
N MET A 618 35.81 28.15 -9.21
CA MET A 618 36.92 28.68 -8.43
C MET A 618 36.46 29.75 -7.45
N ARG A 619 35.23 30.23 -7.55
CA ARG A 619 34.70 31.26 -6.67
C ARG A 619 33.81 30.68 -5.58
N ARG A 620 33.96 29.40 -5.27
CA ARG A 620 33.18 28.73 -4.23
C ARG A 620 34.08 27.88 -3.34
N ILE A 621 35.32 28.31 -3.16
CA ILE A 621 36.29 27.54 -2.40
C ILE A 621 37.06 28.48 -1.47
N ALA A 622 37.12 28.12 -0.19
CA ALA A 622 37.93 28.82 0.79
C ALA A 622 38.88 27.83 1.46
N VAL A 623 40.13 28.25 1.63
CA VAL A 623 41.17 27.39 2.18
C VAL A 623 41.93 28.15 3.23
N VAL A 624 42.10 27.55 4.41
CA VAL A 624 42.96 28.08 5.45
C VAL A 624 44.19 27.19 5.58
N ARG A 625 45.17 27.66 6.33
CA ARG A 625 46.42 26.92 6.53
C ARG A 625 46.69 26.77 8.02
N PHE A 626 47.07 25.56 8.41
CA PHE A 626 47.42 25.23 9.79
C PHE A 626 48.91 24.91 9.85
N ARG A 627 49.67 25.72 10.56
CA ARG A 627 51.13 25.64 10.54
C ARG A 627 51.73 25.71 11.94
N THR A 628 51.18 24.91 12.86
CA THR A 628 51.76 24.80 14.20
C THR A 628 51.79 23.32 14.57
N HIS A 629 52.99 22.75 14.64
CA HIS A 629 53.15 21.32 14.87
C HIS A 629 53.34 21.04 16.34
N PHE A 630 52.43 20.27 16.92
CA PHE A 630 52.59 19.78 18.28
C PHE A 630 53.37 18.47 18.27
N SER A 631 54.36 18.37 19.16
CA SER A 631 55.23 17.20 19.16
C SER A 631 55.66 16.87 20.58
N GLN A 632 55.76 15.57 20.86
CA GLN A 632 56.34 15.10 22.09
C GLN A 632 57.85 15.34 22.06
N PRO A 633 58.51 15.33 23.23
CA PRO A 633 59.93 15.70 23.27
C PRO A 633 60.84 14.84 22.40
N SER A 634 60.46 13.59 22.11
CA SER A 634 61.31 12.71 21.32
C SER A 634 61.47 13.23 19.89
N GLY A 635 60.37 13.62 19.26
CA GLY A 635 60.41 14.07 17.89
C GLY A 635 60.58 15.57 17.76
N ARG A 636 60.99 16.22 18.85
CA ARG A 636 61.12 17.68 18.85
C ARG A 636 62.14 18.14 17.81
N GLU A 637 63.34 17.55 17.83
CA GLU A 637 64.37 17.95 16.87
C GLU A 637 63.96 17.59 15.45
N ALA A 638 63.35 16.42 15.26
CA ALA A 638 62.95 15.99 13.93
C ALA A 638 61.94 16.96 13.32
N ALA A 639 60.96 17.39 14.11
CA ALA A 639 59.95 18.33 13.63
C ALA A 639 60.47 19.76 13.55
N GLU A 640 61.49 20.11 14.34
CA GLU A 640 61.96 21.49 14.36
C GLU A 640 62.69 21.86 13.07
N ASN A 641 63.35 20.89 12.42
CA ASN A 641 64.08 21.16 11.20
C ASN A 641 63.20 21.12 9.95
N ASN A 642 61.90 20.85 10.11
CA ASN A 642 60.99 20.79 8.97
C ASN A 642 60.75 22.18 8.40
N ASP A 643 60.24 22.21 7.17
CA ASP A 643 59.94 23.45 6.47
C ASP A 643 58.46 23.78 6.44
N ALA A 644 57.60 22.77 6.47
CA ALA A 644 56.15 22.96 6.41
C ALA A 644 55.55 23.45 7.71
N TYR A 645 56.36 23.83 8.69
CA TYR A 645 55.88 24.34 9.97
C TYR A 645 56.53 25.68 10.27
N ASP A 646 55.89 26.44 11.16
CA ASP A 646 56.41 27.73 11.59
C ASP A 646 56.67 27.79 13.09
N LYS A 647 56.23 26.80 13.86
CA LYS A 647 56.46 26.76 15.29
C LYS A 647 56.28 25.33 15.78
N VAL A 648 56.96 25.01 16.88
CA VAL A 648 56.88 23.69 17.49
C VAL A 648 56.60 23.87 18.98
N LYS A 649 55.68 23.06 19.50
CA LYS A 649 55.29 23.13 20.90
C LYS A 649 55.17 21.71 21.45
N LEU A 650 54.89 21.62 22.74
CA LEU A 650 54.73 20.33 23.41
C LEU A 650 53.31 19.82 23.24
N LEU A 651 53.16 18.51 23.42
CA LEU A 651 51.85 17.87 23.39
C LEU A 651 51.18 17.96 24.75
N ASP A 652 49.87 17.74 24.77
CA ASP A 652 49.11 17.70 26.01
C ASP A 652 48.11 16.58 25.93
N GLU A 653 48.27 15.56 26.78
CA GLU A 653 47.40 14.39 26.72
C GLU A 653 46.02 14.68 27.29
N GLY A 654 45.95 15.43 28.39
CA GLY A 654 44.68 15.67 29.06
C GLY A 654 43.82 16.73 28.39
N LEU A 655 44.34 17.44 27.40
CA LEU A 655 43.60 18.53 26.76
C LEU A 655 42.30 18.04 26.14
N ASP A 656 42.40 17.16 25.13
CA ASP A 656 41.20 16.60 24.54
C ASP A 656 40.42 15.71 25.50
N GLY A 657 41.08 15.20 26.55
CA GLY A 657 40.35 14.44 27.54
C GLY A 657 39.35 15.29 28.29
N LYS A 658 39.75 16.48 28.73
CA LYS A 658 38.84 17.39 29.40
C LYS A 658 38.00 18.21 28.43
N ILE A 659 38.37 18.25 27.15
CA ILE A 659 37.48 18.85 26.16
C ILE A 659 36.21 18.02 26.03
N GLN A 660 36.32 16.70 26.13
CA GLN A 660 35.14 15.84 26.06
C GLN A 660 34.16 16.14 27.19
N ASN A 661 34.67 16.59 28.34
CA ASN A 661 33.84 16.89 29.50
C ASN A 661 33.22 18.28 29.44
N ASN A 662 33.19 18.91 28.26
CA ASN A 662 32.53 20.20 28.06
C ASN A 662 33.10 21.29 28.95
N ARG A 663 34.40 21.20 29.26
CA ARG A 663 35.03 22.23 30.10
C ARG A 663 35.10 23.56 29.38
N TYR A 664 35.37 23.54 28.08
CA TYR A 664 35.57 24.76 27.28
C TYR A 664 34.37 25.06 26.38
N ARG A 665 33.16 24.82 26.89
CA ARG A 665 31.96 25.02 26.08
C ARG A 665 31.53 26.48 26.04
N PHE A 666 31.21 27.05 27.21
CA PHE A 666 30.64 28.39 27.24
C PHE A 666 31.68 29.46 26.94
N ALA A 667 32.95 29.21 27.29
CA ALA A 667 34.00 30.16 26.93
C ALA A 667 34.12 30.28 25.41
N PHE A 668 34.12 29.14 24.71
CA PHE A 668 34.16 29.18 23.25
C PHE A 668 32.88 29.76 22.68
N LEU A 669 31.74 29.54 23.35
CA LEU A 669 30.50 30.16 22.91
C LEU A 669 30.60 31.68 22.98
N TYR A 670 31.14 32.20 24.08
CA TYR A 670 31.34 33.64 24.21
C TYR A 670 32.28 34.17 23.14
N LEU A 671 33.39 33.46 22.91
CA LEU A 671 34.34 33.90 21.90
C LEU A 671 33.70 33.91 20.51
N LEU A 672 32.94 32.86 20.18
CA LEU A 672 32.29 32.79 18.89
C LEU A 672 31.25 33.89 18.72
N VAL A 673 30.49 34.18 19.77
CA VAL A 673 29.50 35.25 19.70
C VAL A 673 30.18 36.59 19.48
N LYS A 674 31.29 36.83 20.19
CA LYS A 674 32.03 38.09 20.01
C LYS A 674 32.55 38.21 18.59
N TRP A 675 33.13 37.12 18.06
CA TRP A 675 33.65 37.15 16.70
C TRP A 675 32.53 37.39 15.68
N TYR A 676 31.38 36.75 15.88
CA TYR A 676 30.25 36.94 14.98
C TYR A 676 29.77 38.38 15.00
N LYS A 677 29.52 38.93 16.19
CA LYS A 677 29.05 40.30 16.28
C LYS A 677 30.08 41.32 15.83
N LYS A 678 31.37 40.95 15.81
CA LYS A 678 32.36 41.84 15.22
C LYS A 678 32.38 41.73 13.70
N TYR A 679 32.16 40.54 13.16
CA TYR A 679 32.33 40.31 11.73
C TYR A 679 31.02 40.37 10.97
N HIS A 680 30.06 39.51 11.33
CA HIS A 680 28.83 39.34 10.56
C HIS A 680 27.64 40.09 11.15
N ILE A 681 27.86 41.27 11.74
CA ILE A 681 26.74 42.01 12.32
C ILE A 681 25.93 42.74 11.25
N PRO A 682 26.51 43.40 10.21
CA PRO A 682 25.63 44.04 9.22
C PRO A 682 24.94 43.02 8.33
N ILE A 683 25.73 42.15 7.70
CA ILE A 683 25.27 41.09 6.82
C ILE A 683 26.19 39.88 7.02
N MET A 684 25.89 38.80 6.29
CA MET A 684 26.73 37.61 6.31
C MET A 684 27.09 37.27 4.87
N LYS A 685 28.39 37.01 4.64
CA LYS A 685 28.87 36.67 3.31
C LYS A 685 30.26 36.04 3.38
N LEU A 686 30.44 34.90 2.73
CA LEU A 686 31.73 34.22 2.65
C LEU A 686 32.31 34.41 1.26
N TYR A 687 33.57 34.84 1.21
CA TYR A 687 34.23 35.13 -0.05
C TYR A 687 35.25 34.05 -0.38
N PRO A 688 35.46 33.76 -1.67
CA PRO A 688 36.41 32.72 -2.06
C PRO A 688 37.86 33.20 -1.96
N THR A 689 38.77 32.23 -2.00
CA THR A 689 40.22 32.48 -1.98
C THR A 689 40.83 31.76 -3.17
N PRO A 690 40.73 32.35 -4.37
CA PRO A 690 41.20 31.66 -5.57
C PRO A 690 42.72 31.57 -5.70
N GLU A 691 43.47 32.27 -4.86
CA GLU A 691 44.93 32.27 -4.92
C GLU A 691 45.55 31.27 -3.95
N GLU A 692 44.84 30.17 -3.65
CA GLU A 692 45.34 29.15 -2.75
C GLU A 692 45.49 27.78 -3.38
N ILE A 693 44.78 27.50 -4.47
CA ILE A 693 44.83 26.19 -5.11
C ILE A 693 45.85 26.21 -6.25
N PRO A 694 46.75 25.23 -6.32
CA PRO A 694 47.73 25.22 -7.42
C PRO A 694 47.09 25.17 -8.79
N ASP A 695 45.96 24.46 -8.93
CA ASP A 695 45.25 24.43 -10.20
C ASP A 695 44.82 25.84 -10.60
N PHE A 696 44.31 26.61 -9.63
CA PHE A 696 43.93 27.98 -9.90
C PHE A 696 45.14 28.90 -9.97
N ALA A 697 46.22 28.54 -9.26
CA ALA A 697 47.46 29.31 -9.38
C ALA A 697 48.04 29.24 -10.78
N PHE A 698 47.87 28.11 -11.48
CA PHE A 698 48.23 28.04 -12.89
C PHE A 698 47.21 28.70 -13.79
N TYR A 699 45.98 28.90 -13.29
CA TYR A 699 44.93 29.57 -14.03
C TYR A 699 45.12 31.09 -14.08
N LEU A 700 45.92 31.63 -13.17
CA LEU A 700 46.17 33.07 -13.13
C LEU A 700 47.46 33.42 -13.87
N GLY B 323 -9.31 8.71 40.46
CA GLY B 323 -9.43 8.77 39.01
C GLY B 323 -9.06 7.46 38.33
N ASN B 324 -8.26 7.57 37.27
CA ASN B 324 -7.83 6.38 36.54
C ASN B 324 -6.85 5.57 37.37
N LYS B 325 -6.75 4.28 37.03
CA LYS B 325 -5.90 3.36 37.75
C LYS B 325 -4.61 3.02 37.02
N LEU B 326 -4.69 2.73 35.72
CA LEU B 326 -3.49 2.40 34.96
C LEU B 326 -2.53 3.58 34.89
N PHE B 327 -3.06 4.80 34.87
CA PHE B 327 -2.20 5.98 34.90
C PHE B 327 -1.40 6.04 36.19
N ASN B 328 -2.02 5.70 37.32
CA ASN B 328 -1.30 5.66 38.58
C ASN B 328 -0.18 4.63 38.55
N ILE B 329 -0.45 3.46 37.96
CA ILE B 329 0.58 2.43 37.86
C ILE B 329 1.74 2.92 36.98
N ALA B 330 1.42 3.57 35.86
CA ALA B 330 2.47 4.09 34.99
C ALA B 330 3.30 5.16 35.71
N GLN B 331 2.65 6.04 36.46
CA GLN B 331 3.37 7.05 37.21
C GLN B 331 4.27 6.42 38.27
N ARG B 332 3.78 5.39 38.95
CA ARG B 332 4.60 4.70 39.94
C ARG B 332 5.81 4.03 39.29
N ILE B 333 5.61 3.41 38.13
CA ILE B 333 6.73 2.77 37.43
C ILE B 333 7.77 3.81 37.02
N LEU B 334 7.31 4.95 36.50
CA LEU B 334 8.25 5.99 36.08
C LEU B 334 8.97 6.60 37.27
N ASP B 335 8.29 6.72 38.41
CA ASP B 335 8.91 7.36 39.57
C ASP B 335 10.08 6.56 40.11
N THR B 336 10.07 5.24 39.93
CA THR B 336 11.19 4.41 40.36
C THR B 336 12.43 4.61 39.50
N ASN B 337 12.31 5.33 38.39
CA ASN B 337 13.44 5.66 37.52
C ASN B 337 14.09 4.38 36.95
N SER B 338 13.29 3.62 36.21
CA SER B 338 13.74 2.40 35.57
C SER B 338 13.74 2.46 34.06
N VAL B 339 13.02 3.41 33.45
CA VAL B 339 12.98 3.57 32.00
C VAL B 339 13.68 4.87 31.65
N LEU B 340 14.50 4.83 30.59
CA LEU B 340 15.21 6.01 30.14
C LEU B 340 15.18 6.06 28.62
N LEU B 341 15.30 7.28 28.09
CA LEU B 341 15.32 7.52 26.66
C LEU B 341 16.71 8.00 26.26
N THR B 342 17.31 7.34 25.28
CA THR B 342 18.67 7.66 24.86
C THR B 342 18.65 8.71 23.74
N GLU B 343 19.83 9.22 23.39
CA GLU B 343 19.94 10.14 22.27
C GLU B 343 19.55 9.47 20.96
N ARG B 344 19.96 8.21 20.77
CA ARG B 344 19.63 7.50 19.54
C ARG B 344 18.15 7.20 19.42
N GLY B 345 17.39 7.34 20.51
CA GLY B 345 15.97 7.09 20.50
C GLY B 345 15.53 5.74 21.04
N ASP B 346 16.41 5.01 21.73
CA ASP B 346 16.08 3.70 22.25
C ASP B 346 15.36 3.85 23.60
N HIS B 347 15.04 2.72 24.23
CA HIS B 347 14.39 2.70 25.55
C HIS B 347 15.09 1.63 26.37
N ILE B 348 16.12 2.02 27.10
CA ILE B 348 16.88 1.08 27.92
C ILE B 348 16.04 0.68 29.13
N VAL B 349 16.22 -0.56 29.56
CA VAL B 349 15.42 -1.15 30.63
C VAL B 349 16.33 -1.77 31.67
N TRP B 350 16.04 -1.50 32.94
CA TRP B 350 16.82 -1.98 34.08
C TRP B 350 16.12 -3.18 34.70
N ILE B 351 16.55 -4.39 34.33
CA ILE B 351 16.02 -5.62 34.89
C ILE B 351 17.17 -6.60 35.12
N ASN B 352 17.08 -7.35 36.22
CA ASN B 352 18.08 -8.34 36.60
C ASN B 352 19.48 -7.73 36.67
N ASN B 353 19.56 -6.56 37.32
CA ASN B 353 20.84 -5.90 37.60
C ASN B 353 21.65 -5.66 36.33
N SER B 354 20.98 -5.22 35.28
CA SER B 354 21.66 -4.93 34.02
C SER B 354 20.76 -4.06 33.16
N TRP B 355 21.34 -3.05 32.51
CA TRP B 355 20.61 -2.18 31.61
C TRP B 355 20.55 -2.85 30.23
N LYS B 356 19.38 -3.35 29.87
CA LYS B 356 19.19 -4.02 28.60
C LYS B 356 18.37 -3.15 27.65
N PHE B 357 18.51 -3.43 26.36
CA PHE B 357 17.76 -2.71 25.34
C PHE B 357 17.69 -3.58 24.10
N ASN B 358 16.62 -3.41 23.33
CA ASN B 358 16.41 -4.19 22.11
C ASN B 358 15.47 -3.44 21.20
N SER B 359 15.64 -3.63 19.89
CA SER B 359 14.84 -2.94 18.90
C SER B 359 13.60 -3.73 18.49
N GLU B 360 13.77 -5.03 18.19
CA GLU B 360 12.65 -5.81 17.69
C GLU B 360 11.60 -6.03 18.76
N GLU B 361 12.01 -6.42 19.97
CA GLU B 361 11.07 -6.69 21.05
C GLU B 361 11.20 -5.62 22.12
N PRO B 362 10.23 -4.74 22.28
CA PRO B 362 10.29 -3.75 23.38
C PRO B 362 10.21 -4.44 24.73
N LEU B 363 11.12 -4.07 25.63
CA LEU B 363 11.23 -4.71 26.93
C LEU B 363 10.43 -4.00 28.02
N ILE B 364 9.66 -2.96 27.67
CA ILE B 364 8.90 -2.25 28.67
C ILE B 364 7.86 -3.15 29.32
N THR B 365 7.20 -4.01 28.52
CA THR B 365 6.25 -4.96 29.10
C THR B 365 6.95 -5.95 30.01
N LYS B 366 8.15 -6.41 29.62
CA LYS B 366 8.93 -7.28 30.49
C LYS B 366 9.27 -6.58 31.80
N LEU B 367 9.64 -5.31 31.73
CA LEU B 367 9.92 -4.54 32.94
C LEU B 367 8.68 -4.41 33.81
N ILE B 368 7.52 -4.17 33.21
CA ILE B 368 6.29 -4.06 33.97
C ILE B 368 5.99 -5.37 34.70
N LEU B 369 6.11 -6.49 33.98
CA LEU B 369 5.87 -7.78 34.61
C LEU B 369 6.86 -8.06 35.73
N SER B 370 8.13 -7.68 35.54
CA SER B 370 9.14 -7.92 36.57
C SER B 370 8.89 -7.07 37.80
N ILE B 371 8.53 -5.78 37.60
CA ILE B 371 8.35 -4.86 38.72
C ILE B 371 6.98 -5.02 39.37
N ARG B 372 6.10 -5.83 38.80
CA ARG B 372 4.80 -6.12 39.42
C ARG B 372 4.91 -6.47 40.90
N HIS B 373 6.02 -7.06 41.32
CA HIS B 373 6.11 -7.57 42.70
C HIS B 373 6.20 -6.45 43.73
N GLN B 374 6.81 -5.31 43.40
CA GLN B 374 7.00 -4.23 44.35
C GLN B 374 5.88 -3.19 44.31
N LEU B 375 4.65 -3.62 44.06
CA LEU B 375 3.50 -2.73 44.02
C LEU B 375 2.46 -3.17 45.04
N PRO B 376 1.57 -2.25 45.45
CA PRO B 376 0.50 -2.64 46.38
C PRO B 376 -0.38 -3.73 45.79
N LYS B 377 -0.95 -4.54 46.68
CA LYS B 377 -1.60 -5.78 46.26
C LYS B 377 -2.77 -5.53 45.32
N GLU B 378 -3.57 -4.48 45.59
CA GLU B 378 -4.70 -4.18 44.73
C GLU B 378 -4.26 -3.76 43.34
N TYR B 379 -3.00 -3.38 43.16
CA TYR B 379 -2.47 -3.01 41.86
C TYR B 379 -1.82 -4.19 41.14
N SER B 380 -1.35 -5.19 41.87
CA SER B 380 -0.59 -6.29 41.26
C SER B 380 -1.49 -7.15 40.38
N SER B 381 -2.68 -7.48 40.87
CA SER B 381 -3.57 -8.36 40.11
C SER B 381 -4.02 -7.73 38.81
N GLU B 382 -4.11 -6.40 38.77
CA GLU B 382 -4.50 -5.70 37.55
C GLU B 382 -3.46 -5.87 36.44
N LEU B 383 -2.24 -6.25 36.78
CA LEU B 383 -1.11 -6.24 35.87
C LEU B 383 -0.84 -7.59 35.24
N LEU B 384 -1.87 -8.37 34.95
CA LEU B 384 -1.70 -9.68 34.34
C LEU B 384 -2.23 -9.79 32.92
N CYS B 385 -3.27 -9.05 32.57
CA CYS B 385 -3.79 -9.10 31.22
C CYS B 385 -2.82 -8.41 30.26
N PRO B 386 -2.48 -9.04 29.14
CA PRO B 386 -1.52 -8.41 28.21
C PRO B 386 -2.00 -7.07 27.67
N ARG B 387 -3.30 -6.91 27.44
CA ARG B 387 -3.81 -5.63 26.95
C ARG B 387 -3.60 -4.52 27.96
N LYS B 388 -3.80 -4.81 29.25
CA LYS B 388 -3.56 -3.82 30.28
C LYS B 388 -2.08 -3.44 30.35
N ARG B 389 -1.19 -4.42 30.21
CA ARG B 389 0.24 -4.12 30.17
C ARG B 389 0.58 -3.27 28.95
N LYS B 390 -0.05 -3.54 27.81
CA LYS B 390 0.18 -2.72 26.62
C LYS B 390 -0.31 -1.29 26.86
N THR B 391 -1.44 -1.12 27.53
CA THR B 391 -1.93 0.21 27.84
C THR B 391 -0.98 0.96 28.77
N VAL B 392 -0.46 0.27 29.80
CA VAL B 392 0.51 0.90 30.69
C VAL B 392 1.78 1.28 29.93
N GLU B 393 2.21 0.42 29.01
CA GLU B 393 3.36 0.73 28.19
C GLU B 393 3.12 1.96 27.33
N ALA B 394 1.93 2.07 26.74
CA ALA B 394 1.60 3.25 25.94
C ALA B 394 1.59 4.50 26.80
N ASN B 395 1.07 4.40 28.03
CA ASN B 395 1.11 5.54 28.94
C ASN B 395 2.54 5.94 29.27
N ILE B 396 3.41 4.95 29.51
CA ILE B 396 4.80 5.24 29.84
C ILE B 396 5.51 5.91 28.66
N ARG B 397 5.26 5.41 27.45
CA ARG B 397 5.94 5.95 26.27
C ARG B 397 5.64 7.41 26.02
N ASP B 398 4.54 7.95 26.57
CA ASP B 398 4.15 9.32 26.36
C ASP B 398 4.61 10.25 27.48
N MET B 399 5.43 9.75 28.40
CA MET B 399 5.96 10.57 29.48
C MET B 399 7.43 10.89 29.34
N LEU B 400 8.20 10.06 28.63
CA LEU B 400 9.63 10.31 28.46
C LEU B 400 9.81 11.37 27.40
N VAL B 401 10.00 12.61 27.85
CA VAL B 401 10.10 13.76 26.94
C VAL B 401 11.56 14.21 26.83
N ASP B 402 12.34 13.99 27.88
CA ASP B 402 13.74 14.39 27.90
C ASP B 402 14.64 13.17 27.83
N SER B 403 15.75 13.31 27.12
CA SER B 403 16.69 12.23 26.92
C SER B 403 17.83 12.28 27.93
N VAL B 404 18.51 11.14 28.10
CA VAL B 404 19.59 11.00 29.06
C VAL B 404 20.77 10.31 28.36
N GLU B 405 21.96 10.85 28.54
CA GLU B 405 23.17 10.28 27.96
C GLU B 405 23.55 8.99 28.67
N THR B 406 24.27 8.12 27.94
CA THR B 406 24.62 6.80 28.44
C THR B 406 26.11 6.53 28.22
N ASP B 407 26.67 5.68 29.07
CA ASP B 407 28.04 5.20 28.94
C ASP B 407 29.05 6.34 28.94
N THR B 408 29.09 7.05 30.07
CA THR B 408 30.05 8.14 30.25
C THR B 408 31.21 7.77 31.16
N TYR B 409 31.15 6.60 31.81
CA TYR B 409 32.24 6.17 32.70
C TYR B 409 33.16 5.24 31.93
N PRO B 410 34.41 5.61 31.69
CA PRO B 410 35.29 4.80 30.83
C PRO B 410 36.14 3.77 31.55
N ASP B 411 35.93 3.53 32.84
CA ASP B 411 36.73 2.58 33.60
C ASP B 411 35.84 1.63 34.39
N LYS B 412 34.76 1.15 33.77
CA LYS B 412 33.83 0.23 34.40
C LYS B 412 33.58 -0.94 33.46
N LEU B 413 33.60 -2.15 34.02
CA LEU B 413 33.33 -3.36 33.24
C LEU B 413 31.96 -3.90 33.62
N PRO B 414 30.94 -3.74 32.77
CA PRO B 414 29.59 -4.16 33.14
C PRO B 414 29.41 -5.66 32.96
N PHE B 415 28.91 -6.33 33.99
CA PHE B 415 28.62 -7.74 33.95
C PHE B 415 27.12 -7.98 33.90
N LYS B 416 26.74 -9.25 33.76
CA LYS B 416 25.33 -9.61 33.70
C LYS B 416 24.64 -9.54 35.06
N ASN B 417 25.39 -9.40 36.15
CA ASN B 417 24.80 -9.32 37.48
C ASN B 417 25.39 -8.18 38.29
N GLY B 418 25.80 -7.11 37.63
CA GLY B 418 26.36 -5.96 38.31
C GLY B 418 27.44 -5.31 37.47
N VAL B 419 28.17 -4.40 38.11
CA VAL B 419 29.24 -3.66 37.47
C VAL B 419 30.51 -3.81 38.30
N LEU B 420 31.61 -4.15 37.64
CA LEU B 420 32.90 -4.34 38.31
C LEU B 420 33.78 -3.12 38.07
N ASP B 421 34.27 -2.52 39.15
CA ASP B 421 35.17 -1.39 39.04
C ASP B 421 36.55 -1.82 38.58
N LEU B 422 37.28 -0.89 37.98
CA LEU B 422 38.62 -1.16 37.49
C LEU B 422 39.69 -0.25 38.09
N VAL B 423 39.34 0.55 39.08
CA VAL B 423 40.35 1.38 39.74
C VAL B 423 40.85 0.75 41.04
N ASP B 424 40.01 -0.02 41.73
CA ASP B 424 40.42 -0.66 42.97
C ASP B 424 39.99 -2.11 43.06
N GLY B 425 39.35 -2.66 42.03
CA GLY B 425 38.99 -4.06 42.00
C GLY B 425 37.71 -4.43 42.73
N MET B 426 37.03 -3.47 43.36
CA MET B 426 35.77 -3.76 44.02
C MET B 426 34.67 -3.99 43.00
N PHE B 427 33.67 -4.77 43.40
CA PHE B 427 32.56 -5.14 42.52
C PHE B 427 31.25 -4.72 43.19
N TYR B 428 30.55 -3.77 42.57
CA TYR B 428 29.26 -3.34 43.07
C TYR B 428 28.15 -4.21 42.47
N SER B 429 26.96 -4.10 43.06
CA SER B 429 25.81 -4.85 42.58
C SER B 429 24.55 -4.15 43.08
N GLY B 430 23.41 -4.55 42.51
CA GLY B 430 22.15 -3.96 42.90
C GLY B 430 22.03 -2.52 42.43
N ASP B 431 21.28 -1.73 43.21
CA ASP B 431 21.06 -0.33 42.87
C ASP B 431 22.33 0.50 42.95
N ASP B 432 23.35 0.02 43.66
CA ASP B 432 24.62 0.73 43.68
C ASP B 432 25.26 0.75 42.30
N ALA B 433 25.19 -0.36 41.58
CA ALA B 433 25.69 -0.44 40.20
C ALA B 433 24.59 -0.10 39.20
N LYS B 434 23.94 1.04 39.41
CA LYS B 434 22.87 1.48 38.54
C LYS B 434 23.13 2.91 38.07
N LYS B 435 23.77 3.71 38.91
CA LYS B 435 24.10 5.08 38.53
C LYS B 435 25.06 5.12 37.35
N TYR B 436 25.86 4.08 37.15
CA TYR B 436 26.70 3.97 35.96
C TYR B 436 25.85 3.42 34.83
N THR B 437 25.42 4.30 33.92
CA THR B 437 24.54 3.88 32.85
C THR B 437 25.34 3.11 31.80
N CYS B 438 25.48 1.81 32.01
CA CYS B 438 26.23 0.93 31.09
C CYS B 438 25.23 0.18 30.22
N THR B 439 25.29 0.42 28.91
CA THR B 439 24.36 -0.22 27.99
C THR B 439 24.79 -1.63 27.64
N VAL B 440 26.01 -1.79 27.12
CA VAL B 440 26.52 -3.10 26.73
C VAL B 440 26.86 -3.91 27.97
N SER B 441 27.03 -5.22 27.79
CA SER B 441 27.36 -6.10 28.91
C SER B 441 28.17 -7.28 28.38
N THR B 442 28.90 -7.92 29.28
CA THR B 442 29.73 -9.06 28.89
C THR B 442 28.88 -10.28 28.52
N GLY B 443 27.70 -10.42 29.12
CA GLY B 443 26.78 -11.49 28.80
C GLY B 443 26.79 -12.63 29.79
N PHE B 444 27.82 -12.72 30.63
CA PHE B 444 27.94 -13.77 31.62
C PHE B 444 28.04 -13.18 33.02
N LYS B 445 27.60 -13.95 34.00
CA LYS B 445 27.57 -13.51 35.39
C LYS B 445 28.98 -13.52 35.98
N PHE B 446 29.16 -12.71 37.02
CA PHE B 446 30.44 -12.57 37.70
C PHE B 446 30.40 -13.38 38.98
N ASP B 447 31.34 -14.32 39.11
CA ASP B 447 31.44 -15.19 40.28
C ASP B 447 32.78 -14.93 40.95
N ASP B 448 32.75 -14.43 42.19
CA ASP B 448 33.98 -14.09 42.90
C ASP B 448 34.74 -15.31 43.39
N THR B 449 34.14 -16.50 43.34
CA THR B 449 34.84 -17.70 43.80
C THR B 449 36.03 -18.04 42.91
N LYS B 450 35.91 -17.81 41.60
CA LYS B 450 36.97 -18.11 40.65
C LYS B 450 37.80 -16.88 40.29
N PHE B 451 37.60 -15.77 40.99
CA PHE B 451 38.37 -14.54 40.76
C PHE B 451 39.54 -14.40 41.71
N VAL B 452 40.13 -15.51 42.15
CA VAL B 452 41.24 -15.48 43.07
C VAL B 452 42.54 -15.63 42.29
N GLU B 453 43.66 -15.33 42.95
CA GLU B 453 44.96 -15.37 42.30
C GLU B 453 45.56 -16.77 42.27
N ASP B 454 45.38 -17.54 43.34
CA ASP B 454 45.96 -18.87 43.46
C ASP B 454 44.98 -19.91 42.99
N SER B 455 45.32 -20.59 41.89
CA SER B 455 44.49 -21.64 41.30
C SER B 455 45.29 -22.41 40.25
N PRO B 456 45.05 -23.71 40.08
CA PRO B 456 45.78 -24.44 39.03
C PRO B 456 45.55 -23.87 37.64
N GLU B 457 44.34 -23.38 37.36
CA GLU B 457 44.07 -22.76 36.07
C GLU B 457 44.95 -21.54 35.85
N MET B 458 45.17 -20.75 36.91
CA MET B 458 46.06 -19.60 36.81
C MET B 458 47.48 -20.03 36.48
N GLU B 459 47.95 -21.12 37.10
CA GLU B 459 49.29 -21.61 36.80
C GLU B 459 49.40 -22.07 35.34
N GLU B 460 48.39 -22.80 34.86
CA GLU B 460 48.41 -23.24 33.47
C GLU B 460 48.41 -22.06 32.52
N LEU B 461 47.57 -21.06 32.80
CA LEU B 461 47.50 -19.89 31.93
C LEU B 461 48.81 -19.11 31.96
N MET B 462 49.43 -19.00 33.13
CA MET B 462 50.73 -18.31 33.21
C MET B 462 51.78 -19.06 32.41
N ASN B 463 51.80 -20.38 32.51
CA ASN B 463 52.76 -21.17 31.72
C ASN B 463 52.52 -20.96 30.23
N ILE B 464 51.25 -20.97 29.81
CA ILE B 464 50.94 -20.77 28.39
C ILE B 464 51.38 -19.39 27.93
N ILE B 465 51.12 -18.36 28.74
CA ILE B 465 51.46 -16.99 28.35
C ILE B 465 52.97 -16.84 28.25
N ASN B 466 53.71 -17.38 29.23
CA ASN B 466 55.16 -17.33 29.14
C ASN B 466 55.70 -18.12 27.96
N ASP B 467 55.02 -19.20 27.57
CA ASP B 467 55.42 -19.91 26.36
C ASP B 467 55.22 -19.08 25.11
N ILE B 468 54.06 -18.42 24.99
CA ILE B 468 53.79 -17.62 23.80
C ILE B 468 54.71 -16.40 23.74
N GLN B 469 54.90 -15.73 24.87
CA GLN B 469 55.75 -14.54 24.94
C GLN B 469 56.76 -14.73 26.06
N PRO B 470 57.95 -15.26 25.74
CA PRO B 470 58.97 -15.43 26.78
C PRO B 470 59.43 -14.10 27.34
N LEU B 471 59.74 -14.11 28.63
CA LEU B 471 60.17 -12.90 29.33
C LEU B 471 61.68 -12.78 29.36
N THR B 472 62.27 -12.76 28.17
CA THR B 472 63.71 -12.60 28.02
C THR B 472 64.03 -11.11 27.86
N ASP B 473 65.33 -10.77 27.90
CA ASP B 473 65.75 -9.40 27.70
C ASP B 473 65.54 -8.91 26.28
N GLU B 474 65.81 -9.76 25.28
CA GLU B 474 65.55 -9.39 23.89
C GLU B 474 64.05 -9.27 23.61
N ASN B 475 63.22 -9.94 24.39
CA ASN B 475 61.77 -9.90 24.19
C ASN B 475 61.11 -9.22 25.37
N LYS B 476 61.68 -8.11 25.83
CA LYS B 476 61.14 -7.37 26.96
C LYS B 476 60.14 -6.30 26.52
N LYS B 477 60.53 -5.45 25.57
CA LYS B 477 59.63 -4.41 25.09
C LYS B 477 58.40 -5.01 24.43
N ASN B 478 58.57 -6.08 23.65
CA ASN B 478 57.43 -6.73 23.03
C ASN B 478 56.48 -7.29 24.07
N ARG B 479 57.01 -7.85 25.15
CA ARG B 479 56.15 -8.40 26.20
C ARG B 479 55.29 -7.31 26.82
N GLU B 480 55.89 -6.17 27.16
CA GLU B 480 55.12 -5.10 27.78
C GLU B 480 54.13 -4.47 26.82
N LEU B 481 54.51 -4.34 25.54
CA LEU B 481 53.55 -3.82 24.55
C LEU B 481 52.38 -4.77 24.36
N TYR B 482 52.66 -6.08 24.34
CA TYR B 482 51.60 -7.09 24.24
C TYR B 482 50.68 -7.00 25.46
N GLU B 483 51.25 -6.87 26.65
CA GLU B 483 50.43 -6.75 27.85
C GLU B 483 49.56 -5.51 27.80
N LYS B 484 50.13 -4.38 27.39
CA LYS B 484 49.38 -3.14 27.33
C LYS B 484 48.24 -3.23 26.32
N THR B 485 48.53 -3.79 25.14
CA THR B 485 47.50 -3.90 24.10
C THR B 485 46.38 -4.82 24.55
N LEU B 486 46.73 -5.96 25.17
CA LEU B 486 45.69 -6.87 25.65
C LEU B 486 44.86 -6.25 26.75
N SER B 487 45.50 -5.50 27.66
CA SER B 487 44.77 -4.90 28.77
C SER B 487 43.94 -3.69 28.33
N SER B 488 44.26 -3.07 27.19
CA SER B 488 43.50 -1.92 26.74
C SER B 488 42.09 -2.28 26.28
N CYS B 489 41.77 -3.57 26.17
CA CYS B 489 40.44 -3.99 25.72
C CYS B 489 39.40 -3.97 26.84
N LEU B 490 39.71 -3.39 27.99
CA LEU B 490 38.77 -3.30 29.10
C LEU B 490 38.22 -1.91 29.34
N CYS B 491 38.95 -0.88 28.93
CA CYS B 491 38.52 0.50 29.14
C CYS B 491 37.60 0.95 28.03
N GLY B 492 36.50 1.60 28.41
CA GLY B 492 35.48 2.01 27.46
C GLY B 492 35.65 3.41 26.92
N ALA B 493 36.86 3.77 26.52
CA ALA B 493 37.13 5.05 25.89
C ALA B 493 37.64 4.84 24.48
N THR B 494 38.04 5.92 23.82
CA THR B 494 38.47 5.88 22.43
C THR B 494 39.99 5.70 22.37
N LYS B 495 40.43 4.72 21.60
CA LYS B 495 41.84 4.45 21.39
C LYS B 495 42.24 4.86 19.98
N GLY B 496 43.41 5.51 19.87
CA GLY B 496 43.84 6.03 18.59
C GLY B 496 45.04 5.32 18.00
N CYS B 497 45.10 4.00 18.16
CA CYS B 497 46.19 3.21 17.61
C CYS B 497 45.67 1.85 17.17
N LEU B 498 46.24 1.33 16.09
CA LEU B 498 45.91 0.00 15.58
C LEU B 498 47.09 -0.92 15.80
N THR B 499 46.85 -2.05 16.46
CA THR B 499 47.89 -3.01 16.79
C THR B 499 47.83 -4.19 15.82
N PHE B 500 48.97 -4.58 15.29
CA PHE B 500 49.07 -5.69 14.35
C PHE B 500 49.72 -6.88 15.03
N PHE B 501 49.12 -8.06 14.85
CA PHE B 501 49.68 -9.31 15.35
C PHE B 501 50.47 -9.96 14.22
N PHE B 502 51.68 -9.47 14.01
CA PHE B 502 52.53 -9.96 12.93
C PHE B 502 53.37 -11.14 13.40
N GLY B 503 53.37 -12.20 12.60
CA GLY B 503 54.12 -13.40 12.92
C GLY B 503 53.93 -14.48 11.89
N GLU B 504 54.70 -15.57 12.02
CA GLU B 504 54.62 -16.66 11.06
C GLU B 504 53.58 -17.68 11.51
N THR B 505 53.53 -18.81 10.83
CA THR B 505 52.49 -19.80 11.04
C THR B 505 52.67 -20.54 12.36
N ALA B 506 51.55 -20.89 12.98
CA ALA B 506 51.52 -21.70 14.20
C ALA B 506 52.37 -21.08 15.31
N THR B 507 51.97 -19.89 15.74
CA THR B 507 52.72 -19.16 16.75
C THR B 507 51.88 -18.88 17.99
N GLY B 508 50.58 -18.66 17.81
CA GLY B 508 49.71 -18.48 18.95
C GLY B 508 48.81 -17.26 18.91
N LYS B 509 48.70 -16.62 17.74
CA LYS B 509 47.84 -15.44 17.62
C LYS B 509 46.38 -15.81 17.82
N SER B 510 45.93 -16.90 17.18
CA SER B 510 44.55 -17.33 17.36
C SER B 510 44.27 -17.78 18.78
N THR B 511 45.27 -18.37 19.44
CA THR B 511 45.10 -18.73 20.85
C THR B 511 44.87 -17.50 21.71
N THR B 512 45.64 -16.44 21.47
CA THR B 512 45.44 -15.19 22.20
C THR B 512 44.06 -14.61 21.91
N LYS B 513 43.64 -14.65 20.64
CA LYS B 513 42.31 -14.12 20.29
C LYS B 513 41.21 -14.89 21.01
N ARG B 514 41.31 -16.22 21.03
CA ARG B 514 40.29 -17.04 21.68
C ARG B 514 40.30 -16.82 23.19
N LEU B 515 41.48 -16.68 23.79
CA LEU B 515 41.56 -16.38 25.21
C LEU B 515 40.89 -15.05 25.52
N LEU B 516 41.15 -14.03 24.71
CA LEU B 516 40.52 -12.73 24.91
C LEU B 516 39.00 -12.82 24.77
N LYS B 517 38.53 -13.54 23.75
CA LYS B 517 37.09 -13.68 23.55
C LYS B 517 36.43 -14.40 24.71
N SER B 518 37.08 -15.46 25.22
CA SER B 518 36.55 -16.13 26.41
C SER B 518 36.60 -15.22 27.63
N ALA B 519 37.55 -14.28 27.65
CA ALA B 519 37.66 -13.38 28.80
C ALA B 519 36.54 -12.36 28.82
N ILE B 520 36.43 -11.54 27.78
CA ILE B 520 35.46 -10.45 27.79
C ILE B 520 34.06 -10.93 27.42
N GLY B 521 33.93 -11.72 26.37
CA GLY B 521 32.63 -12.27 26.00
C GLY B 521 31.95 -11.45 24.90
N ASP B 522 30.79 -10.88 25.24
CA ASP B 522 29.99 -10.13 24.27
C ASP B 522 30.61 -8.79 23.89
N LEU B 523 31.59 -8.30 24.63
CA LEU B 523 32.31 -7.09 24.25
C LEU B 523 33.45 -7.43 23.30
N PHE B 524 33.13 -8.17 22.24
CA PHE B 524 34.14 -8.67 21.30
C PHE B 524 33.43 -9.03 20.01
N VAL B 525 33.76 -8.34 18.93
CA VAL B 525 33.17 -8.60 17.63
C VAL B 525 34.28 -8.76 16.60
N GLU B 526 34.10 -9.73 15.72
CA GLU B 526 35.04 -9.99 14.63
C GLU B 526 34.38 -9.62 13.32
N THR B 527 35.05 -8.79 12.53
CA THR B 527 34.52 -8.30 11.27
C THR B 527 35.50 -8.59 10.14
N GLY B 528 34.96 -8.65 8.93
CA GLY B 528 35.78 -8.95 7.77
C GLY B 528 36.70 -7.82 7.38
N GLN B 529 37.61 -8.13 6.46
CA GLN B 529 38.61 -7.16 6.01
C GLN B 529 38.05 -6.15 5.03
N THR B 530 36.74 -6.12 4.82
CA THR B 530 36.14 -5.14 3.92
C THR B 530 36.21 -3.72 4.48
N ILE B 531 36.48 -3.57 5.78
CA ILE B 531 36.60 -2.23 6.38
C ILE B 531 37.97 -1.63 6.17
N LEU B 532 38.93 -2.39 5.62
CA LEU B 532 40.27 -1.89 5.38
C LEU B 532 40.62 -1.76 3.90
N THR B 533 39.80 -2.30 3.00
CA THR B 533 40.10 -2.23 1.57
C THR B 533 38.90 -1.79 0.75
N ASP B 534 37.89 -1.19 1.38
CA ASP B 534 36.69 -0.74 0.66
C ASP B 534 36.09 0.39 1.46
N VAL B 535 35.37 1.28 0.77
CA VAL B 535 34.77 2.42 1.43
C VAL B 535 33.66 1.94 2.37
N LEU B 536 33.44 2.68 3.45
CA LEU B 536 32.49 2.31 4.49
C LEU B 536 31.34 3.32 4.56
N ASP B 537 30.95 3.86 3.41
CA ASP B 537 29.87 4.85 3.34
C ASP B 537 28.71 4.40 2.47
N LYS B 538 29.00 3.86 1.29
CA LYS B 538 27.94 3.55 0.33
C LYS B 538 27.07 2.40 0.82
N GLY B 539 25.75 2.61 0.82
CA GLY B 539 24.80 1.58 1.17
C GLY B 539 24.90 1.16 2.62
N PRO B 540 24.02 0.23 3.02
CA PRO B 540 24.11 -0.32 4.37
C PRO B 540 25.40 -1.10 4.56
N ASN B 541 25.94 -1.05 5.78
CA ASN B 541 27.21 -1.70 6.10
C ASN B 541 27.17 -2.15 7.55
N PRO B 542 26.52 -3.28 7.83
CA PRO B 542 26.49 -3.78 9.22
C PRO B 542 27.86 -4.16 9.76
N PHE B 543 28.85 -4.38 8.90
CA PHE B 543 30.20 -4.68 9.37
C PHE B 543 30.75 -3.56 10.22
N ILE B 544 30.52 -2.31 9.80
CA ILE B 544 30.91 -1.16 10.61
C ILE B 544 29.85 -0.84 11.66
N ALA B 545 28.57 -1.04 11.34
CA ALA B 545 27.48 -0.71 12.25
C ALA B 545 27.47 -1.56 13.51
N ASN B 546 28.17 -2.69 13.54
CA ASN B 546 28.25 -3.53 14.72
C ASN B 546 29.43 -3.17 15.62
N MET B 547 30.15 -2.10 15.29
CA MET B 547 31.25 -1.61 16.10
C MET B 547 30.77 -0.70 17.24
N HIS B 548 29.46 -0.44 17.31
CA HIS B 548 28.89 0.47 18.29
C HIS B 548 29.15 -0.05 19.71
N LEU B 549 29.94 0.69 20.46
CA LEU B 549 30.22 0.43 21.88
C LEU B 549 30.90 -0.91 22.13
N LYS B 550 31.50 -1.51 21.10
CA LYS B 550 32.25 -2.74 21.28
C LYS B 550 33.69 -2.39 21.68
N ARG B 551 34.22 -3.11 22.66
CA ARG B 551 35.51 -2.79 23.25
C ARG B 551 36.66 -3.58 22.65
N SER B 552 36.41 -4.35 21.60
CA SER B 552 37.47 -5.08 20.91
C SER B 552 36.98 -5.49 19.53
N VAL B 553 37.85 -5.33 18.55
CA VAL B 553 37.55 -5.70 17.17
C VAL B 553 38.74 -6.45 16.59
N PHE B 554 38.48 -7.63 16.02
CA PHE B 554 39.51 -8.46 15.41
C PHE B 554 39.21 -8.64 13.94
N CYS B 555 40.24 -8.51 13.11
CA CYS B 555 40.14 -8.70 11.66
C CYS B 555 41.29 -9.59 11.23
N SER B 556 41.06 -10.90 11.27
CA SER B 556 42.11 -11.87 10.98
C SER B 556 42.09 -12.22 9.50
N GLU B 557 42.98 -13.13 9.09
CA GLU B 557 43.09 -13.58 7.70
C GLU B 557 43.35 -12.41 6.75
N LEU B 558 44.42 -11.67 7.02
CA LEU B 558 44.81 -10.58 6.14
C LEU B 558 45.44 -11.14 4.87
N PRO B 559 44.93 -10.74 3.70
CA PRO B 559 45.44 -11.28 2.44
C PRO B 559 46.82 -10.76 2.09
N ASP B 560 47.59 -11.54 1.32
CA ASP B 560 48.87 -11.08 0.84
C ASP B 560 48.66 -10.08 -0.31
N PHE B 561 49.70 -9.29 -0.59
CA PHE B 561 49.62 -8.25 -1.60
C PHE B 561 50.71 -8.31 -2.66
N ALA B 562 51.57 -9.34 -2.64
CA ALA B 562 52.66 -9.41 -3.60
C ALA B 562 52.17 -9.69 -5.02
N CYS B 563 50.98 -10.28 -5.16
CA CYS B 563 50.47 -10.63 -6.47
C CYS B 563 49.69 -9.46 -7.08
N SER B 564 49.30 -9.64 -8.33
CA SER B 564 48.45 -8.67 -9.02
C SER B 564 46.99 -8.96 -8.73
N GLY B 565 46.19 -7.90 -8.69
CA GLY B 565 44.78 -8.03 -8.38
C GLY B 565 44.44 -8.03 -6.92
N SER B 566 45.41 -7.80 -6.04
CA SER B 566 45.17 -7.72 -4.60
C SER B 566 45.12 -6.25 -4.20
N LYS B 567 43.98 -5.83 -3.66
CA LYS B 567 43.79 -4.44 -3.30
C LYS B 567 44.62 -4.08 -2.07
N LYS B 568 45.34 -2.97 -2.14
CA LYS B 568 46.15 -2.52 -1.02
C LYS B 568 45.26 -1.93 0.08
N ILE B 569 45.82 -1.79 1.27
CA ILE B 569 45.09 -1.25 2.40
C ILE B 569 44.98 0.26 2.23
N ARG B 570 43.76 0.78 2.31
CA ARG B 570 43.54 2.21 2.17
C ARG B 570 43.87 2.91 3.48
N SER B 571 44.82 3.85 3.44
CA SER B 571 45.14 4.63 4.63
C SER B 571 43.97 5.50 5.08
N ASP B 572 43.04 5.78 4.17
CA ASP B 572 41.86 6.57 4.53
C ASP B 572 41.05 5.88 5.62
N ASN B 573 40.82 4.57 5.47
CA ASN B 573 40.05 3.83 6.45
C ASN B 573 40.78 3.80 7.80
N ILE B 574 42.09 3.61 7.78
CA ILE B 574 42.86 3.58 9.03
C ILE B 574 42.77 4.93 9.73
N LYS B 575 42.90 6.03 8.98
CA LYS B 575 42.82 7.35 9.59
C LYS B 575 41.40 7.64 10.09
N LYS B 576 40.37 7.13 9.40
CA LYS B 576 39.00 7.37 9.85
C LYS B 576 38.64 6.52 11.06
N LEU B 577 39.26 5.36 11.22
CA LEU B 577 38.95 4.47 12.32
C LEU B 577 39.58 4.87 13.65
N THR B 578 40.28 6.02 13.69
CA THR B 578 40.92 6.49 14.91
C THR B 578 40.28 7.77 15.41
N GLU B 579 38.96 7.88 15.30
CA GLU B 579 38.20 9.03 15.77
C GLU B 579 37.04 8.55 16.63
N PRO B 580 36.57 9.37 17.56
CA PRO B 580 35.49 8.94 18.46
C PRO B 580 34.15 8.71 17.78
N CYS B 581 34.05 8.89 16.47
CA CYS B 581 32.78 8.68 15.76
C CYS B 581 33.07 8.25 14.34
N VAL B 582 32.68 7.02 14.00
CA VAL B 582 32.79 6.50 12.64
C VAL B 582 31.40 6.53 12.02
N ILE B 583 31.36 6.75 10.71
CA ILE B 583 30.11 6.94 9.98
C ILE B 583 29.75 5.64 9.28
N GLY B 584 28.62 5.06 9.68
CA GLY B 584 28.14 3.83 9.09
C GLY B 584 26.76 3.49 9.60
N ARG B 585 25.92 2.89 8.75
CA ARG B 585 24.55 2.63 9.14
C ARG B 585 24.19 1.17 8.91
N PRO B 586 23.43 0.55 9.82
CA PRO B 586 22.95 -0.80 9.56
C PRO B 586 21.71 -0.79 8.68
N CYS B 587 21.17 -1.96 8.38
CA CYS B 587 19.96 -2.05 7.56
C CYS B 587 18.74 -1.60 8.35
N PHE B 588 17.82 -0.94 7.65
CA PHE B 588 16.51 -0.57 8.20
C PHE B 588 16.60 0.51 9.27
N SER B 589 17.54 1.44 9.15
CA SER B 589 17.70 2.48 10.15
C SER B 589 18.39 3.69 9.55
N ASN B 590 18.29 4.82 10.24
CA ASN B 590 18.91 6.07 9.82
C ASN B 590 20.02 6.53 10.75
N LYS B 591 20.31 5.77 11.80
CA LYS B 591 21.35 6.16 12.77
C LYS B 591 22.71 5.86 12.16
N ILE B 592 23.42 6.91 11.74
CA ILE B 592 24.70 6.78 11.06
C ILE B 592 25.86 7.21 11.94
N ASN B 593 25.62 7.47 13.22
CA ASN B 593 26.67 7.84 14.16
C ASN B 593 26.97 6.65 15.06
N ASN B 594 28.25 6.28 15.14
CA ASN B 594 28.69 5.12 15.91
C ASN B 594 29.81 5.55 16.85
N ARG B 595 29.66 5.25 18.13
CA ARG B 595 30.69 5.57 19.10
C ARG B 595 31.77 4.50 19.09
N ASN B 596 33.02 4.92 18.96
CA ASN B 596 34.14 4.00 18.79
C ASN B 596 34.83 3.81 20.14
N HIS B 597 34.67 2.62 20.71
CA HIS B 597 35.35 2.23 21.94
C HIS B 597 36.22 0.99 21.75
N ALA B 598 36.58 0.68 20.52
CA ALA B 598 37.22 -0.58 20.18
C ALA B 598 38.74 -0.45 20.11
N THR B 599 39.41 -1.58 20.29
CA THR B 599 40.85 -1.70 20.11
C THR B 599 41.07 -2.60 18.89
N ILE B 600 41.27 -1.97 17.73
CA ILE B 600 41.37 -2.71 16.49
C ILE B 600 42.67 -3.52 16.49
N ILE B 601 42.55 -4.83 16.35
CA ILE B 601 43.70 -5.73 16.30
C ILE B 601 43.56 -6.61 15.06
N ILE B 602 44.66 -6.77 14.33
CA ILE B 602 44.67 -7.49 13.07
C ILE B 602 45.65 -8.64 13.16
N ASP B 603 45.21 -9.83 12.77
CA ASP B 603 46.05 -11.03 12.77
C ASP B 603 46.60 -11.21 11.36
N THR B 604 47.87 -10.87 11.18
CA THR B 604 48.50 -10.91 9.88
C THR B 604 49.69 -11.86 9.87
N ASN B 605 50.10 -12.25 8.66
CA ASN B 605 51.28 -13.08 8.47
C ASN B 605 52.31 -12.44 7.55
N TYR B 606 51.99 -11.32 6.90
CA TYR B 606 52.92 -10.61 6.04
C TYR B 606 52.98 -9.14 6.45
N LYS B 607 54.05 -8.47 6.06
CA LYS B 607 54.16 -7.06 6.34
C LYS B 607 53.10 -6.29 5.55
N PRO B 608 52.24 -5.51 6.21
CA PRO B 608 51.17 -4.83 5.49
C PRO B 608 51.72 -3.74 4.59
N VAL B 609 50.96 -3.46 3.52
CA VAL B 609 51.28 -2.39 2.60
C VAL B 609 50.05 -1.51 2.43
N PHE B 610 50.30 -0.25 2.05
CA PHE B 610 49.23 0.72 1.87
C PHE B 610 49.41 1.40 0.51
N ASP B 611 48.35 2.08 0.07
CA ASP B 611 48.43 2.81 -1.20
C ASP B 611 49.48 3.91 -1.12
N ARG B 612 49.51 4.65 -0.02
CA ARG B 612 50.48 5.72 0.18
C ARG B 612 50.94 5.72 1.63
N ILE B 613 52.13 6.26 1.86
CA ILE B 613 52.75 6.30 3.18
C ILE B 613 53.06 7.75 3.54
N ASP B 614 52.68 8.16 4.74
CA ASP B 614 52.93 9.52 5.22
C ASP B 614 53.08 9.50 6.73
N ASN B 615 53.52 10.64 7.28
CA ASN B 615 53.73 10.74 8.72
C ASN B 615 52.41 10.65 9.48
N ALA B 616 51.31 11.07 8.86
CA ALA B 616 50.02 10.98 9.52
C ALA B 616 49.59 9.55 9.77
N LEU B 617 50.02 8.60 8.95
CA LEU B 617 49.75 7.19 9.19
C LEU B 617 50.77 6.57 10.15
N MET B 618 51.87 7.27 10.43
CA MET B 618 52.92 6.72 11.28
C MET B 618 52.53 6.59 12.74
N ARG B 619 51.80 7.56 13.28
CA ARG B 619 51.47 7.63 14.69
C ARG B 619 50.15 6.94 15.03
N ARG B 620 49.73 5.97 14.22
CA ARG B 620 48.51 5.23 14.52
C ARG B 620 48.69 3.72 14.39
N ILE B 621 49.90 3.23 14.15
CA ILE B 621 50.14 1.83 13.84
C ILE B 621 51.18 1.28 14.82
N ALA B 622 50.85 0.19 15.48
CA ALA B 622 51.77 -0.51 16.36
C ALA B 622 51.81 -1.98 15.98
N VAL B 623 52.97 -2.61 16.21
CA VAL B 623 53.19 -4.00 15.81
C VAL B 623 53.86 -4.74 16.96
N VAL B 624 53.32 -5.91 17.29
CA VAL B 624 53.99 -6.86 18.18
C VAL B 624 54.43 -8.05 17.35
N ARG B 625 55.42 -8.78 17.84
CA ARG B 625 56.00 -9.90 17.12
C ARG B 625 55.82 -11.18 17.92
N PHE B 626 55.37 -12.23 17.23
CA PHE B 626 55.19 -13.55 17.81
C PHE B 626 56.27 -14.46 17.24
N ARG B 627 57.17 -14.94 18.10
CA ARG B 627 58.35 -15.68 17.68
C ARG B 627 58.53 -16.94 18.50
N THR B 628 57.45 -17.72 18.65
CA THR B 628 57.51 -19.00 19.36
C THR B 628 56.67 -20.01 18.58
N HIS B 629 57.33 -20.86 17.79
CA HIS B 629 56.63 -21.83 16.96
C HIS B 629 56.29 -23.07 17.78
N PHE B 630 55.02 -23.48 17.71
CA PHE B 630 54.58 -24.73 18.32
C PHE B 630 54.47 -25.80 17.25
N SER B 631 55.10 -26.94 17.48
CA SER B 631 55.14 -27.99 16.48
C SER B 631 55.03 -29.35 17.14
N GLN B 632 54.53 -30.30 16.37
CA GLN B 632 54.51 -31.72 16.72
C GLN B 632 55.89 -32.30 16.53
N PRO B 633 56.18 -33.45 17.15
CA PRO B 633 57.53 -34.05 17.01
C PRO B 633 57.90 -34.41 15.59
N SER B 634 56.93 -34.50 14.67
CA SER B 634 57.24 -34.88 13.29
C SER B 634 58.15 -33.86 12.61
N GLY B 635 57.82 -32.59 12.72
CA GLY B 635 58.59 -31.56 12.05
C GLY B 635 59.37 -30.66 12.98
N ARG B 636 59.88 -31.23 14.07
CA ARG B 636 60.62 -30.44 15.06
C ARG B 636 61.91 -29.87 14.47
N GLU B 637 62.65 -30.70 13.72
CA GLU B 637 63.95 -30.30 13.22
C GLU B 637 63.84 -29.19 12.18
N ALA B 638 62.88 -29.33 11.27
CA ALA B 638 62.72 -28.34 10.21
C ALA B 638 62.39 -26.97 10.79
N ALA B 639 61.50 -26.92 11.78
CA ALA B 639 61.20 -25.66 12.45
C ALA B 639 62.40 -25.15 13.25
N GLU B 640 63.16 -26.06 13.87
CA GLU B 640 64.35 -25.67 14.59
C GLU B 640 65.42 -25.07 13.70
N ASN B 641 65.44 -25.42 12.42
CA ASN B 641 66.41 -24.88 11.47
C ASN B 641 65.91 -23.61 10.79
N ASN B 642 64.73 -23.11 11.16
CA ASN B 642 64.16 -21.94 10.53
C ASN B 642 64.74 -20.66 11.13
N ASP B 643 64.54 -19.56 10.42
CA ASP B 643 65.04 -18.26 10.85
C ASP B 643 64.00 -17.47 11.63
N ALA B 644 62.75 -17.48 11.18
CA ALA B 644 61.69 -16.65 11.77
C ALA B 644 61.20 -17.15 13.12
N TYR B 645 61.87 -18.11 13.73
CA TYR B 645 61.48 -18.61 15.04
C TYR B 645 62.68 -18.56 15.99
N ASP B 646 62.38 -18.34 17.27
CA ASP B 646 63.40 -18.28 18.31
C ASP B 646 63.25 -19.39 19.35
N LYS B 647 62.18 -20.18 19.28
CA LYS B 647 61.94 -21.23 20.26
C LYS B 647 60.90 -22.19 19.70
N VAL B 648 61.11 -23.49 19.91
CA VAL B 648 60.21 -24.53 19.43
C VAL B 648 59.76 -25.35 20.63
N LYS B 649 58.45 -25.61 20.71
CA LYS B 649 57.88 -26.38 21.80
C LYS B 649 56.95 -27.43 21.22
N LEU B 650 56.34 -28.23 22.10
CA LEU B 650 55.47 -29.32 21.70
C LEU B 650 54.02 -28.84 21.68
N LEU B 651 53.33 -29.09 20.57
CA LEU B 651 51.92 -28.71 20.46
C LEU B 651 51.06 -29.57 21.37
N ASP B 652 50.07 -28.94 21.99
CA ASP B 652 49.11 -29.61 22.86
C ASP B 652 47.74 -29.57 22.20
N GLU B 653 47.15 -30.75 21.98
CA GLU B 653 45.87 -30.82 21.30
C GLU B 653 44.71 -30.39 22.20
N GLY B 654 44.78 -30.70 23.49
CA GLY B 654 43.69 -30.40 24.38
C GLY B 654 43.53 -28.94 24.74
N LEU B 655 44.51 -28.11 24.40
CA LEU B 655 44.45 -26.70 24.78
C LEU B 655 43.26 -26.00 24.11
N ASP B 656 43.16 -26.14 22.78
CA ASP B 656 42.05 -25.53 22.08
C ASP B 656 40.72 -26.16 22.47
N GLY B 657 40.72 -27.46 22.79
CA GLY B 657 39.49 -28.11 23.21
C GLY B 657 38.97 -27.55 24.52
N LYS B 658 39.85 -27.37 25.50
CA LYS B 658 39.40 -26.89 26.81
C LYS B 658 39.32 -25.37 26.88
N ILE B 659 39.85 -24.64 25.89
CA ILE B 659 39.64 -23.20 25.86
C ILE B 659 38.18 -22.88 25.53
N GLN B 660 37.58 -23.64 24.62
CA GLN B 660 36.18 -23.42 24.26
C GLN B 660 35.23 -23.63 25.44
N ASN B 661 35.67 -24.33 26.48
CA ASN B 661 34.86 -24.58 27.65
C ASN B 661 34.99 -23.49 28.71
N ASN B 662 35.70 -22.40 28.39
CA ASN B 662 35.86 -21.27 29.30
C ASN B 662 36.56 -21.68 30.60
N ARG B 663 37.54 -22.58 30.49
CA ARG B 663 38.29 -23.00 31.66
C ARG B 663 39.18 -21.88 32.18
N TYR B 664 39.79 -21.12 31.26
CA TYR B 664 40.71 -20.03 31.62
C TYR B 664 40.05 -18.66 31.45
N ARG B 665 38.76 -18.55 31.76
CA ARG B 665 38.05 -17.29 31.60
C ARG B 665 38.38 -16.32 32.73
N PHE B 666 38.04 -16.70 33.97
CA PHE B 666 38.21 -15.78 35.09
C PHE B 666 39.68 -15.57 35.43
N ALA B 667 40.53 -16.57 35.20
CA ALA B 667 41.96 -16.38 35.42
C ALA B 667 42.52 -15.30 34.50
N PHE B 668 42.17 -15.37 33.21
CA PHE B 668 42.63 -14.35 32.27
C PHE B 668 41.99 -12.99 32.58
N LEU B 669 40.74 -13.00 33.06
CA LEU B 669 40.12 -11.75 33.47
C LEU B 669 40.90 -11.10 34.61
N TYR B 670 41.30 -11.90 35.61
CA TYR B 670 42.08 -11.39 36.72
C TYR B 670 43.44 -10.88 36.26
N LEU B 671 44.08 -11.61 35.36
CA LEU B 671 45.37 -11.16 34.83
C LEU B 671 45.23 -9.84 34.09
N LEU B 672 44.17 -9.70 33.28
CA LEU B 672 43.94 -8.45 32.58
C LEU B 672 43.65 -7.31 33.54
N VAL B 673 42.90 -7.58 34.61
CA VAL B 673 42.64 -6.55 35.61
C VAL B 673 43.94 -6.11 36.28
N LYS B 674 44.81 -7.07 36.59
CA LYS B 674 46.09 -6.73 37.20
C LYS B 674 46.93 -5.88 36.26
N TRP B 675 46.98 -6.25 34.98
CA TRP B 675 47.75 -5.47 34.01
C TRP B 675 47.17 -4.06 33.86
N TYR B 676 45.85 -3.93 33.84
CA TYR B 676 45.22 -2.62 33.74
C TYR B 676 45.54 -1.76 34.95
N LYS B 677 45.48 -2.34 36.14
CA LYS B 677 45.82 -1.60 37.35
C LYS B 677 47.28 -1.18 37.35
N LYS B 678 48.15 -2.00 36.75
CA LYS B 678 49.57 -1.65 36.71
C LYS B 678 49.87 -0.57 35.68
N TYR B 679 49.18 -0.58 34.53
CA TYR B 679 49.57 0.23 33.38
C TYR B 679 48.76 1.51 33.24
N HIS B 680 47.44 1.40 33.11
CA HIS B 680 46.61 2.51 32.65
C HIS B 680 45.86 3.20 33.78
N ILE B 681 46.28 3.01 35.03
CA ILE B 681 45.54 3.60 36.15
C ILE B 681 45.55 5.13 36.12
N PRO B 682 46.67 5.85 35.84
CA PRO B 682 46.57 7.32 35.82
C PRO B 682 45.80 7.81 34.59
N ILE B 683 46.25 7.39 33.41
CA ILE B 683 45.62 7.72 32.14
C ILE B 683 45.88 6.56 31.18
N MET B 684 44.98 6.39 30.22
CA MET B 684 45.07 5.31 29.25
C MET B 684 45.30 5.89 27.87
N LYS B 685 46.40 5.49 27.22
CA LYS B 685 46.69 5.91 25.86
C LYS B 685 47.59 4.86 25.21
N LEU B 686 47.30 4.54 23.96
CA LEU B 686 48.17 3.66 23.19
C LEU B 686 49.22 4.48 22.44
N TYR B 687 50.35 3.84 22.15
CA TYR B 687 51.47 4.54 21.54
C TYR B 687 51.98 3.77 20.33
N PRO B 688 52.51 4.47 19.34
CA PRO B 688 52.98 3.81 18.13
C PRO B 688 54.45 3.40 18.21
N THR B 689 54.78 2.38 17.42
CA THR B 689 56.16 1.89 17.29
C THR B 689 56.51 1.87 15.80
N PRO B 690 56.91 3.00 15.25
CA PRO B 690 57.17 3.08 13.80
C PRO B 690 58.50 2.47 13.36
N GLU B 691 59.20 1.76 14.24
CA GLU B 691 60.49 1.17 13.91
C GLU B 691 60.39 -0.31 13.51
N GLU B 692 59.28 -0.73 12.93
CA GLU B 692 59.04 -2.13 12.62
C GLU B 692 58.77 -2.42 11.15
N ILE B 693 58.06 -1.54 10.45
CA ILE B 693 57.62 -1.80 9.08
C ILE B 693 58.68 -1.30 8.11
N PRO B 694 59.15 -2.14 7.17
CA PRO B 694 60.16 -1.65 6.21
C PRO B 694 59.70 -0.48 5.37
N ASP B 695 58.41 -0.43 5.02
CA ASP B 695 57.87 0.70 4.28
C ASP B 695 58.07 1.99 5.08
N PHE B 696 57.82 1.93 6.37
CA PHE B 696 58.05 3.10 7.21
C PHE B 696 59.54 3.30 7.49
N ALA B 697 60.33 2.23 7.54
CA ALA B 697 61.76 2.38 7.70
C ALA B 697 62.39 3.10 6.53
N PHE B 698 61.79 3.01 5.33
CA PHE B 698 62.27 3.77 4.19
C PHE B 698 62.19 5.27 4.47
N TYR B 699 61.13 5.74 5.13
CA TYR B 699 60.96 7.14 5.42
C TYR B 699 61.75 7.61 6.64
N LEU B 700 62.37 6.66 7.34
CA LEU B 700 63.22 7.00 8.51
C LEU B 700 64.68 7.03 8.03
N LYS B 701 64.97 6.32 6.93
CA LYS B 701 66.32 6.33 6.31
C LYS B 701 66.74 7.78 6.09
N GLY C 323 -5.88 -15.65 40.23
CA GLY C 323 -5.71 -14.68 39.16
C GLY C 323 -6.23 -15.16 37.83
N ASN C 324 -5.74 -14.56 36.74
CA ASN C 324 -6.14 -14.97 35.41
C ASN C 324 -5.75 -16.41 35.15
N LYS C 325 -6.69 -17.21 34.64
CA LYS C 325 -6.41 -18.62 34.41
C LYS C 325 -5.42 -18.80 33.26
N LEU C 326 -5.46 -17.89 32.28
CA LEU C 326 -4.50 -17.93 31.19
C LEU C 326 -3.08 -17.69 31.67
N PHE C 327 -2.91 -16.78 32.64
CA PHE C 327 -1.59 -16.56 33.24
C PHE C 327 -1.11 -17.82 33.93
N ASN C 328 -2.01 -18.54 34.61
CA ASN C 328 -1.65 -19.81 35.22
C ASN C 328 -1.22 -20.82 34.17
N ILE C 329 -1.91 -20.82 33.01
CA ILE C 329 -1.52 -21.70 31.91
C ILE C 329 -0.11 -21.38 31.46
N ALA C 330 0.20 -20.09 31.27
CA ALA C 330 1.53 -19.70 30.82
C ALA C 330 2.59 -20.08 31.85
N GLN C 331 2.30 -19.89 33.13
CA GLN C 331 3.25 -20.27 34.16
C GLN C 331 3.49 -21.77 34.17
N ARG C 332 2.44 -22.56 34.02
CA ARG C 332 2.60 -24.02 33.97
C ARG C 332 3.42 -24.44 32.75
N ILE C 333 3.18 -23.81 31.59
CA ILE C 333 3.96 -24.15 30.40
C ILE C 333 5.42 -23.80 30.61
N LEU C 334 5.70 -22.64 31.21
CA LEU C 334 7.08 -22.25 31.45
C LEU C 334 7.75 -23.14 32.48
N ASP C 335 6.99 -23.69 33.42
CA ASP C 335 7.58 -24.53 34.46
C ASP C 335 8.15 -25.82 33.88
N THR C 336 7.53 -26.36 32.83
CA THR C 336 8.02 -27.59 32.21
C THR C 336 9.31 -27.41 31.44
N ASN C 337 9.78 -26.16 31.26
CA ASN C 337 11.02 -25.86 30.56
C ASN C 337 10.97 -26.39 29.12
N SER C 338 10.02 -25.86 28.36
CA SER C 338 9.86 -26.23 26.95
C SER C 338 10.22 -25.11 25.98
N VAL C 339 10.10 -23.85 26.38
CA VAL C 339 10.45 -22.72 25.53
C VAL C 339 11.77 -22.15 26.01
N LEU C 340 12.67 -21.88 25.07
CA LEU C 340 13.96 -21.29 25.38
C LEU C 340 14.23 -20.13 24.45
N LEU C 341 14.99 -19.16 24.95
CA LEU C 341 15.39 -17.98 24.18
C LEU C 341 16.86 -18.14 23.83
N THR C 342 17.15 -18.42 22.58
CA THR C 342 18.51 -18.64 22.14
C THR C 342 19.24 -17.32 22.03
N GLU C 343 20.53 -17.38 21.69
CA GLU C 343 21.36 -16.18 21.65
C GLU C 343 20.98 -15.27 20.48
N ARG C 344 20.69 -15.84 19.32
CA ARG C 344 20.39 -15.05 18.13
C ARG C 344 19.05 -14.34 18.22
N GLY C 345 18.18 -14.72 19.15
CA GLY C 345 16.91 -14.06 19.32
C GLY C 345 15.72 -14.85 18.82
N ASP C 346 15.87 -16.17 18.74
CA ASP C 346 14.80 -17.06 18.32
C ASP C 346 14.11 -17.64 19.55
N HIS C 347 13.02 -18.36 19.32
CA HIS C 347 12.24 -19.00 20.39
C HIS C 347 12.08 -20.47 20.00
N ILE C 348 13.01 -21.30 20.44
CA ILE C 348 12.97 -22.72 20.14
C ILE C 348 11.93 -23.40 21.02
N VAL C 349 11.26 -24.40 20.46
CA VAL C 349 10.22 -25.14 21.18
C VAL C 349 10.64 -26.59 21.27
N TRP C 350 9.83 -27.41 21.95
CA TRP C 350 10.12 -28.83 22.16
C TRP C 350 8.85 -29.62 21.88
N ILE C 351 8.71 -30.09 20.64
CA ILE C 351 7.58 -30.90 20.21
C ILE C 351 8.09 -32.09 19.44
N ASN C 352 7.46 -33.26 19.66
CA ASN C 352 7.81 -34.50 18.96
C ASN C 352 9.28 -34.86 19.18
N ASN C 353 9.77 -34.64 20.41
CA ASN C 353 11.12 -35.04 20.82
C ASN C 353 12.18 -34.41 19.91
N SER C 354 12.04 -33.13 19.63
CA SER C 354 13.01 -32.42 18.81
C SER C 354 12.85 -30.91 18.95
N TRP C 355 13.96 -30.19 19.12
CA TRP C 355 13.91 -28.75 19.21
C TRP C 355 13.73 -28.14 17.83
N LYS C 356 12.65 -27.39 17.64
CA LYS C 356 12.35 -26.75 16.38
C LYS C 356 12.27 -25.25 16.55
N PHE C 357 12.49 -24.52 15.45
CA PHE C 357 12.44 -23.08 15.47
C PHE C 357 12.25 -22.57 14.05
N ASN C 358 11.61 -21.41 13.93
CA ASN C 358 11.43 -20.74 12.65
C ASN C 358 11.51 -19.23 12.88
N SER C 359 12.27 -18.56 12.02
CA SER C 359 12.46 -17.12 12.15
C SER C 359 11.26 -16.31 11.69
N GLU C 360 10.52 -16.80 10.69
CA GLU C 360 9.40 -16.05 10.15
C GLU C 360 8.20 -16.09 11.07
N GLU C 361 7.72 -17.30 11.40
CA GLU C 361 6.56 -17.45 12.26
C GLU C 361 6.96 -18.13 13.57
N PRO C 362 6.52 -17.61 14.71
CA PRO C 362 6.78 -18.29 15.99
C PRO C 362 6.01 -19.60 16.09
N LEU C 363 6.54 -20.50 16.91
CA LEU C 363 5.93 -21.82 17.10
C LEU C 363 5.39 -22.00 18.51
N ILE C 364 5.22 -20.93 19.29
CA ILE C 364 4.74 -21.08 20.66
C ILE C 364 3.29 -21.56 20.68
N THR C 365 2.46 -21.09 19.75
CA THR C 365 1.08 -21.54 19.68
C THR C 365 1.00 -23.04 19.38
N LYS C 366 1.85 -23.52 18.47
CA LYS C 366 1.87 -24.95 18.18
C LYS C 366 2.24 -25.75 19.40
N LEU C 367 3.24 -25.30 20.16
CA LEU C 367 3.62 -26.01 21.37
C LEU C 367 2.50 -26.00 22.40
N ILE C 368 1.81 -24.88 22.54
CA ILE C 368 0.69 -24.80 23.48
C ILE C 368 -0.40 -25.80 23.09
N LEU C 369 -0.76 -25.83 21.81
CA LEU C 369 -1.80 -26.74 21.35
C LEU C 369 -1.37 -28.19 21.54
N SER C 370 -0.11 -28.51 21.28
CA SER C 370 0.35 -29.88 21.43
C SER C 370 0.43 -30.30 22.89
N ILE C 371 0.78 -29.37 23.79
CA ILE C 371 0.99 -29.72 25.19
C ILE C 371 -0.26 -29.51 26.04
N ARG C 372 -1.37 -29.06 25.43
CA ARG C 372 -2.63 -28.97 26.16
C ARG C 372 -2.99 -30.24 26.93
N HIS C 373 -2.47 -31.40 26.52
CA HIS C 373 -2.87 -32.66 27.12
C HIS C 373 -2.30 -32.86 28.53
N GLN C 374 -1.13 -32.30 28.81
CA GLN C 374 -0.45 -32.51 30.08
C GLN C 374 -0.97 -31.58 31.19
N LEU C 375 -2.15 -31.01 31.04
CA LEU C 375 -2.74 -30.09 32.00
C LEU C 375 -4.05 -30.64 32.52
N PRO C 376 -4.52 -30.17 33.70
CA PRO C 376 -5.81 -30.63 34.22
C PRO C 376 -6.97 -30.43 33.25
N LYS C 377 -8.08 -31.13 33.50
CA LYS C 377 -9.18 -31.16 32.54
C LYS C 377 -9.78 -29.77 32.35
N GLU C 378 -9.99 -29.03 33.44
CA GLU C 378 -10.62 -27.72 33.33
C GLU C 378 -9.73 -26.71 32.60
N TYR C 379 -8.42 -26.97 32.52
CA TYR C 379 -7.52 -26.08 31.82
C TYR C 379 -7.39 -26.40 30.34
N SER C 380 -7.87 -27.56 29.90
CA SER C 380 -7.71 -27.95 28.50
C SER C 380 -8.70 -27.22 27.60
N SER C 381 -9.88 -26.92 28.11
CA SER C 381 -10.93 -26.32 27.28
C SER C 381 -10.58 -24.92 26.81
N GLU C 382 -9.74 -24.19 27.55
CA GLU C 382 -9.39 -22.83 27.14
C GLU C 382 -8.32 -22.79 26.05
N LEU C 383 -7.61 -23.90 25.81
CA LEU C 383 -6.55 -23.92 24.82
C LEU C 383 -7.05 -24.28 23.44
N LEU C 384 -8.32 -24.02 23.14
CA LEU C 384 -8.93 -24.33 21.87
C LEU C 384 -9.21 -23.11 21.01
N CYS C 385 -9.66 -22.01 21.61
CA CYS C 385 -9.93 -20.80 20.87
C CYS C 385 -8.61 -20.12 20.50
N PRO C 386 -8.39 -19.78 19.24
CA PRO C 386 -7.09 -19.20 18.85
C PRO C 386 -6.74 -17.91 19.57
N ARG C 387 -7.73 -17.08 19.91
CA ARG C 387 -7.42 -15.84 20.61
C ARG C 387 -6.85 -16.11 21.99
N LYS C 388 -7.37 -17.13 22.69
CA LYS C 388 -6.80 -17.49 23.99
C LYS C 388 -5.38 -18.02 23.83
N ARG C 389 -5.13 -18.79 22.78
CA ARG C 389 -3.78 -19.28 22.53
C ARG C 389 -2.81 -18.14 22.26
N LYS C 390 -3.25 -17.13 21.50
CA LYS C 390 -2.41 -15.96 21.27
C LYS C 390 -2.18 -15.18 22.57
N THR C 391 -3.20 -15.08 23.43
CA THR C 391 -3.01 -14.43 24.71
C THR C 391 -1.98 -15.15 25.56
N VAL C 392 -2.03 -16.49 25.58
CA VAL C 392 -1.05 -17.25 26.35
C VAL C 392 0.33 -17.10 25.75
N GLU C 393 0.43 -17.04 24.41
CA GLU C 393 1.74 -16.82 23.77
C GLU C 393 2.30 -15.47 24.17
N ALA C 394 1.46 -14.44 24.18
CA ALA C 394 1.91 -13.11 24.59
C ALA C 394 2.35 -13.10 26.05
N ASN C 395 1.63 -13.82 26.91
CA ASN C 395 2.03 -13.93 28.31
C ASN C 395 3.39 -14.62 28.44
N ILE C 396 3.62 -15.68 27.67
CA ILE C 396 4.89 -16.41 27.75
C ILE C 396 6.03 -15.54 27.25
N ARG C 397 5.80 -14.80 26.16
CA ARG C 397 6.88 -14.01 25.56
C ARG C 397 7.40 -12.92 26.47
N ASP C 398 6.66 -12.56 27.52
CA ASP C 398 7.07 -11.51 28.44
C ASP C 398 7.71 -12.06 29.71
N MET C 399 8.10 -13.33 29.70
CA MET C 399 8.78 -13.95 30.85
C MET C 399 10.18 -14.41 30.57
N LEU C 400 10.56 -14.64 29.31
CA LEU C 400 11.90 -15.12 28.97
C LEU C 400 12.83 -13.92 28.88
N VAL C 401 13.70 -13.77 29.88
CA VAL C 401 14.57 -12.61 29.96
C VAL C 401 16.01 -13.03 29.69
N ASP C 402 16.42 -14.17 30.24
CA ASP C 402 17.80 -14.63 30.16
C ASP C 402 17.96 -15.63 29.03
N SER C 403 19.02 -15.45 28.25
CA SER C 403 19.27 -16.26 27.07
C SER C 403 20.22 -17.41 27.41
N VAL C 404 20.16 -18.46 26.58
CA VAL C 404 21.01 -19.63 26.70
C VAL C 404 21.61 -19.94 25.34
N GLU C 405 22.67 -20.74 25.35
CA GLU C 405 23.36 -21.13 24.14
C GLU C 405 23.03 -22.58 23.78
N THR C 406 23.21 -22.91 22.50
CA THR C 406 22.83 -24.21 21.96
C THR C 406 24.03 -24.88 21.33
N ASP C 407 23.94 -26.21 21.19
CA ASP C 407 24.95 -27.03 20.53
C ASP C 407 26.31 -26.90 21.21
N THR C 408 26.34 -27.33 22.47
CA THR C 408 27.58 -27.36 23.25
C THR C 408 28.27 -28.71 23.19
N TYR C 409 27.53 -29.79 23.02
CA TYR C 409 28.11 -31.12 22.95
C TYR C 409 28.39 -31.48 21.49
N PRO C 410 29.63 -31.75 21.11
CA PRO C 410 29.97 -31.97 19.70
C PRO C 410 29.91 -33.41 19.22
N ASP C 411 29.55 -34.36 20.07
CA ASP C 411 29.58 -35.78 19.71
C ASP C 411 28.21 -36.42 19.90
N LYS C 412 27.16 -35.68 19.56
CA LYS C 412 25.80 -36.20 19.62
C LYS C 412 25.11 -35.91 18.29
N LEU C 413 24.46 -36.92 17.72
CA LEU C 413 23.79 -36.77 16.43
C LEU C 413 22.30 -36.63 16.65
N PRO C 414 21.70 -35.47 16.40
CA PRO C 414 20.27 -35.31 16.65
C PRO C 414 19.41 -35.74 15.48
N PHE C 415 18.45 -36.62 15.73
CA PHE C 415 17.50 -37.07 14.73
C PHE C 415 16.17 -36.34 14.91
N LYS C 416 15.16 -36.76 14.16
CA LYS C 416 13.84 -36.13 14.24
C LYS C 416 13.03 -36.61 15.44
N ASN C 417 13.43 -37.70 16.09
CA ASN C 417 12.70 -38.22 17.25
C ASN C 417 13.68 -38.61 18.35
N GLY C 418 14.76 -37.88 18.47
CA GLY C 418 15.75 -38.15 19.51
C GLY C 418 17.14 -37.79 19.03
N VAL C 419 18.11 -38.06 19.89
CA VAL C 419 19.52 -37.82 19.59
C VAL C 419 20.28 -39.10 19.89
N LEU C 420 21.12 -39.53 18.95
CA LEU C 420 21.92 -40.74 19.11
C LEU C 420 23.30 -40.39 19.63
N ASP C 421 23.69 -41.00 20.74
CA ASP C 421 25.03 -40.81 21.28
C ASP C 421 26.03 -41.55 20.41
N LEU C 422 27.23 -40.99 20.30
CA LEU C 422 28.28 -41.54 19.44
C LEU C 422 29.37 -42.27 20.19
N VAL C 423 29.53 -42.01 21.50
CA VAL C 423 30.62 -42.64 22.25
C VAL C 423 30.36 -44.14 22.41
N ASP C 424 29.11 -44.53 22.63
CA ASP C 424 28.79 -45.94 22.87
C ASP C 424 27.57 -46.39 22.06
N GLY C 425 27.11 -45.56 21.13
CA GLY C 425 26.02 -45.94 20.25
C GLY C 425 24.65 -45.99 20.90
N MET C 426 24.52 -45.58 22.16
CA MET C 426 23.21 -45.58 22.80
C MET C 426 22.33 -44.48 22.22
N PHE C 427 21.05 -44.79 22.05
CA PHE C 427 20.07 -43.87 21.49
C PHE C 427 19.14 -43.41 22.61
N TYR C 428 19.12 -42.10 22.85
CA TYR C 428 18.23 -41.51 23.84
C TYR C 428 16.97 -40.98 23.17
N SER C 429 15.92 -40.81 23.97
CA SER C 429 14.65 -40.32 23.47
C SER C 429 13.85 -39.73 24.61
N GLY C 430 12.84 -38.94 24.26
CA GLY C 430 11.95 -38.38 25.26
C GLY C 430 12.64 -37.32 26.10
N ASP C 431 12.18 -37.18 27.35
CA ASP C 431 12.74 -36.18 28.24
C ASP C 431 14.21 -36.43 28.56
N ASP C 432 14.65 -37.69 28.43
CA ASP C 432 16.07 -37.98 28.61
C ASP C 432 16.92 -37.28 27.55
N ALA C 433 16.43 -37.26 26.31
CA ALA C 433 17.14 -36.61 25.20
C ALA C 433 16.74 -35.15 25.06
N LYS C 434 16.85 -34.39 26.15
CA LYS C 434 16.47 -32.99 26.17
C LYS C 434 17.57 -32.06 26.61
N LYS C 435 18.49 -32.50 27.49
CA LYS C 435 19.54 -31.63 27.97
C LYS C 435 20.48 -31.21 26.85
N TYR C 436 20.77 -32.10 25.91
CA TYR C 436 21.59 -31.76 24.76
C TYR C 436 20.76 -30.87 23.84
N THR C 437 20.95 -29.56 23.99
CA THR C 437 20.17 -28.57 23.23
C THR C 437 20.70 -28.55 21.80
N CYS C 438 20.21 -29.48 21.00
CA CYS C 438 20.61 -29.60 19.60
C CYS C 438 19.52 -28.99 18.73
N THR C 439 19.78 -27.80 18.20
CA THR C 439 18.79 -27.11 17.38
C THR C 439 18.61 -27.80 16.04
N VAL C 440 19.71 -28.20 15.40
CA VAL C 440 19.65 -28.84 14.08
C VAL C 440 19.17 -30.27 14.22
N SER C 441 18.77 -30.88 13.11
CA SER C 441 18.31 -32.27 13.10
C SER C 441 18.40 -32.79 11.68
N THR C 442 18.56 -34.12 11.56
CA THR C 442 18.68 -34.74 10.25
C THR C 442 17.36 -34.76 9.48
N GLY C 443 16.22 -34.75 10.19
CA GLY C 443 14.92 -34.65 9.57
C GLY C 443 14.16 -35.95 9.48
N PHE C 444 14.85 -37.09 9.52
CA PHE C 444 14.22 -38.39 9.42
C PHE C 444 14.36 -39.14 10.73
N LYS C 445 13.34 -39.94 11.04
CA LYS C 445 13.29 -40.64 12.32
C LYS C 445 14.33 -41.76 12.36
N PHE C 446 14.55 -42.29 13.55
CA PHE C 446 15.52 -43.35 13.79
C PHE C 446 14.79 -44.67 13.94
N ASP C 447 15.19 -45.66 13.14
CA ASP C 447 14.58 -46.99 13.14
C ASP C 447 15.67 -47.99 13.53
N ASP C 448 15.66 -48.40 14.79
CA ASP C 448 16.70 -49.30 15.30
C ASP C 448 16.62 -50.68 14.68
N THR C 449 15.48 -51.06 14.12
CA THR C 449 15.35 -52.37 13.48
C THR C 449 16.21 -52.50 12.23
N LYS C 450 16.59 -51.38 11.61
CA LYS C 450 17.47 -51.40 10.44
C LYS C 450 18.90 -51.01 10.78
N PHE C 451 19.23 -50.83 12.07
CA PHE C 451 20.55 -50.43 12.50
C PHE C 451 21.42 -51.62 12.91
N VAL C 452 21.20 -52.78 12.30
CA VAL C 452 21.95 -53.97 12.64
C VAL C 452 23.02 -54.21 11.57
N GLU C 453 23.96 -55.12 11.87
CA GLU C 453 25.05 -55.39 10.96
C GLU C 453 24.70 -56.44 9.92
N ASP C 454 23.92 -57.45 10.29
CA ASP C 454 23.55 -58.51 9.36
C ASP C 454 22.34 -58.11 8.51
N SER C 455 22.58 -57.95 7.21
CA SER C 455 21.56 -57.56 6.25
C SER C 455 22.11 -57.65 4.84
N PRO C 456 21.30 -58.03 3.85
CA PRO C 456 21.79 -58.00 2.46
C PRO C 456 22.21 -56.60 2.02
N GLU C 457 21.52 -55.57 2.52
CA GLU C 457 21.91 -54.20 2.20
C GLU C 457 23.32 -53.91 2.71
N MET C 458 23.66 -54.41 3.90
CA MET C 458 25.01 -54.22 4.43
C MET C 458 26.04 -54.89 3.53
N GLU C 459 25.75 -56.10 3.05
CA GLU C 459 26.68 -56.79 2.17
C GLU C 459 26.87 -56.02 0.87
N GLU C 460 25.78 -55.53 0.27
CA GLU C 460 25.88 -54.77 -0.96
C GLU C 460 26.67 -53.48 -0.76
N LEU C 461 26.41 -52.78 0.35
CA LEU C 461 27.14 -51.55 0.64
C LEU C 461 28.62 -51.83 0.86
N MET C 462 28.94 -52.91 1.58
CA MET C 462 30.35 -53.26 1.79
C MET C 462 31.03 -53.58 0.47
N ASN C 463 30.34 -54.30 -0.41
CA ASN C 463 30.92 -54.59 -1.72
C ASN C 463 31.16 -53.31 -2.51
N ILE C 464 30.21 -52.37 -2.46
CA ILE C 464 30.36 -51.11 -3.19
C ILE C 464 31.56 -50.33 -2.65
N ILE C 465 31.67 -50.25 -1.32
CA ILE C 465 32.78 -49.51 -0.71
C ILE C 465 34.11 -50.15 -1.07
N ASN C 466 34.18 -51.48 -1.00
CA ASN C 466 35.42 -52.17 -1.34
C ASN C 466 35.76 -52.06 -2.82
N ASP C 467 34.77 -51.91 -3.68
CA ASP C 467 35.04 -51.70 -5.10
C ASP C 467 35.31 -50.25 -5.44
N ILE C 468 35.04 -49.32 -4.52
CA ILE C 468 35.40 -47.92 -4.74
C ILE C 468 36.80 -47.63 -4.22
N GLN C 469 37.10 -48.07 -3.01
CA GLN C 469 38.43 -47.90 -2.41
C GLN C 469 38.91 -49.26 -1.91
N PRO C 470 39.55 -50.04 -2.76
CA PRO C 470 39.96 -51.40 -2.36
C PRO C 470 40.95 -51.37 -1.21
N LEU C 471 40.82 -52.38 -0.34
CA LEU C 471 41.65 -52.49 0.86
C LEU C 471 42.90 -53.34 0.61
N THR C 472 43.64 -53.00 -0.44
CA THR C 472 44.89 -53.68 -0.73
C THR C 472 46.01 -53.04 0.09
N ASP C 473 47.23 -53.59 -0.02
CA ASP C 473 48.36 -53.06 0.72
C ASP C 473 48.85 -51.73 0.15
N GLU C 474 48.78 -51.54 -1.16
CA GLU C 474 49.19 -50.27 -1.75
C GLU C 474 48.24 -49.14 -1.36
N ASN C 475 46.98 -49.45 -1.08
CA ASN C 475 45.94 -48.47 -0.82
C ASN C 475 45.46 -48.54 0.61
N LYS C 476 46.38 -48.66 1.56
CA LYS C 476 46.02 -48.73 2.97
C LYS C 476 45.91 -47.35 3.60
N LYS C 477 46.93 -46.51 3.43
CA LYS C 477 46.89 -45.16 3.97
C LYS C 477 45.76 -44.35 3.35
N ASN C 478 45.57 -44.48 2.03
CA ASN C 478 44.48 -43.78 1.38
C ASN C 478 43.13 -44.24 1.90
N ARG C 479 42.97 -45.56 2.12
CA ARG C 479 41.71 -46.07 2.63
C ARG C 479 41.44 -45.57 4.04
N GLU C 480 42.45 -45.56 4.90
CA GLU C 480 42.23 -45.09 6.27
C GLU C 480 41.96 -43.58 6.31
N LEU C 481 42.62 -42.80 5.43
CA LEU C 481 42.32 -41.38 5.35
C LEU C 481 40.90 -41.15 4.85
N TYR C 482 40.46 -41.94 3.87
CA TYR C 482 39.09 -41.87 3.38
C TYR C 482 38.09 -42.15 4.50
N GLU C 483 38.33 -43.21 5.27
CA GLU C 483 37.45 -43.54 6.39
C GLU C 483 37.43 -42.42 7.42
N LYS C 484 38.61 -41.88 7.74
CA LYS C 484 38.68 -40.79 8.72
C LYS C 484 37.90 -39.58 8.25
N THR C 485 38.09 -39.18 6.99
CA THR C 485 37.40 -38.00 6.48
C THR C 485 35.90 -38.20 6.45
N LEU C 486 35.44 -39.38 6.03
CA LEU C 486 34.00 -39.62 5.98
C LEU C 486 33.40 -39.68 7.38
N SER C 487 34.10 -40.29 8.34
CA SER C 487 33.57 -40.37 9.69
C SER C 487 33.63 -39.03 10.40
N SER C 488 34.47 -38.11 9.93
CA SER C 488 34.55 -36.80 10.56
C SER C 488 33.29 -35.96 10.33
N CYS C 489 32.40 -36.39 9.44
CA CYS C 489 31.17 -35.65 9.13
C CYS C 489 30.09 -35.83 10.18
N LEU C 490 30.35 -36.52 11.29
CA LEU C 490 29.35 -36.69 12.34
C LEU C 490 29.57 -35.81 13.55
N CYS C 491 30.81 -35.39 13.81
CA CYS C 491 31.09 -34.62 15.02
C CYS C 491 30.65 -33.16 14.84
N GLY C 492 30.31 -32.51 15.95
CA GLY C 492 29.83 -31.15 15.91
C GLY C 492 30.79 -30.09 16.41
N ALA C 493 32.08 -30.24 16.07
CA ALA C 493 33.10 -29.26 16.43
C ALA C 493 33.88 -28.86 15.20
N THR C 494 34.62 -27.76 15.32
CA THR C 494 35.36 -27.20 14.20
C THR C 494 36.48 -28.12 13.76
N LYS C 495 36.67 -28.22 12.45
CA LYS C 495 37.78 -28.96 11.85
C LYS C 495 38.90 -28.00 11.46
N GLY C 496 39.99 -28.57 10.96
CA GLY C 496 41.13 -27.75 10.58
C GLY C 496 41.81 -28.18 9.29
N CYS C 497 41.07 -28.77 8.37
CA CYS C 497 41.67 -29.24 7.12
C CYS C 497 40.60 -29.32 6.04
N LEU C 498 40.97 -28.92 4.82
CA LEU C 498 40.13 -29.07 3.66
C LEU C 498 40.56 -30.31 2.88
N THR C 499 39.57 -31.11 2.47
CA THR C 499 39.84 -32.38 1.81
C THR C 499 39.42 -32.29 0.35
N PHE C 500 40.32 -32.69 -0.55
CA PHE C 500 40.05 -32.74 -1.97
C PHE C 500 39.86 -34.20 -2.38
N PHE C 501 38.72 -34.48 -3.02
CA PHE C 501 38.46 -35.83 -3.54
C PHE C 501 38.99 -35.91 -4.97
N PHE C 502 40.32 -35.97 -5.07
CA PHE C 502 40.97 -35.99 -6.37
C PHE C 502 40.77 -37.34 -7.05
N GLY C 503 40.59 -37.30 -8.36
CA GLY C 503 40.41 -38.53 -9.14
C GLY C 503 39.97 -38.27 -10.56
N GLU C 504 40.07 -39.28 -11.41
CA GLU C 504 39.69 -39.16 -12.81
C GLU C 504 38.18 -39.33 -12.93
N THR C 505 37.67 -39.30 -14.16
CA THR C 505 36.25 -39.41 -14.41
C THR C 505 35.75 -40.83 -14.20
N ALA C 506 34.47 -40.93 -13.82
CA ALA C 506 33.79 -42.21 -13.61
C ALA C 506 34.58 -43.11 -12.66
N THR C 507 34.70 -42.63 -11.43
CA THR C 507 35.54 -43.31 -10.43
C THR C 507 34.83 -43.60 -9.11
N GLY C 508 33.85 -42.82 -8.70
CA GLY C 508 33.17 -43.11 -7.45
C GLY C 508 33.09 -41.94 -6.49
N LYS C 509 33.27 -40.72 -6.99
CA LYS C 509 33.23 -39.54 -6.12
C LYS C 509 31.78 -39.12 -5.85
N SER C 510 31.00 -38.89 -6.91
CA SER C 510 29.62 -38.48 -6.73
C SER C 510 28.80 -39.56 -6.03
N THR C 511 29.12 -40.83 -6.26
CA THR C 511 28.43 -41.90 -5.54
C THR C 511 28.69 -41.80 -4.04
N THR C 512 29.93 -41.52 -3.65
CA THR C 512 30.23 -41.32 -2.23
C THR C 512 29.50 -40.11 -1.68
N LYS C 513 29.45 -39.03 -2.46
CA LYS C 513 28.73 -37.83 -2.02
C LYS C 513 27.26 -38.14 -1.77
N ARG C 514 26.62 -38.86 -2.70
CA ARG C 514 25.21 -39.18 -2.55
C ARG C 514 24.98 -40.16 -1.41
N LEU C 515 25.89 -41.10 -1.20
CA LEU C 515 25.77 -41.99 -0.04
C LEU C 515 25.84 -41.20 1.26
N LEU C 516 26.77 -40.25 1.36
CA LEU C 516 26.86 -39.43 2.55
C LEU C 516 25.61 -38.58 2.74
N LYS C 517 25.07 -38.03 1.64
CA LYS C 517 23.86 -37.24 1.72
C LYS C 517 22.69 -38.07 2.23
N SER C 518 22.55 -39.29 1.73
CA SER C 518 21.51 -40.18 2.24
C SER C 518 21.76 -40.56 3.69
N ALA C 519 23.02 -40.63 4.10
CA ALA C 519 23.35 -41.02 5.46
C ALA C 519 22.98 -39.94 6.46
N ILE C 520 23.58 -38.76 6.34
CA ILE C 520 23.39 -37.70 7.34
C ILE C 520 22.18 -36.84 7.05
N GLY C 521 21.47 -37.07 5.96
CA GLY C 521 20.23 -36.38 5.69
C GLY C 521 20.35 -34.88 5.45
N ASP C 522 19.76 -34.08 6.33
CA ASP C 522 19.66 -32.64 6.15
C ASP C 522 20.91 -31.88 6.61
N LEU C 523 21.81 -32.52 7.34
CA LEU C 523 23.05 -31.86 7.75
C LEU C 523 24.09 -31.96 6.65
N PHE C 524 23.72 -31.61 5.43
CA PHE C 524 24.60 -31.74 4.28
C PHE C 524 24.13 -30.76 3.21
N VAL C 525 24.89 -29.69 3.00
CA VAL C 525 24.54 -28.68 2.02
C VAL C 525 25.57 -28.70 0.90
N GLU C 526 25.22 -28.04 -0.20
CA GLU C 526 26.08 -27.99 -1.38
C GLU C 526 26.12 -26.55 -1.87
N THR C 527 27.28 -25.91 -1.78
CA THR C 527 27.47 -24.54 -2.20
C THR C 527 28.28 -24.51 -3.50
N GLY C 528 28.30 -23.33 -4.12
CA GLY C 528 29.06 -23.15 -5.34
C GLY C 528 30.53 -22.92 -5.09
N GLN C 529 31.28 -22.79 -6.19
CA GLN C 529 32.72 -22.57 -6.11
C GLN C 529 33.07 -21.12 -5.80
N THR C 530 32.08 -20.23 -5.68
CA THR C 530 32.37 -18.83 -5.39
C THR C 530 32.91 -18.62 -3.99
N ILE C 531 32.83 -19.62 -3.11
CA ILE C 531 33.32 -19.50 -1.74
C ILE C 531 34.83 -19.74 -1.73
N LEU C 532 35.39 -20.07 -2.87
CA LEU C 532 36.81 -20.35 -3.00
C LEU C 532 37.58 -19.28 -3.75
N THR C 533 37.07 -18.80 -4.87
CA THR C 533 37.77 -17.86 -5.74
C THR C 533 37.05 -16.53 -5.82
N ASP C 534 36.52 -16.05 -4.70
CA ASP C 534 35.83 -14.77 -4.69
C ASP C 534 35.81 -14.24 -3.25
N VAL C 535 35.65 -12.92 -3.14
CA VAL C 535 35.57 -12.29 -1.83
C VAL C 535 34.22 -12.57 -1.20
N LEU C 536 34.23 -13.00 0.06
CA LEU C 536 33.02 -13.40 0.77
C LEU C 536 32.61 -12.39 1.83
N ASP C 537 33.07 -11.15 1.74
CA ASP C 537 32.75 -10.13 2.73
C ASP C 537 31.75 -9.10 2.23
N LYS C 538 32.04 -8.42 1.12
CA LYS C 538 31.20 -7.34 0.65
C LYS C 538 29.87 -7.87 0.14
N GLY C 539 28.78 -7.18 0.49
CA GLY C 539 27.47 -7.53 0.02
C GLY C 539 26.95 -8.81 0.63
N PRO C 540 25.74 -9.22 0.25
CA PRO C 540 25.20 -10.48 0.74
C PRO C 540 25.94 -11.67 0.14
N ASN C 541 25.89 -12.78 0.86
CA ASN C 541 26.50 -14.01 0.38
C ASN C 541 25.84 -15.21 1.06
N PRO C 542 24.65 -15.59 0.63
CA PRO C 542 23.97 -16.73 1.27
C PRO C 542 24.72 -18.04 1.15
N PHE C 543 25.61 -18.17 0.17
CA PHE C 543 26.41 -19.39 0.05
C PHE C 543 27.31 -19.61 1.27
N ILE C 544 27.56 -18.56 2.05
CA ILE C 544 28.33 -18.67 3.28
C ILE C 544 27.36 -18.69 4.46
N ALA C 545 26.25 -17.98 4.32
CA ALA C 545 25.27 -17.89 5.39
C ALA C 545 24.52 -19.19 5.61
N ASN C 546 24.54 -20.10 4.63
CA ASN C 546 23.87 -21.39 4.78
C ASN C 546 24.78 -22.45 5.40
N MET C 547 26.00 -22.08 5.76
CA MET C 547 26.94 -22.99 6.41
C MET C 547 26.75 -23.04 7.92
N HIS C 548 25.86 -22.21 8.46
CA HIS C 548 25.62 -22.13 9.89
C HIS C 548 25.21 -23.49 10.44
N LEU C 549 26.04 -24.05 11.31
CA LEU C 549 25.77 -25.30 12.04
C LEU C 549 25.60 -26.50 11.11
N LYS C 550 26.17 -26.46 9.91
CA LYS C 550 26.14 -27.62 9.02
C LYS C 550 27.36 -28.50 9.28
N ARG C 551 27.13 -29.81 9.33
CA ARG C 551 28.18 -30.75 9.66
C ARG C 551 28.96 -31.23 8.44
N SER C 552 28.52 -30.88 7.23
CA SER C 552 29.25 -31.26 6.02
C SER C 552 28.92 -30.26 4.91
N VAL C 553 29.95 -29.91 4.15
CA VAL C 553 29.79 -28.97 3.03
C VAL C 553 30.56 -29.49 1.83
N PHE C 554 29.90 -29.56 0.68
CA PHE C 554 30.53 -29.99 -0.55
C PHE C 554 30.63 -28.82 -1.54
N CYS C 555 31.81 -28.68 -2.13
CA CYS C 555 32.07 -27.68 -3.18
C CYS C 555 32.46 -28.48 -4.42
N SER C 556 31.45 -28.89 -5.19
CA SER C 556 31.63 -29.90 -6.22
C SER C 556 32.08 -29.26 -7.53
N GLU C 557 32.70 -30.06 -8.38
CA GLU C 557 32.93 -29.76 -9.78
C GLU C 557 33.77 -28.50 -9.96
N LEU C 558 35.03 -28.60 -9.51
CA LEU C 558 36.00 -27.53 -9.71
C LEU C 558 36.44 -27.50 -11.18
N PRO C 559 36.56 -26.31 -11.77
CA PRO C 559 37.00 -26.21 -13.17
C PRO C 559 38.51 -26.23 -13.29
N ASP C 560 38.97 -26.41 -14.52
CA ASP C 560 40.40 -26.41 -14.82
C ASP C 560 40.94 -24.99 -14.77
N PHE C 561 42.22 -24.88 -14.41
CA PHE C 561 42.89 -23.59 -14.31
C PHE C 561 44.02 -23.43 -15.32
N ALA C 562 44.20 -24.39 -16.23
CA ALA C 562 45.25 -24.29 -17.24
C ALA C 562 44.89 -23.34 -18.38
N CYS C 563 43.65 -22.88 -18.45
CA CYS C 563 43.22 -21.99 -19.51
C CYS C 563 43.44 -20.54 -19.09
N SER C 564 42.93 -19.61 -19.90
CA SER C 564 43.07 -18.19 -19.62
C SER C 564 41.82 -17.64 -18.92
N GLY C 565 42.03 -16.67 -18.05
CA GLY C 565 40.94 -16.08 -17.31
C GLY C 565 40.46 -16.94 -16.16
N SER C 566 41.19 -18.01 -15.89
CA SER C 566 40.83 -18.93 -14.81
C SER C 566 41.31 -18.35 -13.48
N LYS C 567 40.36 -18.02 -12.61
CA LYS C 567 40.70 -17.45 -11.31
C LYS C 567 41.27 -18.53 -10.41
N LYS C 568 42.42 -18.24 -9.80
CA LYS C 568 43.06 -19.18 -8.89
C LYS C 568 42.32 -19.24 -7.57
N ILE C 569 42.63 -20.25 -6.78
CA ILE C 569 42.03 -20.43 -5.46
C ILE C 569 42.72 -19.48 -4.49
N ARG C 570 41.95 -18.57 -3.91
CA ARG C 570 42.50 -17.58 -2.99
C ARG C 570 42.78 -18.24 -1.65
N SER C 571 44.05 -18.19 -1.22
CA SER C 571 44.43 -18.81 0.05
C SER C 571 43.76 -18.14 1.24
N ASP C 572 43.33 -16.89 1.09
CA ASP C 572 42.64 -16.20 2.18
C ASP C 572 41.33 -16.89 2.51
N ASN C 573 40.58 -17.32 1.49
CA ASN C 573 39.34 -18.04 1.75
C ASN C 573 39.59 -19.36 2.45
N ILE C 574 40.64 -20.08 2.04
CA ILE C 574 40.99 -21.34 2.70
C ILE C 574 41.36 -21.09 4.16
N LYS C 575 42.12 -20.03 4.43
CA LYS C 575 42.46 -19.70 5.80
C LYS C 575 41.22 -19.36 6.62
N LYS C 576 40.28 -18.61 6.04
CA LYS C 576 39.08 -18.22 6.74
C LYS C 576 38.15 -19.40 7.02
N LEU C 577 38.07 -20.35 6.11
CA LEU C 577 37.13 -21.46 6.22
C LEU C 577 37.53 -22.48 7.28
N THR C 578 38.60 -22.24 8.04
CA THR C 578 39.04 -23.17 9.09
C THR C 578 39.07 -22.50 10.46
N GLU C 579 38.13 -21.59 10.71
CA GLU C 579 38.02 -20.92 11.99
C GLU C 579 36.63 -21.13 12.58
N PRO C 580 36.49 -21.04 13.92
CA PRO C 580 35.19 -21.27 14.54
C PRO C 580 34.11 -20.27 14.13
N CYS C 581 34.47 -19.12 13.58
CA CYS C 581 33.50 -18.16 13.13
C CYS C 581 33.85 -17.73 11.71
N VAL C 582 32.88 -17.80 10.81
CA VAL C 582 33.04 -17.36 9.42
C VAL C 582 32.16 -16.14 9.21
N ILE C 583 32.76 -15.06 8.72
CA ILE C 583 32.08 -13.78 8.58
C ILE C 583 31.36 -13.76 7.24
N GLY C 584 30.05 -13.51 7.29
CA GLY C 584 29.22 -13.45 6.10
C GLY C 584 27.76 -13.31 6.48
N ARG C 585 27.00 -12.55 5.70
CA ARG C 585 25.62 -12.33 6.07
C ARG C 585 24.69 -12.70 4.93
N PRO C 586 23.48 -13.16 5.24
CA PRO C 586 22.47 -13.42 4.20
C PRO C 586 21.77 -12.12 3.81
N CYS C 587 20.80 -12.24 2.92
CA CYS C 587 20.03 -11.10 2.48
C CYS C 587 19.05 -10.66 3.56
N PHE C 588 18.85 -9.35 3.66
CA PHE C 588 17.85 -8.73 4.53
C PHE C 588 18.12 -8.95 6.02
N SER C 589 19.38 -9.16 6.41
CA SER C 589 19.69 -9.43 7.82
C SER C 589 20.94 -8.67 8.22
N ASN C 590 21.16 -8.59 9.53
CA ASN C 590 22.32 -7.90 10.10
C ASN C 590 23.32 -8.84 10.76
N LYS C 591 22.91 -10.04 11.14
CA LYS C 591 23.83 -10.97 11.80
C LYS C 591 24.92 -11.40 10.82
N ILE C 592 26.17 -11.18 11.22
CA ILE C 592 27.31 -11.39 10.34
C ILE C 592 28.20 -12.55 10.75
N ASN C 593 27.99 -13.13 11.93
CA ASN C 593 28.81 -14.23 12.40
C ASN C 593 28.08 -15.56 12.19
N ASN C 594 28.82 -16.55 11.70
CA ASN C 594 28.25 -17.87 11.42
C ASN C 594 29.17 -18.92 12.01
N ARG C 595 28.62 -19.78 12.86
CA ARG C 595 29.40 -20.85 13.46
C ARG C 595 29.78 -21.89 12.41
N ASN C 596 31.01 -22.36 12.47
CA ASN C 596 31.58 -23.26 11.46
C ASN C 596 31.76 -24.64 12.07
N HIS C 597 30.93 -25.59 11.63
CA HIS C 597 31.04 -26.99 12.05
C HIS C 597 31.24 -27.92 10.86
N ALA C 598 31.61 -27.39 9.69
CA ALA C 598 31.55 -28.14 8.45
C ALA C 598 32.86 -28.86 8.16
N THR C 599 32.73 -30.08 7.62
CA THR C 599 33.86 -30.83 7.08
C THR C 599 33.90 -30.56 5.58
N ILE C 600 34.62 -29.51 5.20
CA ILE C 600 34.61 -29.07 3.81
C ILE C 600 35.32 -30.10 2.94
N ILE C 601 34.59 -30.65 1.97
CA ILE C 601 35.12 -31.61 1.02
C ILE C 601 34.87 -31.08 -0.39
N ILE C 602 35.89 -31.11 -1.22
CA ILE C 602 35.83 -30.55 -2.56
C ILE C 602 35.96 -31.69 -3.55
N ASP C 603 34.96 -31.85 -4.42
CA ASP C 603 34.98 -32.86 -5.46
C ASP C 603 35.60 -32.25 -6.71
N THR C 604 36.85 -32.59 -6.97
CA THR C 604 37.61 -32.00 -8.08
C THR C 604 37.97 -33.08 -9.10
N ASN C 605 38.41 -32.63 -10.26
CA ASN C 605 38.91 -33.52 -11.31
C ASN C 605 40.36 -33.25 -11.70
N TYR C 606 40.86 -32.03 -11.58
CA TYR C 606 42.26 -31.71 -11.77
C TYR C 606 42.84 -31.22 -10.45
N LYS C 607 44.16 -31.39 -10.31
CA LYS C 607 44.82 -30.99 -9.08
C LYS C 607 44.82 -29.46 -8.96
N PRO C 608 44.42 -28.92 -7.82
CA PRO C 608 44.24 -27.46 -7.72
C PRO C 608 45.56 -26.72 -7.72
N VAL C 609 45.48 -25.45 -8.09
CA VAL C 609 46.63 -24.53 -8.08
C VAL C 609 46.20 -23.23 -7.43
N PHE C 610 47.01 -22.73 -6.52
CA PHE C 610 46.71 -21.52 -5.76
C PHE C 610 47.57 -20.35 -6.23
N ASP C 611 47.18 -19.16 -5.80
CA ASP C 611 47.95 -17.97 -6.14
C ASP C 611 49.32 -17.96 -5.47
N ARG C 612 49.39 -18.40 -4.21
CA ARG C 612 50.65 -18.49 -3.49
C ARG C 612 50.68 -19.76 -2.66
N ILE C 613 51.89 -20.23 -2.34
CA ILE C 613 52.11 -21.41 -1.53
C ILE C 613 53.01 -21.04 -0.36
N ASP C 614 52.57 -21.38 0.85
CA ASP C 614 53.34 -21.06 2.05
C ASP C 614 53.00 -22.09 3.13
N ASN C 615 53.71 -22.00 4.25
CA ASN C 615 53.54 -22.98 5.31
C ASN C 615 52.14 -22.95 5.89
N ALA C 616 51.54 -21.75 5.99
CA ALA C 616 50.19 -21.62 6.52
C ALA C 616 49.16 -22.35 5.65
N LEU C 617 49.45 -22.57 4.37
CA LEU C 617 48.61 -23.36 3.49
C LEU C 617 49.03 -24.81 3.43
N MET C 618 50.27 -25.12 3.84
CA MET C 618 50.76 -26.48 3.85
C MET C 618 50.04 -27.38 4.85
N ARG C 619 49.56 -26.82 5.95
CA ARG C 619 49.03 -27.59 7.06
C ARG C 619 47.50 -27.54 7.14
N ARG C 620 46.84 -27.21 6.04
CA ARG C 620 45.38 -27.11 6.06
C ARG C 620 44.76 -27.79 4.83
N ILE C 621 45.47 -28.76 4.24
CA ILE C 621 45.00 -29.38 3.01
C ILE C 621 45.34 -30.86 3.04
N ALA C 622 44.36 -31.70 2.75
CA ALA C 622 44.54 -33.14 2.61
C ALA C 622 43.88 -33.60 1.32
N VAL C 623 44.46 -34.62 0.70
CA VAL C 623 43.99 -35.12 -0.59
C VAL C 623 43.92 -36.64 -0.55
N VAL C 624 42.78 -37.18 -0.96
CA VAL C 624 42.63 -38.62 -1.15
C VAL C 624 42.48 -38.88 -2.65
N ARG C 625 42.79 -40.11 -3.04
CA ARG C 625 42.83 -40.50 -4.45
C ARG C 625 41.83 -41.60 -4.73
N PHE C 626 41.13 -41.48 -5.87
CA PHE C 626 40.21 -42.50 -6.35
C PHE C 626 40.78 -43.04 -7.66
N ARG C 627 41.07 -44.34 -7.69
CA ARG C 627 41.76 -44.95 -8.83
C ARG C 627 41.08 -46.25 -9.24
N THR C 628 39.76 -46.24 -9.36
CA THR C 628 39.01 -47.42 -9.80
C THR C 628 37.94 -46.97 -10.79
N HIS C 629 38.14 -47.28 -12.06
CA HIS C 629 37.25 -46.81 -13.12
C HIS C 629 36.11 -47.80 -13.34
N PHE C 630 34.90 -47.26 -13.50
CA PHE C 630 33.73 -48.06 -13.83
C PHE C 630 33.35 -47.80 -15.28
N SER C 631 33.17 -48.86 -16.06
CA SER C 631 32.86 -48.72 -17.47
C SER C 631 31.93 -49.84 -17.91
N GLN C 632 31.21 -49.57 -18.98
CA GLN C 632 30.36 -50.51 -19.70
C GLN C 632 31.20 -51.34 -20.66
N PRO C 633 30.73 -52.52 -21.06
CA PRO C 633 31.55 -53.40 -21.92
C PRO C 633 31.91 -52.82 -23.27
N SER C 634 31.43 -51.60 -23.57
CA SER C 634 31.75 -50.96 -24.84
C SER C 634 33.22 -50.57 -24.91
N GLY C 635 33.67 -49.73 -23.99
CA GLY C 635 35.04 -49.26 -24.00
C GLY C 635 35.91 -49.89 -22.92
N ARG C 636 35.76 -51.20 -22.71
CA ARG C 636 36.49 -51.87 -21.64
C ARG C 636 37.99 -51.84 -21.90
N GLU C 637 38.42 -52.26 -23.09
CA GLU C 637 39.85 -52.30 -23.38
C GLU C 637 40.42 -50.90 -23.56
N ALA C 638 39.59 -49.93 -23.97
CA ALA C 638 40.07 -48.56 -24.07
C ALA C 638 40.43 -47.99 -22.71
N ALA C 639 39.71 -48.39 -21.67
CA ALA C 639 40.00 -47.94 -20.31
C ALA C 639 41.07 -48.80 -19.64
N GLU C 640 41.15 -50.08 -19.99
CA GLU C 640 42.15 -50.95 -19.39
C GLU C 640 43.56 -50.57 -19.80
N ASN C 641 43.72 -49.84 -20.91
CA ASN C 641 45.03 -49.41 -21.39
C ASN C 641 45.37 -47.99 -20.95
N ASN C 642 44.88 -47.56 -19.79
CA ASN C 642 45.12 -46.22 -19.28
C ASN C 642 45.93 -46.29 -17.98
N ASP C 643 46.69 -45.22 -17.74
CA ASP C 643 47.50 -45.11 -16.54
C ASP C 643 46.75 -44.51 -15.35
N ALA C 644 45.69 -43.75 -15.61
CA ALA C 644 44.96 -43.07 -14.53
C ALA C 644 44.16 -44.04 -13.66
N TYR C 645 44.04 -45.31 -14.04
CA TYR C 645 43.24 -46.26 -13.30
C TYR C 645 44.10 -47.43 -12.84
N ASP C 646 43.71 -48.03 -11.71
CA ASP C 646 44.39 -49.19 -11.18
C ASP C 646 43.49 -50.43 -11.14
N LYS C 647 42.20 -50.28 -11.41
CA LYS C 647 41.27 -51.41 -11.37
C LYS C 647 39.99 -51.05 -12.11
N VAL C 648 39.58 -51.89 -13.06
CA VAL C 648 38.43 -51.62 -13.92
C VAL C 648 37.33 -52.61 -13.59
N LYS C 649 36.11 -52.10 -13.37
CA LYS C 649 34.96 -52.95 -13.08
C LYS C 649 33.81 -52.65 -14.02
N LEU C 650 32.64 -53.21 -13.75
CA LEU C 650 31.49 -53.08 -14.62
C LEU C 650 30.51 -52.05 -14.07
N LEU C 651 30.04 -51.16 -14.94
CA LEU C 651 29.06 -50.16 -14.54
C LEU C 651 27.73 -50.81 -14.18
N ASP C 652 27.09 -50.29 -13.14
CA ASP C 652 25.77 -50.76 -12.70
C ASP C 652 24.77 -49.62 -12.85
N GLU C 653 23.64 -49.92 -13.48
CA GLU C 653 22.66 -48.88 -13.79
C GLU C 653 21.76 -48.58 -12.59
N GLY C 654 21.18 -49.61 -11.98
CA GLY C 654 20.21 -49.42 -10.92
C GLY C 654 20.79 -48.98 -9.60
N LEU C 655 22.12 -48.86 -9.51
CA LEU C 655 22.75 -48.46 -8.26
C LEU C 655 22.29 -47.07 -7.84
N ASP C 656 22.37 -46.10 -8.75
CA ASP C 656 21.88 -44.76 -8.44
C ASP C 656 20.37 -44.76 -8.20
N GLY C 657 19.63 -45.55 -8.96
CA GLY C 657 18.20 -45.64 -8.81
C GLY C 657 17.78 -46.05 -7.41
N LYS C 658 18.47 -47.05 -6.84
CA LYS C 658 18.15 -47.47 -5.49
C LYS C 658 18.93 -46.72 -4.42
N ILE C 659 19.90 -45.89 -4.80
CA ILE C 659 20.52 -44.98 -3.83
C ILE C 659 19.61 -43.78 -3.57
N GLN C 660 19.03 -43.22 -4.64
CA GLN C 660 18.05 -42.15 -4.47
C GLN C 660 16.82 -42.57 -3.69
N ASN C 661 16.55 -43.87 -3.56
CA ASN C 661 15.44 -44.36 -2.77
C ASN C 661 15.81 -44.57 -1.31
N ASN C 662 17.04 -44.21 -0.93
CA ASN C 662 17.51 -44.32 0.46
C ASN C 662 17.45 -45.76 0.95
N ARG C 663 18.11 -46.65 0.21
CA ARG C 663 18.15 -48.06 0.58
C ARG C 663 19.36 -48.40 1.45
N TYR C 664 20.49 -47.75 1.20
CA TYR C 664 21.72 -47.97 1.96
C TYR C 664 21.94 -46.87 2.99
N ARG C 665 20.87 -46.34 3.58
CA ARG C 665 20.99 -45.20 4.49
C ARG C 665 21.47 -45.65 5.87
N PHE C 666 20.68 -46.49 6.54
CA PHE C 666 20.99 -46.86 7.91
C PHE C 666 22.24 -47.73 8.00
N ALA C 667 22.48 -48.57 6.99
CA ALA C 667 23.71 -49.37 6.99
C ALA C 667 24.93 -48.47 6.93
N PHE C 668 24.91 -47.46 6.07
CA PHE C 668 26.02 -46.53 6.00
C PHE C 668 26.13 -45.69 7.27
N LEU C 669 25.01 -45.38 7.90
CA LEU C 669 25.06 -44.68 9.19
C LEU C 669 25.75 -45.53 10.24
N TYR C 670 25.42 -46.83 10.28
CA TYR C 670 26.08 -47.74 11.21
C TYR C 670 27.58 -47.83 10.93
N LEU C 671 27.94 -47.92 9.66
CA LEU C 671 29.35 -47.97 9.29
C LEU C 671 30.07 -46.69 9.72
N LEU C 672 29.44 -45.54 9.51
CA LEU C 672 30.04 -44.28 9.91
C LEU C 672 30.22 -44.19 11.42
N VAL C 673 29.22 -44.65 12.18
CA VAL C 673 29.35 -44.65 13.64
C VAL C 673 30.49 -45.56 14.07
N LYS C 674 30.60 -46.74 13.46
CA LYS C 674 31.70 -47.65 13.80
C LYS C 674 33.05 -47.01 13.49
N TRP C 675 33.18 -46.36 12.33
CA TRP C 675 34.43 -45.71 11.98
C TRP C 675 34.76 -44.59 12.96
N TYR C 676 33.76 -43.78 13.32
CA TYR C 676 34.01 -42.67 14.24
C TYR C 676 34.45 -43.17 15.60
N LYS C 677 33.81 -44.23 16.09
CA LYS C 677 34.22 -44.83 17.35
C LYS C 677 35.60 -45.45 17.27
N LYS C 678 35.99 -45.98 16.10
CA LYS C 678 37.32 -46.56 15.96
C LYS C 678 38.41 -45.49 15.91
N TYR C 679 38.12 -44.35 15.30
CA TYR C 679 39.16 -43.35 15.02
C TYR C 679 39.21 -42.22 16.04
N HIS C 680 38.11 -41.49 16.21
CA HIS C 680 38.13 -40.23 16.93
C HIS C 680 37.59 -40.32 18.35
N ILE C 681 37.46 -41.52 18.91
CA ILE C 681 36.82 -41.66 20.22
C ILE C 681 37.63 -41.02 21.35
N PRO C 682 38.99 -41.08 21.38
CA PRO C 682 39.69 -40.36 22.46
C PRO C 682 39.58 -38.85 22.27
N ILE C 683 39.91 -38.40 21.06
CA ILE C 683 39.81 -37.00 20.66
C ILE C 683 39.77 -36.97 19.14
N MET C 684 39.26 -35.87 18.59
CA MET C 684 39.11 -35.70 17.15
C MET C 684 40.12 -34.69 16.64
N LYS C 685 40.81 -35.04 15.55
CA LYS C 685 41.68 -34.10 14.87
C LYS C 685 41.97 -34.64 13.48
N LEU C 686 42.26 -33.72 12.57
CA LEU C 686 42.61 -34.05 11.20
C LEU C 686 44.02 -33.56 10.90
N TYR C 687 44.78 -34.39 10.18
CA TYR C 687 46.18 -34.09 9.92
C TYR C 687 46.41 -33.91 8.43
N PRO C 688 47.13 -32.86 8.02
CA PRO C 688 47.31 -32.59 6.60
C PRO C 688 48.27 -33.56 5.94
N THR C 689 48.13 -33.69 4.62
CA THR C 689 49.01 -34.50 3.79
C THR C 689 49.53 -33.62 2.65
N PRO C 690 50.47 -32.72 2.95
CA PRO C 690 50.94 -31.79 1.92
C PRO C 690 51.87 -32.42 0.88
N GLU C 691 52.28 -33.67 1.06
CA GLU C 691 53.23 -34.31 0.16
C GLU C 691 52.58 -34.89 -1.09
N GLU C 692 51.37 -34.45 -1.43
CA GLU C 692 50.68 -34.96 -2.61
C GLU C 692 50.67 -33.98 -3.78
N ILE C 693 50.83 -32.68 -3.51
CA ILE C 693 50.75 -31.66 -4.55
C ILE C 693 52.15 -31.38 -5.09
N PRO C 694 52.37 -31.47 -6.40
CA PRO C 694 53.69 -31.09 -6.94
C PRO C 694 54.06 -29.65 -6.64
N ASP C 695 53.09 -28.75 -6.63
CA ASP C 695 53.35 -27.36 -6.22
C ASP C 695 53.83 -27.32 -4.77
N PHE C 696 53.19 -28.10 -3.91
CA PHE C 696 53.66 -28.24 -2.53
C PHE C 696 54.94 -29.05 -2.45
N ALA C 697 55.18 -29.95 -3.42
CA ALA C 697 56.40 -30.73 -3.40
C ALA C 697 57.62 -29.90 -3.76
N PHE C 698 57.44 -28.86 -4.58
CA PHE C 698 58.57 -28.01 -4.95
C PHE C 698 59.09 -27.22 -3.75
N TYR C 699 58.22 -26.87 -2.81
CA TYR C 699 58.61 -26.01 -1.71
C TYR C 699 59.28 -26.79 -0.59
N LEU C 700 59.38 -28.12 -0.76
CA LEU C 700 60.11 -28.95 0.22
C LEU C 700 61.17 -29.76 -0.53
N LYS C 701 61.17 -29.66 -1.86
CA LYS C 701 62.17 -30.36 -2.71
C LYS C 701 63.58 -30.00 -2.23
N GLY D 323 -15.96 -29.57 22.93
CA GLY D 323 -15.75 -28.16 23.23
C GLY D 323 -16.18 -27.24 22.11
N ASN D 324 -15.20 -26.57 21.50
CA ASN D 324 -15.49 -25.67 20.41
C ASN D 324 -15.94 -26.44 19.18
N LYS D 325 -16.89 -25.87 18.45
CA LYS D 325 -17.39 -26.50 17.23
C LYS D 325 -16.43 -26.33 16.06
N LEU D 326 -15.79 -25.18 15.94
CA LEU D 326 -14.85 -24.96 14.83
C LEU D 326 -13.61 -25.82 14.97
N PHE D 327 -13.20 -26.14 16.20
CA PHE D 327 -12.07 -27.04 16.39
C PHE D 327 -12.38 -28.43 15.82
N ASN D 328 -13.63 -28.89 15.98
CA ASN D 328 -14.02 -30.15 15.37
C ASN D 328 -13.97 -30.06 13.85
N ILE D 329 -14.34 -28.90 13.30
CA ILE D 329 -14.21 -28.70 11.85
C ILE D 329 -12.77 -28.83 11.42
N ALA D 330 -11.85 -28.19 12.16
CA ALA D 330 -10.44 -28.28 11.82
C ALA D 330 -9.93 -29.71 11.92
N GLN D 331 -10.36 -30.44 12.95
CA GLN D 331 -9.95 -31.83 13.10
C GLN D 331 -10.46 -32.68 11.95
N ARG D 332 -11.70 -32.45 11.51
CA ARG D 332 -12.24 -33.21 10.40
C ARG D 332 -11.53 -32.89 9.09
N ILE D 333 -11.19 -31.61 8.87
CA ILE D 333 -10.45 -31.24 7.67
C ILE D 333 -9.05 -31.85 7.70
N LEU D 334 -8.44 -31.94 8.88
CA LEU D 334 -7.12 -32.56 8.98
C LEU D 334 -7.18 -34.06 8.81
N ASP D 335 -8.31 -34.69 9.19
CA ASP D 335 -8.40 -36.16 9.13
C ASP D 335 -8.40 -36.66 7.70
N THR D 336 -9.04 -35.93 6.78
CA THR D 336 -9.11 -36.39 5.39
C THR D 336 -7.79 -36.25 4.66
N ASN D 337 -6.78 -35.61 5.27
CA ASN D 337 -5.42 -35.58 4.75
C ASN D 337 -5.35 -34.82 3.42
N SER D 338 -5.90 -33.59 3.42
CA SER D 338 -5.87 -32.74 2.24
C SER D 338 -4.86 -31.60 2.34
N VAL D 339 -4.29 -31.36 3.52
CA VAL D 339 -3.33 -30.27 3.71
C VAL D 339 -2.00 -30.89 4.14
N LEU D 340 -0.92 -30.43 3.53
CA LEU D 340 0.41 -30.91 3.86
C LEU D 340 1.36 -29.73 4.00
N LEU D 341 2.39 -29.92 4.82
CA LEU D 341 3.46 -28.94 5.01
C LEU D 341 4.70 -29.43 4.27
N THR D 342 5.16 -28.63 3.31
CA THR D 342 6.26 -29.04 2.46
C THR D 342 7.60 -28.69 3.12
N GLU D 343 8.70 -29.07 2.47
CA GLU D 343 10.03 -28.79 3.00
C GLU D 343 10.35 -27.31 2.94
N ARG D 344 10.00 -26.64 1.83
CA ARG D 344 10.29 -25.23 1.67
C ARG D 344 9.47 -24.34 2.60
N GLY D 345 8.46 -24.89 3.27
CA GLY D 345 7.62 -24.13 4.17
C GLY D 345 6.26 -23.77 3.63
N ASP D 346 5.91 -24.19 2.42
CA ASP D 346 4.61 -23.90 1.84
C ASP D 346 3.58 -24.89 2.34
N HIS D 347 2.31 -24.49 2.24
CA HIS D 347 1.18 -25.33 2.62
C HIS D 347 0.41 -25.68 1.35
N ILE D 348 0.62 -26.90 0.85
CA ILE D 348 -0.05 -27.35 -0.36
C ILE D 348 -1.44 -27.85 0.00
N VAL D 349 -2.42 -27.56 -0.86
CA VAL D 349 -3.79 -28.00 -0.64
C VAL D 349 -4.19 -28.95 -1.76
N TRP D 350 -5.38 -29.54 -1.66
CA TRP D 350 -5.84 -30.53 -2.64
C TRP D 350 -7.26 -30.12 -3.07
N ILE D 351 -7.34 -29.44 -4.21
CA ILE D 351 -8.62 -28.95 -4.75
C ILE D 351 -8.65 -29.21 -6.25
N ASN D 352 -9.82 -29.60 -6.74
CA ASN D 352 -10.03 -29.90 -8.16
C ASN D 352 -9.07 -30.97 -8.66
N ASN D 353 -8.84 -31.99 -7.82
CA ASN D 353 -8.04 -33.15 -8.18
C ASN D 353 -6.63 -32.75 -8.63
N SER D 354 -6.03 -31.78 -7.94
CA SER D 354 -4.68 -31.34 -8.26
C SER D 354 -4.08 -30.57 -7.09
N TRP D 355 -2.87 -30.90 -6.69
CA TRP D 355 -2.20 -30.20 -5.60
C TRP D 355 -1.81 -28.80 -6.06
N LYS D 356 -2.18 -27.80 -5.26
CA LYS D 356 -1.87 -26.41 -5.56
C LYS D 356 -1.27 -25.73 -4.35
N PHE D 357 -0.48 -24.68 -4.61
CA PHE D 357 0.21 -23.98 -3.54
C PHE D 357 0.45 -22.54 -3.98
N ASN D 358 0.69 -21.68 -3.00
CA ASN D 358 1.03 -20.28 -3.23
C ASN D 358 1.70 -19.73 -1.98
N SER D 359 2.52 -18.70 -2.17
CA SER D 359 3.27 -18.11 -1.08
C SER D 359 2.70 -16.77 -0.62
N GLU D 360 2.32 -15.89 -1.55
CA GLU D 360 1.79 -14.59 -1.15
C GLU D 360 0.38 -14.72 -0.57
N GLU D 361 -0.44 -15.59 -1.16
CA GLU D 361 -1.82 -15.78 -0.72
C GLU D 361 -2.08 -17.26 -0.47
N PRO D 362 -2.08 -17.72 0.78
CA PRO D 362 -2.34 -19.14 1.05
C PRO D 362 -3.74 -19.55 0.60
N LEU D 363 -3.86 -20.81 0.21
CA LEU D 363 -5.09 -21.34 -0.37
C LEU D 363 -5.89 -22.19 0.62
N ILE D 364 -5.61 -22.08 1.92
CA ILE D 364 -6.30 -22.93 2.89
C ILE D 364 -7.79 -22.63 2.92
N THR D 365 -8.16 -21.35 2.92
CA THR D 365 -9.57 -20.98 2.96
C THR D 365 -10.31 -21.44 1.72
N LYS D 366 -9.65 -21.40 0.55
CA LYS D 366 -10.28 -21.91 -0.67
C LYS D 366 -10.60 -23.38 -0.53
N LEU D 367 -9.66 -24.16 0.00
CA LEU D 367 -9.91 -25.58 0.23
C LEU D 367 -11.03 -25.80 1.24
N ILE D 368 -11.07 -24.99 2.30
CA ILE D 368 -12.12 -25.14 3.31
C ILE D 368 -13.49 -24.92 2.67
N LEU D 369 -13.63 -23.83 1.91
CA LEU D 369 -14.90 -23.55 1.25
C LEU D 369 -15.27 -24.64 0.25
N SER D 370 -14.28 -25.13 -0.51
CA SER D 370 -14.54 -26.16 -1.50
C SER D 370 -15.00 -27.46 -0.86
N ILE D 371 -14.37 -27.84 0.27
CA ILE D 371 -14.67 -29.11 0.91
C ILE D 371 -15.83 -29.02 1.89
N ARG D 372 -16.37 -27.82 2.12
CA ARG D 372 -17.56 -27.63 2.94
C ARG D 372 -18.64 -28.69 2.71
N HIS D 373 -18.85 -29.09 1.46
CA HIS D 373 -19.96 -29.97 1.12
C HIS D 373 -19.82 -31.36 1.74
N GLN D 374 -18.59 -31.82 1.96
CA GLN D 374 -18.35 -33.18 2.44
C GLN D 374 -18.47 -33.30 3.95
N LEU D 375 -19.14 -32.37 4.62
CA LEU D 375 -19.31 -32.37 6.06
C LEU D 375 -20.77 -32.56 6.43
N PRO D 376 -21.07 -32.97 7.66
CA PRO D 376 -22.47 -33.17 8.06
C PRO D 376 -23.28 -31.88 7.96
N LYS D 377 -24.60 -32.05 8.13
CA LYS D 377 -25.53 -30.95 7.86
C LYS D 377 -25.30 -29.77 8.81
N GLU D 378 -25.20 -30.06 10.11
CA GLU D 378 -25.06 -28.98 11.09
C GLU D 378 -23.73 -28.28 11.00
N TYR D 379 -22.74 -28.87 10.34
CA TYR D 379 -21.41 -28.28 10.22
C TYR D 379 -21.23 -27.46 8.95
N SER D 380 -22.04 -27.70 7.92
CA SER D 380 -21.87 -27.00 6.66
C SER D 380 -22.27 -25.54 6.76
N SER D 381 -23.41 -25.26 7.40
CA SER D 381 -23.89 -23.89 7.52
C SER D 381 -22.96 -23.02 8.36
N GLU D 382 -22.15 -23.63 9.22
CA GLU D 382 -21.22 -22.88 10.05
C GLU D 382 -20.04 -22.36 9.25
N LEU D 383 -19.88 -22.81 8.00
CA LEU D 383 -18.66 -22.59 7.21
C LEU D 383 -18.87 -21.57 6.10
N LEU D 384 -19.64 -20.52 6.34
CA LEU D 384 -19.87 -19.48 5.34
C LEU D 384 -19.34 -18.11 5.74
N CYS D 385 -19.29 -17.80 7.02
CA CYS D 385 -18.79 -16.49 7.46
C CYS D 385 -17.27 -16.46 7.32
N PRO D 386 -16.70 -15.44 6.68
CA PRO D 386 -15.24 -15.44 6.45
C PRO D 386 -14.41 -15.53 7.72
N ARG D 387 -14.83 -14.88 8.81
CA ARG D 387 -14.01 -14.92 10.02
C ARG D 387 -13.99 -16.30 10.64
N LYS D 388 -15.08 -17.06 10.54
CA LYS D 388 -15.08 -18.43 11.02
C LYS D 388 -14.15 -19.29 10.19
N ARG D 389 -14.12 -19.07 8.88
CA ARG D 389 -13.17 -19.78 8.03
C ARG D 389 -11.74 -19.44 8.41
N LYS D 390 -11.48 -18.17 8.72
CA LYS D 390 -10.15 -17.78 9.16
C LYS D 390 -9.78 -18.44 10.48
N THR D 391 -10.75 -18.56 11.40
CA THR D 391 -10.49 -19.27 12.65
C THR D 391 -10.16 -20.74 12.40
N VAL D 392 -10.90 -21.37 11.48
CA VAL D 392 -10.63 -22.76 11.14
C VAL D 392 -9.23 -22.91 10.55
N GLU D 393 -8.85 -21.98 9.68
CA GLU D 393 -7.50 -22.00 9.09
C GLU D 393 -6.43 -21.83 10.17
N ALA D 394 -6.66 -20.91 11.11
CA ALA D 394 -5.70 -20.72 12.19
C ALA D 394 -5.56 -21.97 13.05
N ASN D 395 -6.68 -22.66 13.32
CA ASN D 395 -6.60 -23.92 14.04
C ASN D 395 -5.84 -24.97 13.24
N ILE D 396 -6.04 -24.99 11.92
CA ILE D 396 -5.36 -25.98 11.08
C ILE D 396 -3.85 -25.75 11.09
N ARG D 397 -3.43 -24.48 10.96
CA ARG D 397 -2.00 -24.19 10.87
C ARG D 397 -1.24 -24.55 12.15
N ASP D 398 -1.94 -24.73 13.27
CA ASP D 398 -1.30 -25.09 14.53
C ASP D 398 -1.18 -26.60 14.70
N MET D 399 -1.60 -27.39 13.71
CA MET D 399 -1.51 -28.84 13.80
C MET D 399 -0.50 -29.45 12.83
N LEU D 400 0.01 -28.69 11.87
CA LEU D 400 0.98 -29.21 10.90
C LEU D 400 2.38 -28.96 11.44
N VAL D 401 2.99 -29.98 12.02
CA VAL D 401 4.31 -29.86 12.60
C VAL D 401 5.37 -30.60 11.79
N ASP D 402 5.03 -31.69 11.12
CA ASP D 402 6.00 -32.51 10.40
C ASP D 402 5.97 -32.18 8.91
N SER D 403 7.14 -31.99 8.33
CA SER D 403 7.25 -31.70 6.91
C SER D 403 7.22 -32.98 6.10
N VAL D 404 6.70 -32.87 4.88
CA VAL D 404 6.58 -33.99 3.95
C VAL D 404 7.25 -33.61 2.64
N GLU D 405 8.09 -34.51 2.12
CA GLU D 405 8.73 -34.31 0.84
C GLU D 405 7.73 -34.55 -0.29
N THR D 406 8.10 -34.07 -1.49
CA THR D 406 7.21 -34.10 -2.64
C THR D 406 7.97 -34.60 -3.87
N ASP D 407 7.19 -35.07 -4.86
CA ASP D 407 7.72 -35.51 -6.15
C ASP D 407 8.73 -36.64 -6.00
N THR D 408 8.24 -37.76 -5.48
CA THR D 408 9.06 -38.95 -5.32
C THR D 408 8.79 -40.02 -6.38
N TYR D 409 7.76 -39.85 -7.20
CA TYR D 409 7.42 -40.83 -8.22
C TYR D 409 7.87 -40.31 -9.58
N PRO D 410 8.88 -40.90 -10.20
CA PRO D 410 9.43 -40.36 -11.45
C PRO D 410 8.82 -40.92 -12.73
N ASP D 411 7.74 -41.71 -12.65
CA ASP D 411 7.13 -42.28 -13.83
C ASP D 411 5.66 -41.87 -13.94
N LYS D 412 5.35 -40.65 -13.53
CA LYS D 412 3.99 -40.15 -13.56
C LYS D 412 3.96 -38.77 -14.20
N LEU D 413 2.85 -38.48 -14.89
CA LEU D 413 2.64 -37.20 -15.57
C LEU D 413 1.39 -36.55 -15.00
N PRO D 414 1.52 -35.71 -13.99
CA PRO D 414 0.33 -35.10 -13.37
C PRO D 414 -0.34 -34.11 -14.31
N PHE D 415 -1.68 -34.12 -14.30
CA PHE D 415 -2.50 -33.22 -15.08
C PHE D 415 -3.29 -32.30 -14.16
N LYS D 416 -4.17 -31.50 -14.74
CA LYS D 416 -5.02 -30.60 -13.96
C LYS D 416 -6.20 -31.31 -13.30
N ASN D 417 -6.49 -32.54 -13.69
CA ASN D 417 -7.60 -33.29 -13.10
C ASN D 417 -7.20 -34.74 -12.85
N GLY D 418 -5.97 -34.94 -12.39
CA GLY D 418 -5.48 -36.27 -12.09
C GLY D 418 -4.04 -36.40 -12.55
N VAL D 419 -3.54 -37.63 -12.48
CA VAL D 419 -2.19 -37.97 -12.93
C VAL D 419 -2.30 -39.17 -13.86
N LEU D 420 -1.63 -39.10 -15.00
CA LEU D 420 -1.65 -40.20 -15.97
C LEU D 420 -0.49 -41.13 -15.68
N ASP D 421 -0.81 -42.35 -15.25
CA ASP D 421 0.22 -43.35 -15.02
C ASP D 421 0.87 -43.75 -16.35
N LEU D 422 2.18 -43.98 -16.30
CA LEU D 422 2.95 -44.27 -17.50
C LEU D 422 3.37 -45.73 -17.63
N VAL D 423 3.40 -46.49 -16.54
CA VAL D 423 3.82 -47.88 -16.62
C VAL D 423 2.82 -48.74 -17.36
N ASP D 424 1.53 -48.39 -17.35
CA ASP D 424 0.52 -49.17 -18.03
C ASP D 424 -0.51 -48.34 -18.77
N GLY D 425 -0.39 -47.02 -18.79
CA GLY D 425 -1.28 -46.18 -19.56
C GLY D 425 -2.57 -45.78 -18.89
N MET D 426 -2.84 -46.27 -17.68
CA MET D 426 -4.06 -45.90 -16.99
C MET D 426 -3.98 -44.45 -16.50
N PHE D 427 -5.15 -43.84 -16.34
CA PHE D 427 -5.26 -42.44 -15.90
C PHE D 427 -6.12 -42.41 -14.63
N TYR D 428 -5.47 -42.31 -13.49
CA TYR D 428 -6.18 -42.23 -12.22
C TYR D 428 -6.74 -40.82 -12.02
N SER D 429 -7.68 -40.71 -11.08
CA SER D 429 -8.30 -39.43 -10.77
C SER D 429 -8.88 -39.51 -9.37
N GLY D 430 -9.16 -38.34 -8.80
CA GLY D 430 -9.78 -38.29 -7.48
C GLY D 430 -8.86 -38.83 -6.40
N ASP D 431 -9.43 -39.66 -5.53
CA ASP D 431 -8.68 -40.19 -4.39
C ASP D 431 -7.54 -41.10 -4.86
N ASP D 432 -7.73 -41.83 -5.96
CA ASP D 432 -6.68 -42.69 -6.47
C ASP D 432 -5.46 -41.89 -6.88
N ALA D 433 -5.67 -40.74 -7.51
CA ALA D 433 -4.57 -39.87 -7.94
C ALA D 433 -4.20 -38.84 -6.87
N LYS D 434 -3.99 -39.32 -5.66
CA LYS D 434 -3.69 -38.41 -4.55
C LYS D 434 -2.42 -38.78 -3.80
N LYS D 435 -2.14 -40.08 -3.64
CA LYS D 435 -0.94 -40.50 -2.92
C LYS D 435 0.33 -40.08 -3.66
N TYR D 436 0.27 -39.98 -4.99
CA TYR D 436 1.40 -39.47 -5.75
C TYR D 436 1.48 -37.95 -5.58
N THR D 437 2.20 -37.51 -4.55
CA THR D 437 2.23 -36.08 -4.19
C THR D 437 3.06 -35.33 -5.22
N CYS D 438 2.39 -34.92 -6.29
CA CYS D 438 3.02 -34.15 -7.37
C CYS D 438 2.63 -32.69 -7.22
N THR D 439 3.61 -31.81 -7.26
CA THR D 439 3.38 -30.38 -7.10
C THR D 439 3.14 -29.69 -8.44
N VAL D 440 4.08 -29.82 -9.37
CA VAL D 440 3.93 -29.21 -10.69
C VAL D 440 2.89 -29.98 -11.49
N SER D 441 2.25 -29.30 -12.43
CA SER D 441 1.22 -29.91 -13.25
C SER D 441 1.24 -29.26 -14.63
N THR D 442 0.68 -29.97 -15.61
CA THR D 442 0.70 -29.49 -16.98
C THR D 442 -0.18 -28.25 -17.16
N GLY D 443 -1.22 -28.10 -16.34
CA GLY D 443 -2.08 -26.94 -16.39
C GLY D 443 -3.36 -27.11 -17.16
N PHE D 444 -3.53 -28.21 -17.89
CA PHE D 444 -4.73 -28.49 -18.65
C PHE D 444 -5.27 -29.86 -18.30
N LYS D 445 -6.57 -30.03 -18.50
CA LYS D 445 -7.26 -31.26 -18.14
C LYS D 445 -6.97 -32.36 -19.16
N PHE D 446 -7.32 -33.60 -18.79
CA PHE D 446 -7.12 -34.76 -19.63
C PHE D 446 -8.43 -35.14 -20.29
N ASP D 447 -8.43 -35.22 -21.62
CA ASP D 447 -9.60 -35.56 -22.40
C ASP D 447 -9.41 -36.97 -22.97
N ASP D 448 -10.12 -37.94 -22.39
CA ASP D 448 -9.97 -39.34 -22.80
C ASP D 448 -10.52 -39.61 -24.19
N THR D 449 -11.42 -38.79 -24.70
CA THR D 449 -11.99 -39.03 -26.02
C THR D 449 -10.95 -38.87 -27.11
N LYS D 450 -10.08 -37.86 -26.99
CA LYS D 450 -9.07 -37.58 -28.00
C LYS D 450 -7.77 -38.34 -27.76
N PHE D 451 -7.69 -39.14 -26.69
CA PHE D 451 -6.51 -39.93 -26.39
C PHE D 451 -6.54 -41.30 -27.08
N VAL D 452 -7.32 -41.43 -28.14
CA VAL D 452 -7.43 -42.68 -28.87
C VAL D 452 -6.39 -42.70 -29.97
N GLU D 453 -5.97 -43.91 -30.37
CA GLU D 453 -4.91 -44.04 -31.37
C GLU D 453 -5.41 -43.67 -32.75
N ASP D 454 -6.62 -44.13 -33.11
CA ASP D 454 -7.14 -43.94 -34.45
C ASP D 454 -7.90 -42.62 -34.54
N SER D 455 -7.37 -41.69 -35.34
CA SER D 455 -7.97 -40.37 -35.52
C SER D 455 -7.29 -39.68 -36.70
N PRO D 456 -8.00 -38.82 -37.44
CA PRO D 456 -7.33 -38.08 -38.53
C PRO D 456 -6.17 -37.23 -38.05
N GLU D 457 -6.28 -36.67 -36.85
CA GLU D 457 -5.18 -35.90 -36.28
C GLU D 457 -3.94 -36.77 -36.11
N MET D 458 -4.13 -38.03 -35.69
CA MET D 458 -3.00 -38.94 -35.58
C MET D 458 -2.36 -39.20 -36.94
N GLU D 459 -3.18 -39.34 -37.98
CA GLU D 459 -2.64 -39.55 -39.32
C GLU D 459 -1.81 -38.36 -39.77
N GLU D 460 -2.34 -37.15 -39.59
CA GLU D 460 -1.59 -35.96 -39.98
C GLU D 460 -0.30 -35.83 -39.18
N LEU D 461 -0.36 -36.11 -37.88
CA LEU D 461 0.84 -36.02 -37.05
C LEU D 461 1.88 -37.04 -37.47
N MET D 462 1.45 -38.26 -37.78
CA MET D 462 2.40 -39.28 -38.24
C MET D 462 3.02 -38.88 -39.57
N ASN D 463 2.22 -38.30 -40.47
CA ASN D 463 2.77 -37.82 -41.73
C ASN D 463 3.83 -36.75 -41.50
N ILE D 464 3.54 -35.81 -40.60
CA ILE D 464 4.49 -34.73 -40.33
C ILE D 464 5.77 -35.29 -39.71
N ILE D 465 5.64 -36.21 -38.75
CA ILE D 465 6.81 -36.78 -38.09
C ILE D 465 7.67 -37.53 -39.09
N ASN D 466 7.04 -38.33 -39.95
CA ASN D 466 7.79 -39.04 -40.99
C ASN D 466 8.42 -38.08 -41.98
N ASP D 467 7.77 -36.96 -42.29
CA ASP D 467 8.39 -35.96 -43.16
C ASP D 467 9.63 -35.36 -42.53
N ILE D 468 9.57 -35.06 -41.23
CA ILE D 468 10.71 -34.43 -40.55
C ILE D 468 11.87 -35.41 -40.46
N GLN D 469 11.61 -36.64 -40.03
CA GLN D 469 12.64 -37.66 -39.86
C GLN D 469 12.20 -38.92 -40.61
N PRO D 470 12.56 -39.06 -41.88
CA PRO D 470 12.18 -40.25 -42.63
C PRO D 470 12.76 -41.51 -42.01
N LEU D 471 11.98 -42.59 -42.05
CA LEU D 471 12.36 -43.86 -41.43
C LEU D 471 13.06 -44.79 -42.40
N THR D 472 14.10 -44.30 -43.05
CA THR D 472 14.91 -45.13 -43.94
C THR D 472 15.95 -45.88 -43.13
N ASP D 473 16.74 -46.72 -43.79
CA ASP D 473 17.79 -47.46 -43.10
C ASP D 473 19.01 -46.59 -42.80
N GLU D 474 19.31 -45.60 -43.66
CA GLU D 474 20.41 -44.70 -43.40
C GLU D 474 20.11 -43.75 -42.25
N ASN D 475 18.84 -43.62 -41.87
CA ASN D 475 18.46 -42.74 -40.77
C ASN D 475 17.77 -43.54 -39.68
N LYS D 476 18.31 -44.72 -39.36
CA LYS D 476 17.70 -45.60 -38.36
C LYS D 476 18.13 -45.24 -36.94
N LYS D 477 19.44 -45.26 -36.68
CA LYS D 477 19.93 -44.88 -35.36
C LYS D 477 19.59 -43.44 -35.02
N ASN D 478 19.64 -42.57 -36.02
CA ASN D 478 19.26 -41.17 -35.80
C ASN D 478 17.80 -41.06 -35.38
N ARG D 479 16.92 -41.80 -36.06
CA ARG D 479 15.51 -41.78 -35.71
C ARG D 479 15.28 -42.35 -34.31
N GLU D 480 15.97 -43.44 -33.96
CA GLU D 480 15.83 -44.00 -32.62
C GLU D 480 16.29 -43.01 -31.56
N LEU D 481 17.41 -42.33 -31.80
CA LEU D 481 17.89 -41.33 -30.85
C LEU D 481 16.91 -40.18 -30.73
N TYR D 482 16.33 -39.74 -31.84
CA TYR D 482 15.35 -38.67 -31.82
C TYR D 482 14.14 -39.07 -30.99
N GLU D 483 13.62 -40.29 -31.22
CA GLU D 483 12.47 -40.76 -30.46
C GLU D 483 12.79 -40.87 -28.98
N LYS D 484 13.97 -41.42 -28.64
CA LYS D 484 14.35 -41.58 -27.25
C LYS D 484 14.47 -40.23 -26.56
N THR D 485 15.13 -39.27 -27.21
CA THR D 485 15.33 -37.96 -26.62
C THR D 485 13.99 -37.24 -26.41
N LEU D 486 13.11 -37.30 -27.41
CA LEU D 486 11.82 -36.66 -27.27
C LEU D 486 10.98 -37.31 -26.18
N SER D 487 11.04 -38.64 -26.10
CA SER D 487 10.22 -39.35 -25.12
C SER D 487 10.76 -39.20 -23.70
N SER D 488 12.04 -38.91 -23.55
CA SER D 488 12.61 -38.74 -22.22
C SER D 488 12.05 -37.52 -21.50
N CYS D 489 11.37 -36.63 -22.20
CA CYS D 489 10.80 -35.43 -21.61
C CYS D 489 9.56 -35.68 -20.77
N LEU D 490 9.17 -36.93 -20.48
CA LEU D 490 8.00 -37.22 -19.67
C LEU D 490 8.33 -37.62 -18.25
N CYS D 491 9.30 -38.51 -18.05
CA CYS D 491 9.65 -38.97 -16.72
C CYS D 491 10.34 -37.86 -15.94
N GLY D 492 10.02 -37.77 -14.65
CA GLY D 492 10.57 -36.73 -13.80
C GLY D 492 11.82 -37.15 -13.04
N ALA D 493 12.75 -37.82 -13.72
CA ALA D 493 13.99 -38.24 -13.13
C ALA D 493 15.14 -37.35 -13.60
N THR D 494 16.34 -37.64 -13.10
CA THR D 494 17.52 -36.88 -13.45
C THR D 494 18.24 -37.53 -14.62
N LYS D 495 18.50 -36.75 -15.67
CA LYS D 495 19.19 -37.22 -16.86
C LYS D 495 20.68 -36.93 -16.72
N GLY D 496 21.44 -37.38 -17.73
CA GLY D 496 22.88 -37.22 -17.69
C GLY D 496 23.54 -36.90 -19.02
N CYS D 497 22.77 -36.44 -19.99
CA CYS D 497 23.32 -36.07 -21.29
C CYS D 497 22.60 -34.84 -21.82
N LEU D 498 23.29 -34.11 -22.70
CA LEU D 498 22.75 -32.94 -23.37
C LEU D 498 22.59 -33.25 -24.85
N THR D 499 21.50 -32.76 -25.44
CA THR D 499 21.16 -33.06 -26.83
C THR D 499 21.26 -31.79 -27.65
N PHE D 500 21.90 -31.89 -28.82
CA PHE D 500 22.05 -30.78 -29.74
C PHE D 500 21.21 -31.06 -30.99
N PHE D 501 20.17 -30.24 -31.20
CA PHE D 501 19.34 -30.34 -32.39
C PHE D 501 20.07 -29.64 -33.53
N PHE D 502 20.96 -30.37 -34.20
CA PHE D 502 21.75 -29.79 -35.28
C PHE D 502 21.00 -29.94 -36.60
N GLY D 503 21.01 -28.87 -37.39
CA GLY D 503 20.36 -28.87 -38.69
C GLY D 503 20.58 -27.54 -39.36
N GLU D 504 20.27 -27.51 -40.66
CA GLU D 504 20.40 -26.30 -41.45
C GLU D 504 19.13 -25.47 -41.29
N THR D 505 19.00 -24.43 -42.13
CA THR D 505 17.89 -23.51 -42.02
C THR D 505 16.59 -24.14 -42.49
N ALA D 506 15.51 -23.88 -41.77
CA ALA D 506 14.16 -24.33 -42.11
C ALA D 506 14.12 -25.85 -42.29
N THR D 507 14.39 -26.56 -41.20
CA THR D 507 14.51 -28.00 -41.24
C THR D 507 13.52 -28.74 -40.36
N GLY D 508 12.96 -28.08 -39.33
CA GLY D 508 11.95 -28.69 -38.48
C GLY D 508 12.23 -28.64 -36.99
N LYS D 509 13.29 -27.96 -36.56
CA LYS D 509 13.62 -27.92 -35.14
C LYS D 509 12.57 -27.16 -34.35
N SER D 510 12.22 -25.95 -34.80
CA SER D 510 11.25 -25.14 -34.07
C SER D 510 9.87 -25.77 -34.09
N THR D 511 9.50 -26.45 -35.18
CA THR D 511 8.22 -27.15 -35.21
C THR D 511 8.17 -28.24 -34.16
N THR D 512 9.25 -29.01 -34.02
CA THR D 512 9.31 -30.03 -32.98
C THR D 512 9.24 -29.40 -31.59
N LYS D 513 9.93 -28.26 -31.40
CA LYS D 513 9.88 -27.57 -30.12
C LYS D 513 8.46 -27.16 -29.77
N ARG D 514 7.74 -26.57 -30.73
CA ARG D 514 6.37 -26.12 -30.47
C ARG D 514 5.44 -27.30 -30.25
N LEU D 515 5.63 -28.40 -30.99
CA LEU D 515 4.81 -29.59 -30.78
C LEU D 515 5.01 -30.13 -29.37
N LEU D 516 6.26 -30.21 -28.91
CA LEU D 516 6.52 -30.68 -27.56
C LEU D 516 5.94 -29.74 -26.52
N LYS D 517 6.07 -28.44 -26.74
CA LYS D 517 5.52 -27.46 -25.79
C LYS D 517 4.01 -27.60 -25.67
N SER D 518 3.33 -27.78 -26.81
CA SER D 518 1.89 -27.99 -26.75
C SER D 518 1.54 -29.33 -26.13
N ALA D 519 2.43 -30.33 -26.28
CA ALA D 519 2.14 -31.65 -25.75
C ALA D 519 2.21 -31.67 -24.22
N ILE D 520 3.33 -31.22 -23.65
CA ILE D 520 3.49 -31.30 -22.20
C ILE D 520 3.01 -30.06 -21.47
N GLY D 521 3.03 -28.89 -22.12
CA GLY D 521 2.45 -27.70 -21.52
C GLY D 521 3.34 -26.97 -20.53
N ASP D 522 2.93 -26.96 -19.26
CA ASP D 522 3.63 -26.17 -18.26
C ASP D 522 4.99 -26.74 -17.92
N LEU D 523 5.18 -28.05 -18.06
CA LEU D 523 6.47 -28.65 -17.75
C LEU D 523 7.43 -28.45 -18.91
N PHE D 524 7.57 -27.21 -19.36
CA PHE D 524 8.43 -26.88 -20.50
C PHE D 524 8.74 -25.40 -20.43
N VAL D 525 10.02 -25.06 -20.23
CA VAL D 525 10.44 -23.66 -20.17
C VAL D 525 11.58 -23.47 -21.15
N GLU D 526 11.75 -22.22 -21.57
CA GLU D 526 12.78 -21.84 -22.53
C GLU D 526 13.63 -20.75 -21.90
N THR D 527 14.89 -21.05 -21.61
CA THR D 527 15.82 -20.10 -21.02
C THR D 527 16.88 -19.71 -22.04
N GLY D 528 17.62 -18.66 -21.71
CA GLY D 528 18.61 -18.14 -22.62
C GLY D 528 19.89 -18.97 -22.64
N GLN D 529 20.81 -18.51 -23.47
CA GLN D 529 22.13 -19.13 -23.64
C GLN D 529 23.07 -18.80 -22.48
N THR D 530 22.67 -17.88 -21.61
CA THR D 530 23.54 -17.43 -20.51
C THR D 530 23.86 -18.53 -19.52
N ILE D 531 23.11 -19.64 -19.52
CA ILE D 531 23.32 -20.70 -18.53
C ILE D 531 24.44 -21.62 -18.97
N LEU D 532 25.02 -21.34 -20.15
CA LEU D 532 26.03 -22.22 -20.72
C LEU D 532 27.43 -21.63 -20.75
N THR D 533 27.56 -20.31 -20.84
CA THR D 533 28.87 -19.68 -21.03
C THR D 533 29.16 -18.64 -19.95
N ASP D 534 28.30 -18.53 -18.93
CA ASP D 534 28.53 -17.58 -17.86
C ASP D 534 28.51 -18.30 -16.52
N VAL D 535 29.20 -17.72 -15.54
CA VAL D 535 29.24 -18.29 -14.20
C VAL D 535 27.86 -18.18 -13.57
N LEU D 536 27.40 -19.29 -12.98
CA LEU D 536 26.05 -19.38 -12.44
C LEU D 536 26.04 -19.41 -10.92
N ASP D 537 27.09 -18.92 -10.27
CA ASP D 537 27.19 -18.88 -8.82
C ASP D 537 27.16 -17.47 -8.25
N LYS D 538 27.97 -16.57 -8.79
CA LYS D 538 28.03 -15.21 -8.27
C LYS D 538 26.76 -14.45 -8.65
N GLY D 539 26.10 -13.86 -7.66
CA GLY D 539 24.93 -13.06 -7.88
C GLY D 539 23.72 -13.89 -8.24
N PRO D 540 22.56 -13.26 -8.34
CA PRO D 540 21.35 -13.98 -8.72
C PRO D 540 21.40 -14.45 -10.17
N ASN D 541 20.69 -15.53 -10.44
CA ASN D 541 20.56 -16.06 -11.80
C ASN D 541 19.20 -16.73 -11.92
N PRO D 542 18.15 -15.95 -12.17
CA PRO D 542 16.80 -16.53 -12.21
C PRO D 542 16.61 -17.54 -13.33
N PHE D 543 17.45 -17.52 -14.36
CA PHE D 543 17.36 -18.54 -15.40
C PHE D 543 17.59 -19.94 -14.83
N ILE D 544 18.56 -20.06 -13.92
CA ILE D 544 18.76 -21.34 -13.24
C ILE D 544 17.62 -21.61 -12.27
N ALA D 545 17.11 -20.59 -11.59
CA ALA D 545 16.05 -20.78 -10.60
C ALA D 545 14.73 -21.17 -11.23
N ASN D 546 14.53 -20.91 -12.52
CA ASN D 546 13.30 -21.28 -13.20
C ASN D 546 13.31 -22.70 -13.73
N MET D 547 14.41 -23.43 -13.55
CA MET D 547 14.49 -24.84 -13.95
C MET D 547 14.05 -25.78 -12.83
N HIS D 548 13.53 -25.24 -11.74
CA HIS D 548 13.15 -26.06 -10.59
C HIS D 548 11.97 -26.95 -10.96
N LEU D 549 12.18 -28.27 -10.95
CA LEU D 549 11.17 -29.30 -11.15
C LEU D 549 10.60 -29.32 -12.56
N LYS D 550 11.17 -28.56 -13.50
CA LYS D 550 10.74 -28.66 -14.89
C LYS D 550 11.31 -29.92 -15.52
N ARG D 551 10.54 -30.51 -16.43
CA ARG D 551 10.91 -31.75 -17.09
C ARG D 551 11.44 -31.55 -18.50
N SER D 552 11.60 -30.30 -18.94
CA SER D 552 12.16 -30.03 -20.26
C SER D 552 12.60 -28.58 -20.32
N VAL D 553 13.82 -28.37 -20.81
CA VAL D 553 14.40 -27.04 -20.96
C VAL D 553 15.03 -26.92 -22.33
N PHE D 554 14.71 -25.84 -23.05
CA PHE D 554 15.25 -25.59 -24.36
C PHE D 554 16.15 -24.36 -24.34
N CYS D 555 17.29 -24.47 -25.02
CA CYS D 555 18.24 -23.36 -25.18
C CYS D 555 18.35 -23.10 -26.68
N SER D 556 17.50 -22.20 -27.18
CA SER D 556 17.37 -21.99 -28.61
C SER D 556 18.35 -20.93 -29.10
N GLU D 557 18.69 -21.03 -30.39
CA GLU D 557 19.46 -20.02 -31.11
C GLU D 557 20.83 -19.78 -30.46
N LEU D 558 21.66 -20.82 -30.50
CA LEU D 558 23.04 -20.70 -30.05
C LEU D 558 23.81 -19.84 -31.04
N PRO D 559 24.46 -18.75 -30.61
CA PRO D 559 25.19 -17.90 -31.54
C PRO D 559 26.42 -18.61 -32.09
N ASP D 560 26.85 -18.16 -33.27
CA ASP D 560 28.03 -18.72 -33.91
C ASP D 560 29.30 -18.30 -33.16
N PHE D 561 30.37 -19.07 -33.37
CA PHE D 561 31.65 -18.82 -32.74
C PHE D 561 32.78 -18.62 -33.73
N ALA D 562 32.50 -18.64 -35.04
CA ALA D 562 33.54 -18.37 -36.02
C ALA D 562 34.04 -16.94 -35.95
N CYS D 563 33.25 -16.04 -35.38
CA CYS D 563 33.67 -14.65 -35.20
C CYS D 563 34.30 -14.46 -33.83
N SER D 564 34.98 -13.33 -33.66
CA SER D 564 35.62 -12.98 -32.41
C SER D 564 34.63 -12.30 -31.48
N GLY D 565 34.95 -12.32 -30.18
CA GLY D 565 34.11 -11.74 -29.17
C GLY D 565 33.04 -12.65 -28.61
N SER D 566 32.87 -13.85 -29.16
CA SER D 566 31.88 -14.80 -28.68
C SER D 566 32.55 -15.76 -27.71
N LYS D 567 32.03 -15.82 -26.48
CA LYS D 567 32.60 -16.70 -25.47
C LYS D 567 32.34 -18.15 -25.79
N LYS D 568 33.33 -19.00 -25.52
CA LYS D 568 33.20 -20.42 -25.75
C LYS D 568 32.25 -21.04 -24.72
N ILE D 569 31.76 -22.24 -25.04
CA ILE D 569 30.85 -22.96 -24.16
C ILE D 569 31.68 -23.54 -23.03
N ARG D 570 31.41 -23.09 -21.80
CA ARG D 570 32.15 -23.55 -20.63
C ARG D 570 31.84 -25.02 -20.36
N SER D 571 32.87 -25.87 -20.40
CA SER D 571 32.67 -27.28 -20.09
C SER D 571 32.23 -27.47 -18.65
N ASP D 572 32.63 -26.56 -17.76
CA ASP D 572 32.20 -26.65 -16.37
C ASP D 572 30.70 -26.49 -16.24
N ASN D 573 30.10 -25.60 -17.04
CA ASN D 573 28.65 -25.42 -16.99
C ASN D 573 27.92 -26.68 -17.46
N ILE D 574 28.39 -27.30 -18.54
CA ILE D 574 27.79 -28.54 -19.00
C ILE D 574 27.93 -29.62 -17.96
N LYS D 575 29.11 -29.74 -17.35
CA LYS D 575 29.34 -30.76 -16.34
C LYS D 575 28.55 -30.47 -15.06
N LYS D 576 28.10 -29.23 -14.87
CA LYS D 576 27.30 -28.86 -13.71
C LYS D 576 25.80 -28.88 -13.98
N LEU D 577 25.36 -29.24 -15.19
CA LEU D 577 23.95 -29.30 -15.50
C LEU D 577 23.40 -30.72 -15.51
N THR D 578 24.17 -31.69 -15.02
CA THR D 578 23.78 -33.10 -15.02
C THR D 578 23.92 -33.71 -13.64
N GLU D 579 23.46 -33.02 -12.61
CA GLU D 579 23.41 -33.54 -11.26
C GLU D 579 22.03 -33.26 -10.67
N PRO D 580 21.61 -34.05 -9.69
CA PRO D 580 20.26 -33.89 -9.12
C PRO D 580 20.04 -32.56 -8.40
N CYS D 581 21.07 -31.74 -8.21
CA CYS D 581 20.91 -30.47 -7.53
C CYS D 581 21.86 -29.46 -8.14
N VAL D 582 21.32 -28.50 -8.88
CA VAL D 582 22.11 -27.40 -9.45
C VAL D 582 22.08 -26.24 -8.47
N ILE D 583 23.09 -25.39 -8.55
CA ILE D 583 23.27 -24.29 -7.60
C ILE D 583 22.93 -22.98 -8.27
N GLY D 584 22.05 -22.21 -7.65
CA GLY D 584 21.62 -20.94 -8.18
C GLY D 584 20.47 -20.37 -7.37
N ARG D 585 20.38 -19.04 -7.29
CA ARG D 585 19.34 -18.43 -6.49
C ARG D 585 18.57 -17.39 -7.29
N PRO D 586 17.28 -17.26 -7.04
CA PRO D 586 16.51 -16.16 -7.65
C PRO D 586 16.81 -14.85 -6.93
N CYS D 587 16.36 -13.76 -7.56
CA CYS D 587 16.56 -12.45 -6.97
C CYS D 587 15.78 -12.33 -5.66
N PHE D 588 16.37 -11.63 -4.69
CA PHE D 588 15.76 -11.33 -3.40
C PHE D 588 15.46 -12.57 -2.57
N SER D 589 16.24 -13.64 -2.74
CA SER D 589 16.00 -14.87 -2.00
C SER D 589 17.34 -15.54 -1.68
N ASN D 590 17.32 -16.42 -0.69
CA ASN D 590 18.50 -17.13 -0.23
C ASN D 590 18.50 -18.61 -0.56
N LYS D 591 17.46 -19.12 -1.22
CA LYS D 591 17.43 -20.54 -1.58
C LYS D 591 18.44 -20.81 -2.68
N ILE D 592 19.31 -21.79 -2.47
CA ILE D 592 20.42 -22.07 -3.36
C ILE D 592 20.39 -23.49 -3.93
N ASN D 593 19.39 -24.29 -3.61
CA ASN D 593 19.29 -25.65 -4.10
C ASN D 593 18.08 -25.78 -5.02
N ASN D 594 18.30 -26.30 -6.21
CA ASN D 594 17.24 -26.50 -7.20
C ASN D 594 17.26 -27.94 -7.66
N ARG D 595 16.13 -28.62 -7.53
CA ARG D 595 16.01 -29.98 -8.03
C ARG D 595 16.02 -29.97 -9.56
N ASN D 596 16.75 -30.91 -10.15
CA ASN D 596 17.03 -30.92 -11.59
C ASN D 596 16.41 -32.16 -12.21
N HIS D 597 15.21 -32.00 -12.80
CA HIS D 597 14.56 -33.04 -13.57
C HIS D 597 14.56 -32.74 -15.06
N ALA D 598 15.30 -31.72 -15.48
CA ALA D 598 15.16 -31.17 -16.83
C ALA D 598 15.88 -32.03 -17.86
N THR D 599 15.23 -32.24 -19.00
CA THR D 599 15.87 -32.81 -20.18
C THR D 599 16.32 -31.66 -21.06
N ILE D 600 17.60 -31.34 -21.01
CA ILE D 600 18.14 -30.15 -21.67
C ILE D 600 18.38 -30.47 -23.14
N ILE D 601 17.76 -29.69 -24.02
CA ILE D 601 17.95 -29.80 -25.47
C ILE D 601 18.38 -28.45 -25.99
N ILE D 602 19.42 -28.43 -26.81
CA ILE D 602 19.99 -27.21 -27.34
C ILE D 602 19.69 -27.13 -28.83
N ASP D 603 19.03 -26.07 -29.25
CA ASP D 603 18.72 -25.83 -30.65
C ASP D 603 19.86 -25.01 -31.26
N THR D 604 20.68 -25.64 -32.08
CA THR D 604 21.84 -25.02 -32.67
C THR D 604 21.70 -24.93 -34.18
N ASN D 605 22.60 -24.18 -34.81
CA ASN D 605 22.61 -24.02 -36.25
C ASN D 605 24.00 -24.34 -36.80
N TYR D 606 25.02 -24.21 -35.96
CA TYR D 606 26.40 -24.50 -36.32
C TYR D 606 26.99 -25.47 -35.32
N LYS D 607 28.15 -26.03 -35.69
CA LYS D 607 28.87 -26.91 -34.79
C LYS D 607 29.26 -26.18 -33.51
N PRO D 608 29.09 -26.82 -32.35
CA PRO D 608 29.51 -26.22 -31.09
C PRO D 608 31.00 -26.38 -30.86
N VAL D 609 31.57 -25.43 -30.14
CA VAL D 609 32.98 -25.44 -29.78
C VAL D 609 33.10 -25.22 -28.28
N PHE D 610 34.04 -25.93 -27.66
CA PHE D 610 34.28 -25.86 -26.23
C PHE D 610 35.68 -25.32 -25.96
N ASP D 611 35.96 -25.05 -24.69
CA ASP D 611 37.26 -24.58 -24.26
C ASP D 611 38.14 -25.70 -23.71
N ARG D 612 37.56 -26.69 -23.06
CA ARG D 612 38.28 -27.83 -22.52
C ARG D 612 37.59 -29.11 -22.93
N ILE D 613 38.38 -30.11 -23.33
CA ILE D 613 37.87 -31.40 -23.77
C ILE D 613 38.58 -32.50 -23.00
N ASP D 614 37.80 -33.42 -22.43
CA ASP D 614 38.35 -34.55 -21.69
C ASP D 614 37.33 -35.68 -21.74
N ASN D 615 37.63 -36.78 -21.04
CA ASN D 615 36.70 -37.90 -20.99
C ASN D 615 35.42 -37.54 -20.24
N ALA D 616 35.51 -36.64 -19.27
CA ALA D 616 34.33 -36.27 -18.48
C ALA D 616 33.33 -35.43 -19.27
N LEU D 617 33.72 -34.92 -20.44
CA LEU D 617 32.83 -34.14 -21.28
C LEU D 617 32.29 -34.92 -22.47
N MET D 618 33.10 -35.78 -23.07
CA MET D 618 32.67 -36.56 -24.22
C MET D 618 31.61 -37.60 -23.87
N ARG D 619 31.43 -37.91 -22.59
CA ARG D 619 30.42 -38.88 -22.17
C ARG D 619 29.13 -38.22 -21.71
N ARG D 620 28.97 -36.93 -22.00
CA ARG D 620 27.76 -36.20 -21.61
C ARG D 620 27.20 -35.38 -22.76
N ILE D 621 27.47 -35.79 -24.00
CA ILE D 621 27.03 -35.05 -25.18
C ILE D 621 26.41 -36.01 -26.16
N ALA D 622 25.22 -35.67 -26.66
CA ALA D 622 24.54 -36.42 -27.71
C ALA D 622 24.02 -35.42 -28.75
N VAL D 623 23.90 -35.89 -29.98
CA VAL D 623 23.51 -35.01 -31.08
C VAL D 623 22.68 -35.81 -32.09
N VAL D 624 21.55 -35.24 -32.50
CA VAL D 624 20.70 -35.80 -33.54
C VAL D 624 20.65 -34.81 -34.70
N ARG D 625 20.58 -35.34 -35.91
CA ARG D 625 20.69 -34.55 -37.12
C ARG D 625 19.36 -34.51 -37.87
N PHE D 626 18.97 -33.32 -38.31
CA PHE D 626 17.79 -33.12 -39.15
C PHE D 626 18.27 -32.78 -40.56
N ARG D 627 17.90 -33.62 -41.53
CA ARG D 627 18.37 -33.48 -42.91
C ARG D 627 17.21 -33.52 -43.89
N THR D 628 16.12 -32.82 -43.57
CA THR D 628 14.99 -32.70 -44.48
C THR D 628 14.58 -31.24 -44.55
N HIS D 629 14.71 -30.64 -45.73
CA HIS D 629 14.49 -29.21 -45.91
C HIS D 629 13.10 -28.95 -46.47
N PHE D 630 12.34 -28.08 -45.81
CA PHE D 630 11.02 -27.67 -46.27
C PHE D 630 11.13 -26.30 -46.92
N SER D 631 10.76 -26.23 -48.19
CA SER D 631 10.96 -25.01 -48.97
C SER D 631 9.75 -24.75 -49.87
N GLN D 632 9.75 -23.56 -50.43
CA GLN D 632 8.79 -23.13 -51.44
C GLN D 632 9.32 -23.46 -52.83
N PRO D 633 8.46 -23.41 -53.85
CA PRO D 633 8.93 -23.71 -55.22
C PRO D 633 10.04 -22.78 -55.70
N SER D 634 10.19 -21.59 -55.10
CA SER D 634 11.21 -20.65 -55.53
C SER D 634 12.61 -21.23 -55.31
N GLY D 635 12.89 -21.72 -54.11
CA GLY D 635 14.20 -22.22 -53.78
C GLY D 635 14.37 -23.72 -53.95
N ARG D 636 13.52 -24.31 -54.80
CA ARG D 636 13.56 -25.75 -55.00
C ARG D 636 14.89 -26.20 -55.58
N GLU D 637 15.35 -25.54 -56.63
CA GLU D 637 16.61 -25.94 -57.26
C GLU D 637 17.81 -25.61 -56.37
N ALA D 638 17.71 -24.54 -55.59
CA ALA D 638 18.79 -24.19 -54.67
C ALA D 638 18.92 -25.25 -53.57
N ALA D 639 17.80 -25.71 -53.02
CA ALA D 639 17.86 -26.73 -51.98
C ALA D 639 18.22 -28.10 -52.55
N GLU D 640 17.82 -28.38 -53.79
CA GLU D 640 18.09 -29.68 -54.38
C GLU D 640 19.60 -29.90 -54.55
N ASN D 641 20.32 -28.86 -54.99
CA ASN D 641 21.74 -28.95 -55.24
C ASN D 641 22.58 -28.70 -54.00
N ASN D 642 21.96 -28.42 -52.86
CA ASN D 642 22.69 -28.18 -51.63
C ASN D 642 23.29 -29.50 -51.12
N ASP D 643 24.10 -29.40 -50.07
CA ASP D 643 24.77 -30.55 -49.48
C ASP D 643 24.24 -30.92 -48.11
N ALA D 644 23.69 -29.97 -47.37
CA ALA D 644 23.19 -30.23 -46.03
C ALA D 644 21.81 -30.86 -46.02
N TYR D 645 21.21 -31.11 -47.18
CA TYR D 645 19.87 -31.65 -47.27
C TYR D 645 19.90 -33.01 -47.97
N ASP D 646 19.01 -33.89 -47.55
CA ASP D 646 18.85 -35.19 -48.17
C ASP D 646 17.48 -35.39 -48.80
N LYS D 647 16.56 -34.45 -48.61
CA LYS D 647 15.22 -34.54 -49.17
C LYS D 647 14.57 -33.16 -49.11
N VAL D 648 13.84 -32.80 -50.16
CA VAL D 648 13.18 -31.51 -50.25
C VAL D 648 11.67 -31.74 -50.32
N LYS D 649 10.92 -30.94 -49.56
CA LYS D 649 9.48 -31.09 -49.46
C LYS D 649 8.82 -29.72 -49.52
N LEU D 650 7.53 -29.72 -49.84
CA LEU D 650 6.76 -28.49 -49.96
C LEU D 650 6.45 -27.93 -48.57
N LEU D 651 6.70 -26.64 -48.39
CA LEU D 651 6.37 -25.97 -47.14
C LEU D 651 4.85 -25.83 -47.02
N ASP D 652 4.36 -25.88 -45.78
CA ASP D 652 2.95 -25.70 -45.49
C ASP D 652 2.76 -24.43 -44.66
N GLU D 653 1.64 -23.76 -44.89
CA GLU D 653 1.34 -22.48 -44.25
C GLU D 653 0.48 -22.63 -42.99
N GLY D 654 -0.50 -23.53 -43.00
CA GLY D 654 -1.38 -23.68 -41.86
C GLY D 654 -0.78 -24.45 -40.70
N LEU D 655 0.37 -25.09 -40.92
CA LEU D 655 0.99 -25.89 -39.86
C LEU D 655 1.37 -25.03 -38.67
N ASP D 656 2.10 -23.95 -38.94
CA ASP D 656 2.52 -23.02 -37.85
C ASP D 656 1.29 -22.34 -37.24
N GLY D 657 0.19 -22.26 -37.99
CA GLY D 657 -1.00 -21.59 -37.51
C GLY D 657 -1.80 -22.42 -36.54
N LYS D 658 -2.07 -23.67 -36.90
CA LYS D 658 -2.94 -24.52 -36.09
C LYS D 658 -2.19 -25.35 -35.06
N ILE D 659 -0.86 -25.24 -34.99
CA ILE D 659 -0.12 -25.86 -33.90
C ILE D 659 -0.39 -25.14 -32.58
N GLN D 660 -0.40 -23.81 -32.62
CA GLN D 660 -0.69 -23.03 -31.42
C GLN D 660 -2.10 -23.26 -30.92
N ASN D 661 -3.03 -23.61 -31.81
CA ASN D 661 -4.40 -23.89 -31.40
C ASN D 661 -4.56 -25.24 -30.73
N ASN D 662 -3.47 -25.98 -30.51
CA ASN D 662 -3.50 -27.26 -29.80
C ASN D 662 -4.38 -28.28 -30.51
N ARG D 663 -4.07 -28.52 -31.79
CA ARG D 663 -4.78 -29.50 -32.59
C ARG D 663 -4.16 -30.89 -32.48
N TYR D 664 -2.83 -30.97 -32.49
CA TYR D 664 -2.10 -32.23 -32.37
C TYR D 664 -1.56 -32.45 -30.97
N ARG D 665 -2.29 -32.00 -29.94
CA ARG D 665 -1.79 -32.10 -28.58
C ARG D 665 -1.89 -33.53 -28.06
N PHE D 666 -3.12 -34.06 -27.99
CA PHE D 666 -3.32 -35.38 -27.38
C PHE D 666 -2.73 -36.49 -28.24
N ALA D 667 -2.73 -36.34 -29.57
CA ALA D 667 -2.11 -37.34 -30.42
C ALA D 667 -0.61 -37.43 -30.15
N PHE D 668 0.06 -36.28 -30.04
CA PHE D 668 1.48 -36.29 -29.74
C PHE D 668 1.74 -36.82 -28.34
N LEU D 669 0.84 -36.53 -27.39
CA LEU D 669 0.98 -37.09 -26.05
C LEU D 669 0.89 -38.61 -26.07
N TYR D 670 -0.05 -39.15 -26.83
CA TYR D 670 -0.17 -40.60 -26.96
C TYR D 670 1.07 -41.21 -27.62
N LEU D 671 1.58 -40.55 -28.66
CA LEU D 671 2.80 -41.03 -29.30
C LEU D 671 3.96 -41.04 -28.31
N LEU D 672 4.08 -39.98 -27.51
CA LEU D 672 5.17 -39.89 -26.55
C LEU D 672 5.06 -40.97 -25.48
N VAL D 673 3.86 -41.23 -24.96
CA VAL D 673 3.73 -42.25 -23.93
C VAL D 673 3.97 -43.63 -24.51
N LYS D 674 3.54 -43.87 -25.76
CA LYS D 674 3.85 -45.14 -26.41
C LYS D 674 5.36 -45.34 -26.55
N TRP D 675 6.06 -44.29 -26.98
CA TRP D 675 7.52 -44.39 -27.09
C TRP D 675 8.16 -44.63 -25.73
N TYR D 676 7.65 -43.96 -24.69
CA TYR D 676 8.21 -44.14 -23.35
C TYR D 676 8.04 -45.57 -22.86
N LYS D 677 6.85 -46.14 -23.05
CA LYS D 677 6.64 -47.52 -22.63
C LYS D 677 7.42 -48.50 -23.51
N LYS D 678 7.74 -48.10 -24.74
CA LYS D 678 8.54 -48.96 -25.60
C LYS D 678 10.02 -48.96 -25.22
N TYR D 679 10.54 -47.81 -24.79
CA TYR D 679 11.98 -47.64 -24.61
C TYR D 679 12.44 -47.73 -23.16
N HIS D 680 11.87 -46.91 -22.28
CA HIS D 680 12.39 -46.72 -20.94
C HIS D 680 11.61 -47.48 -19.87
N ILE D 681 10.87 -48.50 -20.26
CA ILE D 681 10.02 -49.22 -19.30
C ILE D 681 10.82 -49.89 -18.18
N PRO D 682 11.98 -50.58 -18.42
CA PRO D 682 12.70 -51.13 -17.27
C PRO D 682 13.38 -50.05 -16.45
N ILE D 683 14.18 -49.22 -17.13
CA ILE D 683 14.86 -48.09 -16.52
C ILE D 683 14.96 -46.99 -17.57
N MET D 684 15.11 -45.76 -17.11
CA MET D 684 15.29 -44.61 -17.99
C MET D 684 16.74 -44.17 -17.95
N LYS D 685 17.36 -44.06 -19.13
CA LYS D 685 18.76 -43.66 -19.21
C LYS D 685 19.06 -43.17 -20.61
N LEU D 686 19.96 -42.20 -20.71
CA LEU D 686 20.42 -41.66 -21.98
C LEU D 686 21.90 -41.97 -22.15
N TYR D 687 22.29 -42.30 -23.39
CA TYR D 687 23.67 -42.67 -23.65
C TYR D 687 24.31 -41.68 -24.61
N PRO D 688 25.53 -41.22 -24.33
CA PRO D 688 26.18 -40.25 -25.20
C PRO D 688 26.63 -40.87 -26.51
N THR D 689 26.70 -40.04 -27.54
CA THR D 689 27.15 -40.42 -28.88
C THR D 689 28.22 -39.43 -29.32
N PRO D 690 29.45 -39.58 -28.83
CA PRO D 690 30.50 -38.61 -29.14
C PRO D 690 31.17 -38.81 -30.49
N GLU D 691 30.66 -39.72 -31.32
CA GLU D 691 31.28 -40.02 -32.62
C GLU D 691 30.79 -39.11 -33.74
N GLU D 692 30.22 -37.95 -33.42
CA GLU D 692 29.68 -37.05 -34.42
C GLU D 692 30.33 -35.67 -34.44
N ILE D 693 31.00 -35.27 -33.36
CA ILE D 693 31.64 -33.95 -33.30
C ILE D 693 33.07 -34.08 -33.79
N PRO D 694 33.48 -33.28 -34.79
CA PRO D 694 34.88 -33.37 -35.26
C PRO D 694 35.90 -33.06 -34.18
N ASP D 695 35.57 -32.15 -33.26
CA ASP D 695 36.47 -31.85 -32.15
C ASP D 695 36.72 -33.09 -31.29
N PHE D 696 35.67 -33.86 -31.02
CA PHE D 696 35.83 -35.15 -30.35
C PHE D 696 36.29 -36.25 -31.30
N ALA D 697 36.08 -36.07 -32.61
CA ALA D 697 36.62 -37.04 -33.56
C ALA D 697 38.14 -37.03 -33.57
N PHE D 698 38.75 -35.87 -33.34
CA PHE D 698 40.20 -35.81 -33.21
C PHE D 698 40.67 -36.61 -32.00
N TYR D 699 39.93 -36.53 -30.90
CA TYR D 699 40.30 -37.23 -29.67
C TYR D 699 40.03 -38.72 -29.72
N LEU D 700 39.34 -39.17 -30.77
CA LEU D 700 39.00 -40.62 -30.90
C LEU D 700 40.29 -41.41 -31.17
N LYS D 701 41.45 -40.77 -31.03
CA LYS D 701 42.75 -41.47 -31.18
C LYS D 701 42.84 -42.60 -30.15
N GLY E 323 -30.00 -19.70 3.36
CA GLY E 323 -29.49 -19.40 4.69
C GLY E 323 -28.84 -18.04 4.79
N ASN E 324 -27.56 -17.97 4.45
CA ASN E 324 -26.84 -16.72 4.48
C ASN E 324 -27.30 -15.81 3.34
N LYS E 325 -27.06 -14.52 3.51
CA LYS E 325 -27.55 -13.52 2.56
C LYS E 325 -26.46 -12.93 1.69
N LEU E 326 -25.28 -12.65 2.25
CA LEU E 326 -24.19 -12.11 1.45
C LEU E 326 -23.57 -13.19 0.56
N PHE E 327 -23.67 -14.45 0.96
CA PHE E 327 -23.14 -15.54 0.14
C PHE E 327 -23.88 -15.61 -1.20
N ASN E 328 -25.20 -15.44 -1.18
CA ASN E 328 -25.95 -15.40 -2.43
C ASN E 328 -25.55 -14.22 -3.29
N ILE E 329 -25.27 -13.06 -2.67
CA ILE E 329 -24.81 -11.91 -3.42
C ILE E 329 -23.48 -12.21 -4.10
N ALA E 330 -22.56 -12.82 -3.36
CA ALA E 330 -21.27 -13.19 -3.95
C ALA E 330 -21.44 -14.19 -5.07
N GLN E 331 -22.36 -15.15 -4.91
CA GLN E 331 -22.64 -16.11 -5.96
C GLN E 331 -23.16 -15.42 -7.21
N ARG E 332 -24.03 -14.44 -7.03
CA ARG E 332 -24.56 -13.69 -8.18
C ARG E 332 -23.48 -12.87 -8.85
N ILE E 333 -22.54 -12.32 -8.08
CA ILE E 333 -21.42 -11.59 -8.67
C ILE E 333 -20.52 -12.53 -9.45
N LEU E 334 -20.34 -13.76 -8.95
CA LEU E 334 -19.40 -14.68 -9.58
C LEU E 334 -19.99 -15.32 -10.83
N ASP E 335 -21.24 -15.79 -10.78
CA ASP E 335 -21.78 -16.56 -11.89
C ASP E 335 -22.02 -15.71 -13.12
N THR E 336 -22.12 -14.39 -12.97
CA THR E 336 -22.24 -13.53 -14.13
C THR E 336 -20.91 -13.34 -14.86
N ASN E 337 -19.83 -13.91 -14.33
CA ASN E 337 -18.52 -13.94 -14.98
C ASN E 337 -17.96 -12.53 -15.18
N SER E 338 -17.90 -11.79 -14.08
CA SER E 338 -17.34 -10.44 -14.07
C SER E 338 -15.92 -10.37 -13.53
N VAL E 339 -15.58 -11.20 -12.56
CA VAL E 339 -14.23 -11.23 -11.98
C VAL E 339 -13.53 -12.49 -12.47
N LEU E 340 -12.26 -12.35 -12.82
CA LEU E 340 -11.48 -13.45 -13.36
C LEU E 340 -10.09 -13.44 -12.74
N LEU E 341 -9.43 -14.60 -12.79
CA LEU E 341 -8.11 -14.79 -12.23
C LEU E 341 -7.13 -15.08 -13.36
N THR E 342 -6.01 -14.36 -13.39
CA THR E 342 -5.02 -14.53 -14.43
C THR E 342 -3.93 -15.50 -13.99
N GLU E 343 -3.08 -15.88 -14.95
CA GLU E 343 -2.08 -16.90 -14.69
C GLU E 343 -0.96 -16.38 -13.78
N ARG E 344 -0.74 -15.06 -13.78
CA ARG E 344 0.32 -14.50 -12.95
C ARG E 344 -0.10 -14.30 -11.50
N GLY E 345 -1.35 -14.56 -11.16
CA GLY E 345 -1.83 -14.39 -9.80
C GLY E 345 -2.60 -13.12 -9.54
N ASP E 346 -2.85 -12.30 -10.55
CA ASP E 346 -3.59 -11.06 -10.40
C ASP E 346 -5.06 -11.26 -10.75
N HIS E 347 -5.89 -10.31 -10.31
CA HIS E 347 -7.32 -10.36 -10.53
C HIS E 347 -7.72 -9.24 -11.48
N ILE E 348 -8.46 -9.59 -12.54
CA ILE E 348 -8.96 -8.62 -13.50
C ILE E 348 -10.46 -8.48 -13.31
N VAL E 349 -10.94 -7.24 -13.29
CA VAL E 349 -12.36 -6.97 -13.10
C VAL E 349 -12.91 -6.31 -14.36
N TRP E 350 -14.22 -6.13 -14.43
CA TRP E 350 -14.90 -5.62 -15.62
C TRP E 350 -15.79 -4.44 -15.21
N ILE E 351 -15.27 -3.22 -15.33
CA ILE E 351 -16.04 -2.02 -15.10
C ILE E 351 -15.74 -1.03 -16.22
N ASN E 352 -16.72 -0.16 -16.51
CA ASN E 352 -16.59 0.85 -17.56
C ASN E 352 -16.28 0.23 -18.91
N ASN E 353 -16.81 -0.98 -19.15
CA ASN E 353 -16.63 -1.69 -20.41
C ASN E 353 -15.14 -1.84 -20.76
N SER E 354 -14.36 -2.26 -19.77
CA SER E 354 -12.93 -2.49 -19.97
C SER E 354 -12.38 -3.46 -18.94
N TRP E 355 -11.53 -4.39 -19.39
CA TRP E 355 -10.94 -5.39 -18.50
C TRP E 355 -9.72 -4.79 -17.78
N LYS E 356 -10.01 -3.80 -16.94
CA LYS E 356 -8.96 -3.14 -16.18
C LYS E 356 -8.66 -3.92 -14.91
N PHE E 357 -7.43 -3.76 -14.42
CA PHE E 357 -7.00 -4.45 -13.22
C PHE E 357 -5.91 -3.63 -12.53
N ASN E 358 -5.89 -3.72 -11.20
CA ASN E 358 -4.88 -3.02 -10.40
C ASN E 358 -4.37 -3.98 -9.33
N SER E 359 -3.05 -4.07 -9.22
CA SER E 359 -2.44 -4.94 -8.22
C SER E 359 -2.46 -4.30 -6.83
N GLU E 360 -2.52 -2.98 -6.75
CA GLU E 360 -2.49 -2.28 -5.47
C GLU E 360 -3.88 -1.84 -5.00
N GLU E 361 -4.76 -1.45 -5.91
CA GLU E 361 -6.10 -1.03 -5.54
C GLU E 361 -7.12 -2.02 -6.08
N PRO E 362 -7.67 -2.90 -5.25
CA PRO E 362 -8.68 -3.86 -5.73
C PRO E 362 -9.97 -3.13 -6.10
N LEU E 363 -10.40 -3.33 -7.34
CA LEU E 363 -11.61 -2.71 -7.86
C LEU E 363 -12.85 -3.56 -7.64
N ILE E 364 -12.74 -4.62 -6.83
CA ILE E 364 -13.88 -5.50 -6.59
C ILE E 364 -14.99 -4.75 -5.88
N THR E 365 -14.65 -3.94 -4.87
CA THR E 365 -15.66 -3.17 -4.17
C THR E 365 -16.35 -2.17 -5.09
N LYS E 366 -15.58 -1.55 -6.00
CA LYS E 366 -16.18 -0.64 -6.97
C LYS E 366 -17.18 -1.38 -7.86
N LEU E 367 -16.82 -2.58 -8.31
CA LEU E 367 -17.74 -3.37 -9.12
C LEU E 367 -19.00 -3.73 -8.35
N ILE E 368 -18.84 -4.10 -7.07
CA ILE E 368 -20.01 -4.46 -6.27
C ILE E 368 -20.95 -3.27 -6.12
N LEU E 369 -20.39 -2.11 -5.77
CA LEU E 369 -21.22 -0.93 -5.58
C LEU E 369 -21.83 -0.45 -6.89
N SER E 370 -21.16 -0.69 -8.02
CA SER E 370 -21.73 -0.32 -9.31
C SER E 370 -22.85 -1.26 -9.73
N ILE E 371 -22.72 -2.54 -9.40
CA ILE E 371 -23.73 -3.53 -9.80
C ILE E 371 -24.87 -3.65 -8.81
N ARG E 372 -24.79 -2.98 -7.66
CA ARG E 372 -25.87 -3.03 -6.67
C ARG E 372 -27.24 -2.70 -7.26
N HIS E 373 -27.29 -2.03 -8.42
CA HIS E 373 -28.57 -1.64 -8.99
C HIS E 373 -29.33 -2.80 -9.62
N GLN E 374 -28.65 -3.91 -9.92
CA GLN E 374 -29.27 -5.03 -10.62
C GLN E 374 -29.65 -6.17 -9.67
N LEU E 375 -30.09 -5.83 -8.47
CA LEU E 375 -30.49 -6.80 -7.46
C LEU E 375 -31.87 -6.47 -6.94
N PRO E 376 -32.58 -7.45 -6.36
CA PRO E 376 -33.86 -7.15 -5.73
C PRO E 376 -33.71 -6.14 -4.60
N LYS E 377 -34.79 -5.41 -4.34
CA LYS E 377 -34.74 -4.30 -3.40
C LYS E 377 -34.30 -4.71 -2.00
N GLU E 378 -34.53 -5.96 -1.61
CA GLU E 378 -34.15 -6.43 -0.29
C GLU E 378 -32.68 -6.81 -0.20
N TYR E 379 -31.96 -6.87 -1.32
CA TYR E 379 -30.53 -7.15 -1.32
C TYR E 379 -29.67 -5.90 -1.39
N SER E 380 -30.23 -4.77 -1.82
CA SER E 380 -29.44 -3.57 -2.00
C SER E 380 -28.99 -2.99 -0.67
N SER E 381 -29.87 -3.03 0.33
CA SER E 381 -29.61 -2.38 1.61
C SER E 381 -28.38 -2.96 2.31
N GLU E 382 -28.01 -4.20 1.96
CA GLU E 382 -26.84 -4.82 2.55
C GLU E 382 -25.55 -4.42 1.85
N LEU E 383 -25.64 -3.69 0.74
CA LEU E 383 -24.46 -3.27 -0.01
C LEU E 383 -24.10 -1.81 0.25
N LEU E 384 -24.30 -1.33 1.48
CA LEU E 384 -23.98 0.04 1.84
C LEU E 384 -22.90 0.12 2.91
N CYS E 385 -22.91 -0.79 3.89
CA CYS E 385 -21.88 -0.81 4.91
C CYS E 385 -20.55 -1.19 4.26
N PRO E 386 -19.48 -0.42 4.47
CA PRO E 386 -18.18 -0.84 3.93
C PRO E 386 -17.73 -2.20 4.45
N ARG E 387 -18.10 -2.53 5.68
CA ARG E 387 -17.79 -3.84 6.25
C ARG E 387 -18.44 -4.94 5.45
N LYS E 388 -19.70 -4.75 5.06
CA LYS E 388 -20.41 -5.77 4.29
C LYS E 388 -19.82 -5.93 2.89
N ARG E 389 -19.42 -4.84 2.23
CA ARG E 389 -18.77 -4.95 0.95
C ARG E 389 -17.42 -5.66 1.07
N LYS E 390 -16.66 -5.37 2.13
CA LYS E 390 -15.41 -6.10 2.35
C LYS E 390 -15.67 -7.58 2.58
N THR E 391 -16.74 -7.91 3.30
CA THR E 391 -17.10 -9.32 3.51
C THR E 391 -17.44 -9.99 2.19
N VAL E 392 -18.19 -9.29 1.33
CA VAL E 392 -18.54 -9.85 0.02
C VAL E 392 -17.29 -10.07 -0.82
N GLU E 393 -16.36 -9.11 -0.78
CA GLU E 393 -15.11 -9.27 -1.51
C GLU E 393 -14.32 -10.47 -1.01
N ALA E 394 -14.23 -10.62 0.31
CA ALA E 394 -13.50 -11.75 0.88
C ALA E 394 -14.15 -13.08 0.51
N ASN E 395 -15.48 -13.13 0.51
CA ASN E 395 -16.19 -14.33 0.08
C ASN E 395 -15.99 -14.63 -1.40
N ILE E 396 -15.89 -13.60 -2.24
CA ILE E 396 -15.65 -13.79 -3.66
C ILE E 396 -14.24 -14.35 -3.88
N ARG E 397 -13.25 -13.82 -3.15
CA ARG E 397 -11.88 -14.23 -3.36
C ARG E 397 -11.65 -15.72 -3.10
N ASP E 398 -12.51 -16.36 -2.32
CA ASP E 398 -12.36 -17.78 -2.00
C ASP E 398 -13.13 -18.69 -2.95
N MET E 399 -13.51 -18.20 -4.13
CA MET E 399 -14.22 -19.00 -5.10
C MET E 399 -13.51 -19.14 -6.44
N LEU E 400 -12.49 -18.33 -6.70
CA LEU E 400 -11.75 -18.40 -7.97
C LEU E 400 -10.61 -19.41 -7.79
N VAL E 401 -10.80 -20.60 -8.35
CA VAL E 401 -9.84 -21.68 -8.19
C VAL E 401 -9.06 -21.96 -9.47
N ASP E 402 -9.68 -21.86 -10.64
CA ASP E 402 -9.03 -22.20 -11.90
C ASP E 402 -8.57 -20.94 -12.61
N SER E 403 -7.34 -20.99 -13.12
CA SER E 403 -6.77 -19.86 -13.83
C SER E 403 -7.39 -19.73 -15.22
N VAL E 404 -7.33 -18.52 -15.76
CA VAL E 404 -7.87 -18.22 -17.08
C VAL E 404 -6.82 -17.43 -17.86
N GLU E 405 -6.51 -17.88 -19.07
CA GLU E 405 -5.55 -17.19 -19.92
C GLU E 405 -6.26 -16.10 -20.74
N THR E 406 -5.54 -15.02 -21.00
CA THR E 406 -6.09 -13.85 -21.65
C THR E 406 -5.40 -13.61 -22.98
N ASP E 407 -6.04 -12.75 -23.79
CA ASP E 407 -5.52 -12.35 -25.11
C ASP E 407 -5.30 -13.57 -26.01
N THR E 408 -6.40 -14.26 -26.30
CA THR E 408 -6.37 -15.42 -27.19
C THR E 408 -6.85 -15.11 -28.60
N TYR E 409 -7.68 -14.08 -28.77
CA TYR E 409 -8.22 -13.75 -30.09
C TYR E 409 -7.26 -12.83 -30.82
N PRO E 410 -6.69 -13.23 -31.95
CA PRO E 410 -5.70 -12.41 -32.64
C PRO E 410 -6.25 -11.47 -33.70
N ASP E 411 -7.56 -11.30 -33.81
CA ASP E 411 -8.16 -10.46 -34.85
C ASP E 411 -9.16 -9.49 -34.25
N LYS E 412 -8.88 -8.99 -33.05
CA LYS E 412 -9.75 -8.04 -32.37
C LYS E 412 -8.92 -6.86 -31.89
N LEU E 413 -9.38 -5.65 -32.18
CA LEU E 413 -8.68 -4.44 -31.78
C LEU E 413 -9.41 -3.80 -30.61
N PRO E 414 -8.85 -3.83 -29.40
CA PRO E 414 -9.59 -3.33 -28.23
C PRO E 414 -9.42 -1.84 -28.00
N PHE E 415 -10.54 -1.13 -27.94
CA PHE E 415 -10.54 0.29 -27.58
C PHE E 415 -10.91 0.43 -26.10
N LYS E 416 -11.01 1.68 -25.66
CA LYS E 416 -11.35 1.95 -24.26
C LYS E 416 -12.82 1.65 -23.95
N ASN E 417 -13.72 1.82 -24.91
CA ASN E 417 -15.14 1.63 -24.67
C ASN E 417 -15.70 0.47 -25.49
N GLY E 418 -14.86 -0.47 -25.87
CA GLY E 418 -15.31 -1.63 -26.60
C GLY E 418 -14.22 -2.22 -27.47
N VAL E 419 -14.55 -3.31 -28.13
CA VAL E 419 -13.63 -4.03 -29.01
C VAL E 419 -14.19 -3.99 -30.42
N LEU E 420 -13.37 -3.57 -31.37
CA LEU E 420 -13.78 -3.51 -32.77
C LEU E 420 -13.35 -4.77 -33.48
N ASP E 421 -14.33 -5.51 -34.03
CA ASP E 421 -14.01 -6.70 -34.79
C ASP E 421 -13.38 -6.33 -36.14
N LEU E 422 -12.59 -7.25 -36.68
CA LEU E 422 -11.93 -7.05 -37.95
C LEU E 422 -12.42 -7.98 -39.05
N VAL E 423 -13.16 -9.03 -38.72
CA VAL E 423 -13.68 -9.93 -39.74
C VAL E 423 -14.70 -9.22 -40.62
N ASP E 424 -15.61 -8.45 -40.01
CA ASP E 424 -16.66 -7.78 -40.76
C ASP E 424 -16.72 -6.27 -40.52
N GLY E 425 -15.85 -5.72 -39.68
CA GLY E 425 -15.83 -4.29 -39.41
C GLY E 425 -16.83 -3.81 -38.38
N MET E 426 -17.65 -4.70 -37.82
CA MET E 426 -18.58 -4.29 -36.79
C MET E 426 -17.85 -4.02 -35.47
N PHE E 427 -18.46 -3.18 -34.64
CA PHE E 427 -17.89 -2.79 -33.36
C PHE E 427 -18.85 -3.16 -32.25
N TYR E 428 -18.35 -3.85 -31.24
CA TYR E 428 -19.15 -4.28 -30.09
C TYR E 428 -18.80 -3.43 -28.87
N SER E 429 -19.68 -3.49 -27.88
CA SER E 429 -19.49 -2.76 -26.63
C SER E 429 -20.32 -3.44 -25.54
N GLY E 430 -19.97 -3.13 -24.30
CA GLY E 430 -20.70 -3.71 -23.18
C GLY E 430 -20.45 -5.20 -23.05
N ASP E 431 -21.54 -5.94 -22.83
CA ASP E 431 -21.42 -7.38 -22.63
C ASP E 431 -20.91 -8.10 -23.88
N ASP E 432 -21.17 -7.54 -25.06
CA ASP E 432 -20.73 -8.18 -26.30
C ASP E 432 -19.21 -8.21 -26.38
N ALA E 433 -18.56 -7.08 -26.12
CA ALA E 433 -17.11 -7.01 -26.17
C ALA E 433 -16.52 -7.36 -24.81
N LYS E 434 -16.94 -8.47 -24.25
CA LYS E 434 -16.51 -8.92 -22.93
C LYS E 434 -15.97 -10.35 -22.95
N LYS E 435 -16.55 -11.23 -23.77
CA LYS E 435 -16.08 -12.60 -23.83
C LYS E 435 -14.63 -12.70 -24.32
N TYR E 436 -14.18 -11.73 -25.11
CA TYR E 436 -12.79 -11.67 -25.55
C TYR E 436 -11.99 -10.97 -24.45
N THR E 437 -11.22 -11.75 -23.70
CA THR E 437 -10.48 -11.24 -22.55
C THR E 437 -9.29 -10.43 -23.04
N CYS E 438 -9.55 -9.18 -23.40
CA CYS E 438 -8.52 -8.28 -23.87
C CYS E 438 -7.99 -7.46 -22.71
N THR E 439 -6.67 -7.48 -22.53
CA THR E 439 -6.04 -6.77 -21.41
C THR E 439 -5.59 -5.37 -21.81
N VAL E 440 -4.72 -5.27 -22.82
CA VAL E 440 -4.22 -3.98 -23.27
C VAL E 440 -5.30 -3.28 -24.10
N SER E 441 -5.11 -1.98 -24.33
CA SER E 441 -6.09 -1.20 -25.07
C SER E 441 -5.39 -0.03 -25.74
N THR E 442 -6.08 0.58 -26.70
CA THR E 442 -5.52 1.71 -27.43
C THR E 442 -5.39 2.95 -26.55
N GLY E 443 -6.24 3.08 -25.54
CA GLY E 443 -6.17 4.18 -24.60
C GLY E 443 -7.16 5.30 -24.85
N PHE E 444 -7.90 5.27 -25.97
CA PHE E 444 -8.86 6.31 -26.27
C PHE E 444 -10.20 5.68 -26.66
N LYS E 445 -11.27 6.43 -26.43
CA LYS E 445 -12.61 5.94 -26.73
C LYS E 445 -12.83 5.87 -28.23
N PHE E 446 -13.83 5.07 -28.61
CA PHE E 446 -14.19 4.88 -30.01
C PHE E 446 -15.46 5.67 -30.30
N ASP E 447 -15.41 6.53 -31.31
CA ASP E 447 -16.55 7.34 -31.72
C ASP E 447 -16.94 6.92 -33.14
N ASP E 448 -18.13 6.34 -33.27
CA ASP E 448 -18.57 5.81 -34.56
C ASP E 448 -18.94 6.89 -35.55
N THR E 449 -19.21 8.12 -35.11
CA THR E 449 -19.62 9.19 -36.01
C THR E 449 -18.48 9.69 -36.89
N LYS E 450 -17.24 9.45 -36.51
CA LYS E 450 -16.09 9.86 -37.31
C LYS E 450 -15.49 8.71 -38.11
N PHE E 451 -16.19 7.58 -38.19
CA PHE E 451 -15.73 6.41 -38.93
C PHE E 451 -16.37 6.32 -40.31
N VAL E 452 -16.64 7.47 -40.93
CA VAL E 452 -17.26 7.49 -42.24
C VAL E 452 -16.20 7.34 -43.32
N GLU E 453 -16.64 7.00 -44.53
CA GLU E 453 -15.73 6.78 -45.64
C GLU E 453 -15.45 8.07 -46.41
N ASP E 454 -16.46 8.92 -46.59
CA ASP E 454 -16.30 10.19 -47.31
C ASP E 454 -16.22 11.33 -46.31
N SER E 455 -15.13 12.11 -46.39
CA SER E 455 -14.87 13.20 -45.46
C SER E 455 -13.68 14.00 -45.96
N PRO E 456 -13.59 15.30 -45.65
CA PRO E 456 -12.38 16.06 -46.03
C PRO E 456 -11.10 15.49 -45.45
N GLU E 457 -11.17 14.98 -44.22
CA GLU E 457 -10.01 14.32 -43.62
C GLU E 457 -9.59 13.11 -44.44
N MET E 458 -10.57 12.32 -44.91
CA MET E 458 -10.26 11.20 -45.79
C MET E 458 -9.54 11.67 -47.04
N GLU E 459 -10.01 12.75 -47.66
CA GLU E 459 -9.40 13.22 -48.91
C GLU E 459 -7.97 13.72 -48.67
N GLU E 460 -7.77 14.49 -47.61
CA GLU E 460 -6.43 14.98 -47.31
C GLU E 460 -5.48 13.82 -46.99
N LEU E 461 -5.96 12.84 -46.22
CA LEU E 461 -5.11 11.69 -45.90
C LEU E 461 -4.79 10.87 -47.14
N MET E 462 -5.76 10.70 -48.04
CA MET E 462 -5.51 9.97 -49.27
C MET E 462 -4.50 10.72 -50.14
N ASN E 463 -4.59 12.05 -50.18
CA ASN E 463 -3.60 12.84 -50.90
C ASN E 463 -2.21 12.65 -50.31
N ILE E 464 -2.12 12.66 -48.99
CA ILE E 464 -0.83 12.46 -48.32
C ILE E 464 -0.26 11.09 -48.65
N ILE E 465 -1.10 10.05 -48.59
CA ILE E 465 -0.64 8.69 -48.82
C ILE E 465 -0.20 8.52 -50.27
N ASN E 466 -0.96 9.08 -51.21
CA ASN E 466 -0.55 9.01 -52.61
C ASN E 466 0.69 9.85 -52.89
N ASP E 467 0.95 10.89 -52.08
CA ASP E 467 2.17 11.66 -52.23
C ASP E 467 3.38 10.91 -51.72
N ILE E 468 3.26 10.25 -50.56
CA ILE E 468 4.40 9.55 -49.99
C ILE E 468 4.74 8.32 -50.82
N GLN E 469 3.74 7.61 -51.32
CA GLN E 469 3.94 6.40 -52.13
C GLN E 469 3.09 6.50 -53.38
N PRO E 470 3.63 7.09 -54.45
CA PRO E 470 2.86 7.20 -55.70
C PRO E 470 2.51 5.82 -56.25
N LEU E 471 1.30 5.70 -56.79
CA LEU E 471 0.79 4.43 -57.29
C LEU E 471 1.02 4.29 -58.79
N THR E 472 2.28 4.39 -59.18
CA THR E 472 2.66 4.18 -60.57
C THR E 472 2.93 2.70 -60.83
N ASP E 473 2.89 2.33 -62.12
CA ASP E 473 3.21 0.97 -62.51
C ASP E 473 4.65 0.60 -62.20
N GLU E 474 5.54 1.59 -62.13
CA GLU E 474 6.91 1.33 -61.72
C GLU E 474 6.99 1.03 -60.22
N ASN E 475 6.05 1.54 -59.45
CA ASN E 475 6.05 1.45 -57.99
C ASN E 475 4.77 0.80 -57.49
N LYS E 476 4.38 -0.31 -58.12
CA LYS E 476 3.16 -1.02 -57.73
C LYS E 476 3.42 -2.01 -56.59
N LYS E 477 4.42 -2.88 -56.76
CA LYS E 477 4.70 -3.88 -55.72
C LYS E 477 5.13 -3.21 -54.42
N ASN E 478 5.93 -2.14 -54.51
CA ASN E 478 6.34 -1.42 -53.32
C ASN E 478 5.13 -0.82 -52.60
N ARG E 479 4.17 -0.29 -53.36
CA ARG E 479 2.99 0.31 -52.76
C ARG E 479 2.19 -0.73 -51.98
N GLU E 480 1.92 -1.88 -52.59
CA GLU E 480 1.13 -2.90 -51.92
C GLU E 480 1.89 -3.51 -50.76
N LEU E 481 3.21 -3.65 -50.87
CA LEU E 481 4.00 -4.13 -49.73
C LEU E 481 3.94 -3.16 -48.57
N TYR E 482 4.00 -1.85 -48.87
CA TYR E 482 3.86 -0.84 -47.82
C TYR E 482 2.49 -0.93 -47.17
N GLU E 483 1.45 -1.08 -47.97
CA GLU E 483 0.10 -1.21 -47.42
C GLU E 483 -0.01 -2.45 -46.53
N LYS E 484 0.55 -3.57 -46.98
CA LYS E 484 0.48 -4.81 -46.20
C LYS E 484 1.23 -4.67 -44.88
N THR E 485 2.44 -4.08 -44.93
CA THR E 485 3.21 -3.91 -43.71
C THR E 485 2.50 -2.99 -42.72
N LEU E 486 1.90 -1.92 -43.22
CA LEU E 486 1.16 -1.02 -42.33
C LEU E 486 -0.08 -1.70 -41.75
N SER E 487 -0.80 -2.46 -42.57
CA SER E 487 -2.02 -3.10 -42.10
C SER E 487 -1.75 -4.28 -41.17
N SER E 488 -0.55 -4.85 -41.20
CA SER E 488 -0.22 -5.94 -40.30
C SER E 488 -0.15 -5.51 -38.85
N CYS E 489 -0.15 -4.21 -38.57
CA CYS E 489 -0.01 -3.69 -37.22
C CYS E 489 -1.31 -3.67 -36.43
N LEU E 490 -2.33 -4.42 -36.84
CA LEU E 490 -3.60 -4.48 -36.15
C LEU E 490 -3.86 -5.82 -35.47
N CYS E 491 -3.67 -6.92 -36.19
CA CYS E 491 -3.93 -8.23 -35.62
C CYS E 491 -2.88 -8.58 -34.59
N GLY E 492 -3.27 -9.41 -33.62
CA GLY E 492 -2.40 -9.74 -32.50
C GLY E 492 -1.68 -11.07 -32.62
N ALA E 493 -1.44 -11.52 -33.84
CA ALA E 493 -0.74 -12.77 -34.07
C ALA E 493 0.76 -12.55 -33.90
N THR E 494 1.56 -13.56 -34.26
CA THR E 494 3.01 -13.50 -34.14
C THR E 494 3.59 -13.28 -35.53
N LYS E 495 4.20 -12.12 -35.74
CA LYS E 495 4.83 -11.79 -37.01
C LYS E 495 6.13 -12.58 -37.17
N GLY E 496 6.55 -12.76 -38.42
CA GLY E 496 7.73 -13.55 -38.70
C GLY E 496 8.73 -12.90 -39.64
N CYS E 497 8.65 -11.57 -39.79
CA CYS E 497 9.57 -10.86 -40.67
C CYS E 497 9.87 -9.49 -40.07
N LEU E 498 11.01 -8.94 -40.45
CA LEU E 498 11.41 -7.58 -40.09
C LEU E 498 11.43 -6.72 -41.33
N THR E 499 10.87 -5.52 -41.23
CA THR E 499 10.73 -4.62 -42.36
C THR E 499 11.62 -3.40 -42.15
N PHE E 500 12.43 -3.07 -43.16
CA PHE E 500 13.29 -1.91 -43.14
C PHE E 500 12.63 -0.77 -43.92
N PHE E 501 12.41 0.35 -43.24
CA PHE E 501 11.95 1.57 -43.90
C PHE E 501 13.18 2.36 -44.36
N PHE E 502 13.89 1.78 -45.32
CA PHE E 502 15.15 2.32 -45.78
C PHE E 502 14.90 3.46 -46.76
N GLY E 503 15.40 4.65 -46.44
CA GLY E 503 15.24 5.81 -47.30
C GLY E 503 16.16 6.93 -46.86
N GLU E 504 16.19 7.97 -47.69
CA GLU E 504 17.05 9.12 -47.43
C GLU E 504 16.41 10.00 -46.35
N THR E 505 17.09 11.09 -46.01
CA THR E 505 16.59 12.01 -44.99
C THR E 505 15.48 12.89 -45.55
N ALA E 506 14.54 13.24 -44.67
CA ALA E 506 13.40 14.10 -45.01
C ALA E 506 12.63 13.55 -46.21
N THR E 507 12.19 12.30 -46.04
CA THR E 507 11.42 11.61 -47.06
C THR E 507 9.98 11.33 -46.67
N GLY E 508 9.68 11.12 -45.38
CA GLY E 508 8.31 10.89 -44.95
C GLY E 508 8.15 9.67 -44.08
N LYS E 509 9.26 9.10 -43.63
CA LYS E 509 9.23 7.94 -42.74
C LYS E 509 8.62 8.33 -41.39
N SER E 510 9.08 9.45 -40.83
CA SER E 510 8.52 9.94 -39.58
C SER E 510 7.05 10.30 -39.74
N THR E 511 6.65 10.72 -40.94
CA THR E 511 5.23 10.98 -41.19
C THR E 511 4.40 9.72 -40.99
N THR E 512 4.85 8.61 -41.58
CA THR E 512 4.14 7.34 -41.40
C THR E 512 4.18 6.89 -39.94
N LYS E 513 5.32 7.09 -39.28
CA LYS E 513 5.42 6.71 -37.88
C LYS E 513 4.40 7.46 -37.03
N ARG E 514 4.32 8.78 -37.22
CA ARG E 514 3.38 9.59 -36.45
C ARG E 514 1.93 9.24 -36.79
N LEU E 515 1.65 8.98 -38.06
CA LEU E 515 0.31 8.59 -38.46
C LEU E 515 -0.10 7.28 -37.78
N LEU E 516 0.79 6.30 -37.77
CA LEU E 516 0.50 5.03 -37.11
C LEU E 516 0.33 5.21 -35.60
N LYS E 517 1.18 6.04 -34.99
CA LYS E 517 1.08 6.26 -33.56
C LYS E 517 -0.25 6.91 -33.20
N SER E 518 -0.69 7.87 -34.01
CA SER E 518 -2.02 8.46 -33.79
C SER E 518 -3.13 7.45 -34.07
N ALA E 519 -2.92 6.53 -35.00
CA ALA E 519 -3.97 5.59 -35.37
C ALA E 519 -4.21 4.56 -34.27
N ILE E 520 -3.15 3.94 -33.77
CA ILE E 520 -3.29 2.84 -32.82
C ILE E 520 -2.99 3.23 -31.39
N GLY E 521 -2.28 4.34 -31.15
CA GLY E 521 -2.11 4.85 -29.80
C GLY E 521 -1.20 4.03 -28.90
N ASP E 522 -1.77 3.50 -27.81
CA ASP E 522 -0.97 2.86 -26.78
C ASP E 522 -0.30 1.58 -27.25
N LEU E 523 -0.83 0.93 -28.28
CA LEU E 523 -0.21 -0.29 -28.80
C LEU E 523 0.87 0.03 -29.83
N PHE E 524 1.78 0.93 -29.46
CA PHE E 524 2.84 1.36 -30.35
C PHE E 524 3.94 1.98 -29.51
N VAL E 525 5.12 1.38 -29.53
CA VAL E 525 6.27 1.90 -28.79
C VAL E 525 7.44 2.04 -29.74
N GLU E 526 8.35 2.95 -29.39
CA GLU E 526 9.57 3.16 -30.15
C GLU E 526 10.73 3.26 -29.17
N THR E 527 11.76 2.45 -29.37
CA THR E 527 12.92 2.44 -28.50
C THR E 527 14.19 2.67 -29.31
N GLY E 528 15.34 2.48 -28.68
CA GLY E 528 16.61 2.70 -29.34
C GLY E 528 16.99 1.55 -30.25
N GLN E 529 18.17 1.69 -30.86
CA GLN E 529 18.73 0.69 -31.76
C GLN E 529 19.55 -0.36 -31.03
N THR E 530 19.67 -0.25 -29.71
CA THR E 530 20.53 -1.16 -28.95
C THR E 530 20.04 -2.60 -29.02
N ILE E 531 18.77 -2.81 -29.33
CA ILE E 531 18.21 -4.16 -29.37
C ILE E 531 18.71 -4.90 -30.60
N LEU E 532 19.40 -4.20 -31.49
CA LEU E 532 19.92 -4.79 -32.72
C LEU E 532 21.42 -5.00 -32.72
N THR E 533 22.17 -4.32 -31.86
CA THR E 533 23.63 -4.43 -31.83
C THR E 533 24.12 -4.75 -30.42
N ASP E 534 23.35 -5.56 -29.69
CA ASP E 534 23.73 -5.95 -28.33
C ASP E 534 23.15 -7.32 -28.04
N VAL E 535 23.71 -7.97 -27.02
CA VAL E 535 23.18 -9.24 -26.55
C VAL E 535 21.89 -8.97 -25.79
N LEU E 536 21.05 -10.00 -25.65
CA LEU E 536 19.74 -9.84 -25.02
C LEU E 536 19.57 -10.71 -23.80
N ASP E 537 20.67 -11.21 -23.21
CA ASP E 537 20.60 -12.09 -22.06
C ASP E 537 21.33 -11.54 -20.85
N LYS E 538 22.50 -10.95 -21.03
CA LYS E 538 23.28 -10.47 -19.90
C LYS E 538 22.60 -9.28 -19.24
N GLY E 539 22.40 -9.38 -17.92
CA GLY E 539 21.84 -8.30 -17.16
C GLY E 539 20.38 -8.05 -17.48
N PRO E 540 19.83 -6.95 -16.98
CA PRO E 540 18.45 -6.59 -17.30
C PRO E 540 18.32 -6.13 -18.75
N ASN E 541 17.09 -6.12 -19.22
CA ASN E 541 16.80 -5.61 -20.55
C ASN E 541 15.39 -5.01 -20.57
N PRO E 542 15.22 -3.79 -20.07
CA PRO E 542 13.87 -3.20 -20.02
C PRO E 542 13.25 -2.99 -21.38
N PHE E 543 14.05 -2.92 -22.45
CA PHE E 543 13.49 -2.79 -23.79
C PHE E 543 12.69 -4.02 -24.20
N ILE E 544 13.00 -5.18 -23.64
CA ILE E 544 12.26 -6.39 -23.94
C ILE E 544 10.94 -6.44 -23.19
N ALA E 545 10.94 -6.04 -21.91
CA ALA E 545 9.70 -6.03 -21.14
C ALA E 545 8.70 -5.01 -21.65
N ASN E 546 9.15 -4.03 -22.44
CA ASN E 546 8.25 -3.07 -23.03
C ASN E 546 7.52 -3.61 -24.25
N MET E 547 7.96 -4.75 -24.77
CA MET E 547 7.35 -5.35 -25.97
C MET E 547 6.24 -6.33 -25.64
N HIS E 548 5.87 -6.48 -24.37
CA HIS E 548 4.85 -7.44 -23.98
C HIS E 548 3.49 -6.98 -24.50
N LEU E 549 2.91 -7.79 -25.39
CA LEU E 549 1.58 -7.57 -25.94
C LEU E 549 1.47 -6.30 -26.77
N LYS E 550 2.59 -5.69 -27.15
CA LYS E 550 2.56 -4.59 -28.10
C LYS E 550 2.36 -5.15 -29.51
N ARG E 551 1.70 -4.37 -30.35
CA ARG E 551 1.37 -4.80 -31.70
C ARG E 551 2.19 -4.11 -32.78
N SER E 552 3.08 -3.20 -32.41
CA SER E 552 3.93 -2.54 -33.39
C SER E 552 5.10 -1.88 -32.67
N VAL E 553 6.31 -2.13 -33.18
CA VAL E 553 7.53 -1.57 -32.62
C VAL E 553 8.28 -0.88 -33.74
N PHE E 554 8.61 0.40 -33.55
CA PHE E 554 9.32 1.20 -34.52
C PHE E 554 10.74 1.47 -34.01
N CYS E 555 11.73 1.23 -34.87
CA CYS E 555 13.13 1.39 -34.54
C CYS E 555 13.70 2.54 -35.35
N SER E 556 13.83 3.71 -34.73
CA SER E 556 14.33 4.90 -35.40
C SER E 556 15.78 5.18 -34.98
N GLU E 557 16.31 6.29 -35.47
CA GLU E 557 17.64 6.81 -35.15
C GLU E 557 18.70 5.71 -35.23
N LEU E 558 18.64 4.99 -36.35
CA LEU E 558 19.65 3.98 -36.65
C LEU E 558 20.89 4.67 -37.18
N PRO E 559 22.03 4.59 -36.48
CA PRO E 559 23.24 5.29 -36.93
C PRO E 559 23.84 4.65 -38.18
N ASP E 560 24.60 5.45 -38.90
CA ASP E 560 25.31 4.95 -40.08
C ASP E 560 26.38 3.94 -39.67
N PHE E 561 26.66 3.00 -40.57
CA PHE E 561 27.62 1.94 -40.30
C PHE E 561 28.87 2.02 -41.15
N ALA E 562 28.96 2.94 -42.11
CA ALA E 562 30.17 3.11 -42.91
C ALA E 562 31.25 3.89 -42.18
N CYS E 563 31.04 4.23 -40.91
CA CYS E 563 32.00 4.99 -40.14
C CYS E 563 33.02 4.03 -39.51
N SER E 564 33.84 4.55 -38.60
CA SER E 564 34.89 3.76 -37.98
C SER E 564 34.39 3.12 -36.69
N GLY E 565 34.55 1.81 -36.58
CA GLY E 565 34.17 1.08 -35.39
C GLY E 565 32.68 1.10 -35.11
N SER E 566 31.87 1.34 -36.14
CA SER E 566 30.43 1.38 -35.96
C SER E 566 29.89 0.00 -35.63
N LYS E 567 28.94 -0.06 -34.70
CA LYS E 567 28.37 -1.33 -34.29
C LYS E 567 27.62 -1.97 -35.45
N LYS E 568 27.84 -3.26 -35.65
CA LYS E 568 27.21 -4.00 -36.73
C LYS E 568 25.91 -4.63 -36.26
N ILE E 569 24.93 -4.71 -37.17
CA ILE E 569 23.64 -5.30 -36.86
C ILE E 569 23.84 -6.80 -36.61
N ARG E 570 23.67 -7.22 -35.37
CA ARG E 570 23.90 -8.62 -35.02
C ARG E 570 22.77 -9.49 -35.55
N SER E 571 23.14 -10.56 -36.27
CA SER E 571 22.13 -11.45 -36.84
C SER E 571 21.36 -12.21 -35.76
N ASP E 572 22.04 -12.65 -34.70
CA ASP E 572 21.39 -13.44 -33.67
C ASP E 572 20.23 -12.70 -33.04
N ASN E 573 20.36 -11.38 -32.88
CA ASN E 573 19.25 -10.58 -32.39
C ASN E 573 18.06 -10.66 -33.35
N ILE E 574 18.33 -10.61 -34.66
CA ILE E 574 17.25 -10.70 -35.64
C ILE E 574 16.56 -12.06 -35.56
N LYS E 575 17.34 -13.13 -35.44
CA LYS E 575 16.73 -14.46 -35.31
C LYS E 575 15.93 -14.59 -34.02
N LYS E 576 16.40 -13.97 -32.94
CA LYS E 576 15.73 -14.08 -31.65
C LYS E 576 14.55 -13.10 -31.51
N LEU E 577 14.45 -12.10 -32.38
CA LEU E 577 13.39 -11.11 -32.29
C LEU E 577 12.15 -11.48 -33.09
N THR E 578 12.14 -12.63 -33.76
CA THR E 578 11.01 -13.05 -34.59
C THR E 578 10.37 -14.33 -34.08
N GLU E 579 10.59 -14.68 -32.83
CA GLU E 579 10.04 -15.89 -32.22
C GLU E 579 8.82 -15.56 -31.37
N PRO E 580 7.94 -16.54 -31.16
CA PRO E 580 6.75 -16.28 -30.34
C PRO E 580 7.05 -15.88 -28.91
N CYS E 581 8.22 -16.22 -28.38
CA CYS E 581 8.58 -15.84 -27.02
C CYS E 581 10.02 -15.36 -27.01
N VAL E 582 10.22 -14.10 -26.62
CA VAL E 582 11.56 -13.52 -26.50
C VAL E 582 11.98 -13.59 -25.03
N ILE E 583 13.21 -14.06 -24.80
CA ILE E 583 13.71 -14.27 -23.45
C ILE E 583 14.46 -13.02 -23.00
N GLY E 584 14.08 -12.51 -21.84
CA GLY E 584 14.68 -11.31 -21.28
C GLY E 584 13.94 -10.83 -20.06
N ARG E 585 14.67 -10.35 -19.06
CA ARG E 585 14.02 -9.97 -17.82
C ARG E 585 14.17 -8.48 -17.56
N PRO E 586 13.12 -7.81 -17.09
CA PRO E 586 13.24 -6.41 -16.69
C PRO E 586 14.01 -6.29 -15.38
N CYS E 587 14.34 -5.05 -15.04
CA CYS E 587 15.07 -4.79 -13.81
C CYS E 587 14.24 -5.17 -12.59
N PHE E 588 14.91 -5.76 -11.60
CA PHE E 588 14.33 -6.13 -10.31
C PHE E 588 13.24 -7.18 -10.42
N SER E 589 13.17 -7.91 -11.53
CA SER E 589 12.11 -8.89 -11.76
C SER E 589 12.73 -10.23 -12.15
N ASN E 590 11.87 -11.25 -12.24
CA ASN E 590 12.30 -12.60 -12.55
C ASN E 590 11.54 -13.26 -13.70
N LYS E 591 10.40 -12.72 -14.12
CA LYS E 591 9.65 -13.32 -15.21
C LYS E 591 10.42 -13.09 -16.52
N ILE E 592 10.79 -14.18 -17.19
CA ILE E 592 11.70 -14.11 -18.32
C ILE E 592 11.02 -14.36 -19.66
N ASN E 593 9.74 -14.73 -19.65
CA ASN E 593 9.01 -14.97 -20.89
C ASN E 593 8.18 -13.76 -21.27
N ASN E 594 8.02 -13.56 -22.59
CA ASN E 594 7.29 -12.41 -23.11
C ASN E 594 6.63 -12.81 -24.41
N ARG E 595 5.39 -12.36 -24.61
CA ARG E 595 4.67 -12.64 -25.84
C ARG E 595 5.02 -11.61 -26.90
N ASN E 596 5.23 -12.08 -28.13
CA ASN E 596 5.71 -11.26 -29.23
C ASN E 596 4.59 -11.09 -30.26
N HIS E 597 3.76 -10.07 -30.06
CA HIS E 597 2.70 -9.71 -30.99
C HIS E 597 3.07 -8.48 -31.83
N ALA E 598 4.32 -8.06 -31.81
CA ALA E 598 4.70 -6.76 -32.35
C ALA E 598 5.31 -6.88 -33.73
N THR E 599 4.91 -5.97 -34.62
CA THR E 599 5.57 -5.81 -35.92
C THR E 599 6.75 -4.87 -35.77
N ILE E 600 7.92 -5.33 -36.19
CA ILE E 600 9.16 -4.56 -36.03
C ILE E 600 9.45 -3.86 -37.35
N ILE E 601 9.48 -2.53 -37.31
CA ILE E 601 9.80 -1.70 -38.46
C ILE E 601 11.03 -0.87 -38.11
N ILE E 602 12.04 -0.91 -38.97
CA ILE E 602 13.32 -0.27 -38.73
C ILE E 602 13.47 0.90 -39.69
N ASP E 603 13.84 2.07 -39.15
CA ASP E 603 14.02 3.29 -39.92
C ASP E 603 15.53 3.54 -40.02
N THR E 604 16.11 3.16 -41.16
CA THR E 604 17.52 3.40 -41.43
C THR E 604 17.65 4.50 -42.48
N ASN E 605 18.89 4.81 -42.84
CA ASN E 605 19.14 5.86 -43.82
C ASN E 605 20.05 5.37 -44.94
N TYR E 606 20.93 4.42 -44.63
CA TYR E 606 21.89 3.89 -45.60
C TYR E 606 21.78 2.38 -45.65
N LYS E 607 22.62 1.77 -46.48
CA LYS E 607 22.60 0.32 -46.64
C LYS E 607 23.03 -0.35 -45.35
N PRO E 608 22.20 -1.23 -44.77
CA PRO E 608 22.60 -1.89 -43.52
C PRO E 608 23.59 -3.01 -43.76
N VAL E 609 24.57 -3.11 -42.86
CA VAL E 609 25.58 -4.16 -42.91
C VAL E 609 25.47 -5.00 -41.65
N PHE E 610 25.59 -6.31 -41.83
CA PHE E 610 25.47 -7.28 -40.74
C PHE E 610 26.84 -7.85 -40.41
N ASP E 611 26.87 -8.74 -39.42
CA ASP E 611 28.10 -9.44 -39.06
C ASP E 611 28.34 -10.66 -39.93
N ARG E 612 27.27 -11.39 -40.27
CA ARG E 612 27.39 -12.58 -41.10
C ARG E 612 26.07 -12.77 -41.86
N ILE E 613 26.18 -13.20 -43.11
CA ILE E 613 25.03 -13.43 -43.97
C ILE E 613 24.91 -14.93 -44.22
N ASP E 614 23.71 -15.46 -43.99
CA ASP E 614 23.46 -16.89 -44.19
C ASP E 614 22.01 -17.07 -44.62
N ASN E 615 21.69 -18.28 -45.08
CA ASN E 615 20.33 -18.55 -45.54
C ASN E 615 19.31 -18.43 -44.41
N ALA E 616 19.73 -18.59 -43.15
CA ALA E 616 18.83 -18.36 -42.03
C ALA E 616 18.45 -16.90 -41.87
N LEU E 617 19.22 -15.99 -42.44
CA LEU E 617 18.90 -14.57 -42.44
C LEU E 617 18.20 -14.12 -43.71
N MET E 618 18.14 -15.00 -44.72
CA MET E 618 17.55 -14.70 -46.01
C MET E 618 16.04 -14.64 -46.00
N ARG E 619 15.39 -15.28 -45.02
CA ARG E 619 13.94 -15.44 -44.99
C ARG E 619 13.29 -14.65 -43.86
N ARG E 620 13.95 -13.61 -43.37
CA ARG E 620 13.43 -12.80 -42.27
C ARG E 620 13.67 -11.32 -42.55
N ILE E 621 13.74 -10.93 -43.81
CA ILE E 621 14.12 -9.58 -44.18
C ILE E 621 13.18 -9.08 -45.28
N ALA E 622 12.61 -7.90 -45.08
CA ALA E 622 11.79 -7.23 -46.08
C ALA E 622 12.15 -5.75 -46.10
N VAL E 623 12.23 -5.18 -47.30
CA VAL E 623 12.66 -3.80 -47.48
C VAL E 623 11.68 -3.09 -48.40
N VAL E 624 11.21 -1.91 -47.96
CA VAL E 624 10.41 -1.04 -48.81
C VAL E 624 11.25 0.18 -49.14
N ARG E 625 10.94 0.82 -50.26
CA ARG E 625 11.71 1.95 -50.78
C ARG E 625 10.86 3.20 -50.82
N PHE E 626 11.40 4.30 -50.33
CA PHE E 626 10.77 5.61 -50.40
C PHE E 626 11.52 6.45 -51.43
N ARG E 627 10.80 6.90 -52.46
CA ARG E 627 11.40 7.62 -53.58
C ARG E 627 10.64 8.91 -53.86
N THR E 628 10.35 9.67 -52.81
CA THR E 628 9.67 10.95 -52.96
C THR E 628 10.20 11.90 -51.90
N HIS E 629 11.01 12.87 -52.31
CA HIS E 629 11.64 13.79 -51.40
C HIS E 629 10.80 15.05 -51.25
N PHE E 630 10.82 15.62 -50.04
CA PHE E 630 10.10 16.85 -49.73
C PHE E 630 11.09 17.93 -49.30
N SER E 631 10.94 19.12 -49.87
CA SER E 631 11.83 20.22 -49.56
C SER E 631 11.14 21.54 -49.88
N GLN E 632 11.67 22.61 -49.31
CA GLN E 632 11.27 23.98 -49.57
C GLN E 632 11.96 24.51 -50.82
N PRO E 633 11.42 25.57 -51.45
CA PRO E 633 11.99 26.05 -52.72
C PRO E 633 13.45 26.50 -52.65
N SER E 634 14.06 26.47 -51.46
CA SER E 634 15.46 26.86 -51.33
C SER E 634 16.37 25.96 -52.14
N GLY E 635 16.39 24.67 -51.82
CA GLY E 635 17.20 23.72 -52.55
C GLY E 635 16.39 22.94 -53.57
N ARG E 636 15.49 23.64 -54.27
CA ARG E 636 14.60 22.97 -55.21
C ARG E 636 15.37 22.34 -56.36
N GLU E 637 16.32 23.08 -56.93
CA GLU E 637 17.10 22.54 -58.05
C GLU E 637 18.02 21.41 -57.60
N ALA E 638 18.57 21.52 -56.39
CA ALA E 638 19.40 20.44 -55.85
C ALA E 638 18.57 19.16 -55.68
N ALA E 639 17.35 19.30 -55.15
CA ALA E 639 16.48 18.14 -55.03
C ALA E 639 16.08 17.58 -56.38
N GLU E 640 15.81 18.46 -57.35
CA GLU E 640 15.42 18.03 -58.69
C GLU E 640 16.55 17.35 -59.45
N ASN E 641 17.81 17.67 -59.14
CA ASN E 641 18.94 17.09 -59.86
C ASN E 641 19.50 15.84 -59.17
N ASN E 642 19.11 15.57 -57.93
CA ASN E 642 19.67 14.45 -57.20
C ASN E 642 19.29 13.12 -57.85
N ASP E 643 20.18 12.14 -57.74
CA ASP E 643 20.00 10.86 -58.41
C ASP E 643 19.26 9.84 -57.56
N ALA E 644 19.13 10.06 -56.26
CA ALA E 644 18.48 9.10 -55.38
C ALA E 644 16.97 9.31 -55.27
N TYR E 645 16.43 10.39 -55.83
CA TYR E 645 15.01 10.69 -55.75
C TYR E 645 14.31 10.33 -57.06
N ASP E 646 12.98 10.37 -57.01
CA ASP E 646 12.15 10.19 -58.20
C ASP E 646 11.16 11.33 -58.41
N LYS E 647 10.79 12.06 -57.36
CA LYS E 647 9.89 13.20 -57.48
C LYS E 647 10.04 14.05 -56.22
N VAL E 648 10.02 15.36 -56.39
CA VAL E 648 10.15 16.30 -55.29
C VAL E 648 8.97 17.26 -55.31
N LYS E 649 8.40 17.50 -54.13
CA LYS E 649 7.27 18.39 -53.98
C LYS E 649 7.56 19.40 -52.88
N LEU E 650 6.57 20.23 -52.57
CA LEU E 650 6.74 21.34 -51.64
C LEU E 650 6.51 20.87 -50.22
N LEU E 651 7.38 21.32 -49.30
CA LEU E 651 7.25 20.98 -47.90
C LEU E 651 6.08 21.74 -47.27
N ASP E 652 5.48 21.13 -46.25
CA ASP E 652 4.39 21.73 -45.51
C ASP E 652 4.77 21.87 -44.05
N GLU E 653 4.26 22.92 -43.41
CA GLU E 653 4.56 23.23 -42.03
C GLU E 653 3.45 22.85 -41.06
N GLY E 654 2.20 23.00 -41.46
CA GLY E 654 1.09 22.70 -40.57
C GLY E 654 0.77 21.24 -40.42
N LEU E 655 1.44 20.36 -41.18
CA LEU E 655 1.15 18.93 -41.12
C LEU E 655 1.43 18.38 -39.73
N ASP E 656 2.62 18.68 -39.19
CA ASP E 656 2.99 18.22 -37.86
C ASP E 656 2.15 18.87 -36.76
N GLY E 657 1.43 19.94 -37.08
CA GLY E 657 0.55 20.56 -36.11
C GLY E 657 -0.77 19.82 -35.98
N LYS E 658 -1.45 19.60 -37.11
CA LYS E 658 -2.72 18.91 -37.09
C LYS E 658 -2.57 17.39 -36.91
N ILE E 659 -1.40 16.83 -37.17
CA ILE E 659 -1.19 15.41 -36.90
C ILE E 659 -1.19 15.15 -35.40
N GLN E 660 -0.49 15.98 -34.63
CA GLN E 660 -0.49 15.83 -33.17
C GLN E 660 -1.84 16.16 -32.56
N ASN E 661 -2.71 16.86 -33.30
CA ASN E 661 -4.09 17.09 -32.87
C ASN E 661 -5.02 15.96 -33.32
N ASN E 662 -4.47 14.93 -33.97
CA ASN E 662 -5.22 13.73 -34.33
C ASN E 662 -6.35 14.04 -35.30
N ARG E 663 -6.10 14.91 -36.27
CA ARG E 663 -7.07 15.17 -37.31
C ARG E 663 -7.23 13.97 -38.26
N TYR E 664 -6.19 13.16 -38.41
CA TYR E 664 -6.22 11.97 -39.26
C TYR E 664 -6.18 10.70 -38.43
N ARG E 665 -6.86 10.71 -37.28
CA ARG E 665 -6.84 9.55 -36.39
C ARG E 665 -7.77 8.45 -36.89
N PHE E 666 -9.07 8.73 -36.97
CA PHE E 666 -10.03 7.71 -37.35
C PHE E 666 -9.99 7.43 -38.85
N ALA E 667 -9.58 8.40 -39.66
CA ALA E 667 -9.46 8.16 -41.09
C ALA E 667 -8.40 7.12 -41.40
N PHE E 668 -7.22 7.27 -40.79
CA PHE E 668 -6.15 6.29 -40.97
C PHE E 668 -6.56 4.95 -40.40
N LEU E 669 -7.31 4.95 -39.31
CA LEU E 669 -7.80 3.69 -38.74
C LEU E 669 -8.72 2.97 -39.71
N TYR E 670 -9.64 3.70 -40.34
CA TYR E 670 -10.54 3.08 -41.30
C TYR E 670 -9.77 2.57 -42.52
N LEU E 671 -8.78 3.34 -42.98
CA LEU E 671 -7.96 2.88 -44.09
C LEU E 671 -7.22 1.60 -43.73
N LEU E 672 -6.67 1.54 -42.51
CA LEU E 672 -5.96 0.35 -42.07
C LEU E 672 -6.90 -0.86 -41.97
N VAL E 673 -8.12 -0.64 -41.48
CA VAL E 673 -9.09 -1.73 -41.38
C VAL E 673 -9.44 -2.24 -42.77
N LYS E 674 -9.65 -1.32 -43.72
CA LYS E 674 -9.95 -1.73 -45.09
C LYS E 674 -8.80 -2.53 -45.69
N TRP E 675 -7.57 -2.09 -45.47
CA TRP E 675 -6.41 -2.82 -45.99
C TRP E 675 -6.32 -4.21 -45.38
N TYR E 676 -6.53 -4.31 -44.06
CA TYR E 676 -6.46 -5.61 -43.40
C TYR E 676 -7.53 -6.56 -43.91
N LYS E 677 -8.75 -6.05 -44.08
CA LYS E 677 -9.80 -6.88 -44.65
C LYS E 677 -9.49 -7.29 -46.08
N LYS E 678 -8.80 -6.43 -46.83
CA LYS E 678 -8.43 -6.77 -48.20
C LYS E 678 -7.37 -7.86 -48.26
N TYR E 679 -6.37 -7.80 -47.38
CA TYR E 679 -5.18 -8.63 -47.52
C TYR E 679 -5.23 -9.90 -46.67
N HIS E 680 -5.37 -9.77 -45.35
CA HIS E 680 -5.14 -10.87 -44.43
C HIS E 680 -6.43 -11.46 -43.87
N ILE E 681 -7.49 -11.53 -44.67
CA ILE E 681 -8.74 -12.09 -44.15
C ILE E 681 -8.70 -13.62 -44.07
N PRO E 682 -8.06 -14.38 -45.01
CA PRO E 682 -8.00 -15.83 -44.78
C PRO E 682 -7.04 -16.20 -43.66
N ILE E 683 -5.80 -15.71 -43.75
CA ILE E 683 -4.77 -15.91 -42.74
C ILE E 683 -3.87 -14.69 -42.74
N MET E 684 -2.98 -14.63 -41.76
CA MET E 684 -1.96 -13.59 -41.68
C MET E 684 -0.60 -14.23 -41.88
N LYS E 685 0.20 -13.65 -42.79
CA LYS E 685 1.56 -14.12 -43.00
C LYS E 685 2.34 -13.03 -43.74
N LEU E 686 3.51 -12.70 -43.22
CA LEU E 686 4.42 -11.75 -43.86
C LEU E 686 5.49 -12.51 -44.62
N TYR E 687 5.81 -12.05 -45.81
CA TYR E 687 6.77 -12.71 -46.67
C TYR E 687 8.07 -11.92 -46.75
N PRO E 688 9.20 -12.59 -46.94
CA PRO E 688 10.47 -11.90 -47.11
C PRO E 688 10.73 -11.57 -48.58
N THR E 689 11.69 -10.67 -48.78
CA THR E 689 12.10 -10.26 -50.13
C THR E 689 13.60 -10.08 -50.12
N PRO E 690 14.35 -11.13 -50.45
CA PRO E 690 15.81 -11.08 -50.34
C PRO E 690 16.51 -10.37 -51.48
N GLU E 691 15.82 -10.10 -52.58
CA GLU E 691 16.43 -9.57 -53.79
C GLU E 691 16.45 -8.05 -53.83
N GLU E 692 16.44 -7.38 -52.68
CA GLU E 692 16.42 -5.93 -52.64
C GLU E 692 17.70 -5.30 -52.11
N ILE E 693 18.66 -6.09 -51.64
CA ILE E 693 19.91 -5.59 -51.09
C ILE E 693 21.06 -6.28 -51.80
N PRO E 694 22.04 -5.56 -52.32
CA PRO E 694 23.17 -6.21 -53.01
C PRO E 694 23.97 -7.18 -52.14
N ASP E 695 24.05 -6.91 -50.83
CA ASP E 695 24.74 -7.84 -49.94
C ASP E 695 24.11 -9.22 -50.02
N PHE E 696 22.80 -9.28 -50.19
CA PHE E 696 22.07 -10.53 -50.38
C PHE E 696 22.00 -10.96 -51.84
N ALA E 697 22.39 -10.10 -52.78
CA ALA E 697 22.52 -10.52 -54.16
C ALA E 697 23.87 -11.17 -54.44
N PHE E 698 24.84 -10.97 -53.54
CA PHE E 698 26.14 -11.62 -53.68
C PHE E 698 26.01 -13.14 -53.60
N TYR E 699 25.15 -13.63 -52.71
CA TYR E 699 25.01 -15.06 -52.46
C TYR E 699 24.11 -15.77 -53.48
N LEU E 700 23.85 -15.10 -54.60
CA LEU E 700 23.01 -15.72 -55.66
C LEU E 700 23.80 -16.87 -56.28
N LYS E 701 24.96 -17.18 -55.68
CA LYS E 701 25.85 -18.27 -56.16
C LYS E 701 26.07 -19.28 -55.04
N MET F 1 -65.88 -19.91 -13.60
CA MET F 1 -66.06 -19.28 -12.29
C MET F 1 -66.57 -20.37 -11.33
N ASP F 2 -65.86 -20.55 -10.22
CA ASP F 2 -66.05 -21.72 -9.38
C ASP F 2 -66.86 -21.39 -8.12
N ALA F 3 -67.03 -22.43 -7.29
CA ALA F 3 -67.73 -22.26 -6.02
C ALA F 3 -66.99 -21.30 -5.10
N ALA F 4 -65.66 -21.37 -5.09
CA ALA F 4 -64.86 -20.53 -4.19
C ALA F 4 -65.12 -19.05 -4.43
N ILE F 5 -65.29 -18.65 -5.69
CA ILE F 5 -65.62 -17.26 -6.02
C ILE F 5 -67.12 -17.04 -6.01
N ARG F 6 -67.93 -18.10 -5.99
CA ARG F 6 -69.36 -18.00 -5.81
C ARG F 6 -69.81 -18.23 -4.38
N GLY F 7 -68.88 -18.50 -3.46
CA GLY F 7 -69.27 -18.81 -2.10
C GLY F 7 -68.21 -18.55 -1.05
N ASN F 8 -68.59 -17.86 0.01
CA ASN F 8 -67.71 -17.60 1.15
C ASN F 8 -68.59 -17.46 2.39
N ASP F 9 -68.63 -18.50 3.22
CA ASP F 9 -69.45 -18.49 4.42
C ASP F 9 -68.62 -18.81 5.67
N VAL F 10 -67.38 -18.37 5.70
CA VAL F 10 -66.55 -18.47 6.88
C VAL F 10 -66.16 -17.06 7.31
N ILE F 11 -66.25 -16.81 8.61
CA ILE F 11 -66.08 -15.48 9.18
C ILE F 11 -64.85 -15.50 10.07
N PHE F 12 -63.93 -14.56 9.83
CA PHE F 12 -62.71 -14.43 10.62
C PHE F 12 -62.81 -13.11 11.40
N VAL F 13 -62.79 -13.21 12.72
CA VAL F 13 -62.88 -12.05 13.60
C VAL F 13 -61.65 -11.99 14.49
N LEU F 14 -61.29 -10.78 14.92
CA LEU F 14 -60.14 -10.59 15.79
C LEU F 14 -60.59 -10.68 17.25
N LYS F 15 -59.68 -10.41 18.18
CA LYS F 15 -60.04 -10.27 19.58
C LYS F 15 -59.43 -9.02 20.22
N THR F 16 -58.51 -8.35 19.55
CA THR F 16 -57.94 -7.09 20.03
C THR F 16 -57.41 -6.34 18.82
N ILE F 17 -57.65 -5.02 18.79
CA ILE F 17 -57.21 -4.20 17.67
C ILE F 17 -55.69 -4.25 17.59
N GLY F 18 -55.17 -4.48 16.38
CA GLY F 18 -53.74 -4.55 16.19
C GLY F 18 -53.11 -5.85 16.63
N VAL F 19 -53.50 -6.95 16.00
CA VAL F 19 -52.90 -8.25 16.31
C VAL F 19 -51.45 -8.27 15.84
N PRO F 20 -50.51 -8.84 16.61
CA PRO F 20 -49.14 -8.97 16.12
C PRO F 20 -49.04 -9.81 14.86
N SER F 21 -48.09 -9.48 13.99
CA SER F 21 -47.95 -10.22 12.73
C SER F 21 -47.48 -11.65 12.96
N ALA F 22 -46.71 -11.88 14.03
CA ALA F 22 -46.15 -13.19 14.32
C ALA F 22 -47.19 -14.14 14.92
N CYS F 23 -48.35 -13.62 15.30
CA CYS F 23 -49.41 -14.45 15.88
C CYS F 23 -50.60 -14.65 14.95
N ARG F 24 -50.88 -13.70 14.06
CA ARG F 24 -51.98 -13.88 13.12
C ARG F 24 -51.70 -15.02 12.14
N GLN F 25 -50.46 -15.14 11.67
CA GLN F 25 -50.11 -16.21 10.74
C GLN F 25 -50.28 -17.59 11.36
N ASN F 26 -49.83 -17.77 12.60
CA ASN F 26 -49.98 -19.06 13.28
C ASN F 26 -51.39 -19.33 13.74
N GLU F 27 -52.27 -18.33 13.68
CA GLU F 27 -53.67 -18.46 14.10
C GLU F 27 -53.76 -18.94 15.56
N ASP F 28 -53.13 -18.19 16.45
CA ASP F 28 -53.20 -18.46 17.87
C ASP F 28 -54.63 -18.21 18.37
N PRO F 29 -55.27 -19.18 19.04
CA PRO F 29 -56.64 -18.97 19.51
C PRO F 29 -56.77 -17.86 20.55
N ARG F 30 -55.66 -17.48 21.18
CA ARG F 30 -55.68 -16.41 22.16
C ARG F 30 -55.86 -15.03 21.55
N PHE F 31 -55.60 -14.88 20.25
CA PHE F 31 -55.74 -13.60 19.56
C PHE F 31 -56.77 -13.66 18.43
N VAL F 32 -56.83 -14.76 17.71
CA VAL F 32 -57.69 -14.87 16.53
C VAL F 32 -58.55 -16.12 16.65
N GLU F 33 -59.59 -16.19 15.83
CA GLU F 33 -60.45 -17.36 15.77
C GLU F 33 -61.35 -17.25 14.54
N ALA F 34 -61.64 -18.39 13.92
CA ALA F 34 -62.55 -18.46 12.78
C ALA F 34 -63.88 -19.02 13.25
N PHE F 35 -64.96 -18.36 12.85
CA PHE F 35 -66.30 -18.70 13.33
C PHE F 35 -67.27 -18.78 12.16
N LYS F 36 -68.32 -19.57 12.37
CA LYS F 36 -69.48 -19.59 11.49
C LYS F 36 -70.54 -18.64 12.05
N CYS F 37 -71.58 -18.40 11.24
CA CYS F 37 -72.60 -17.42 11.63
C CYS F 37 -73.31 -17.83 12.91
N ASP F 38 -73.69 -19.11 13.01
CA ASP F 38 -74.41 -19.57 14.20
C ASP F 38 -73.52 -19.54 15.43
N GLU F 39 -72.27 -19.99 15.30
CA GLU F 39 -71.36 -20.00 16.44
C GLU F 39 -70.94 -18.59 16.85
N LEU F 40 -70.92 -17.66 15.90
CA LEU F 40 -70.59 -16.27 16.23
C LEU F 40 -71.63 -15.69 17.17
N GLU F 41 -72.91 -15.96 16.92
CA GLU F 41 -73.98 -15.44 17.77
C GLU F 41 -73.86 -16.00 19.18
N ARG F 42 -73.46 -17.26 19.32
CA ARG F 42 -73.29 -17.85 20.63
C ARG F 42 -72.10 -17.23 21.37
N TYR F 43 -71.03 -16.93 20.65
CA TYR F 43 -69.82 -16.40 21.30
C TYR F 43 -70.04 -14.99 21.84
N ILE F 44 -70.67 -14.13 21.05
CA ILE F 44 -70.91 -12.75 21.51
C ILE F 44 -71.86 -12.77 22.70
N ASP F 45 -72.83 -13.68 22.69
CA ASP F 45 -73.72 -13.83 23.85
C ASP F 45 -73.00 -14.47 25.03
N ASN F 46 -72.05 -15.37 24.76
CA ASN F 46 -71.31 -16.04 25.83
C ASN F 46 -70.46 -15.06 26.63
N ASN F 47 -69.79 -14.13 25.96
CA ASN F 47 -68.90 -13.18 26.63
C ASN F 47 -69.56 -11.81 26.70
N PRO F 48 -69.86 -11.30 27.90
CA PRO F 48 -70.57 -10.03 27.99
C PRO F 48 -69.79 -8.84 27.46
N GLU F 49 -68.46 -8.88 27.52
CA GLU F 49 -67.62 -7.74 27.17
C GLU F 49 -66.53 -8.16 26.19
N CYS F 50 -66.91 -8.90 25.16
CA CYS F 50 -65.96 -9.29 24.13
C CYS F 50 -65.69 -8.12 23.19
N THR F 51 -64.58 -8.22 22.45
CA THR F 51 -64.18 -7.16 21.52
C THR F 51 -63.65 -7.85 20.27
N LEU F 52 -64.46 -7.86 19.21
CA LEU F 52 -64.14 -8.54 17.97
C LEU F 52 -63.90 -7.53 16.86
N PHE F 53 -63.17 -7.97 15.84
CA PHE F 53 -62.91 -7.14 14.66
C PHE F 53 -62.87 -8.04 13.43
N GLU F 54 -63.86 -7.88 12.56
CA GLU F 54 -63.92 -8.69 11.35
C GLU F 54 -62.82 -8.27 10.37
N SER F 55 -62.30 -9.25 9.64
CA SER F 55 -61.21 -9.01 8.70
C SER F 55 -61.21 -10.12 7.67
N LEU F 56 -60.49 -9.89 6.57
CA LEU F 56 -60.32 -10.87 5.51
C LEU F 56 -59.24 -11.85 5.93
N ARG F 57 -59.53 -13.15 5.83
CA ARG F 57 -58.59 -14.16 6.31
C ARG F 57 -57.41 -14.30 5.36
N ASP F 58 -57.69 -14.64 4.10
CA ASP F 58 -56.65 -14.78 3.08
C ASP F 58 -56.96 -13.80 1.95
N GLU F 59 -56.09 -12.81 1.77
CA GLU F 59 -56.37 -11.74 0.80
C GLU F 59 -56.19 -12.24 -0.63
N GLU F 60 -55.01 -12.81 -0.92
CA GLU F 60 -54.70 -13.21 -2.29
C GLU F 60 -55.56 -14.37 -2.78
N ALA F 61 -56.25 -15.08 -1.90
CA ALA F 61 -57.11 -16.19 -2.31
C ALA F 61 -58.53 -15.71 -2.57
N TYR F 62 -59.18 -15.13 -1.57
CA TYR F 62 -60.57 -14.66 -1.67
C TYR F 62 -60.57 -13.15 -1.45
N SER F 63 -60.59 -12.39 -2.54
CA SER F 63 -60.61 -10.94 -2.47
C SER F 63 -62.00 -10.36 -2.70
N ILE F 64 -63.02 -11.20 -2.85
CA ILE F 64 -64.37 -10.73 -3.16
C ILE F 64 -65.08 -10.37 -1.86
N VAL F 65 -65.52 -9.12 -1.76
CA VAL F 65 -66.26 -8.61 -0.62
C VAL F 65 -67.39 -7.74 -1.13
N ARG F 66 -68.28 -7.34 -0.20
CA ARG F 66 -69.40 -6.49 -0.54
C ARG F 66 -68.94 -5.02 -0.60
N ILE F 67 -69.93 -4.13 -0.66
CA ILE F 67 -69.68 -2.70 -0.64
C ILE F 67 -70.09 -2.15 0.72
N PHE F 68 -69.18 -1.40 1.35
CA PHE F 68 -69.42 -0.88 2.68
C PHE F 68 -69.00 0.58 2.74
N MET F 69 -69.63 1.32 3.64
CA MET F 69 -69.25 2.70 3.91
C MET F 69 -69.35 2.96 5.40
N ASP F 70 -68.59 3.93 5.87
CA ASP F 70 -68.59 4.33 7.28
C ASP F 70 -68.81 5.83 7.37
N VAL F 71 -69.67 6.22 8.31
CA VAL F 71 -70.02 7.63 8.52
C VAL F 71 -69.77 7.98 9.97
N ASP F 72 -69.17 9.14 10.21
CA ASP F 72 -68.87 9.61 11.56
C ASP F 72 -69.12 11.11 11.59
N LEU F 73 -70.32 11.50 12.01
CA LEU F 73 -70.70 12.91 12.12
C LEU F 73 -70.77 13.27 13.60
N ASP F 74 -69.86 14.13 14.04
CA ASP F 74 -69.81 14.55 15.44
C ASP F 74 -70.73 15.75 15.68
N ALA F 75 -72.00 15.60 15.35
CA ALA F 75 -72.98 16.67 15.54
C ALA F 75 -74.36 16.05 15.62
N CYS F 76 -75.11 16.40 16.67
CA CYS F 76 -76.46 15.88 16.84
C CYS F 76 -77.34 16.33 15.68
N LEU F 77 -78.13 15.41 15.15
CA LEU F 77 -78.98 15.67 13.99
C LEU F 77 -80.35 15.05 14.22
N ASP F 78 -81.40 15.82 13.98
CA ASP F 78 -82.76 15.40 14.30
C ASP F 78 -83.21 14.27 13.37
N GLU F 79 -84.20 13.52 13.83
CA GLU F 79 -84.64 12.32 13.13
C GLU F 79 -85.25 12.64 11.76
N ILE F 80 -86.07 13.70 11.69
CA ILE F 80 -86.70 14.05 10.42
C ILE F 80 -85.64 14.46 9.40
N ASP F 81 -84.68 15.29 9.82
CA ASP F 81 -83.58 15.64 8.92
C ASP F 81 -82.68 14.43 8.68
N TYR F 82 -82.60 13.52 9.65
CA TYR F 82 -81.89 12.26 9.43
C TYR F 82 -82.56 11.46 8.32
N LEU F 83 -83.88 11.36 8.35
CA LEU F 83 -84.59 10.59 7.34
C LEU F 83 -84.42 11.19 5.96
N THR F 84 -84.55 12.52 5.83
CA THR F 84 -84.42 13.13 4.52
C THR F 84 -82.97 13.14 4.04
N ALA F 85 -82.00 13.07 4.96
CA ALA F 85 -80.60 13.12 4.56
C ALA F 85 -80.14 11.76 4.03
N ILE F 86 -80.70 10.67 4.56
CA ILE F 86 -80.13 9.35 4.28
C ILE F 86 -80.36 8.95 2.82
N GLN F 87 -81.54 9.25 2.25
CA GLN F 87 -81.79 8.86 0.87
C GLN F 87 -80.92 9.65 -0.09
N ASP F 88 -80.88 10.98 0.06
CA ASP F 88 -80.06 11.79 -0.83
C ASP F 88 -78.59 11.41 -0.72
N PHE F 89 -78.14 11.02 0.48
CA PHE F 89 -76.82 10.43 0.61
C PHE F 89 -76.72 9.14 -0.19
N ILE F 90 -77.74 8.29 -0.10
CA ILE F 90 -77.75 7.06 -0.89
C ILE F 90 -77.83 7.37 -2.38
N ILE F 91 -78.64 8.37 -2.75
CA ILE F 91 -78.72 8.79 -4.16
C ILE F 91 -77.35 9.24 -4.65
N GLU F 92 -76.64 10.01 -3.82
CA GLU F 92 -75.33 10.52 -4.21
C GLU F 92 -74.31 9.39 -4.37
N VAL F 93 -74.19 8.53 -3.35
CA VAL F 93 -73.12 7.53 -3.37
C VAL F 93 -73.36 6.51 -4.47
N SER F 94 -74.63 6.16 -4.71
CA SER F 94 -74.94 5.23 -5.80
C SER F 94 -74.51 5.80 -7.15
N ASN F 95 -74.60 7.12 -7.30
CA ASN F 95 -74.11 7.75 -8.52
C ASN F 95 -72.59 7.67 -8.64
N CYS F 96 -71.89 7.79 -7.51
CA CYS F 96 -70.42 7.76 -7.55
C CYS F 96 -69.92 6.41 -8.03
N VAL F 97 -70.42 5.32 -7.43
CA VAL F 97 -69.95 3.99 -7.81
C VAL F 97 -70.36 3.66 -9.24
N ALA F 98 -71.58 4.03 -9.62
CA ALA F 98 -72.04 3.76 -10.98
C ALA F 98 -71.23 4.54 -12.02
N ARG F 99 -70.90 5.80 -11.70
CA ARG F 99 -70.15 6.62 -12.65
C ARG F 99 -68.79 6.01 -12.96
N PHE F 100 -68.08 5.55 -11.92
CA PHE F 100 -66.77 4.94 -12.15
C PHE F 100 -66.90 3.59 -12.83
N ALA F 101 -67.92 2.81 -12.45
CA ALA F 101 -68.08 1.46 -12.98
C ALA F 101 -68.25 1.48 -14.49
N PHE F 102 -69.08 2.41 -14.99
CA PHE F 102 -69.24 2.53 -16.44
C PHE F 102 -68.01 3.15 -17.08
N THR F 103 -67.25 3.95 -16.33
CA THR F 103 -66.09 4.63 -16.90
C THR F 103 -64.88 3.70 -16.96
N GLU F 104 -64.56 3.04 -15.85
CA GLU F 104 -63.34 2.24 -15.77
C GLU F 104 -63.58 0.76 -15.58
N CYS F 105 -64.70 0.35 -14.99
CA CYS F 105 -64.96 -1.06 -14.73
C CYS F 105 -65.79 -1.74 -15.81
N GLY F 106 -66.44 -0.98 -16.69
CA GLY F 106 -67.23 -1.58 -17.75
C GLY F 106 -68.52 -2.21 -17.30
N ALA F 107 -68.92 -1.98 -16.05
CA ALA F 107 -70.16 -2.54 -15.54
C ALA F 107 -71.37 -1.81 -16.12
N ILE F 108 -72.51 -2.49 -16.14
CA ILE F 108 -73.74 -1.89 -16.65
C ILE F 108 -74.18 -0.81 -15.66
N HIS F 109 -74.24 0.43 -16.14
CA HIS F 109 -74.48 1.58 -15.25
C HIS F 109 -75.84 1.48 -14.56
N GLU F 110 -76.89 1.19 -15.34
CA GLU F 110 -78.22 1.09 -14.75
C GLU F 110 -78.34 -0.14 -13.85
N ASN F 111 -77.65 -1.22 -14.19
CA ASN F 111 -77.67 -2.41 -13.34
C ASN F 111 -76.97 -2.14 -12.02
N VAL F 112 -75.94 -1.30 -12.03
CA VAL F 112 -75.26 -0.94 -10.78
C VAL F 112 -76.21 -0.19 -9.86
N ILE F 113 -76.87 0.84 -10.37
CA ILE F 113 -77.71 1.69 -9.53
C ILE F 113 -78.88 0.91 -8.96
N LYS F 114 -79.52 0.07 -9.79
CA LYS F 114 -80.66 -0.71 -9.31
C LYS F 114 -80.22 -1.70 -8.24
N SER F 115 -79.03 -2.29 -8.40
CA SER F 115 -78.51 -3.17 -7.36
C SER F 115 -78.08 -2.39 -6.13
N MET F 116 -77.62 -1.15 -6.31
CA MET F 116 -77.23 -0.33 -5.18
C MET F 116 -78.43 0.01 -4.30
N ARG F 117 -79.51 0.48 -4.92
CA ARG F 117 -80.63 1.03 -4.17
C ARG F 117 -81.65 -0.03 -3.75
N SER F 118 -81.60 -1.23 -4.34
CA SER F 118 -82.61 -2.24 -4.06
C SER F 118 -82.58 -2.66 -2.60
N ASN F 119 -81.47 -3.27 -2.16
CA ASN F 119 -81.36 -3.81 -0.82
C ASN F 119 -80.09 -3.29 -0.16
N PHE F 120 -80.22 -2.77 1.06
CA PHE F 120 -79.09 -2.33 1.85
C PHE F 120 -79.51 -2.30 3.31
N SER F 121 -78.65 -2.82 4.20
CA SER F 121 -78.96 -2.81 5.61
C SER F 121 -78.39 -1.55 6.27
N LEU F 122 -78.65 -1.42 7.56
CA LEU F 122 -78.17 -0.27 8.31
C LEU F 122 -78.06 -0.64 9.79
N THR F 123 -77.27 0.14 10.52
CA THR F 123 -77.11 -0.03 11.95
C THR F 123 -77.16 1.35 12.59
N LYS F 124 -76.95 1.38 13.91
CA LYS F 124 -77.00 2.65 14.65
C LYS F 124 -76.16 2.50 15.90
N SER F 125 -75.48 3.59 16.28
CA SER F 125 -74.70 3.60 17.51
C SER F 125 -75.59 3.88 18.71
N THR F 126 -75.08 3.56 19.90
CA THR F 126 -75.78 3.83 21.14
C THR F 126 -75.40 5.16 21.77
N ASN F 127 -74.40 5.85 21.24
CA ASN F 127 -73.98 7.14 21.75
C ASN F 127 -74.65 8.24 20.93
N ARG F 128 -75.57 8.98 21.54
CA ARG F 128 -76.37 9.97 20.84
C ARG F 128 -75.63 11.29 20.63
N ASP F 129 -74.51 11.52 21.33
CA ASP F 129 -73.78 12.77 21.17
C ASP F 129 -73.31 12.98 19.73
N LYS F 130 -73.05 11.90 18.99
CA LYS F 130 -72.71 11.96 17.58
C LYS F 130 -73.53 10.90 16.85
N THR F 131 -73.50 10.95 15.52
CA THR F 131 -74.21 9.99 14.69
C THR F 131 -73.19 9.18 13.90
N SER F 132 -73.06 7.90 14.26
CA SER F 132 -72.13 6.99 13.60
C SER F 132 -72.85 5.69 13.28
N PHE F 133 -72.63 5.19 12.06
CA PHE F 133 -73.27 3.95 11.63
C PHE F 133 -72.47 3.38 10.46
N HIS F 134 -72.75 2.12 10.15
CA HIS F 134 -72.15 1.43 9.02
C HIS F 134 -73.26 1.02 8.06
N ILE F 135 -73.13 1.41 6.80
CA ILE F 135 -74.09 1.06 5.76
C ILE F 135 -73.40 0.11 4.78
N ILE F 136 -74.02 -1.03 4.53
CA ILE F 136 -73.45 -2.09 3.70
C ILE F 136 -74.47 -2.46 2.63
N PHE F 137 -74.01 -2.54 1.38
CA PHE F 137 -74.86 -2.94 0.27
C PHE F 137 -74.60 -4.41 -0.03
N LEU F 138 -75.61 -5.25 0.21
CA LEU F 138 -75.40 -6.69 0.18
C LEU F 138 -75.16 -7.20 -1.24
N ASP F 139 -75.99 -6.78 -2.19
CA ASP F 139 -76.09 -7.41 -3.49
C ASP F 139 -75.18 -6.74 -4.52
N THR F 140 -74.05 -6.21 -4.07
CA THR F 140 -73.02 -5.69 -4.97
C THR F 140 -71.68 -6.16 -4.44
N TYR F 141 -70.98 -6.97 -5.23
CA TYR F 141 -69.72 -7.56 -4.83
C TYR F 141 -68.61 -7.13 -5.76
N THR F 142 -67.41 -6.98 -5.22
CA THR F 142 -66.24 -6.58 -5.99
C THR F 142 -64.99 -7.00 -5.23
N THR F 143 -63.85 -6.91 -5.92
CA THR F 143 -62.58 -7.27 -5.31
C THR F 143 -62.10 -6.17 -4.38
N MET F 144 -61.13 -6.52 -3.53
CA MET F 144 -60.58 -5.55 -2.58
C MET F 144 -59.88 -4.40 -3.29
N ASP F 145 -59.13 -4.70 -4.36
CA ASP F 145 -58.39 -3.66 -5.05
C ASP F 145 -59.31 -2.61 -5.68
N THR F 146 -60.54 -3.00 -6.02
CA THR F 146 -61.48 -2.04 -6.56
C THR F 146 -61.84 -0.97 -5.53
N LEU F 147 -62.07 -1.39 -4.28
CA LEU F 147 -62.42 -0.43 -3.24
C LEU F 147 -61.23 0.45 -2.87
N ILE F 148 -60.02 -0.05 -3.11
CA ILE F 148 -58.82 0.78 -2.92
C ILE F 148 -58.81 1.94 -3.91
N ALA F 149 -59.15 1.65 -5.17
CA ALA F 149 -59.26 2.72 -6.15
C ALA F 149 -60.44 3.65 -5.84
N MET F 150 -61.41 3.14 -5.08
CA MET F 150 -62.58 3.95 -4.72
C MET F 150 -62.23 5.10 -3.78
N LYS F 151 -61.14 4.99 -3.01
CA LYS F 151 -60.90 5.94 -1.93
C LYS F 151 -60.61 7.34 -2.46
N ARG F 152 -59.93 7.44 -3.60
CA ARG F 152 -59.59 8.76 -4.12
C ARG F 152 -60.82 9.47 -4.68
N THR F 153 -61.63 8.77 -5.47
CA THR F 153 -62.82 9.41 -6.05
C THR F 153 -63.90 9.63 -5.00
N LEU F 154 -63.99 8.76 -4.00
CA LEU F 154 -64.94 8.98 -2.92
C LEU F 154 -64.57 10.23 -2.13
N LEU F 155 -63.27 10.44 -1.91
CA LEU F 155 -62.82 11.62 -1.18
C LEU F 155 -63.15 12.90 -1.94
N GLU F 156 -63.06 12.86 -3.27
CA GLU F 156 -63.27 14.07 -4.07
C GLU F 156 -64.68 14.61 -3.90
N LEU F 157 -65.69 13.74 -4.05
CA LEU F 157 -67.07 14.18 -3.88
C LEU F 157 -67.43 14.39 -2.42
N SER F 158 -66.74 13.72 -1.49
CA SER F 158 -66.96 13.98 -0.08
C SER F 158 -66.56 15.41 0.29
N ARG F 159 -65.54 15.93 -0.39
CA ARG F 159 -65.11 17.31 -0.19
C ARG F 159 -65.95 18.31 -0.97
N SER F 160 -66.79 17.84 -1.89
CA SER F 160 -67.59 18.70 -2.77
C SER F 160 -69.06 18.34 -2.70
N SER F 161 -69.58 18.20 -1.47
CA SER F 161 -70.99 17.87 -1.26
C SER F 161 -71.54 18.83 -0.22
N GLU F 162 -72.81 18.62 0.14
CA GLU F 162 -73.52 19.50 1.08
C GLU F 162 -74.02 18.78 2.30
N ASN F 163 -74.54 17.56 2.15
CA ASN F 163 -75.07 16.82 3.29
C ASN F 163 -73.92 16.49 4.24
N PRO F 164 -74.06 16.82 5.53
CA PRO F 164 -72.97 16.50 6.47
C PRO F 164 -72.64 15.03 6.57
N LEU F 165 -73.60 14.15 6.29
CA LEU F 165 -73.35 12.71 6.35
C LEU F 165 -72.35 12.29 5.28
N THR F 166 -72.59 12.68 4.02
CA THR F 166 -71.67 12.32 2.96
C THR F 166 -70.37 13.13 3.04
N ARG F 167 -70.38 14.24 3.78
CA ARG F 167 -69.16 14.97 4.03
C ARG F 167 -68.33 14.36 5.16
N SER F 168 -68.91 13.43 5.93
CA SER F 168 -68.25 12.82 7.06
C SER F 168 -67.87 11.36 6.80
N ILE F 169 -67.72 10.98 5.54
CA ILE F 169 -67.37 9.60 5.23
C ILE F 169 -65.91 9.34 5.60
N ASP F 170 -65.68 8.23 6.29
CA ASP F 170 -64.36 7.83 6.75
C ASP F 170 -63.72 6.97 5.66
N THR F 171 -62.83 7.59 4.90
CA THR F 171 -62.14 6.91 3.79
C THR F 171 -60.82 6.29 4.22
N ALA F 172 -60.56 6.19 5.52
CA ALA F 172 -59.36 5.56 6.04
C ALA F 172 -59.52 4.07 6.24
N VAL F 173 -60.68 3.51 5.89
CA VAL F 173 -60.95 2.09 6.08
C VAL F 173 -60.49 1.32 4.85
N TYR F 174 -60.53 1.97 3.69
CA TYR F 174 -60.19 1.33 2.43
C TYR F 174 -58.69 1.20 2.34
N ARG F 175 -58.18 0.06 2.81
CA ARG F 175 -56.73 -0.18 2.83
C ARG F 175 -56.50 -1.68 2.73
N ARG F 176 -55.23 -2.08 2.80
CA ARG F 176 -54.89 -3.50 2.75
C ARG F 176 -55.24 -4.18 4.07
N LYS F 177 -55.94 -5.31 3.97
CA LYS F 177 -56.32 -6.11 5.14
C LYS F 177 -57.06 -5.26 6.17
N THR F 178 -58.14 -4.64 5.72
CA THR F 178 -58.90 -3.73 6.57
C THR F 178 -59.62 -4.49 7.68
N THR F 179 -59.95 -3.79 8.76
CA THR F 179 -60.64 -4.37 9.90
C THR F 179 -61.93 -3.58 10.15
N LEU F 180 -63.03 -4.30 10.32
CA LEU F 180 -64.32 -3.68 10.63
C LEU F 180 -64.87 -4.31 11.89
N ARG F 181 -65.24 -3.47 12.86
CA ARG F 181 -65.80 -3.98 14.11
C ARG F 181 -67.17 -4.60 13.85
N VAL F 182 -67.38 -5.79 14.42
CA VAL F 182 -68.67 -6.45 14.28
C VAL F 182 -69.70 -5.74 15.14
N VAL F 183 -70.95 -5.77 14.71
CA VAL F 183 -72.02 -5.06 15.37
C VAL F 183 -72.30 -5.70 16.73
N GLY F 184 -72.59 -4.86 17.73
CA GLY F 184 -72.92 -5.32 19.06
C GLY F 184 -71.76 -5.48 20.00
N THR F 185 -70.55 -5.14 19.59
CA THR F 185 -69.37 -5.28 20.41
C THR F 185 -68.75 -3.92 20.67
N ARG F 186 -68.04 -3.81 21.80
CA ARG F 186 -67.41 -2.56 22.20
C ARG F 186 -66.17 -2.28 21.34
N LYS F 187 -65.67 -1.06 21.45
CA LYS F 187 -64.44 -0.64 20.80
C LYS F 187 -63.22 -0.99 21.65
N ASN F 188 -63.21 -0.58 22.91
CA ASN F 188 -62.18 -0.96 23.88
C ASN F 188 -62.88 -1.31 25.18
N PRO F 189 -62.28 -2.16 26.02
CA PRO F 189 -62.99 -2.64 27.22
C PRO F 189 -63.31 -1.56 28.24
N ASN F 190 -62.92 -0.31 27.98
CA ASN F 190 -63.21 0.79 28.88
C ASN F 190 -64.21 1.77 28.28
N CYS F 191 -64.89 1.38 27.20
CA CYS F 191 -65.90 2.22 26.56
C CYS F 191 -67.19 1.44 26.41
N ASP F 192 -68.30 2.09 26.77
CA ASP F 192 -69.62 1.47 26.69
C ASP F 192 -70.33 1.72 25.36
N THR F 193 -69.76 2.54 24.49
CA THR F 193 -70.41 2.84 23.21
C THR F 193 -70.33 1.62 22.30
N ILE F 194 -71.50 1.19 21.80
CA ILE F 194 -71.63 0.02 20.94
C ILE F 194 -72.52 0.38 19.77
N HIS F 195 -72.66 -0.57 18.84
CA HIS F 195 -73.57 -0.45 17.70
C HIS F 195 -74.71 -1.44 17.87
N VAL F 196 -75.91 -1.01 17.48
CA VAL F 196 -77.10 -1.85 17.60
C VAL F 196 -77.72 -2.03 16.22
N MET F 197 -78.42 -3.14 16.05
CA MET F 197 -79.02 -3.47 14.77
C MET F 197 -80.25 -2.58 14.51
N GLN F 198 -80.68 -2.55 13.26
CA GLN F 198 -81.84 -1.78 12.85
C GLN F 198 -82.76 -2.65 12.00
N PRO F 199 -84.06 -2.41 12.04
CA PRO F 199 -84.99 -3.17 11.20
C PRO F 199 -84.84 -2.78 9.74
N PRO F 200 -85.28 -3.64 8.80
CA PRO F 200 -85.91 -4.95 9.00
C PRO F 200 -84.89 -6.08 9.09
N HIS F 201 -83.62 -5.80 8.84
CA HIS F 201 -82.61 -6.85 8.81
C HIS F 201 -82.15 -7.15 10.24
N ASP F 202 -82.39 -8.39 10.68
CA ASP F 202 -82.00 -8.81 12.01
C ASP F 202 -81.09 -10.03 12.03
N ASN F 203 -80.98 -10.77 10.93
CA ASN F 203 -80.01 -11.87 10.84
C ASN F 203 -78.60 -11.31 10.93
N ILE F 204 -77.72 -11.98 11.67
CA ILE F 204 -76.38 -11.46 11.90
C ILE F 204 -75.55 -11.44 10.63
N GLU F 205 -75.91 -12.25 9.63
CA GLU F 205 -75.17 -12.28 8.38
C GLU F 205 -75.50 -11.12 7.45
N ASP F 206 -76.32 -10.19 7.92
CA ASP F 206 -76.73 -9.01 7.16
C ASP F 206 -75.84 -7.80 7.45
N TYR F 207 -74.82 -7.95 8.30
CA TYR F 207 -74.01 -6.82 8.72
C TYR F 207 -72.52 -7.06 8.56
N LEU F 208 -72.11 -8.09 7.82
CA LEU F 208 -70.70 -8.39 7.59
C LEU F 208 -70.37 -8.23 6.12
N PHE F 209 -69.25 -7.57 5.82
CA PHE F 209 -68.78 -7.36 4.46
C PHE F 209 -68.02 -8.55 3.89
N THR F 210 -67.67 -9.54 4.72
CA THR F 210 -66.98 -10.73 4.23
C THR F 210 -67.92 -11.87 3.90
N TYR F 211 -69.09 -11.93 4.54
CA TYR F 211 -70.08 -12.96 4.27
C TYR F 211 -70.58 -12.79 2.83
N VAL F 212 -70.17 -13.69 1.95
CA VAL F 212 -70.49 -13.59 0.53
C VAL F 212 -71.44 -14.72 0.16
N ASP F 213 -72.56 -14.35 -0.48
CA ASP F 213 -73.52 -15.34 -0.94
C ASP F 213 -74.29 -14.71 -2.10
N MET F 214 -74.00 -15.18 -3.33
CA MET F 214 -74.59 -14.61 -4.52
C MET F 214 -75.90 -15.31 -4.84
N ASN F 215 -76.91 -14.53 -5.20
CA ASN F 215 -78.21 -15.01 -5.65
C ASN F 215 -78.49 -14.45 -7.05
N ASN F 216 -79.71 -14.67 -7.53
CA ASN F 216 -80.14 -14.12 -8.81
C ASN F 216 -80.20 -12.60 -8.80
N ASN F 217 -80.17 -11.97 -7.63
CA ASN F 217 -80.15 -10.53 -7.50
C ASN F 217 -78.75 -9.95 -7.33
N SER F 218 -77.72 -10.80 -7.30
CA SER F 218 -76.36 -10.33 -7.09
C SER F 218 -75.81 -9.67 -8.35
N TYR F 219 -74.69 -8.96 -8.17
CA TYR F 219 -74.05 -8.27 -9.29
C TYR F 219 -72.58 -8.10 -8.92
N TYR F 220 -71.68 -8.62 -9.75
CA TYR F 220 -70.25 -8.61 -9.49
C TYR F 220 -69.51 -7.90 -10.61
N PHE F 221 -68.50 -7.13 -10.23
CA PHE F 221 -67.64 -6.44 -11.19
C PHE F 221 -66.31 -6.14 -10.51
N SER F 222 -65.29 -5.90 -11.33
CA SER F 222 -63.95 -5.62 -10.83
C SER F 222 -63.19 -4.83 -11.90
N LEU F 223 -61.89 -4.67 -11.69
CA LEU F 223 -61.06 -3.95 -12.64
C LEU F 223 -60.79 -4.79 -13.88
N GLN F 224 -60.39 -4.11 -14.95
CA GLN F 224 -59.92 -4.76 -16.16
C GLN F 224 -58.40 -4.90 -16.20
N ARG F 225 -57.69 -3.94 -15.65
CA ARG F 225 -56.24 -3.99 -15.51
C ARG F 225 -55.88 -4.38 -14.08
N ARG F 226 -54.59 -4.49 -13.82
CA ARG F 226 -54.09 -4.96 -12.52
C ARG F 226 -53.40 -3.82 -11.79
N LEU F 227 -52.81 -4.14 -10.63
CA LEU F 227 -52.15 -3.13 -9.80
C LEU F 227 -50.96 -2.52 -10.52
N GLU F 228 -50.34 -3.27 -11.44
CA GLU F 228 -49.20 -2.74 -12.17
C GLU F 228 -49.58 -1.52 -12.98
N ASP F 229 -50.74 -1.56 -13.63
CA ASP F 229 -51.26 -0.42 -14.37
C ASP F 229 -51.98 0.59 -13.48
N LEU F 230 -52.31 0.22 -12.24
CA LEU F 230 -53.03 1.14 -11.36
C LEU F 230 -52.07 2.11 -10.68
N VAL F 231 -51.19 1.59 -9.82
CA VAL F 231 -50.17 2.37 -9.13
C VAL F 231 -48.98 1.48 -8.80
N PRO F 232 -47.75 1.95 -9.01
CA PRO F 232 -46.58 1.19 -8.53
C PRO F 232 -46.22 1.54 -7.09
N ASP F 233 -47.21 1.45 -6.21
CA ASP F 233 -47.04 1.84 -4.81
C ASP F 233 -47.75 0.84 -3.92
N LYS F 234 -47.21 0.67 -2.70
CA LYS F 234 -47.80 -0.21 -1.71
C LYS F 234 -47.75 0.51 -0.36
N LEU F 235 -48.09 -0.22 0.70
CA LEU F 235 -47.95 0.30 2.05
C LEU F 235 -46.61 -0.06 2.68
N TRP F 236 -46.02 -1.19 2.26
CA TRP F 236 -44.72 -1.60 2.77
C TRP F 236 -44.04 -2.43 1.67
N GLU F 237 -43.18 -1.78 0.89
CA GLU F 237 -42.50 -2.46 -0.19
C GLU F 237 -41.25 -3.18 0.34
N PRO F 238 -40.80 -4.22 -0.36
CA PRO F 238 -39.55 -4.88 0.02
C PRO F 238 -38.38 -3.90 -0.11
N GLY F 239 -37.40 -4.03 0.78
CA GLY F 239 -36.32 -3.07 0.83
C GLY F 239 -36.40 -2.23 2.08
N PHE F 240 -37.63 -2.00 2.55
CA PHE F 240 -37.83 -1.30 3.81
C PHE F 240 -37.38 -2.18 4.97
N ILE F 241 -37.05 -1.53 6.08
CA ILE F 241 -36.65 -2.24 7.28
C ILE F 241 -37.86 -2.95 7.89
N SER F 242 -37.62 -3.84 8.84
CA SER F 242 -38.71 -4.52 9.51
C SER F 242 -39.56 -3.52 10.28
N PHE F 243 -40.86 -3.82 10.39
CA PHE F 243 -41.80 -2.89 11.01
C PHE F 243 -41.45 -2.61 12.47
N GLU F 244 -41.00 -3.63 13.19
CA GLU F 244 -40.61 -3.44 14.59
C GLU F 244 -39.46 -2.46 14.71
N ASP F 245 -38.48 -2.56 13.81
CA ASP F 245 -37.37 -1.61 13.81
C ASP F 245 -37.86 -0.19 13.47
N ALA F 246 -38.79 -0.08 12.53
CA ALA F 246 -39.30 1.24 12.14
C ALA F 246 -39.99 1.92 13.31
N ILE F 247 -40.81 1.17 14.06
CA ILE F 247 -41.47 1.73 15.23
C ILE F 247 -40.46 2.09 16.30
N LYS F 248 -39.40 1.29 16.43
CA LYS F 248 -38.36 1.58 17.41
C LYS F 248 -37.73 2.94 17.16
N ARG F 249 -37.48 3.27 15.90
CA ARG F 249 -36.98 4.60 15.56
C ARG F 249 -37.98 5.68 15.93
N VAL F 250 -39.27 5.42 15.69
CA VAL F 250 -40.30 6.39 16.06
C VAL F 250 -40.36 6.53 17.57
N SER F 251 -40.25 5.41 18.30
CA SER F 251 -40.34 5.45 19.76
C SER F 251 -39.21 6.28 20.38
N LYS F 252 -38.04 6.33 19.75
CA LYS F 252 -36.94 7.10 20.30
C LYS F 252 -37.10 8.60 20.08
N ILE F 253 -37.92 9.00 19.10
CA ILE F 253 -38.19 10.42 18.90
C ILE F 253 -39.08 10.95 20.01
N PHE F 254 -40.18 10.25 20.30
CA PHE F 254 -40.97 10.56 21.48
C PHE F 254 -40.19 10.16 22.72
N ILE F 255 -39.60 11.14 23.42
CA ILE F 255 -38.79 10.81 24.58
C ILE F 255 -39.64 10.17 25.67
N ASN F 256 -40.89 10.63 25.81
CA ASN F 256 -41.82 10.01 26.76
C ASN F 256 -42.28 8.66 26.23
N SER F 257 -43.15 8.00 26.99
CA SER F 257 -43.58 6.64 26.70
C SER F 257 -44.97 6.64 26.09
N ILE F 258 -45.14 5.87 25.02
CA ILE F 258 -46.45 5.72 24.39
C ILE F 258 -47.34 4.87 25.28
N ILE F 259 -48.59 5.30 25.44
CA ILE F 259 -49.51 4.61 26.35
C ILE F 259 -50.15 3.41 25.66
N ASN F 260 -50.68 3.60 24.46
CA ASN F 260 -51.41 2.57 23.73
C ASN F 260 -50.54 1.88 22.69
N PHE F 261 -49.27 1.63 23.04
CA PHE F 261 -48.33 1.02 22.11
C PHE F 261 -48.82 -0.31 21.57
N ASN F 262 -49.58 -1.06 22.38
CA ASN F 262 -50.00 -2.41 21.99
C ASN F 262 -51.08 -2.42 20.92
N ASP F 263 -51.56 -1.26 20.48
CA ASP F 263 -52.59 -1.20 19.44
C ASP F 263 -52.01 -1.07 18.04
N LEU F 264 -50.68 -1.14 17.89
CA LEU F 264 -50.02 -0.89 16.63
C LEU F 264 -49.55 -2.21 16.01
N ASP F 265 -49.68 -2.31 14.69
CA ASP F 265 -49.13 -3.42 13.94
C ASP F 265 -48.87 -2.93 12.51
N GLU F 266 -48.59 -3.86 11.60
CA GLU F 266 -48.26 -3.50 10.22
C GLU F 266 -49.48 -3.12 9.39
N ASN F 267 -50.67 -3.02 9.99
CA ASN F 267 -51.88 -2.81 9.22
C ASN F 267 -52.75 -1.65 9.69
N ASN F 268 -52.49 -1.06 10.86
CA ASN F 268 -53.33 0.02 11.35
C ASN F 268 -52.53 1.16 11.96
N PHE F 269 -51.20 1.18 11.78
CA PHE F 269 -50.39 2.23 12.39
C PHE F 269 -50.66 3.60 11.80
N THR F 270 -51.32 3.68 10.65
CA THR F 270 -51.67 4.95 10.05
C THR F 270 -53.06 5.45 10.47
N THR F 271 -53.74 4.74 11.35
CA THR F 271 -55.09 5.12 11.75
C THR F 271 -55.21 5.27 13.27
N VAL F 272 -54.50 4.43 14.01
CA VAL F 272 -54.59 4.48 15.47
C VAL F 272 -53.87 5.72 15.99
N PRO F 273 -54.55 6.58 16.75
CA PRO F 273 -53.87 7.77 17.31
C PRO F 273 -53.00 7.39 18.50
N LEU F 274 -51.83 8.00 18.58
CA LEU F 274 -50.88 7.71 19.66
C LEU F 274 -51.09 8.70 20.80
N VAL F 275 -51.48 8.18 21.96
CA VAL F 275 -51.75 9.01 23.14
C VAL F 275 -50.45 9.02 23.95
N ILE F 276 -49.68 10.09 23.81
CA ILE F 276 -48.44 10.20 24.57
C ILE F 276 -48.73 10.69 25.98
N ASP F 277 -47.91 10.23 26.92
CA ASP F 277 -47.99 10.66 28.31
C ASP F 277 -46.92 11.72 28.53
N TYR F 278 -47.33 12.91 28.96
CA TYR F 278 -46.43 14.06 29.05
C TYR F 278 -45.96 14.23 30.48
N VAL F 279 -44.87 13.57 30.82
CA VAL F 279 -44.16 13.83 32.07
C VAL F 279 -43.11 14.91 31.88
N THR F 280 -42.32 14.79 30.81
CA THR F 280 -41.38 15.80 30.37
C THR F 280 -41.96 16.57 29.19
N PRO F 281 -41.47 17.78 28.92
CA PRO F 281 -41.98 18.54 27.78
C PRO F 281 -41.80 17.78 26.48
N CYS F 282 -42.75 17.96 25.56
CA CYS F 282 -42.73 17.25 24.28
C CYS F 282 -41.43 17.53 23.54
N ALA F 283 -40.82 16.47 23.03
CA ALA F 283 -39.54 16.59 22.33
C ALA F 283 -39.66 17.25 20.97
N LEU F 284 -40.88 17.48 20.48
CA LEU F 284 -41.09 18.09 19.18
C LEU F 284 -41.37 19.59 19.24
N CYS F 285 -42.39 20.01 20.00
CA CYS F 285 -42.76 21.41 20.07
C CYS F 285 -42.26 22.11 21.32
N LYS F 286 -41.61 21.39 22.25
CA LYS F 286 -41.09 21.94 23.51
C LYS F 286 -42.18 22.51 24.41
N LYS F 287 -43.44 22.11 24.19
CA LYS F 287 -44.52 22.54 25.06
C LYS F 287 -44.64 21.61 26.26
N ARG F 288 -45.34 22.10 27.29
CA ARG F 288 -45.51 21.32 28.50
C ARG F 288 -46.40 20.09 28.26
N SER F 289 -47.50 20.27 27.54
CA SER F 289 -48.42 19.18 27.27
C SER F 289 -49.18 19.50 25.99
N HIS F 290 -49.91 18.51 25.50
CA HIS F 290 -50.65 18.63 24.25
C HIS F 290 -52.13 18.29 24.47
N LYS F 291 -52.99 18.96 23.70
CA LYS F 291 -54.42 18.74 23.83
C LYS F 291 -54.85 17.42 23.22
N HIS F 292 -54.28 17.07 22.05
CA HIS F 292 -54.78 15.95 21.27
C HIS F 292 -53.66 14.95 20.98
N PRO F 293 -53.99 13.68 20.75
CA PRO F 293 -52.96 12.70 20.41
C PRO F 293 -52.39 12.90 19.02
N HIS F 294 -51.15 12.43 18.85
CA HIS F 294 -50.47 12.51 17.57
C HIS F 294 -50.92 11.36 16.67
N GLN F 295 -50.48 11.37 15.42
CA GLN F 295 -50.88 10.33 14.47
C GLN F 295 -49.85 10.18 13.36
N LEU F 296 -49.48 8.94 13.05
CA LEU F 296 -48.47 8.67 12.03
C LEU F 296 -49.10 8.72 10.64
N SER F 297 -48.23 8.76 9.63
CA SER F 297 -48.63 8.75 8.23
C SER F 297 -47.42 8.38 7.39
N LEU F 298 -47.66 7.66 6.30
CA LEU F 298 -46.59 7.17 5.43
C LEU F 298 -46.65 7.86 4.08
N GLU F 299 -45.55 8.53 3.72
CA GLU F 299 -45.44 9.19 2.42
C GLU F 299 -44.02 9.01 1.90
N ASN F 300 -43.89 8.50 0.68
CA ASN F 300 -42.62 8.44 -0.05
C ASN F 300 -41.54 7.69 0.73
N GLY F 301 -41.91 6.71 1.53
CA GLY F 301 -40.93 5.92 2.26
C GLY F 301 -40.44 6.58 3.53
N ALA F 302 -41.32 7.30 4.20
CA ALA F 302 -40.97 7.94 5.47
C ALA F 302 -42.21 8.17 6.32
N ILE F 303 -42.15 7.81 7.60
CA ILE F 303 -43.29 7.93 8.49
C ILE F 303 -43.32 9.36 9.04
N ARG F 304 -44.10 10.22 8.41
CA ARG F 304 -44.26 11.58 8.90
C ARG F 304 -45.09 11.57 10.18
N ILE F 305 -44.67 12.40 11.14
CA ILE F 305 -45.37 12.52 12.43
C ILE F 305 -46.02 13.89 12.47
N TYR F 306 -47.35 13.91 12.58
CA TYR F 306 -48.11 15.14 12.65
C TYR F 306 -49.15 15.02 13.75
N LYS F 307 -49.61 16.17 14.24
CA LYS F 307 -50.56 16.24 15.33
C LYS F 307 -51.94 16.62 14.82
N THR F 308 -52.95 15.91 15.28
CA THR F 308 -54.33 16.21 14.93
C THR F 308 -54.84 17.38 15.76
N GLY F 309 -55.95 17.97 15.31
CA GLY F 309 -56.52 19.11 15.99
C GLY F 309 -56.11 20.43 15.37
N ASN F 310 -55.26 21.18 16.06
CA ASN F 310 -54.73 22.42 15.51
C ASN F 310 -53.34 22.13 14.94
N PRO F 311 -53.18 22.15 13.61
CA PRO F 311 -51.90 21.68 13.03
C PRO F 311 -50.72 22.57 13.33
N HIS F 312 -50.94 23.83 13.69
CA HIS F 312 -49.84 24.77 13.90
C HIS F 312 -49.25 24.69 15.30
N SER F 313 -49.85 23.93 16.21
CA SER F 313 -49.33 23.85 17.57
C SER F 313 -48.02 23.07 17.64
N CYS F 314 -47.88 22.01 16.86
CA CYS F 314 -46.70 21.15 16.89
C CYS F 314 -46.06 21.10 15.52
N LYS F 315 -44.72 21.14 15.49
CA LYS F 315 -44.00 21.12 14.23
C LYS F 315 -43.97 19.72 13.66
N VAL F 316 -43.27 19.56 12.53
CA VAL F 316 -43.27 18.33 11.75
C VAL F 316 -41.92 17.65 11.86
N LYS F 317 -41.93 16.35 12.15
CA LYS F 317 -40.72 15.55 12.18
C LYS F 317 -40.91 14.34 11.28
N ILE F 318 -39.84 13.94 10.60
CA ILE F 318 -39.88 12.89 9.59
C ILE F 318 -38.90 11.80 9.97
N VAL F 319 -39.33 10.54 9.87
CA VAL F 319 -38.54 9.38 10.23
C VAL F 319 -38.11 8.67 8.95
N PRO F 320 -36.88 8.85 8.47
CA PRO F 320 -36.43 8.10 7.31
C PRO F 320 -36.26 6.62 7.64
N LEU F 321 -36.51 5.78 6.62
CA LEU F 321 -36.36 4.34 6.79
C LEU F 321 -35.76 3.68 5.55
N ASP F 322 -35.00 4.42 4.76
CA ASP F 322 -34.43 3.88 3.53
C ASP F 322 -33.21 3.01 3.80
N GLY F 323 -32.15 3.60 4.37
CA GLY F 323 -30.93 2.85 4.60
C GLY F 323 -29.87 3.58 5.40
N ASN F 324 -28.60 3.37 5.02
CA ASN F 324 -27.49 3.95 5.77
C ASN F 324 -27.48 5.47 5.65
N LYS F 325 -27.10 6.14 6.74
CA LYS F 325 -27.01 7.59 6.72
C LYS F 325 -25.67 8.06 6.20
N LEU F 326 -24.58 7.41 6.62
CA LEU F 326 -23.25 7.83 6.17
C LEU F 326 -23.09 7.68 4.68
N PHE F 327 -23.78 6.72 4.07
CA PHE F 327 -23.80 6.63 2.61
C PHE F 327 -24.42 7.87 1.99
N ASN F 328 -25.50 8.39 2.58
CA ASN F 328 -26.09 9.64 2.11
C ASN F 328 -25.10 10.79 2.25
N ILE F 329 -24.35 10.81 3.34
CA ILE F 329 -23.35 11.87 3.54
C ILE F 329 -22.30 11.80 2.45
N ALA F 330 -21.80 10.59 2.16
CA ALA F 330 -20.81 10.44 1.11
C ALA F 330 -21.37 10.86 -0.25
N GLN F 331 -22.61 10.47 -0.53
CA GLN F 331 -23.22 10.85 -1.81
C GLN F 331 -23.36 12.36 -1.93
N ARG F 332 -23.78 13.03 -0.86
CA ARG F 332 -23.99 14.46 -0.89
C ARG F 332 -22.69 15.26 -0.81
N ILE F 333 -21.60 14.64 -0.34
CA ILE F 333 -20.30 15.30 -0.38
C ILE F 333 -19.68 15.15 -1.76
N LEU F 334 -19.79 13.96 -2.37
CA LEU F 334 -19.36 13.81 -3.75
C LEU F 334 -20.22 14.63 -4.69
N ASP F 335 -21.45 14.95 -4.28
CA ASP F 335 -22.36 15.71 -5.13
C ASP F 335 -21.84 17.11 -5.41
N THR F 336 -21.29 17.78 -4.40
CA THR F 336 -20.84 19.16 -4.54
C THR F 336 -19.59 19.31 -5.39
N ASN F 337 -19.05 18.21 -5.92
CA ASN F 337 -17.91 18.24 -6.83
C ASN F 337 -16.68 18.86 -6.19
N SER F 338 -16.24 18.26 -5.08
CA SER F 338 -14.99 18.63 -4.44
C SER F 338 -13.96 17.51 -4.45
N VAL F 339 -14.36 16.29 -4.78
CA VAL F 339 -13.44 15.16 -4.90
C VAL F 339 -13.51 14.64 -6.33
N LEU F 340 -12.36 14.47 -6.96
CA LEU F 340 -12.29 13.99 -8.33
C LEU F 340 -11.18 12.95 -8.44
N LEU F 341 -11.35 12.05 -9.40
CA LEU F 341 -10.34 11.05 -9.74
C LEU F 341 -9.59 11.52 -10.97
N THR F 342 -8.34 11.91 -10.80
CA THR F 342 -7.55 12.40 -11.92
C THR F 342 -7.14 11.24 -12.83
N GLU F 343 -6.60 11.59 -13.99
CA GLU F 343 -6.25 10.59 -14.99
C GLU F 343 -5.19 9.63 -14.47
N ARG F 344 -4.17 10.15 -13.79
CA ARG F 344 -3.06 9.31 -13.34
C ARG F 344 -3.47 8.36 -12.21
N GLY F 345 -4.52 8.69 -11.46
CA GLY F 345 -4.99 7.79 -10.42
C GLY F 345 -4.97 8.37 -9.03
N ASP F 346 -4.73 9.68 -8.92
CA ASP F 346 -4.71 10.36 -7.63
C ASP F 346 -6.12 10.85 -7.29
N HIS F 347 -6.24 11.46 -6.11
CA HIS F 347 -7.52 11.98 -5.61
C HIS F 347 -7.32 13.45 -5.29
N ILE F 348 -7.68 14.32 -6.22
CA ILE F 348 -7.56 15.76 -6.00
C ILE F 348 -8.73 16.24 -5.16
N VAL F 349 -8.47 17.25 -4.33
CA VAL F 349 -9.47 17.85 -3.46
C VAL F 349 -9.49 19.36 -3.72
N TRP F 350 -10.42 20.05 -3.06
CA TRP F 350 -10.61 21.48 -3.24
C TRP F 350 -10.79 22.13 -1.87
N ILE F 351 -9.69 22.63 -1.31
CA ILE F 351 -9.70 23.32 -0.02
C ILE F 351 -8.85 24.58 -0.14
N ASN F 352 -9.30 25.65 0.49
CA ASN F 352 -8.60 26.94 0.49
C ASN F 352 -8.37 27.45 -0.94
N ASN F 353 -9.39 27.27 -1.78
CA ASN F 353 -9.41 27.82 -3.14
C ASN F 353 -8.24 27.30 -3.98
N SER F 354 -7.80 26.07 -3.74
CA SER F 354 -6.69 25.50 -4.49
C SER F 354 -6.95 24.01 -4.68
N TRP F 355 -6.75 23.53 -5.91
CA TRP F 355 -6.92 22.11 -6.20
C TRP F 355 -5.70 21.32 -5.75
N LYS F 356 -5.39 21.36 -4.46
CA LYS F 356 -4.24 20.64 -3.94
C LYS F 356 -4.53 19.14 -3.92
N PHE F 357 -3.46 18.36 -3.98
CA PHE F 357 -3.58 16.91 -3.99
C PHE F 357 -2.30 16.30 -3.45
N ASN F 358 -2.40 15.05 -3.03
CA ASN F 358 -1.23 14.32 -2.55
C ASN F 358 -1.50 12.83 -2.68
N SER F 359 -0.42 12.06 -2.85
CA SER F 359 -0.53 10.62 -3.00
C SER F 359 -0.25 9.91 -1.67
N GLU F 360 0.86 10.24 -1.01
CA GLU F 360 1.25 9.55 0.21
C GLU F 360 0.29 9.86 1.35
N GLU F 361 -0.12 11.12 1.50
CA GLU F 361 -1.05 11.53 2.55
C GLU F 361 -2.34 12.04 1.91
N PRO F 362 -3.36 11.20 1.79
CA PRO F 362 -4.65 11.67 1.27
C PRO F 362 -5.26 12.72 2.19
N LEU F 363 -5.95 13.69 1.58
CA LEU F 363 -6.59 14.77 2.31
C LEU F 363 -8.11 14.70 2.26
N ILE F 364 -8.66 13.50 2.03
CA ILE F 364 -10.11 13.36 1.92
C ILE F 364 -10.79 13.70 3.24
N THR F 365 -10.25 13.20 4.35
CA THR F 365 -10.85 13.49 5.65
C THR F 365 -10.79 14.99 5.97
N LYS F 366 -9.68 15.64 5.59
CA LYS F 366 -9.59 17.09 5.77
C LYS F 366 -10.68 17.80 4.97
N LEU F 367 -10.93 17.34 3.74
CA LEU F 367 -11.98 17.94 2.93
C LEU F 367 -13.34 17.72 3.57
N ILE F 368 -13.59 16.54 4.12
CA ILE F 368 -14.87 16.27 4.78
C ILE F 368 -15.07 17.21 5.95
N LEU F 369 -14.05 17.33 6.81
CA LEU F 369 -14.17 18.18 7.99
C LEU F 369 -14.30 19.65 7.60
N SER F 370 -13.68 20.07 6.50
CA SER F 370 -13.77 21.45 6.07
C SER F 370 -15.12 21.75 5.43
N ILE F 371 -15.68 20.77 4.71
CA ILE F 371 -16.92 20.99 3.97
C ILE F 371 -18.16 20.68 4.80
N ARG F 372 -17.99 20.17 6.02
CA ARG F 372 -19.13 19.98 6.92
C ARG F 372 -19.93 21.26 7.12
N HIS F 373 -19.34 22.42 6.80
CA HIS F 373 -20.04 23.68 6.99
C HIS F 373 -21.20 23.86 6.02
N GLN F 374 -21.00 23.48 4.75
CA GLN F 374 -22.00 23.72 3.72
C GLN F 374 -23.06 22.63 3.62
N LEU F 375 -23.29 21.88 4.69
CA LEU F 375 -24.28 20.82 4.72
C LEU F 375 -25.35 21.13 5.75
N PRO F 376 -26.54 20.55 5.62
CA PRO F 376 -27.59 20.77 6.62
C PRO F 376 -27.13 20.42 8.03
N LYS F 377 -27.91 20.88 9.02
CA LYS F 377 -27.54 20.71 10.41
C LYS F 377 -27.45 19.24 10.79
N GLU F 378 -28.42 18.42 10.38
CA GLU F 378 -28.48 17.02 10.78
C GLU F 378 -27.31 16.20 10.28
N TYR F 379 -26.38 16.79 9.54
CA TYR F 379 -25.19 16.10 9.07
C TYR F 379 -23.92 16.48 9.83
N SER F 380 -23.95 17.61 10.55
CA SER F 380 -22.76 18.07 11.26
C SER F 380 -22.46 17.19 12.46
N SER F 381 -23.49 16.70 13.14
CA SER F 381 -23.29 15.91 14.35
C SER F 381 -22.60 14.58 14.07
N GLU F 382 -22.60 14.13 12.82
CA GLU F 382 -22.00 12.84 12.48
C GLU F 382 -20.61 12.97 11.86
N LEU F 383 -20.18 14.18 11.51
CA LEU F 383 -18.88 14.40 10.88
C LEU F 383 -17.80 14.83 11.87
N LEU F 384 -17.92 14.42 13.14
CA LEU F 384 -16.94 14.77 14.15
C LEU F 384 -16.11 13.57 14.61
N CYS F 385 -16.75 12.43 14.82
CA CYS F 385 -16.04 11.23 15.25
C CYS F 385 -15.16 10.71 14.12
N PRO F 386 -13.87 10.48 14.35
CA PRO F 386 -12.97 10.14 13.23
C PRO F 386 -13.35 8.86 12.49
N ARG F 387 -13.90 7.86 13.18
CA ARG F 387 -14.25 6.63 12.49
C ARG F 387 -15.38 6.84 11.50
N LYS F 388 -16.33 7.71 11.82
CA LYS F 388 -17.38 8.03 10.85
C LYS F 388 -16.80 8.71 9.63
N ARG F 389 -15.84 9.62 9.82
CA ARG F 389 -15.19 10.26 8.68
C ARG F 389 -14.41 9.25 7.84
N LYS F 390 -13.77 8.27 8.49
CA LYS F 390 -13.08 7.22 7.74
C LYS F 390 -14.07 6.39 6.94
N THR F 391 -15.23 6.08 7.52
CA THR F 391 -16.25 5.35 6.79
C THR F 391 -16.75 6.14 5.59
N VAL F 392 -16.95 7.45 5.76
CA VAL F 392 -17.40 8.29 4.64
C VAL F 392 -16.33 8.34 3.56
N GLU F 393 -15.06 8.40 3.95
CA GLU F 393 -13.98 8.39 2.97
C GLU F 393 -13.96 7.08 2.19
N ALA F 394 -14.14 5.96 2.90
CA ALA F 394 -14.17 4.66 2.24
C ALA F 394 -15.33 4.57 1.26
N ASN F 395 -16.49 5.10 1.65
CA ASN F 395 -17.63 5.13 0.74
C ASN F 395 -17.35 6.00 -0.48
N ILE F 396 -16.71 7.15 -0.28
CA ILE F 396 -16.42 8.06 -1.38
C ILE F 396 -15.47 7.40 -2.38
N ARG F 397 -14.44 6.72 -1.87
CA ARG F 397 -13.46 6.10 -2.76
C ARG F 397 -14.06 5.01 -3.64
N ASP F 398 -15.25 4.50 -3.32
CA ASP F 398 -15.88 3.44 -4.09
C ASP F 398 -16.91 3.95 -5.09
N MET F 399 -17.15 5.26 -5.13
CA MET F 399 -18.07 5.84 -6.10
C MET F 399 -17.36 6.47 -7.29
N LEU F 400 -16.06 6.72 -7.20
CA LEU F 400 -15.31 7.36 -8.28
C LEU F 400 -14.79 6.26 -9.20
N VAL F 401 -15.49 6.08 -10.33
CA VAL F 401 -15.13 5.02 -11.27
C VAL F 401 -14.66 5.58 -12.61
N ASP F 402 -15.02 6.82 -12.95
CA ASP F 402 -14.62 7.44 -14.20
C ASP F 402 -13.70 8.62 -13.92
N SER F 403 -12.57 8.68 -14.61
CA SER F 403 -11.56 9.68 -14.37
C SER F 403 -11.84 10.95 -15.17
N VAL F 404 -11.24 12.05 -14.71
CA VAL F 404 -11.37 13.35 -15.36
C VAL F 404 -9.98 13.92 -15.58
N GLU F 405 -9.75 14.45 -16.78
CA GLU F 405 -8.50 15.10 -17.12
C GLU F 405 -8.39 16.49 -16.50
N THR F 406 -7.16 17.00 -16.43
CA THR F 406 -6.88 18.27 -15.77
C THR F 406 -6.00 19.14 -16.65
N ASP F 407 -5.94 20.42 -16.32
CA ASP F 407 -5.09 21.41 -16.97
C ASP F 407 -5.40 21.49 -18.47
N THR F 408 -6.62 21.93 -18.75
CA THR F 408 -7.07 22.09 -20.13
C THR F 408 -6.75 23.47 -20.70
N TYR F 409 -6.92 24.53 -19.90
CA TYR F 409 -6.64 25.89 -20.36
C TYR F 409 -5.16 26.19 -20.18
N PRO F 410 -4.42 26.51 -21.24
CA PRO F 410 -2.97 26.71 -21.11
C PRO F 410 -2.55 28.15 -20.82
N ASP F 411 -3.44 29.13 -20.95
CA ASP F 411 -3.09 30.54 -20.80
C ASP F 411 -3.56 31.10 -19.47
N LYS F 412 -3.51 30.29 -18.42
CA LYS F 412 -3.89 30.71 -17.08
C LYS F 412 -2.76 30.42 -16.11
N LEU F 413 -2.57 31.33 -15.15
CA LEU F 413 -1.51 31.20 -14.15
C LEU F 413 -2.12 30.86 -12.80
N PRO F 414 -1.93 29.65 -12.30
CA PRO F 414 -2.52 29.28 -11.00
C PRO F 414 -1.67 29.74 -9.83
N PHE F 415 -2.28 30.45 -8.89
CA PHE F 415 -1.62 30.90 -7.67
C PHE F 415 -2.21 30.18 -6.48
N LYS F 416 -1.65 30.44 -5.30
CA LYS F 416 -2.08 29.79 -4.08
C LYS F 416 -3.47 30.23 -3.63
N ASN F 417 -3.98 31.35 -4.12
CA ASN F 417 -5.27 31.86 -3.70
C ASN F 417 -6.08 32.35 -4.89
N GLY F 418 -6.00 31.64 -6.00
CA GLY F 418 -6.79 31.98 -7.18
C GLY F 418 -6.02 31.71 -8.45
N VAL F 419 -6.68 32.01 -9.56
CA VAL F 419 -6.11 31.84 -10.90
C VAL F 419 -6.14 33.19 -11.60
N LEU F 420 -4.99 33.61 -12.12
CA LEU F 420 -4.88 34.88 -12.80
C LEU F 420 -4.98 34.68 -14.31
N ASP F 421 -5.91 35.39 -14.94
CA ASP F 421 -6.06 35.32 -16.38
C ASP F 421 -4.98 36.13 -17.08
N LEU F 422 -4.80 35.86 -18.36
CA LEU F 422 -3.78 36.54 -19.16
C LEU F 422 -4.34 37.33 -20.33
N VAL F 423 -5.47 36.91 -20.91
CA VAL F 423 -6.03 37.61 -22.06
C VAL F 423 -6.55 38.99 -21.68
N ASP F 424 -7.01 39.19 -20.44
CA ASP F 424 -7.56 40.48 -20.06
C ASP F 424 -7.04 40.96 -18.70
N GLY F 425 -6.19 40.18 -18.02
CA GLY F 425 -5.57 40.61 -16.79
C GLY F 425 -6.43 40.51 -15.54
N MET F 426 -7.71 40.16 -15.67
CA MET F 426 -8.55 40.01 -14.50
C MET F 426 -8.14 38.79 -13.68
N PHE F 427 -8.13 38.93 -12.37
CA PHE F 427 -7.66 37.89 -11.46
C PHE F 427 -8.88 37.28 -10.75
N TYR F 428 -9.24 36.06 -11.14
CA TYR F 428 -10.36 35.37 -10.53
C TYR F 428 -9.93 34.72 -9.21
N SER F 429 -10.92 34.39 -8.39
CA SER F 429 -10.67 33.75 -7.10
C SER F 429 -11.92 33.02 -6.67
N GLY F 430 -11.74 32.10 -5.71
CA GLY F 430 -12.85 31.39 -5.12
C GLY F 430 -13.50 30.42 -6.08
N ASP F 431 -14.82 30.31 -6.00
CA ASP F 431 -15.56 29.35 -6.86
C ASP F 431 -15.33 29.72 -8.34
N ASP F 432 -15.33 31.02 -8.64
CA ASP F 432 -15.15 31.41 -10.04
C ASP F 432 -13.86 30.86 -10.60
N ALA F 433 -12.78 30.88 -9.82
CA ALA F 433 -11.50 30.30 -10.23
C ALA F 433 -11.38 28.85 -9.76
N LYS F 434 -12.38 28.04 -10.07
CA LYS F 434 -12.36 26.62 -9.78
C LYS F 434 -12.58 25.76 -11.01
N LYS F 435 -13.41 26.22 -11.96
CA LYS F 435 -13.60 25.48 -13.20
C LYS F 435 -12.30 25.29 -13.96
N TYR F 436 -11.34 26.20 -13.80
CA TYR F 436 -10.00 26.02 -14.33
C TYR F 436 -9.28 25.04 -13.42
N THR F 437 -9.38 23.75 -13.74
CA THR F 437 -8.81 22.70 -12.90
C THR F 437 -7.29 22.70 -13.07
N CYS F 438 -6.64 23.56 -12.30
CA CYS F 438 -5.19 23.71 -12.34
C CYS F 438 -4.58 22.96 -11.17
N THR F 439 -3.92 21.84 -11.46
CA THR F 439 -3.32 21.02 -10.41
C THR F 439 -2.11 21.71 -9.78
N VAL F 440 -1.22 22.25 -10.61
CA VAL F 440 0.00 22.88 -10.12
C VAL F 440 -0.31 24.28 -9.59
N SER F 441 0.64 24.84 -8.84
CA SER F 441 0.49 26.19 -8.32
C SER F 441 1.88 26.79 -8.13
N THR F 442 1.97 28.11 -8.25
CA THR F 442 3.25 28.79 -8.12
C THR F 442 3.83 28.68 -6.72
N GLY F 443 3.00 28.49 -5.70
CA GLY F 443 3.45 28.31 -4.34
C GLY F 443 3.37 29.55 -3.47
N PHE F 444 3.09 30.72 -4.05
CA PHE F 444 2.97 31.96 -3.28
C PHE F 444 1.62 32.59 -3.60
N LYS F 445 1.29 33.65 -2.85
CA LYS F 445 0.00 34.31 -2.98
C LYS F 445 0.11 35.54 -3.87
N PHE F 446 -1.02 35.90 -4.46
CA PHE F 446 -1.09 37.05 -5.37
C PHE F 446 -1.45 38.29 -4.57
N ASP F 447 -0.58 39.30 -4.60
CA ASP F 447 -0.76 40.55 -3.88
C ASP F 447 -1.11 41.64 -4.90
N ASP F 448 -2.40 41.97 -5.00
CA ASP F 448 -2.84 42.98 -5.95
C ASP F 448 -2.32 44.38 -5.61
N THR F 449 -1.92 44.62 -4.36
CA THR F 449 -1.39 45.93 -4.01
C THR F 449 -0.05 46.19 -4.70
N LYS F 450 0.82 45.19 -4.75
CA LYS F 450 2.14 45.33 -5.35
C LYS F 450 2.15 45.08 -6.85
N PHE F 451 1.01 44.71 -7.44
CA PHE F 451 0.89 44.49 -8.88
C PHE F 451 0.74 45.79 -9.65
N VAL F 452 0.86 46.94 -8.98
CA VAL F 452 0.68 48.22 -9.66
C VAL F 452 1.80 48.43 -10.68
N GLU F 453 1.50 49.26 -11.67
CA GLU F 453 2.44 49.51 -12.75
C GLU F 453 3.62 50.37 -12.29
N ASP F 454 3.37 51.35 -11.42
CA ASP F 454 4.39 52.30 -11.00
C ASP F 454 4.78 52.02 -9.55
N SER F 455 6.07 51.82 -9.33
CA SER F 455 6.65 51.55 -8.01
C SER F 455 8.16 51.70 -8.10
N PRO F 456 8.83 52.07 -7.01
CA PRO F 456 10.30 52.14 -7.05
C PRO F 456 10.96 50.84 -7.47
N GLU F 457 10.41 49.71 -7.02
CA GLU F 457 10.93 48.42 -7.45
C GLU F 457 10.78 48.24 -8.96
N MET F 458 9.69 48.77 -9.54
CA MET F 458 9.52 48.68 -10.99
C MET F 458 10.61 49.46 -11.71
N GLU F 459 10.93 50.67 -11.23
CA GLU F 459 11.99 51.46 -11.85
C GLU F 459 13.34 50.75 -11.72
N GLU F 460 13.63 50.19 -10.54
CA GLU F 460 14.89 49.47 -10.37
C GLU F 460 14.95 48.26 -11.29
N LEU F 461 13.84 47.54 -11.43
CA LEU F 461 13.80 46.39 -12.31
C LEU F 461 14.01 46.79 -13.76
N MET F 462 13.40 47.91 -14.18
CA MET F 462 13.62 48.39 -15.54
C MET F 462 15.07 48.76 -15.77
N ASN F 463 15.70 49.41 -14.79
CA ASN F 463 17.12 49.73 -14.90
C ASN F 463 17.96 48.47 -15.03
N ILE F 464 17.67 47.46 -14.21
CA ILE F 464 18.45 46.22 -14.25
C ILE F 464 18.26 45.51 -15.58
N ILE F 465 17.03 45.45 -16.07
CA ILE F 465 16.76 44.77 -17.33
C ILE F 465 17.46 45.47 -18.49
N ASN F 466 17.37 46.81 -18.52
CA ASN F 466 18.06 47.55 -19.57
C ASN F 466 19.57 47.42 -19.46
N ASP F 467 20.10 47.27 -18.24
CA ASP F 467 21.53 47.03 -18.06
C ASP F 467 21.91 45.67 -18.64
N ILE F 468 21.10 44.64 -18.37
CA ILE F 468 21.40 43.30 -18.86
C ILE F 468 21.37 43.25 -20.38
N GLN F 469 20.35 43.84 -20.99
CA GLN F 469 20.18 43.83 -22.44
C GLN F 469 19.70 45.20 -22.90
N PRO F 470 20.61 46.05 -23.39
CA PRO F 470 20.20 47.36 -23.89
C PRO F 470 19.24 47.24 -25.06
N LEU F 471 18.33 48.22 -25.16
CA LEU F 471 17.24 48.20 -26.12
C LEU F 471 17.48 49.21 -27.24
N THR F 472 18.75 49.43 -27.60
CA THR F 472 19.08 50.36 -28.67
C THR F 472 18.77 49.71 -30.02
N ASP F 473 19.04 50.43 -31.11
CA ASP F 473 18.75 49.93 -32.44
C ASP F 473 19.69 48.83 -32.89
N GLU F 474 20.92 48.79 -32.35
CA GLU F 474 21.87 47.76 -32.78
C GLU F 474 21.44 46.37 -32.32
N ASN F 475 20.59 46.30 -31.30
CA ASN F 475 20.17 45.03 -30.71
C ASN F 475 18.66 45.02 -30.50
N LYS F 476 17.92 45.44 -31.53
CA LYS F 476 16.47 45.52 -31.41
C LYS F 476 15.81 44.15 -31.56
N LYS F 477 16.11 43.44 -32.66
CA LYS F 477 15.50 42.14 -32.89
C LYS F 477 15.94 41.13 -31.84
N ASN F 478 17.20 41.20 -31.40
CA ASN F 478 17.67 40.29 -30.38
C ASN F 478 16.92 40.47 -29.07
N ARG F 479 16.70 41.72 -28.64
CA ARG F 479 15.95 41.94 -27.41
C ARG F 479 14.48 41.60 -27.59
N GLU F 480 13.93 41.82 -28.79
CA GLU F 480 12.55 41.43 -29.04
C GLU F 480 12.37 39.92 -28.92
N LEU F 481 13.31 39.16 -29.47
CA LEU F 481 13.21 37.70 -29.37
C LEU F 481 13.52 37.22 -27.96
N TYR F 482 14.37 37.95 -27.23
CA TYR F 482 14.56 37.68 -25.80
C TYR F 482 13.25 37.84 -25.04
N GLU F 483 12.54 38.93 -25.31
CA GLU F 483 11.24 39.16 -24.68
C GLU F 483 10.25 38.06 -25.04
N LYS F 484 10.22 37.67 -26.30
CA LYS F 484 9.31 36.63 -26.74
C LYS F 484 9.62 35.30 -26.07
N THR F 485 10.91 34.94 -25.99
CA THR F 485 11.29 33.68 -25.36
C THR F 485 10.96 33.68 -23.88
N LEU F 486 11.27 34.77 -23.18
CA LEU F 486 10.95 34.82 -21.75
C LEU F 486 9.45 34.88 -21.50
N SER F 487 8.67 35.44 -22.43
CA SER F 487 7.24 35.54 -22.25
C SER F 487 6.53 34.20 -22.45
N SER F 488 7.07 33.33 -23.30
CA SER F 488 6.46 32.03 -23.54
C SER F 488 6.53 31.13 -22.31
N CYS F 489 7.30 31.52 -21.29
CA CYS F 489 7.43 30.76 -20.06
C CYS F 489 6.16 30.76 -19.23
N LEU F 490 5.15 31.55 -19.60
CA LEU F 490 3.93 31.66 -18.82
C LEU F 490 2.83 30.73 -19.28
N CYS F 491 2.65 30.56 -20.59
CA CYS F 491 1.59 29.69 -21.10
C CYS F 491 1.88 28.24 -20.79
N GLY F 492 0.83 27.47 -20.53
CA GLY F 492 0.96 26.06 -20.21
C GLY F 492 0.70 25.13 -21.37
N ALA F 493 1.07 25.56 -22.58
CA ALA F 493 0.89 24.76 -23.78
C ALA F 493 2.14 23.90 -24.01
N THR F 494 2.22 23.27 -25.17
CA THR F 494 3.36 22.44 -25.55
C THR F 494 4.20 23.20 -26.57
N LYS F 495 5.36 23.68 -26.15
CA LYS F 495 6.24 24.42 -27.02
C LYS F 495 7.06 23.46 -27.89
N GLY F 496 7.49 23.96 -29.04
CA GLY F 496 8.22 23.13 -29.99
C GLY F 496 9.50 23.73 -30.49
N CYS F 497 10.23 24.44 -29.62
CA CYS F 497 11.49 25.07 -30.01
C CYS F 497 12.42 25.11 -28.80
N LEU F 498 13.69 25.37 -29.07
CA LEU F 498 14.71 25.49 -28.04
C LEU F 498 15.45 26.80 -28.22
N THR F 499 15.85 27.41 -27.11
CA THR F 499 16.55 28.68 -27.14
C THR F 499 17.85 28.57 -26.35
N PHE F 500 18.87 29.29 -26.84
CA PHE F 500 20.21 29.25 -26.28
C PHE F 500 20.56 30.62 -25.71
N PHE F 501 20.96 30.64 -24.44
CA PHE F 501 21.49 31.85 -23.80
C PHE F 501 22.98 31.89 -24.09
N PHE F 502 23.34 32.50 -25.21
CA PHE F 502 24.72 32.51 -25.68
C PHE F 502 25.41 33.80 -25.26
N GLY F 503 26.60 33.67 -24.69
CA GLY F 503 27.36 34.83 -24.27
C GLY F 503 28.58 34.40 -23.48
N GLU F 504 29.41 35.39 -23.17
CA GLU F 504 30.63 35.16 -22.42
C GLU F 504 30.34 35.16 -20.92
N THR F 505 31.31 34.67 -20.15
CA THR F 505 31.14 34.55 -18.71
C THR F 505 31.05 35.93 -18.06
N ALA F 506 30.53 35.94 -16.84
CA ALA F 506 30.32 37.16 -16.05
C ALA F 506 29.45 38.15 -16.83
N THR F 507 28.23 37.70 -17.13
CA THR F 507 27.29 38.50 -17.91
C THR F 507 25.98 38.80 -17.20
N GLY F 508 25.41 37.86 -16.47
CA GLY F 508 24.14 38.08 -15.80
C GLY F 508 23.02 37.16 -16.22
N LYS F 509 23.33 36.09 -16.96
CA LYS F 509 22.29 35.13 -17.32
C LYS F 509 21.74 34.42 -16.10
N SER F 510 22.60 34.11 -15.12
CA SER F 510 22.13 33.52 -13.88
C SER F 510 21.20 34.46 -13.12
N THR F 511 21.45 35.77 -13.20
CA THR F 511 20.54 36.72 -12.60
C THR F 511 19.17 36.68 -13.27
N THR F 512 19.15 36.56 -14.60
CA THR F 512 17.88 36.39 -15.30
C THR F 512 17.17 35.11 -14.88
N LYS F 513 17.94 34.03 -14.72
CA LYS F 513 17.36 32.77 -14.28
C LYS F 513 16.72 32.92 -12.90
N ARG F 514 17.44 33.57 -11.97
CA ARG F 514 16.90 33.76 -10.63
C ARG F 514 15.70 34.70 -10.63
N LEU F 515 15.71 35.71 -11.48
CA LEU F 515 14.56 36.60 -11.60
C LEU F 515 13.33 35.83 -12.09
N LEU F 516 13.51 34.98 -13.09
CA LEU F 516 12.40 34.17 -13.59
C LEU F 516 11.90 33.20 -12.54
N LYS F 517 12.83 32.57 -11.79
CA LYS F 517 12.44 31.66 -10.73
C LYS F 517 11.64 32.39 -9.65
N SER F 518 12.07 33.60 -9.29
CA SER F 518 11.34 34.39 -8.32
C SER F 518 9.96 34.77 -8.84
N ALA F 519 9.87 35.11 -10.13
CA ALA F 519 8.60 35.57 -10.69
C ALA F 519 7.58 34.43 -10.76
N ILE F 520 7.93 33.33 -11.44
CA ILE F 520 6.96 32.27 -11.67
C ILE F 520 6.88 31.25 -10.55
N GLY F 521 7.74 31.37 -9.53
CA GLY F 521 7.63 30.52 -8.36
C GLY F 521 8.09 29.10 -8.55
N ASP F 522 7.32 28.14 -8.03
CA ASP F 522 7.70 26.74 -8.04
C ASP F 522 7.51 26.06 -9.39
N LEU F 523 6.96 26.76 -10.39
CA LEU F 523 6.90 26.20 -11.74
C LEU F 523 8.24 26.41 -12.42
N PHE F 524 9.32 26.00 -11.77
CA PHE F 524 10.67 26.26 -12.27
C PHE F 524 11.60 25.15 -11.78
N VAL F 525 12.36 24.57 -12.72
CA VAL F 525 13.32 23.52 -12.40
C VAL F 525 14.56 23.73 -13.26
N GLU F 526 15.72 23.42 -12.68
CA GLU F 526 16.99 23.50 -13.38
C GLU F 526 17.70 22.17 -13.26
N THR F 527 18.17 21.65 -14.39
CA THR F 527 18.85 20.37 -14.45
C THR F 527 20.18 20.54 -15.20
N GLY F 528 21.05 19.55 -15.01
CA GLY F 528 22.35 19.56 -15.64
C GLY F 528 22.27 19.17 -17.11
N GLN F 529 23.45 19.01 -17.71
CA GLN F 529 23.56 18.68 -19.13
C GLN F 529 23.22 17.22 -19.42
N THR F 530 22.72 16.46 -18.44
CA THR F 530 22.37 15.07 -18.66
C THR F 530 21.17 14.93 -19.59
N ILE F 531 20.44 16.01 -19.86
CA ILE F 531 19.30 15.96 -20.76
C ILE F 531 19.68 16.24 -22.21
N LEU F 532 20.96 16.52 -22.47
CA LEU F 532 21.41 16.84 -23.82
C LEU F 532 22.49 15.90 -24.34
N THR F 533 23.36 15.39 -23.50
CA THR F 533 24.46 14.53 -23.90
C THR F 533 24.37 13.16 -23.23
N ASP F 534 23.17 12.60 -23.18
CA ASP F 534 22.99 11.30 -22.54
C ASP F 534 21.73 10.65 -23.11
N VAL F 535 21.65 9.33 -22.95
CA VAL F 535 20.48 8.60 -23.40
C VAL F 535 19.33 8.77 -22.39
N LEU F 536 18.12 8.92 -22.93
CA LEU F 536 16.94 9.18 -22.11
C LEU F 536 16.05 7.95 -21.92
N ASP F 537 16.47 6.78 -22.37
CA ASP F 537 15.64 5.59 -22.29
C ASP F 537 16.08 4.62 -21.21
N LYS F 538 17.34 4.17 -21.25
CA LYS F 538 17.81 3.21 -20.27
C LYS F 538 17.90 3.84 -18.89
N GLY F 539 17.44 3.11 -17.88
CA GLY F 539 17.45 3.59 -16.52
C GLY F 539 16.42 4.69 -16.28
N PRO F 540 15.95 4.80 -15.06
CA PRO F 540 15.03 5.88 -14.70
C PRO F 540 15.76 7.22 -14.65
N ASN F 541 14.97 8.29 -14.65
CA ASN F 541 15.53 9.64 -14.64
C ASN F 541 14.77 10.52 -13.67
N PRO F 542 15.47 11.21 -12.75
CA PRO F 542 14.74 12.04 -11.77
C PRO F 542 14.13 13.29 -12.37
N PHE F 543 14.83 13.94 -13.30
CA PHE F 543 14.33 15.19 -13.87
C PHE F 543 13.09 14.95 -14.73
N ILE F 544 13.00 13.78 -15.36
CA ILE F 544 11.80 13.45 -16.14
C ILE F 544 10.59 13.38 -15.22
N ALA F 545 10.74 12.76 -14.05
CA ALA F 545 9.64 12.73 -13.08
C ALA F 545 9.34 14.13 -12.55
N ASN F 546 10.31 15.04 -12.59
CA ASN F 546 10.13 16.40 -12.14
C ASN F 546 9.85 17.36 -13.28
N MET F 547 9.70 16.86 -14.51
CA MET F 547 9.36 17.68 -15.66
C MET F 547 7.86 17.73 -15.90
N HIS F 548 7.07 17.07 -15.07
CA HIS F 548 5.62 17.00 -15.26
C HIS F 548 4.99 18.34 -14.93
N LEU F 549 4.33 18.95 -15.92
CA LEU F 549 3.54 20.17 -15.82
C LEU F 549 4.37 21.42 -15.51
N LYS F 550 5.69 21.30 -15.37
CA LYS F 550 6.52 22.47 -15.20
C LYS F 550 6.56 23.28 -16.50
N ARG F 551 6.75 24.59 -16.35
CA ARG F 551 6.72 25.50 -17.49
C ARG F 551 8.06 26.16 -17.77
N SER F 552 9.16 25.61 -17.24
CA SER F 552 10.47 26.16 -17.49
C SER F 552 11.52 25.11 -17.21
N VAL F 553 12.51 25.02 -18.10
CA VAL F 553 13.66 24.12 -17.94
C VAL F 553 14.91 24.91 -18.28
N PHE F 554 15.85 24.96 -17.33
CA PHE F 554 17.11 25.67 -17.51
C PHE F 554 18.27 24.68 -17.45
N CYS F 555 18.97 24.53 -18.57
CA CYS F 555 20.16 23.67 -18.62
C CYS F 555 21.39 24.58 -18.62
N SER F 556 21.80 24.97 -17.41
CA SER F 556 22.91 25.89 -17.25
C SER F 556 24.22 25.11 -17.16
N GLU F 557 25.29 25.79 -16.77
CA GLU F 557 26.64 25.25 -16.60
C GLU F 557 27.00 24.24 -17.71
N LEU F 558 26.92 24.73 -18.93
CA LEU F 558 27.23 23.90 -20.09
C LEU F 558 28.74 23.88 -20.30
N PRO F 559 29.39 22.72 -20.23
CA PRO F 559 30.85 22.69 -20.38
C PRO F 559 31.29 22.98 -21.80
N ASP F 560 32.57 23.35 -21.92
CA ASP F 560 33.17 23.58 -23.23
C ASP F 560 33.20 22.28 -24.03
N PHE F 561 33.02 22.42 -25.35
CA PHE F 561 33.01 21.26 -26.22
C PHE F 561 34.12 21.26 -27.28
N ALA F 562 35.00 22.25 -27.26
CA ALA F 562 36.11 22.28 -28.20
C ALA F 562 37.34 21.51 -27.70
N CYS F 563 37.33 21.06 -26.45
CA CYS F 563 38.47 20.37 -25.87
C CYS F 563 38.29 18.85 -26.00
N SER F 564 39.29 18.11 -25.54
CA SER F 564 39.23 16.66 -25.59
C SER F 564 38.27 16.10 -24.56
N GLY F 565 37.71 14.94 -24.87
CA GLY F 565 36.78 14.29 -23.95
C GLY F 565 35.48 15.03 -23.75
N SER F 566 35.07 15.84 -24.73
CA SER F 566 33.85 16.65 -24.63
C SER F 566 32.81 16.05 -25.56
N LYS F 567 31.81 15.38 -24.96
CA LYS F 567 30.73 14.79 -25.74
C LYS F 567 29.84 15.88 -26.32
N LYS F 568 29.29 15.61 -27.50
CA LYS F 568 28.52 16.58 -28.24
C LYS F 568 27.03 16.46 -27.91
N ILE F 569 26.20 17.20 -28.63
CA ILE F 569 24.76 17.26 -28.37
C ILE F 569 24.07 16.23 -29.25
N ARG F 570 23.24 15.38 -28.64
CA ARG F 570 22.47 14.39 -29.38
C ARG F 570 21.24 15.07 -29.99
N SER F 571 21.11 14.95 -31.31
CA SER F 571 19.98 15.59 -31.99
C SER F 571 18.66 14.91 -31.66
N ASP F 572 18.69 13.62 -31.38
CA ASP F 572 17.45 12.91 -31.05
C ASP F 572 16.84 13.42 -29.75
N ASN F 573 17.66 13.87 -28.81
CA ASN F 573 17.13 14.45 -27.58
C ASN F 573 16.33 15.72 -27.89
N ILE F 574 16.87 16.59 -28.75
CA ILE F 574 16.14 17.80 -29.11
C ILE F 574 14.89 17.46 -29.90
N LYS F 575 14.97 16.48 -30.82
CA LYS F 575 13.80 16.08 -31.57
C LYS F 575 12.72 15.47 -30.67
N LYS F 576 13.12 14.91 -29.53
CA LYS F 576 12.18 14.29 -28.61
C LYS F 576 11.68 15.24 -27.53
N LEU F 577 12.34 16.37 -27.32
CA LEU F 577 11.95 17.31 -26.27
C LEU F 577 10.89 18.31 -26.74
N THR F 578 10.35 18.14 -27.95
CA THR F 578 9.28 18.99 -28.46
C THR F 578 8.04 18.15 -28.72
N GLU F 579 7.72 17.24 -27.80
CA GLU F 579 6.59 16.35 -27.94
C GLU F 579 5.61 16.57 -26.79
N PRO F 580 4.31 16.32 -27.01
CA PRO F 580 3.33 16.54 -25.94
C PRO F 580 3.55 15.65 -24.72
N CYS F 581 4.28 14.55 -24.91
CA CYS F 581 4.58 13.65 -23.80
C CYS F 581 5.94 13.03 -24.03
N VAL F 582 6.74 12.92 -22.97
CA VAL F 582 8.04 12.27 -23.03
C VAL F 582 7.97 11.00 -22.19
N ILE F 583 8.33 9.88 -22.80
CA ILE F 583 8.22 8.58 -22.14
C ILE F 583 9.41 8.38 -21.22
N GLY F 584 9.14 8.11 -19.94
CA GLY F 584 10.18 7.89 -18.97
C GLY F 584 9.68 7.23 -17.70
N ARG F 585 10.48 6.32 -17.15
CA ARG F 585 10.07 5.59 -15.95
C ARG F 585 10.61 6.26 -14.69
N PRO F 586 9.77 6.43 -13.67
CA PRO F 586 10.25 6.94 -12.39
C PRO F 586 10.81 5.82 -11.53
N CYS F 587 11.59 6.22 -10.53
CA CYS F 587 12.10 5.27 -9.54
C CYS F 587 10.99 4.86 -8.59
N PHE F 588 10.98 3.57 -8.22
CA PHE F 588 9.98 2.95 -7.36
C PHE F 588 8.59 2.94 -7.96
N SER F 589 8.45 3.25 -9.25
CA SER F 589 7.14 3.30 -9.90
C SER F 589 7.35 3.05 -11.39
N ASN F 590 6.24 3.14 -12.16
CA ASN F 590 6.30 2.91 -13.59
C ASN F 590 5.42 3.90 -14.37
N LYS F 591 5.24 5.12 -13.87
CA LYS F 591 4.38 6.10 -14.53
C LYS F 591 5.14 6.74 -15.68
N ILE F 592 4.78 6.37 -16.91
CA ILE F 592 5.44 6.88 -18.11
C ILE F 592 4.64 7.96 -18.81
N ASN F 593 3.50 8.36 -18.24
CA ASN F 593 2.63 9.37 -18.86
C ASN F 593 2.85 10.69 -18.14
N ASN F 594 3.73 11.53 -18.69
CA ASN F 594 4.03 12.84 -18.14
C ASN F 594 3.86 13.88 -19.24
N ARG F 595 3.05 14.90 -18.97
CA ARG F 595 2.87 15.98 -19.93
C ARG F 595 4.11 16.88 -19.97
N ASN F 596 4.28 17.57 -21.09
CA ASN F 596 5.45 18.40 -21.34
C ASN F 596 4.99 19.82 -21.66
N HIS F 597 4.88 20.65 -20.62
CA HIS F 597 4.53 22.05 -20.77
C HIS F 597 5.74 22.97 -20.68
N ALA F 598 6.94 22.40 -20.57
CA ALA F 598 8.13 23.18 -20.23
C ALA F 598 8.63 24.00 -21.42
N THR F 599 9.32 25.08 -21.10
CA THR F 599 10.05 25.87 -22.08
C THR F 599 11.54 25.61 -21.88
N ILE F 600 12.21 25.16 -22.94
CA ILE F 600 13.61 24.76 -22.85
C ILE F 600 14.49 25.97 -23.11
N ILE F 601 15.32 26.31 -22.13
CA ILE F 601 16.30 27.39 -22.26
C ILE F 601 17.65 26.82 -21.84
N ILE F 602 18.67 27.01 -22.69
CA ILE F 602 19.99 26.45 -22.47
C ILE F 602 20.99 27.60 -22.37
N ASP F 603 21.78 27.61 -21.30
CA ASP F 603 22.79 28.63 -21.08
C ASP F 603 24.15 28.06 -21.48
N THR F 604 24.84 28.76 -22.39
CA THR F 604 26.10 28.30 -22.93
C THR F 604 27.15 29.42 -22.82
N ASN F 605 28.38 29.07 -23.19
CA ASN F 605 29.50 30.00 -23.19
C ASN F 605 30.05 30.22 -24.59
N TYR F 606 30.25 29.15 -25.36
CA TYR F 606 30.74 29.22 -26.73
C TYR F 606 29.68 28.65 -27.68
N LYS F 607 30.05 28.54 -28.95
CA LYS F 607 29.11 28.03 -29.95
C LYS F 607 28.81 26.56 -29.69
N PRO F 608 27.58 26.13 -29.93
CA PRO F 608 27.22 24.73 -29.72
C PRO F 608 27.77 23.83 -30.81
N VAL F 609 27.85 22.54 -30.49
CA VAL F 609 28.28 21.51 -31.42
C VAL F 609 27.17 20.48 -31.58
N PHE F 610 27.00 19.98 -32.79
CA PHE F 610 25.95 19.02 -33.11
C PHE F 610 26.53 17.86 -33.90
N ASP F 611 26.10 16.65 -33.56
CA ASP F 611 26.53 15.48 -34.30
C ASP F 611 25.82 15.36 -35.64
N ARG F 612 24.56 15.75 -35.70
CA ARG F 612 23.76 15.66 -36.92
C ARG F 612 23.24 17.05 -37.29
N ILE F 613 23.28 17.36 -38.58
CA ILE F 613 22.71 18.58 -39.13
C ILE F 613 21.73 18.22 -40.22
N ASP F 614 20.51 18.74 -40.13
CA ASP F 614 19.48 18.46 -41.12
C ASP F 614 18.44 19.56 -41.05
N ASN F 615 17.45 19.49 -41.95
CA ASN F 615 16.40 20.50 -41.97
C ASN F 615 15.48 20.38 -40.77
N ALA F 616 15.30 19.16 -40.26
CA ALA F 616 14.42 18.94 -39.11
C ALA F 616 14.96 19.54 -37.83
N LEU F 617 16.26 19.78 -37.73
CA LEU F 617 16.87 20.38 -36.54
C LEU F 617 17.08 21.88 -36.68
N MET F 618 17.33 22.36 -37.89
CA MET F 618 17.51 23.79 -38.13
C MET F 618 16.24 24.59 -37.91
N ARG F 619 15.08 23.92 -37.86
CA ARG F 619 13.78 24.58 -37.75
C ARG F 619 13.29 24.62 -36.30
N ARG F 620 14.10 24.11 -35.37
CA ARG F 620 13.67 23.98 -33.98
C ARG F 620 14.52 24.75 -32.99
N ILE F 621 15.52 25.51 -33.42
CA ILE F 621 16.48 26.14 -32.51
C ILE F 621 16.53 27.64 -32.76
N ALA F 622 16.44 28.42 -31.68
CA ALA F 622 16.62 29.86 -31.71
C ALA F 622 17.74 30.25 -30.75
N VAL F 623 18.36 31.41 -31.00
CA VAL F 623 19.51 31.84 -30.24
C VAL F 623 19.34 33.32 -29.86
N VAL F 624 19.66 33.64 -28.61
CA VAL F 624 19.72 35.01 -28.12
C VAL F 624 21.11 35.24 -27.54
N ARG F 625 21.69 36.41 -27.85
CA ARG F 625 23.03 36.74 -27.42
C ARG F 625 23.02 37.61 -26.17
N PHE F 626 24.18 37.68 -25.51
CA PHE F 626 24.36 38.48 -24.31
C PHE F 626 25.64 39.28 -24.47
N ARG F 627 25.56 40.60 -24.26
CA ARG F 627 26.65 41.51 -24.56
C ARG F 627 26.87 42.49 -23.42
N THR F 628 26.93 41.99 -22.18
CA THR F 628 27.15 42.84 -21.02
C THR F 628 28.09 42.12 -20.07
N HIS F 629 28.87 42.90 -19.31
CA HIS F 629 29.83 42.37 -18.36
C HIS F 629 29.55 42.92 -16.97
N PHE F 630 29.56 42.03 -15.97
CA PHE F 630 29.44 42.40 -14.57
C PHE F 630 30.72 42.00 -13.86
N SER F 631 31.48 43.00 -13.38
CA SER F 631 32.75 42.73 -12.70
C SER F 631 33.21 44.00 -12.00
N GLN F 632 34.28 43.87 -11.24
CA GLN F 632 34.91 45.00 -10.56
C GLN F 632 35.66 45.85 -11.58
N PRO F 633 35.99 47.11 -11.23
CA PRO F 633 36.74 47.95 -12.16
C PRO F 633 38.19 47.52 -12.32
N SER F 634 38.56 46.39 -11.73
CA SER F 634 39.92 45.87 -11.82
C SER F 634 40.31 45.57 -13.26
N GLY F 635 39.47 44.82 -13.97
CA GLY F 635 39.73 44.49 -15.36
C GLY F 635 38.96 45.36 -16.32
N ARG F 636 38.50 46.52 -15.83
CA ARG F 636 37.65 47.39 -16.64
C ARG F 636 38.37 47.84 -17.91
N GLU F 637 39.62 48.28 -17.77
CA GLU F 637 40.39 48.73 -18.93
C GLU F 637 40.64 47.58 -19.90
N ALA F 638 40.97 46.40 -19.38
CA ALA F 638 41.17 45.23 -20.23
C ALA F 638 39.86 44.79 -20.88
N ALA F 639 38.75 44.87 -20.14
CA ALA F 639 37.46 44.49 -20.69
C ALA F 639 37.03 45.42 -21.81
N GLU F 640 37.30 46.72 -21.67
CA GLU F 640 36.93 47.68 -22.70
C GLU F 640 37.64 47.43 -24.03
N ASN F 641 38.78 46.76 -24.03
CA ASN F 641 39.48 46.41 -25.26
C ASN F 641 39.13 45.04 -25.79
N ASN F 642 38.26 44.30 -25.10
CA ASN F 642 37.91 42.95 -25.52
C ASN F 642 36.84 42.99 -26.62
N ASP F 643 36.63 41.84 -27.24
CA ASP F 643 35.64 41.68 -28.30
C ASP F 643 34.35 41.03 -27.84
N ALA F 644 34.41 40.14 -26.84
CA ALA F 644 33.23 39.44 -26.37
C ALA F 644 32.21 40.36 -25.71
N TYR F 645 32.62 41.56 -25.30
CA TYR F 645 31.71 42.51 -24.66
C TYR F 645 31.66 43.80 -25.48
N ASP F 646 30.51 44.45 -25.44
CA ASP F 646 30.33 45.76 -26.04
C ASP F 646 30.11 46.86 -25.01
N LYS F 647 29.61 46.52 -23.82
CA LYS F 647 29.44 47.48 -22.75
C LYS F 647 29.79 46.79 -21.43
N VAL F 648 30.55 47.49 -20.59
CA VAL F 648 30.97 46.96 -19.29
C VAL F 648 30.60 47.98 -18.22
N LYS F 649 30.04 47.48 -17.12
CA LYS F 649 29.63 48.31 -16.01
C LYS F 649 30.22 47.75 -14.73
N LEU F 650 29.78 48.28 -13.60
CA LEU F 650 30.31 47.92 -12.29
C LEU F 650 29.44 46.84 -11.65
N LEU F 651 30.09 45.84 -11.07
CA LEU F 651 29.36 44.80 -10.36
C LEU F 651 28.64 45.37 -9.14
N ASP F 652 27.46 44.85 -8.87
CA ASP F 652 26.64 45.27 -7.74
C ASP F 652 26.62 44.18 -6.68
N GLU F 653 26.32 44.58 -5.45
CA GLU F 653 26.26 43.68 -4.31
C GLU F 653 24.85 43.39 -3.84
N GLY F 654 23.97 44.39 -3.84
CA GLY F 654 22.61 44.18 -3.36
C GLY F 654 21.74 43.35 -4.28
N LEU F 655 22.13 43.20 -5.55
CA LEU F 655 21.33 42.46 -6.52
C LEU F 655 21.13 41.02 -6.10
N ASP F 656 22.21 40.32 -5.78
CA ASP F 656 22.14 38.92 -5.41
C ASP F 656 21.54 38.75 -4.02
N GLY F 657 21.36 39.85 -3.30
CA GLY F 657 20.79 39.79 -1.97
C GLY F 657 19.30 40.00 -1.95
N LYS F 658 18.82 41.03 -2.66
CA LYS F 658 17.40 41.33 -2.70
C LYS F 658 16.63 40.45 -3.67
N ILE F 659 17.32 39.78 -4.59
CA ILE F 659 16.65 38.84 -5.48
C ILE F 659 16.18 37.61 -4.70
N GLN F 660 17.02 37.12 -3.78
CA GLN F 660 16.69 35.93 -2.99
C GLN F 660 15.46 36.13 -2.11
N ASN F 661 15.24 37.33 -1.58
CA ASN F 661 14.04 37.60 -0.78
C ASN F 661 12.86 38.01 -1.64
N ASN F 662 12.98 37.95 -2.97
CA ASN F 662 11.89 38.17 -3.90
C ASN F 662 11.34 39.58 -3.82
N ARG F 663 12.23 40.57 -3.66
CA ARG F 663 11.79 41.96 -3.73
C ARG F 663 11.32 42.32 -5.12
N TYR F 664 11.89 41.68 -6.14
CA TYR F 664 11.65 42.02 -7.54
C TYR F 664 10.59 41.14 -8.16
N ARG F 665 9.74 40.53 -7.34
CA ARG F 665 8.86 39.45 -7.79
C ARG F 665 7.68 39.97 -8.61
N PHE F 666 6.83 40.79 -7.99
CA PHE F 666 5.59 41.18 -8.64
C PHE F 666 5.82 42.14 -9.80
N ALA F 667 6.87 42.98 -9.73
CA ALA F 667 7.19 43.84 -10.86
C ALA F 667 7.57 43.01 -12.07
N PHE F 668 8.41 41.98 -11.87
CA PHE F 668 8.80 41.11 -12.98
C PHE F 668 7.61 40.31 -13.49
N LEU F 669 6.71 39.88 -12.59
CA LEU F 669 5.52 39.18 -13.03
C LEU F 669 4.63 40.08 -13.88
N TYR F 670 4.47 41.35 -13.48
CA TYR F 670 3.69 42.29 -14.27
C TYR F 670 4.34 42.52 -15.63
N LEU F 671 5.67 42.64 -15.65
CA LEU F 671 6.37 42.80 -16.92
C LEU F 671 6.14 41.61 -17.84
N LEU F 672 6.21 40.40 -17.28
CA LEU F 672 5.98 39.20 -18.08
C LEU F 672 4.55 39.14 -18.59
N VAL F 673 3.58 39.51 -17.76
CA VAL F 673 2.19 39.50 -18.18
C VAL F 673 1.97 40.50 -19.31
N LYS F 674 2.56 41.69 -19.19
CA LYS F 674 2.45 42.68 -20.24
C LYS F 674 3.09 42.18 -21.54
N TRP F 675 4.24 41.53 -21.44
CA TRP F 675 4.88 40.99 -22.63
C TRP F 675 4.00 39.94 -23.29
N TYR F 676 3.40 39.06 -22.48
CA TYR F 676 2.54 38.01 -23.02
C TYR F 676 1.33 38.60 -23.73
N LYS F 677 0.67 39.57 -23.11
CA LYS F 677 -0.49 40.18 -23.75
C LYS F 677 -0.10 41.11 -24.89
N LYS F 678 1.17 41.50 -24.99
CA LYS F 678 1.65 42.30 -26.10
C LYS F 678 1.99 41.46 -27.32
N TYR F 679 2.61 40.29 -27.13
CA TYR F 679 3.09 39.47 -28.23
C TYR F 679 2.23 38.23 -28.45
N HIS F 680 1.73 37.61 -27.39
CA HIS F 680 1.17 36.27 -27.46
C HIS F 680 -0.35 36.25 -27.29
N ILE F 681 -1.01 37.40 -27.40
CA ILE F 681 -2.45 37.46 -27.18
C ILE F 681 -3.23 36.59 -28.17
N PRO F 682 -2.96 36.59 -29.50
CA PRO F 682 -3.83 35.81 -30.39
C PRO F 682 -3.60 34.32 -30.33
N ILE F 683 -2.34 33.88 -30.38
CA ILE F 683 -2.00 32.47 -30.51
C ILE F 683 -0.64 32.20 -29.86
N MET F 684 -0.32 30.91 -29.76
CA MET F 684 0.96 30.42 -29.25
C MET F 684 1.72 29.74 -30.39
N LYS F 685 2.91 30.25 -30.70
CA LYS F 685 3.80 29.62 -31.66
C LYS F 685 5.16 30.29 -31.59
N LEU F 686 6.21 29.48 -31.59
CA LEU F 686 7.58 29.99 -31.53
C LEU F 686 8.29 29.77 -32.86
N TYR F 687 9.12 30.73 -33.26
CA TYR F 687 9.86 30.63 -34.50
C TYR F 687 11.36 30.52 -34.23
N PRO F 688 12.08 29.76 -35.04
CA PRO F 688 13.53 29.63 -34.87
C PRO F 688 14.27 30.76 -35.56
N THR F 689 15.59 30.78 -35.36
CA THR F 689 16.50 31.70 -36.04
C THR F 689 17.63 30.88 -36.64
N PRO F 690 17.40 30.28 -37.82
CA PRO F 690 18.42 29.38 -38.39
C PRO F 690 19.72 30.08 -38.78
N GLU F 691 19.70 31.40 -38.96
CA GLU F 691 20.89 32.12 -39.43
C GLU F 691 21.84 32.51 -38.30
N GLU F 692 21.49 32.20 -37.04
CA GLU F 692 22.35 32.53 -35.92
C GLU F 692 23.32 31.43 -35.55
N ILE F 693 23.14 30.22 -36.06
CA ILE F 693 24.10 29.13 -35.87
C ILE F 693 25.02 29.09 -37.09
N PRO F 694 26.34 29.26 -36.91
CA PRO F 694 27.22 29.37 -38.09
C PRO F 694 27.20 28.14 -38.99
N ASP F 695 27.07 26.94 -38.41
CA ASP F 695 27.09 25.72 -39.23
C ASP F 695 25.90 25.66 -40.18
N PHE F 696 24.72 26.03 -39.68
CA PHE F 696 23.51 25.93 -40.50
C PHE F 696 23.59 26.85 -41.72
N ALA F 697 24.06 28.08 -41.52
CA ALA F 697 24.26 28.98 -42.65
C ALA F 697 25.43 28.56 -43.53
N PHE F 698 26.45 27.93 -42.94
CA PHE F 698 27.59 27.47 -43.73
C PHE F 698 27.20 26.35 -44.67
N TYR F 699 26.25 25.51 -44.27
CA TYR F 699 25.79 24.41 -45.12
C TYR F 699 24.87 24.85 -46.24
N LEU F 700 24.76 26.16 -46.49
CA LEU F 700 23.97 26.66 -47.61
C LEU F 700 24.75 27.70 -48.40
N MET H 1 -27.90 26.75 -35.38
CA MET H 1 -28.26 27.42 -34.14
C MET H 1 -28.94 28.74 -34.50
N ASP H 2 -30.08 28.65 -35.16
CA ASP H 2 -30.70 29.78 -35.84
C ASP H 2 -31.39 30.72 -34.85
N ALA H 3 -32.15 31.68 -35.38
CA ALA H 3 -32.83 32.65 -34.54
C ALA H 3 -34.01 32.05 -33.81
N ALA H 4 -34.76 31.16 -34.46
CA ALA H 4 -35.98 30.61 -33.87
C ALA H 4 -35.71 29.69 -32.69
N ILE H 5 -34.50 29.15 -32.57
CA ILE H 5 -34.19 28.26 -31.45
C ILE H 5 -33.68 29.05 -30.24
N ARG H 6 -33.28 30.30 -30.41
CA ARG H 6 -32.88 31.17 -29.32
C ARG H 6 -34.05 32.02 -28.82
N GLY H 7 -35.27 31.50 -28.95
CA GLY H 7 -36.45 32.22 -28.49
C GLY H 7 -37.73 31.46 -28.72
N ASN H 8 -38.68 31.60 -27.78
CA ASN H 8 -39.99 30.96 -27.92
C ASN H 8 -40.98 31.79 -27.10
N ASP H 9 -41.72 32.67 -27.80
CA ASP H 9 -42.65 33.58 -27.14
C ASP H 9 -44.10 33.18 -27.39
N VAL H 10 -44.35 31.93 -27.78
CA VAL H 10 -45.70 31.42 -28.01
C VAL H 10 -46.00 30.41 -26.91
N ILE H 11 -47.19 30.52 -26.33
CA ILE H 11 -47.60 29.69 -25.21
C ILE H 11 -48.72 28.76 -25.66
N PHE H 12 -48.55 27.47 -25.36
CA PHE H 12 -49.57 26.46 -25.66
C PHE H 12 -50.19 26.02 -24.35
N VAL H 13 -51.51 26.19 -24.23
CA VAL H 13 -52.22 25.92 -22.99
C VAL H 13 -53.40 25.02 -23.28
N LEU H 14 -53.85 24.31 -22.24
CA LEU H 14 -55.04 23.50 -22.29
C LEU H 14 -56.16 24.20 -21.55
N LYS H 15 -57.33 23.55 -21.46
CA LYS H 15 -58.47 24.13 -20.77
C LYS H 15 -59.20 23.16 -19.86
N THR H 16 -58.80 21.88 -19.82
CA THR H 16 -59.47 20.89 -19.00
C THR H 16 -58.56 19.68 -18.90
N ILE H 17 -58.48 19.10 -17.70
CA ILE H 17 -57.66 17.91 -17.51
C ILE H 17 -58.26 16.75 -18.28
N GLY H 18 -57.40 15.83 -18.71
CA GLY H 18 -57.83 14.64 -19.42
C GLY H 18 -58.42 14.90 -20.80
N VAL H 19 -57.81 15.81 -21.55
CA VAL H 19 -58.22 16.04 -22.94
C VAL H 19 -57.79 14.84 -23.78
N PRO H 20 -58.67 14.27 -24.60
CA PRO H 20 -58.27 13.12 -25.41
C PRO H 20 -57.27 13.53 -26.48
N SER H 21 -56.45 12.55 -26.90
CA SER H 21 -55.39 12.82 -27.86
C SER H 21 -55.92 13.33 -29.18
N ALA H 22 -57.09 12.84 -29.61
CA ALA H 22 -57.65 13.26 -30.89
C ALA H 22 -57.91 14.76 -30.92
N CYS H 23 -58.46 15.30 -29.83
CA CYS H 23 -58.69 16.74 -29.76
C CYS H 23 -57.38 17.53 -29.77
N ARG H 24 -56.30 16.94 -29.24
CA ARG H 24 -55.05 17.67 -29.12
C ARG H 24 -54.41 17.88 -30.49
N GLN H 25 -54.36 16.83 -31.31
CA GLN H 25 -53.74 16.96 -32.63
C GLN H 25 -54.55 17.88 -33.54
N ASN H 26 -55.88 17.76 -33.51
CA ASN H 26 -56.72 18.61 -34.34
C ASN H 26 -56.66 20.07 -33.92
N GLU H 27 -56.27 20.35 -32.68
CA GLU H 27 -56.07 21.71 -32.17
C GLU H 27 -57.34 22.54 -32.32
N ASP H 28 -58.44 22.00 -31.81
CA ASP H 28 -59.71 22.70 -31.86
C ASP H 28 -59.72 23.84 -30.84
N PRO H 29 -60.14 25.08 -31.19
CA PRO H 29 -60.22 26.15 -30.19
C PRO H 29 -61.00 25.75 -28.93
N ARG H 30 -61.90 24.77 -29.03
CA ARG H 30 -62.74 24.46 -27.88
C ARG H 30 -61.96 23.91 -26.70
N PHE H 31 -60.77 23.36 -26.93
CA PHE H 31 -60.02 22.78 -25.82
C PHE H 31 -58.61 23.32 -25.70
N VAL H 32 -57.91 23.58 -26.82
CA VAL H 32 -56.55 24.08 -26.78
C VAL H 32 -56.47 25.36 -27.61
N GLU H 33 -55.53 26.22 -27.26
CA GLU H 33 -55.36 27.51 -27.92
C GLU H 33 -53.89 27.93 -27.83
N ALA H 34 -53.55 28.93 -28.62
CA ALA H 34 -52.25 29.59 -28.55
C ALA H 34 -52.42 30.94 -27.88
N PHE H 35 -51.34 31.42 -27.26
CA PHE H 35 -51.42 32.63 -26.45
C PHE H 35 -50.09 33.35 -26.45
N LYS H 36 -50.14 34.63 -26.10
CA LYS H 36 -48.97 35.41 -25.78
C LYS H 36 -49.03 35.84 -24.32
N CYS H 37 -47.94 36.43 -23.84
CA CYS H 37 -47.87 36.83 -22.43
C CYS H 37 -48.96 37.83 -22.08
N ASP H 38 -49.15 38.84 -22.93
CA ASP H 38 -50.19 39.83 -22.66
C ASP H 38 -51.58 39.23 -22.79
N GLU H 39 -51.82 38.44 -23.84
CA GLU H 39 -53.15 37.87 -24.07
C GLU H 39 -53.53 36.90 -22.97
N LEU H 40 -52.55 36.22 -22.37
CA LEU H 40 -52.85 35.29 -21.29
C LEU H 40 -53.43 36.03 -20.08
N GLU H 41 -52.88 37.20 -19.77
CA GLU H 41 -53.39 37.98 -18.64
C GLU H 41 -54.83 38.43 -18.87
N ARG H 42 -55.14 38.85 -20.10
CA ARG H 42 -56.52 39.28 -20.41
C ARG H 42 -57.49 38.12 -20.26
N TYR H 43 -57.10 36.93 -20.72
CA TYR H 43 -57.97 35.77 -20.63
C TYR H 43 -58.25 35.39 -19.18
N ILE H 44 -57.23 35.44 -18.33
CA ILE H 44 -57.43 35.15 -16.91
C ILE H 44 -58.33 36.19 -16.26
N ASP H 45 -58.13 37.47 -16.60
CA ASP H 45 -58.95 38.53 -16.04
C ASP H 45 -60.41 38.38 -16.46
N ASN H 46 -60.65 38.03 -17.72
CA ASN H 46 -62.00 37.90 -18.23
C ASN H 46 -62.72 36.65 -17.73
N ASN H 47 -61.96 35.64 -17.28
CA ASN H 47 -62.52 34.38 -16.78
C ASN H 47 -61.93 34.11 -15.40
N PRO H 48 -62.57 34.61 -14.34
CA PRO H 48 -62.05 34.40 -13.00
C PRO H 48 -62.28 33.00 -12.46
N GLU H 49 -62.81 32.11 -13.30
CA GLU H 49 -63.16 30.75 -12.88
C GLU H 49 -62.55 29.71 -13.81
N CYS H 50 -61.90 30.13 -14.90
CA CYS H 50 -61.41 29.21 -15.91
C CYS H 50 -60.27 28.35 -15.35
N THR H 51 -59.96 27.29 -16.09
CA THR H 51 -58.89 26.35 -15.73
C THR H 51 -58.00 26.16 -16.95
N LEU H 52 -56.69 26.34 -16.77
CA LEU H 52 -55.72 26.17 -17.83
C LEU H 52 -54.63 25.20 -17.40
N PHE H 53 -54.11 24.45 -18.37
CA PHE H 53 -53.07 23.46 -18.12
C PHE H 53 -51.95 23.70 -19.14
N GLU H 54 -50.90 24.39 -18.71
CA GLU H 54 -49.75 24.65 -19.57
C GLU H 54 -49.06 23.35 -19.96
N SER H 55 -48.71 23.23 -21.23
CA SER H 55 -48.02 22.05 -21.74
C SER H 55 -47.25 22.43 -22.99
N LEU H 56 -46.45 21.49 -23.49
CA LEU H 56 -45.65 21.70 -24.69
C LEU H 56 -46.51 21.53 -25.93
N ARG H 57 -46.30 22.40 -26.92
CA ARG H 57 -47.06 22.32 -28.16
C ARG H 57 -46.62 21.14 -29.01
N ASP H 58 -45.36 21.12 -29.42
CA ASP H 58 -44.82 20.04 -30.23
C ASP H 58 -43.53 19.56 -29.56
N GLU H 59 -43.34 18.24 -29.52
CA GLU H 59 -42.23 17.67 -28.78
C GLU H 59 -40.93 17.71 -29.59
N GLU H 60 -40.92 17.04 -30.75
CA GLU H 60 -39.70 16.90 -31.53
C GLU H 60 -39.24 18.20 -32.17
N ALA H 61 -40.10 19.21 -32.25
CA ALA H 61 -39.67 20.49 -32.83
C ALA H 61 -38.96 21.36 -31.80
N TYR H 62 -39.52 21.46 -30.60
CA TYR H 62 -38.94 22.28 -29.53
C TYR H 62 -39.03 21.51 -28.22
N SER H 63 -37.89 20.99 -27.76
CA SER H 63 -37.79 20.38 -26.45
C SER H 63 -37.17 21.31 -25.42
N ILE H 64 -36.83 22.53 -25.80
CA ILE H 64 -36.12 23.46 -24.92
C ILE H 64 -37.10 23.96 -23.88
N VAL H 65 -36.91 23.56 -22.62
CA VAL H 65 -37.75 23.98 -21.51
C VAL H 65 -36.87 24.37 -20.34
N ARG H 66 -37.45 25.16 -19.43
CA ARG H 66 -36.75 25.55 -18.22
C ARG H 66 -36.79 24.41 -17.20
N ILE H 67 -36.05 24.59 -16.12
CA ILE H 67 -36.05 23.61 -15.03
C ILE H 67 -37.16 23.97 -14.05
N PHE H 68 -37.99 22.99 -13.73
CA PHE H 68 -39.14 23.20 -12.85
C PHE H 68 -39.30 21.98 -11.95
N MET H 69 -39.84 22.22 -10.76
CA MET H 69 -40.12 21.14 -9.81
C MET H 69 -41.44 21.43 -9.12
N ASP H 70 -42.00 20.39 -8.51
CA ASP H 70 -43.27 20.50 -7.80
C ASP H 70 -43.09 19.97 -6.39
N VAL H 71 -43.73 20.64 -5.43
CA VAL H 71 -43.67 20.26 -4.03
C VAL H 71 -45.09 20.27 -3.46
N ASP H 72 -45.40 19.25 -2.66
CA ASP H 72 -46.72 19.16 -2.01
C ASP H 72 -46.54 18.49 -0.65
N LEU H 73 -46.42 19.30 0.40
CA LEU H 73 -46.32 18.81 1.76
C LEU H 73 -47.64 19.02 2.48
N ASP H 74 -48.23 17.93 2.97
CA ASP H 74 -49.55 17.98 3.60
C ASP H 74 -49.42 18.31 5.09
N ALA H 75 -48.77 19.45 5.36
CA ALA H 75 -48.58 19.92 6.72
C ALA H 75 -48.11 21.37 6.68
N CYS H 76 -48.70 22.21 7.53
CA CYS H 76 -48.30 23.60 7.61
C CYS H 76 -46.92 23.71 8.25
N LEU H 77 -46.17 24.73 7.83
CA LEU H 77 -44.83 24.97 8.34
C LEU H 77 -44.72 26.44 8.73
N ASP H 78 -44.22 26.69 9.95
CA ASP H 78 -44.11 28.06 10.43
C ASP H 78 -43.04 28.81 9.64
N GLU H 79 -43.05 30.13 9.79
CA GLU H 79 -42.30 30.99 8.87
C GLU H 79 -40.80 30.77 8.98
N ILE H 80 -40.27 30.71 10.20
CA ILE H 80 -38.82 30.61 10.36
C ILE H 80 -38.31 29.27 9.84
N ASP H 81 -38.99 28.18 10.20
CA ASP H 81 -38.58 26.88 9.68
C ASP H 81 -38.81 26.77 8.17
N TYR H 82 -39.84 27.45 7.65
CA TYR H 82 -40.06 27.46 6.21
C TYR H 82 -38.87 28.10 5.49
N LEU H 83 -38.37 29.21 6.03
CA LEU H 83 -37.20 29.84 5.44
C LEU H 83 -35.99 28.93 5.51
N THR H 84 -35.76 28.31 6.67
CA THR H 84 -34.63 27.40 6.81
C THR H 84 -34.79 26.19 5.90
N ALA H 85 -36.02 25.71 5.72
CA ALA H 85 -36.25 24.56 4.85
C ALA H 85 -35.94 24.89 3.41
N ILE H 86 -36.24 26.12 2.97
CA ILE H 86 -36.04 26.45 1.56
C ILE H 86 -34.58 26.72 1.25
N GLN H 87 -33.78 27.09 2.26
CA GLN H 87 -32.35 27.24 2.02
C GLN H 87 -31.70 25.90 1.76
N ASP H 88 -32.01 24.89 2.58
CA ASP H 88 -31.44 23.56 2.37
C ASP H 88 -31.98 22.93 1.09
N PHE H 89 -33.23 23.24 0.74
CA PHE H 89 -33.82 22.67 -0.47
C PHE H 89 -33.06 23.12 -1.71
N ILE H 90 -32.73 24.40 -1.80
CA ILE H 90 -32.06 24.92 -2.99
C ILE H 90 -30.62 24.42 -3.05
N ILE H 91 -29.93 24.38 -1.91
CA ILE H 91 -28.53 23.96 -1.89
C ILE H 91 -28.39 22.52 -2.36
N GLU H 92 -29.27 21.64 -1.86
CA GLU H 92 -29.22 20.24 -2.25
C GLU H 92 -29.64 20.06 -3.71
N VAL H 93 -30.71 20.75 -4.13
CA VAL H 93 -31.23 20.58 -5.48
C VAL H 93 -30.23 21.12 -6.50
N SER H 94 -29.68 22.31 -6.27
CA SER H 94 -28.76 22.90 -7.23
C SER H 94 -27.52 22.04 -7.40
N ASN H 95 -27.00 21.50 -6.31
CA ASN H 95 -25.82 20.63 -6.40
C ASN H 95 -26.14 19.35 -7.17
N CYS H 96 -27.28 18.73 -6.87
CA CYS H 96 -27.59 17.42 -7.45
C CYS H 96 -27.74 17.52 -8.97
N VAL H 97 -28.43 18.54 -9.45
CA VAL H 97 -28.60 18.70 -10.90
C VAL H 97 -27.28 19.05 -11.55
N ALA H 98 -26.46 19.86 -10.87
CA ALA H 98 -25.15 20.24 -11.41
C ALA H 98 -24.25 19.01 -11.58
N ARG H 99 -24.28 18.11 -10.60
CA ARG H 99 -23.48 16.89 -10.71
C ARG H 99 -23.92 16.05 -11.90
N PHE H 100 -25.23 15.89 -12.09
CA PHE H 100 -25.73 15.14 -13.24
C PHE H 100 -25.38 15.84 -14.55
N ALA H 101 -25.50 17.17 -14.56
CA ALA H 101 -25.15 17.94 -15.76
C ALA H 101 -23.67 17.86 -16.09
N PHE H 102 -22.83 17.50 -15.12
CA PHE H 102 -21.40 17.42 -15.35
C PHE H 102 -20.94 16.01 -15.69
N THR H 103 -21.65 14.98 -15.20
CA THR H 103 -21.14 13.62 -15.34
C THR H 103 -21.70 12.94 -16.59
N GLU H 104 -22.97 13.20 -16.94
CA GLU H 104 -23.58 12.56 -18.11
C GLU H 104 -24.00 13.56 -19.17
N CYS H 105 -23.70 14.86 -19.01
CA CYS H 105 -24.09 15.86 -19.99
C CYS H 105 -22.91 16.69 -20.49
N GLY H 106 -21.71 16.45 -19.98
CA GLY H 106 -20.54 17.14 -20.47
C GLY H 106 -20.54 18.64 -20.27
N ALA H 107 -21.28 19.15 -19.30
CA ALA H 107 -21.34 20.58 -19.02
C ALA H 107 -20.45 20.91 -17.83
N ILE H 108 -20.21 22.22 -17.65
CA ILE H 108 -19.37 22.69 -16.56
C ILE H 108 -20.20 22.81 -15.30
N HIS H 109 -19.63 22.36 -14.19
CA HIS H 109 -20.36 22.26 -12.93
C HIS H 109 -20.64 23.63 -12.32
N GLU H 110 -19.63 24.49 -12.28
CA GLU H 110 -19.77 25.76 -11.56
C GLU H 110 -20.70 26.73 -12.28
N ASN H 111 -20.73 26.70 -13.62
CA ASN H 111 -21.66 27.57 -14.34
C ASN H 111 -23.10 27.24 -14.01
N VAL H 112 -23.42 25.95 -13.89
CA VAL H 112 -24.78 25.54 -13.56
C VAL H 112 -25.15 26.00 -12.15
N ILE H 113 -24.22 25.88 -11.21
CA ILE H 113 -24.50 26.27 -9.83
C ILE H 113 -24.79 27.77 -9.74
N LYS H 114 -23.97 28.58 -10.41
CA LYS H 114 -24.15 30.03 -10.36
C LYS H 114 -25.46 30.44 -11.01
N SER H 115 -25.80 29.82 -12.14
CA SER H 115 -27.00 30.20 -12.87
C SER H 115 -28.29 29.81 -12.14
N MET H 116 -28.22 28.86 -11.21
CA MET H 116 -29.43 28.42 -10.53
C MET H 116 -29.67 29.21 -9.24
N ARG H 117 -28.67 29.28 -8.38
CA ARG H 117 -28.85 29.96 -7.10
C ARG H 117 -29.03 31.47 -7.25
N SER H 118 -28.75 32.02 -8.44
CA SER H 118 -28.82 33.47 -8.61
C SER H 118 -30.25 33.95 -8.73
N ASN H 119 -30.99 33.46 -9.72
CA ASN H 119 -32.33 33.95 -10.01
C ASN H 119 -33.28 32.76 -10.15
N PHE H 120 -34.19 32.62 -9.19
CA PHE H 120 -35.20 31.57 -9.21
C PHE H 120 -36.55 32.18 -8.84
N SER H 121 -37.62 31.63 -9.43
CA SER H 121 -38.97 32.14 -9.24
C SER H 121 -39.76 31.15 -8.40
N LEU H 122 -40.42 31.66 -7.36
CA LEU H 122 -41.17 30.84 -6.42
C LEU H 122 -42.62 31.26 -6.38
N THR H 123 -43.52 30.29 -6.35
CA THR H 123 -44.95 30.54 -6.22
C THR H 123 -45.38 30.23 -4.78
N LYS H 124 -46.68 30.34 -4.53
CA LYS H 124 -47.22 30.07 -3.20
C LYS H 124 -48.70 29.74 -3.32
N SER H 125 -49.10 28.62 -2.76
CA SER H 125 -50.51 28.23 -2.78
C SER H 125 -51.30 29.06 -1.76
N THR H 126 -52.60 29.24 -2.06
CA THR H 126 -53.49 29.94 -1.16
C THR H 126 -54.07 29.06 -0.07
N ASN H 127 -53.87 27.74 -0.15
CA ASN H 127 -54.33 26.85 0.90
C ASN H 127 -53.50 27.07 2.16
N ARG H 128 -54.14 26.90 3.31
CA ARG H 128 -53.49 27.10 4.60
C ARG H 128 -53.09 25.80 5.26
N ASP H 129 -53.83 24.71 5.03
CA ASP H 129 -53.52 23.43 5.67
C ASP H 129 -52.19 22.87 5.19
N LYS H 130 -51.97 22.86 3.87
CA LYS H 130 -50.76 22.29 3.29
C LYS H 130 -49.95 23.38 2.60
N THR H 131 -48.67 23.08 2.37
CA THR H 131 -47.74 24.01 1.75
C THR H 131 -47.28 23.41 0.42
N SER H 132 -47.65 24.06 -0.68
CA SER H 132 -47.26 23.62 -2.01
C SER H 132 -46.86 24.83 -2.85
N PHE H 133 -45.96 24.60 -3.81
CA PHE H 133 -45.49 25.67 -4.68
C PHE H 133 -44.91 25.05 -5.94
N HIS H 134 -44.54 25.91 -6.88
CA HIS H 134 -43.91 25.51 -8.14
C HIS H 134 -42.65 26.33 -8.32
N ILE H 135 -41.49 25.74 -8.02
CA ILE H 135 -40.21 26.42 -8.13
C ILE H 135 -39.71 26.23 -9.56
N ILE H 136 -39.48 27.34 -10.26
CA ILE H 136 -39.00 27.32 -11.64
C ILE H 136 -37.68 28.08 -11.67
N PHE H 137 -36.61 27.39 -12.06
CA PHE H 137 -35.32 28.04 -12.16
C PHE H 137 -35.25 28.86 -13.45
N LEU H 138 -34.98 30.15 -13.30
CA LEU H 138 -35.20 31.09 -14.39
C LEU H 138 -34.13 31.03 -15.46
N ASP H 139 -32.91 30.64 -15.11
CA ASP H 139 -31.76 30.74 -16.03
C ASP H 139 -31.06 29.40 -16.16
N THR H 140 -31.83 28.34 -16.39
CA THR H 140 -31.25 27.02 -16.65
C THR H 140 -32.10 26.35 -17.73
N TYR H 141 -31.56 26.26 -18.93
CA TYR H 141 -32.28 25.74 -20.08
C TYR H 141 -31.75 24.37 -20.49
N THR H 142 -32.65 23.46 -20.81
CA THR H 142 -32.28 22.12 -21.24
C THR H 142 -33.46 21.51 -21.99
N THR H 143 -33.22 20.33 -22.56
CA THR H 143 -34.24 19.59 -23.29
C THR H 143 -35.10 18.78 -22.32
N MET H 144 -36.33 18.48 -22.76
CA MET H 144 -37.21 17.65 -21.94
C MET H 144 -36.66 16.24 -21.78
N ASP H 145 -35.96 15.73 -22.79
CA ASP H 145 -35.35 14.40 -22.68
C ASP H 145 -34.35 14.34 -21.54
N THR H 146 -33.67 15.47 -21.26
CA THR H 146 -32.76 15.51 -20.11
C THR H 146 -33.53 15.33 -18.81
N LEU H 147 -34.69 15.97 -18.68
CA LEU H 147 -35.47 15.85 -17.45
C LEU H 147 -35.98 14.43 -17.27
N ILE H 148 -36.34 13.75 -18.36
CA ILE H 148 -36.79 12.37 -18.26
C ILE H 148 -35.66 11.49 -17.76
N ALA H 149 -34.45 11.68 -18.28
CA ALA H 149 -33.31 10.91 -17.80
C ALA H 149 -32.96 11.28 -16.37
N MET H 150 -33.10 12.55 -16.01
CA MET H 150 -32.81 13.02 -14.66
C MET H 150 -33.80 12.49 -13.62
N LYS H 151 -34.93 11.93 -14.06
CA LYS H 151 -35.97 11.51 -13.13
C LYS H 151 -35.46 10.52 -12.09
N ARG H 152 -34.55 9.63 -12.49
CA ARG H 152 -34.07 8.60 -11.56
C ARG H 152 -33.28 9.22 -10.41
N THR H 153 -32.30 10.07 -10.72
CA THR H 153 -31.45 10.61 -9.66
C THR H 153 -32.21 11.59 -8.78
N LEU H 154 -33.22 12.28 -9.32
CA LEU H 154 -34.06 13.13 -8.49
C LEU H 154 -34.87 12.31 -7.49
N LEU H 155 -35.39 11.16 -7.93
CA LEU H 155 -36.16 10.30 -7.04
C LEU H 155 -35.29 9.78 -5.91
N GLU H 156 -34.05 9.40 -6.22
CA GLU H 156 -33.13 8.94 -5.19
C GLU H 156 -32.82 10.03 -4.18
N LEU H 157 -32.68 11.28 -4.64
CA LEU H 157 -32.43 12.39 -3.73
C LEU H 157 -33.64 12.63 -2.81
N SER H 158 -34.85 12.55 -3.37
CA SER H 158 -36.04 12.84 -2.58
C SER H 158 -36.25 11.82 -1.47
N ARG H 159 -35.83 10.58 -1.69
CA ARG H 159 -36.00 9.52 -0.70
C ARG H 159 -34.81 9.41 0.25
N SER H 160 -33.83 10.29 0.15
CA SER H 160 -32.59 10.22 0.91
C SER H 160 -32.27 11.56 1.57
N SER H 161 -33.27 12.16 2.22
CA SER H 161 -33.08 13.42 2.89
C SER H 161 -34.02 13.50 4.08
N GLU H 162 -33.77 14.48 4.95
CA GLU H 162 -34.60 14.72 6.13
C GLU H 162 -35.43 16.00 6.05
N ASN H 163 -35.08 16.91 5.16
CA ASN H 163 -35.84 18.15 4.98
C ASN H 163 -37.21 17.82 4.39
N PRO H 164 -38.30 18.25 5.02
CA PRO H 164 -39.63 17.89 4.52
C PRO H 164 -39.93 18.37 3.12
N LEU H 165 -39.40 19.52 2.71
CA LEU H 165 -39.71 20.05 1.40
C LEU H 165 -39.10 19.20 0.29
N THR H 166 -37.82 18.85 0.43
CA THR H 166 -37.14 18.07 -0.60
C THR H 166 -37.58 16.62 -0.62
N ARG H 167 -38.09 16.10 0.50
CA ARG H 167 -38.60 14.74 0.52
C ARG H 167 -39.96 14.61 -0.17
N SER H 168 -40.74 15.70 -0.23
CA SER H 168 -42.04 15.70 -0.88
C SER H 168 -41.97 16.15 -2.32
N ILE H 169 -40.82 15.95 -2.99
CA ILE H 169 -40.69 16.35 -4.39
C ILE H 169 -41.54 15.43 -5.25
N ASP H 170 -42.38 16.02 -6.09
CA ASP H 170 -43.22 15.26 -7.02
C ASP H 170 -42.38 14.85 -8.22
N THR H 171 -41.91 13.61 -8.23
CA THR H 171 -41.08 13.10 -9.29
C THR H 171 -41.88 12.46 -10.43
N ALA H 172 -43.20 12.37 -10.28
CA ALA H 172 -44.05 11.76 -11.30
C ALA H 172 -44.42 12.72 -12.42
N VAL H 173 -44.19 14.02 -12.25
CA VAL H 173 -44.52 14.98 -13.31
C VAL H 173 -43.60 14.80 -14.50
N TYR H 174 -42.38 14.34 -14.28
CA TYR H 174 -41.41 14.20 -15.35
C TYR H 174 -41.79 13.00 -16.22
N ARG H 175 -42.51 13.26 -17.29
CA ARG H 175 -42.91 12.24 -18.24
C ARG H 175 -42.96 12.87 -19.63
N ARG H 176 -43.56 12.16 -20.58
CA ARG H 176 -43.67 12.66 -21.94
C ARG H 176 -44.93 13.52 -22.06
N LYS H 177 -44.76 14.74 -22.60
CA LYS H 177 -45.85 15.66 -22.87
C LYS H 177 -46.60 15.99 -21.58
N THR H 178 -45.85 16.51 -20.62
CA THR H 178 -46.36 16.77 -19.28
C THR H 178 -47.25 18.02 -19.26
N THR H 179 -47.92 18.22 -18.13
CA THR H 179 -48.80 19.35 -17.93
C THR H 179 -48.50 20.00 -16.59
N LEU H 180 -48.41 21.33 -16.59
CA LEU H 180 -48.19 22.12 -15.38
C LEU H 180 -49.28 23.18 -15.30
N ARG H 181 -50.01 23.21 -14.19
CA ARG H 181 -51.09 24.19 -14.03
C ARG H 181 -50.52 25.59 -13.94
N VAL H 182 -51.09 26.51 -14.73
CA VAL H 182 -50.62 27.89 -14.73
C VAL H 182 -51.05 28.59 -13.45
N VAL H 183 -50.23 29.53 -12.98
CA VAL H 183 -50.52 30.24 -11.74
C VAL H 183 -51.72 31.15 -11.93
N GLY H 184 -52.63 31.12 -10.97
CA GLY H 184 -53.81 31.96 -11.00
C GLY H 184 -55.08 31.28 -11.45
N THR H 185 -55.06 29.97 -11.67
CA THR H 185 -56.23 29.22 -12.12
C THR H 185 -56.47 28.05 -11.18
N ARG H 186 -57.70 27.56 -11.18
CA ARG H 186 -58.08 26.44 -10.34
C ARG H 186 -57.71 25.13 -11.02
N LYS H 187 -57.93 24.01 -10.32
CA LYS H 187 -57.69 22.69 -10.88
C LYS H 187 -58.97 22.09 -11.47
N ASN H 188 -60.10 22.34 -10.83
CA ASN H 188 -61.41 21.92 -11.31
C ASN H 188 -62.42 23.00 -10.94
N PRO H 189 -63.57 23.05 -11.62
CA PRO H 189 -64.56 24.09 -11.30
C PRO H 189 -65.08 24.02 -9.88
N ASN H 190 -64.87 22.89 -9.20
CA ASN H 190 -65.34 22.72 -7.84
C ASN H 190 -64.31 23.14 -6.79
N CYS H 191 -63.04 23.26 -7.16
CA CYS H 191 -62.01 23.65 -6.21
C CYS H 191 -61.98 25.17 -6.05
N ASP H 192 -61.42 25.62 -4.92
CA ASP H 192 -61.34 27.04 -4.60
C ASP H 192 -59.92 27.50 -4.31
N THR H 193 -58.91 26.66 -4.54
CA THR H 193 -57.53 26.98 -4.22
C THR H 193 -56.76 27.30 -5.50
N ILE H 194 -56.06 28.43 -5.50
CA ILE H 194 -55.26 28.88 -6.64
C ILE H 194 -53.88 29.29 -6.13
N HIS H 195 -52.94 29.39 -7.07
CA HIS H 195 -51.59 29.81 -6.77
C HIS H 195 -51.46 31.32 -6.96
N VAL H 196 -50.63 31.94 -6.13
CA VAL H 196 -50.42 33.38 -6.16
C VAL H 196 -48.93 33.64 -6.32
N MET H 197 -48.61 34.74 -7.00
CA MET H 197 -47.24 35.13 -7.27
C MET H 197 -46.55 35.58 -5.98
N GLN H 198 -45.23 35.74 -6.04
CA GLN H 198 -44.43 36.15 -4.91
C GLN H 198 -43.46 37.24 -5.33
N PRO H 199 -43.08 38.14 -4.41
CA PRO H 199 -42.10 39.16 -4.77
C PRO H 199 -40.73 38.53 -4.96
N PRO H 200 -39.83 39.19 -5.71
CA PRO H 200 -40.00 40.48 -6.40
C PRO H 200 -40.56 40.31 -7.82
N HIS H 201 -40.79 39.09 -8.28
CA HIS H 201 -41.27 38.87 -9.63
C HIS H 201 -42.75 39.18 -9.74
N ASP H 202 -43.09 40.05 -10.68
CA ASP H 202 -44.47 40.45 -10.92
C ASP H 202 -44.99 40.06 -12.28
N ASN H 203 -44.12 40.02 -13.29
CA ASN H 203 -44.55 39.60 -14.62
C ASN H 203 -44.88 38.11 -14.63
N ILE H 204 -45.91 37.74 -15.41
CA ILE H 204 -46.32 36.35 -15.51
C ILE H 204 -45.39 35.61 -16.47
N GLU H 205 -44.45 36.34 -17.06
CA GLU H 205 -43.47 35.76 -17.96
C GLU H 205 -42.44 34.94 -17.20
N ASP H 206 -42.46 35.03 -15.86
CA ASP H 206 -41.51 34.33 -15.02
C ASP H 206 -42.09 33.07 -14.40
N TYR H 207 -43.22 32.60 -14.92
CA TYR H 207 -43.87 31.42 -14.34
C TYR H 207 -44.32 30.41 -15.39
N LEU H 208 -43.89 30.54 -16.63
CA LEU H 208 -44.20 29.57 -17.69
C LEU H 208 -42.89 28.92 -18.10
N PHE H 209 -42.79 27.60 -17.90
CA PHE H 209 -41.56 26.90 -18.22
C PHE H 209 -41.35 26.71 -19.71
N THR H 210 -42.34 26.99 -20.55
CA THR H 210 -42.19 26.89 -22.00
C THR H 210 -41.64 28.18 -22.61
N TYR H 211 -41.60 29.26 -21.85
CA TYR H 211 -41.07 30.54 -22.34
C TYR H 211 -39.56 30.40 -22.38
N VAL H 212 -39.00 30.47 -23.58
CA VAL H 212 -37.56 30.36 -23.78
C VAL H 212 -37.03 31.72 -24.24
N ASP H 213 -36.09 32.28 -23.48
CA ASP H 213 -35.46 33.55 -23.83
C ASP H 213 -34.03 33.48 -23.33
N MET H 214 -33.12 33.12 -24.22
CA MET H 214 -31.71 32.92 -23.86
C MET H 214 -31.03 34.28 -23.77
N ASN H 215 -30.76 34.73 -22.55
CA ASN H 215 -30.10 36.00 -22.31
C ASN H 215 -28.62 35.76 -22.01
N ASN H 216 -27.91 36.84 -21.69
CA ASN H 216 -26.48 36.79 -21.42
C ASN H 216 -26.13 35.98 -20.16
N ASN H 217 -27.08 35.67 -19.29
CA ASN H 217 -26.80 34.92 -18.07
C ASN H 217 -27.32 33.50 -18.08
N SER H 218 -27.90 33.04 -19.18
CA SER H 218 -28.49 31.71 -19.25
C SER H 218 -27.45 30.68 -19.68
N TYR H 219 -27.72 29.42 -19.34
CA TYR H 219 -26.84 28.31 -19.66
C TYR H 219 -27.63 27.18 -20.30
N TYR H 220 -26.98 26.45 -21.19
CA TYR H 220 -27.59 25.37 -21.94
C TYR H 220 -26.77 24.09 -21.79
N PHE H 221 -27.46 22.97 -21.62
CA PHE H 221 -26.79 21.67 -21.55
C PHE H 221 -27.81 20.57 -21.86
N SER H 222 -27.32 19.47 -22.42
CA SER H 222 -28.16 18.33 -22.76
C SER H 222 -27.27 17.11 -22.93
N LEU H 223 -27.90 15.95 -23.12
CA LEU H 223 -27.17 14.70 -23.27
C LEU H 223 -26.44 14.65 -24.60
N GLN H 224 -25.27 14.02 -24.60
CA GLN H 224 -24.60 13.69 -25.85
C GLN H 224 -25.12 12.38 -26.43
N ARG H 225 -25.43 11.41 -25.57
CA ARG H 225 -26.03 10.16 -25.99
C ARG H 225 -27.54 10.32 -26.06
N ARG H 226 -28.20 9.39 -26.74
CA ARG H 226 -29.65 9.40 -26.89
C ARG H 226 -30.29 8.39 -25.96
N LEU H 227 -31.62 8.40 -25.92
CA LEU H 227 -32.39 7.58 -24.98
C LEU H 227 -32.57 6.15 -25.44
N GLU H 228 -31.94 5.73 -26.54
CA GLU H 228 -32.01 4.35 -26.99
C GLU H 228 -30.77 3.54 -26.65
N ASP H 229 -29.60 4.18 -26.53
CA ASP H 229 -28.41 3.48 -26.09
C ASP H 229 -28.40 3.26 -24.57
N LEU H 230 -29.18 4.04 -23.82
CA LEU H 230 -29.25 3.91 -22.37
C LEU H 230 -30.26 2.82 -22.03
N VAL H 231 -29.81 1.57 -22.15
CA VAL H 231 -30.67 0.42 -21.85
C VAL H 231 -30.86 0.28 -20.34
PG ATP I . 46.04 14.18 11.25
O1G ATP I . 44.67 14.24 10.67
O2G ATP I . 47.13 14.64 10.29
O3G ATP I . 46.41 12.82 11.83
PB ATP I . 45.52 16.54 13.01
O1B ATP I . 46.07 17.72 12.31
O2B ATP I . 44.00 16.38 12.93
O3B ATP I . 46.16 15.19 12.48
PA ATP I . 45.16 16.66 15.93
O1A ATP I . 44.25 15.51 16.17
O2A ATP I . 44.48 18.02 15.93
O3A ATP I . 45.91 16.52 14.55
O5' ATP I . 46.33 16.69 16.99
C5' ATP I . 46.28 17.56 18.13
C4' ATP I . 47.10 16.96 19.24
O4' ATP I . 47.86 17.99 19.90
C3' ATP I . 46.29 16.29 20.35
O3' ATP I . 47.04 15.28 21.00
C2' ATP I . 46.01 17.47 21.29
O2' ATP I . 45.80 17.04 22.63
C1' ATP I . 47.30 18.28 21.18
N9 ATP I . 47.11 19.72 21.28
C8 ATP I . 46.26 20.50 20.54
N7 ATP I . 46.29 21.77 20.83
C5 ATP I . 47.24 21.84 21.85
C6 ATP I . 47.74 22.92 22.60
N6 ATP I . 47.35 24.18 22.44
N1 ATP I . 48.67 22.64 23.54
C2 ATP I . 49.07 21.39 23.69
N3 ATP I . 48.68 20.29 23.04
C4 ATP I . 47.75 20.58 22.13
MG MG J . 42.92 14.67 12.94
PG ATP K . -35.16 -7.00 24.37
O1G ATP K . -34.35 -7.50 25.52
O2G ATP K . -35.55 -5.52 24.50
O3G ATP K . -36.41 -7.84 24.09
PB ATP K . -34.52 -7.41 21.49
O1B ATP K . -33.75 -6.51 20.61
O2B ATP K . -34.23 -8.91 21.32
O3B ATP K . -34.32 -7.07 23.02
PA ATP K . -37.05 -6.11 20.72
O1A ATP K . -37.42 -6.41 19.32
O2A ATP K . -36.37 -4.76 20.93
O3A ATP K . -36.08 -7.21 21.32
O5' ATP K . -38.32 -6.18 21.67
C5' ATP K . -38.41 -5.33 22.84
C4' ATP K . -39.87 -5.24 23.23
O4' ATP K . -40.07 -4.06 24.04
C3' ATP K . -40.85 -5.09 22.08
O3' ATP K . -41.17 -6.36 21.52
C2' ATP K . -42.06 -4.44 22.76
O2' ATP K . -42.95 -5.41 23.30
C1' ATP K . -41.41 -3.63 23.90
N9 ATP K . -41.41 -2.18 23.66
C8 ATP K . -40.43 -1.44 23.05
N7 ATP K . -40.70 -0.16 22.97
C5 ATP K . -41.94 -0.04 23.59
C6 ATP K . -42.78 1.06 23.84
N6 ATP K . -42.49 2.31 23.49
N1 ATP K . -43.95 0.82 24.47
C2 ATP K . -44.26 -0.43 24.82
N3 ATP K . -43.55 -1.54 24.63
C4 ATP K . -42.39 -1.28 24.01
PG ATP L . 48.29 -18.99 11.47
O1G ATP L . 48.72 -17.56 11.48
O2G ATP L . 49.18 -19.90 10.62
O3G ATP L . 46.83 -19.19 11.07
PB ATP L . 48.30 -19.16 14.45
O1B ATP L . 49.47 -18.37 14.87
O2B ATP L . 46.95 -18.48 14.63
O3B ATP L . 48.40 -19.61 12.94
PA ATP L . 47.29 -21.22 16.32
O1A ATP L . 45.92 -21.44 15.81
O2A ATP L . 47.39 -20.34 17.56
O3A ATP L . 48.22 -20.55 15.21
O5' ATP L . 48.02 -22.59 16.62
C5' ATP L . 48.80 -22.77 17.82
C4' ATP L . 48.71 -24.22 18.23
O4' ATP L . 49.60 -24.47 19.34
C3' ATP L . 47.33 -24.67 18.71
O3' ATP L . 47.11 -26.05 18.41
C2' ATP L . 47.41 -24.44 20.22
O2' ATP L . 46.53 -25.29 20.94
C1' ATP L . 48.87 -24.81 20.50
N9 ATP L . 49.46 -24.11 21.64
C8 ATP L . 49.36 -22.78 21.93
N7 ATP L . 49.99 -22.42 23.02
C5 ATP L . 50.55 -23.61 23.47
C6 ATP L . 51.35 -23.90 24.60
N6 ATP L . 51.75 -23.00 25.50
N1 ATP L . 51.75 -25.19 24.76
C2 ATP L . 51.36 -26.10 23.86
N3 ATP L . 50.60 -25.93 22.77
C4 ATP L . 50.24 -24.66 22.63
MG MG M . 44.71 -17.42 12.49
PG ATP N . 33.12 -37.36 -13.27
O1G ATP N . 34.49 -37.10 -12.76
O2G ATP N . 33.07 -37.71 -14.75
O3G ATP N . 32.13 -36.21 -13.00
PB ATP N . 32.01 -39.07 -11.10
O1B ATP N . 33.15 -39.39 -10.22
O2B ATP N . 31.05 -38.00 -10.57
O3B ATP N . 32.47 -38.63 -12.54
PA ATP N . 30.24 -41.38 -10.60
O1A ATP N . 29.00 -40.74 -10.13
O2A ATP N . 31.12 -41.98 -9.52
O3A ATP N . 31.15 -40.36 -11.42
O5' ATP N . 29.93 -42.51 -11.67
C5' ATP N . 30.34 -43.87 -11.45
C4' ATP N . 29.29 -44.80 -11.99
O4' ATP N . 29.55 -46.15 -11.56
C3' ATP N . 27.86 -44.48 -11.52
O3' ATP N . 26.91 -44.80 -12.54
C2' ATP N . 27.72 -45.38 -10.30
O2' ATP N . 26.35 -45.73 -10.07
C1' ATP N . 28.51 -46.62 -10.72
N9 ATP N . 29.10 -47.35 -9.61
C8 ATP N . 29.63 -46.83 -8.46
N7 ATP N . 30.09 -47.72 -7.63
C5 ATP N . 29.85 -48.93 -8.28
C6 ATP N . 30.10 -50.26 -7.92
N6 ATP N . 30.70 -50.63 -6.77
N1 ATP N . 29.73 -51.23 -8.80
C2 ATP N . 29.16 -50.87 -9.94
N3 ATP N . 28.87 -49.64 -10.38
C4 ATP N . 29.24 -48.72 -9.50
MG MG O . 31.18 -36.01 -10.73
PG ATP P . 16.38 -21.90 -38.56
O1G ATP P . 17.33 -22.99 -38.22
O2G ATP P . 16.59 -21.29 -39.95
O3G ATP P . 16.34 -20.77 -37.52
PB ATP P . 13.82 -23.13 -37.64
O1B ATP P . 14.35 -24.36 -37.01
O2B ATP P . 13.32 -22.06 -36.69
O3B ATP P . 14.88 -22.46 -38.61
PA ATP P . 11.74 -24.72 -39.00
O1A ATP P . 10.88 -25.11 -37.86
O2A ATP P . 12.70 -25.81 -39.49
O3A ATP P . 12.63 -23.47 -38.65
O5' ATP P . 10.87 -24.26 -40.23
C5' ATP P . 10.44 -25.21 -41.23
C4' ATP P . 9.41 -24.58 -42.14
O4' ATP P . 8.75 -25.61 -42.90
C3' ATP P . 8.28 -23.84 -41.43
O3' ATP P . 7.72 -22.83 -42.27
C2' ATP P . 7.29 -24.95 -41.13
O2' ATP P . 5.94 -24.47 -41.09
C1' ATP P . 7.46 -25.87 -42.36
N9 ATP P . 7.37 -27.29 -42.04
C8 ATP P . 8.11 -27.99 -41.12
N7 ATP P . 7.81 -29.26 -41.05
C5 ATP P . 6.80 -29.41 -41.98
C6 ATP P . 6.05 -30.54 -42.39
N6 ATP P . 6.20 -31.76 -41.88
N1 ATP P . 5.12 -30.35 -43.35
C2 ATP P . 4.95 -29.13 -43.86
N3 ATP P . 5.59 -28.00 -43.55
C4 ATP P . 6.51 -28.21 -42.60
MG MG Q . 11.53 -23.37 -37.04
PB ADP R . 11.66 11.65 -42.83
O1B ADP R . 10.73 10.79 -42.01
O2B ADP R . 12.29 10.95 -44.01
O3B ADP R . 12.64 12.46 -42.01
PA ADP R . 9.70 13.62 -42.58
O1A ADP R . 8.44 12.82 -42.33
O2A ADP R . 10.51 14.16 -41.42
O3A ADP R . 10.69 12.74 -43.50
O5' ADP R . 9.33 14.87 -43.53
C5' ADP R . 9.66 16.19 -43.11
C4' ADP R . 8.54 17.16 -43.47
O4' ADP R . 7.98 16.87 -44.75
C3' ADP R . 7.40 17.07 -42.47
O3' ADP R . 7.41 18.22 -41.61
C2' ADP R . 6.13 17.06 -43.30
O2' ADP R . 5.30 18.17 -42.95
C1' ADP R . 6.59 17.20 -44.75
N9 ADP R . 5.82 16.27 -45.60
C8 ADP R . 6.09 14.97 -45.80
N7 ADP R . 5.18 14.41 -46.64
C5 ADP R . 4.32 15.37 -47.01
C6 ADP R . 3.12 15.46 -47.88
N6 ADP R . 2.66 14.38 -48.55
N1 ADP R . 2.51 16.66 -47.98
C2 ADP R . 2.95 17.74 -47.32
N3 ADP R . 4.03 17.73 -46.51
C4 ADP R . 4.74 16.59 -46.32
#